data_7DDH
#
_entry.id   7DDH
#
_cell.length_a   114.973
_cell.length_b   118.493
_cell.length_c   495.137
_cell.angle_alpha   90.000
_cell.angle_beta   90.000
_cell.angle_gamma   90.000
#
_symmetry.space_group_name_H-M   'P 21 21 21'
#
loop_
_entity.id
_entity.type
_entity.pdbx_description
1 polymer 'Sodium/potassium-transporting ATPase subunit alpha-1'
2 polymer 'Sodium/potassium-transporting ATPase subunit beta-1'
3 polymer 'FXYD domain-containing ion transport regulator'
4 branched 2-acetamido-2-deoxy-beta-D-glucopyranose-(1-4)-2-acetamido-2-deoxy-beta-D-glucopyranose
5 non-polymer 'MAGNESIUM ION'
6 non-polymer 'SODIUM ION'
7 non-polymer CHOLESTEROL
8 non-polymer 1,2-DIOLEOYL-SN-GLYCERO-3-PHOSPHOCHOLINE
9 non-polymer DIGOXIN
10 non-polymer 2-acetamido-2-deoxy-beta-D-glucopyranose
11 water water
#
loop_
_entity_poly.entity_id
_entity_poly.type
_entity_poly.pdbx_seq_one_letter_code
_entity_poly.pdbx_strand_id
1 'polypeptide(L)'
;GRDKYEPAAVSEHGDKKKAKKERDMDELKKEVSMDDHKLSLDELHRKYGTDLSRGLTPARAAEILARDGPNALTPPPTTP
EWVKFCRQLFGGFSMLLWIGAILCFLAYGIQAATEEEPQNDNLYLGVVLSAVVIITGCFSYYQEAKSSKIMESFKNMVPQ
QALVIRNGEKMSINAEEVVVGDLVEVKGGDRIPADLRIISANGCKVDNSSLTGESEPQTRSPDFTNENPLETRNIAFFST
NCVEGTARGIVVYTGDRTVMGRIATLASGLEGGQTPIAAEIEHFIHIITGVAVFLGVSFFILSLILEYTWLEAVIFLIGI
IVANVPEGLLATVTVCLTLTAKRMARKNCLVKNLEAVETLGSTSTICS(PHD)KTGTLTQNRMTVAHMWSDNQIHEADTT
ENQSGVSFDKTSATWLALSRIAGLCNRAVFQANQENLPILKRAVAGDASESALLKCIELCCGSVKEMRERYTKIVEIPFN
STNKYQLSIHKNPNTAEPRHLLVMKGAPERILDRCSSILIHGKEQPLDEELKDAFQNAYLELGGLGERVLGFCHLFLPDE
QFPEGFQFDTDDVNFPLDNLCFVGLISMIDPPRAAVPDAVGKCRSAGIKVIMVTGDHPITAKAIAKGVGIISEGNETVED
IAARLNIPVSQVNPRDAKACVVHGSDLKDMTSEQLDDILKYHTEIVFARTSPQQKLIIVEGCQRQGAIVAVTGDGVNDSP
ASKKADIGVAMGIAGSDVSKQAADMILLDDNFASIVTGVEEGRLIFDNLKKSIAYTLTSNIPEITPFLIFIIANIPLPLG
TVTILCIDLGTDMVPAISLAYEQAESDIMKRQPRNPKTDKLVNEQLISMAYGQIGMIQALGGFFTYFVILAENGFLPIHL
LGLRVNWDDRWINDVEDSYGQQWTYEQRKIVEFTCHTPFFVTIVVVQWADLVICKTRRNSVFQQGMKNKILIFGLFEETA
LAAFLSYCPGMGVALRMYPLKPTWWFCAFPYSLLIFVYDEVRKLIIRRRPGGWVEKETYY
;
A,C
2 'polypeptide(L)'
;MARGKAKEEGSWKKFIWNSEKKEFLGRTGGSWFKILLFYVIFYGCLAGIFIGTIQVMLLTISEFKPTYQDRVAPPGLTQI
PQSQKTEISFRPNDPQSYESYVVSIVRFLEKYKDLAQKDDMIFEDCGNVPSELKERGEYNNERGERKVCRFRLEWLGNCS
GLNDETYGYKDGKPCVIIKLNRVLGFKPKPPKNESLETYPVMKYNPYVLPVHCTGKRDEDKEKVGTMEYFGLGGYPGFPL
QYYPYYGKLLQPKYLQPLMAVQFTNLTMDTEIRIECKAYGENIGYSEKDRFQGRFDVKIEVKS
;
B,D
3 'polypeptide(L)' MAGLSTDDGGSPKGDVDPFYYDYETVRNGGLIFAALAFIVGLIIILSKRLRCGGKKHRPINEDEL G,E
#
# COMPACT_ATOMS: atom_id res chain seq x y z
N LYS A 21 -1.04 4.62 -69.14
CA LYS A 21 -2.37 4.91 -69.68
C LYS A 21 -3.40 3.91 -69.17
N GLU A 22 -3.49 3.79 -67.84
CA GLU A 22 -4.45 2.90 -67.22
C GLU A 22 -5.71 3.65 -66.75
N ARG A 23 -5.67 4.98 -66.78
CA ARG A 23 -6.81 5.79 -66.39
C ARG A 23 -7.99 5.52 -67.31
N ASP A 24 -7.73 5.46 -68.62
CA ASP A 24 -8.79 5.18 -69.58
C ASP A 24 -9.35 3.77 -69.38
N MET A 25 -8.50 2.82 -68.98
CA MET A 25 -8.96 1.46 -68.74
C MET A 25 -9.94 1.43 -67.56
N ASP A 26 -9.60 2.15 -66.48
CA ASP A 26 -10.50 2.18 -65.33
C ASP A 26 -11.80 2.94 -65.65
N GLU A 27 -11.69 4.01 -66.43
CA GLU A 27 -12.86 4.80 -66.79
C GLU A 27 -13.81 3.99 -67.66
N LEU A 28 -13.28 3.17 -68.57
CA LEU A 28 -14.15 2.34 -69.41
C LEU A 28 -14.81 1.23 -68.60
N LYS A 29 -14.37 1.02 -67.35
CA LYS A 29 -15.00 0.03 -66.48
C LYS A 29 -16.02 0.63 -65.52
N LYS A 30 -15.85 1.91 -65.16
CA LYS A 30 -16.83 2.56 -64.29
C LYS A 30 -18.16 2.79 -65.01
N GLU A 31 -18.19 2.62 -66.33
CA GLU A 31 -19.41 2.82 -67.11
C GLU A 31 -20.26 1.55 -67.10
N VAL A 32 -21.58 1.73 -67.22
CA VAL A 32 -22.47 0.58 -67.27
C VAL A 32 -22.23 -0.16 -68.58
N SER A 33 -22.31 -1.48 -68.53
CA SER A 33 -22.02 -2.32 -69.70
C SER A 33 -23.09 -2.28 -70.78
N MET A 34 -22.65 -2.49 -72.02
CA MET A 34 -23.47 -2.56 -73.21
C MET A 34 -23.45 -4.01 -73.71
N ASP A 35 -24.36 -4.32 -74.64
CA ASP A 35 -24.43 -5.67 -75.16
C ASP A 35 -25.07 -5.67 -76.54
N ASP A 36 -25.21 -6.88 -77.10
CA ASP A 36 -25.80 -7.11 -78.41
C ASP A 36 -26.73 -8.33 -78.35
N HIS A 37 -27.33 -8.57 -77.19
CA HIS A 37 -28.22 -9.72 -77.01
C HIS A 37 -29.49 -9.59 -77.85
N LYS A 38 -29.97 -8.37 -78.05
CA LYS A 38 -31.20 -8.09 -78.79
C LYS A 38 -31.04 -8.36 -80.28
N LEU A 39 -30.82 -9.63 -80.63
CA LEU A 39 -30.63 -10.03 -82.02
C LEU A 39 -31.44 -11.28 -82.30
N SER A 40 -31.74 -11.49 -83.58
CA SER A 40 -32.47 -12.67 -83.98
C SER A 40 -31.54 -13.88 -83.94
N LEU A 41 -32.14 -15.08 -83.88
CA LEU A 41 -31.34 -16.30 -83.81
C LEU A 41 -30.46 -16.49 -85.03
N ASP A 42 -30.93 -16.07 -86.20
CA ASP A 42 -30.12 -16.21 -87.40
C ASP A 42 -28.98 -15.19 -87.40
N GLU A 43 -29.26 -13.96 -86.96
CA GLU A 43 -28.22 -12.95 -86.90
C GLU A 43 -27.14 -13.34 -85.89
N LEU A 44 -27.54 -13.89 -84.74
CA LEU A 44 -26.58 -14.33 -83.74
C LEU A 44 -25.75 -15.50 -84.29
N HIS A 45 -26.42 -16.42 -85.00
CA HIS A 45 -25.73 -17.55 -85.60
C HIS A 45 -24.73 -17.08 -86.65
N ARG A 46 -24.99 -15.93 -87.27
CA ARG A 46 -24.08 -15.40 -88.28
C ARG A 46 -22.92 -14.65 -87.63
N LYS A 47 -23.20 -13.91 -86.55
CA LYS A 47 -22.14 -13.16 -85.89
C LYS A 47 -21.14 -14.10 -85.20
N TYR A 48 -21.63 -15.11 -84.48
CA TYR A 48 -20.72 -16.04 -83.82
C TYR A 48 -20.35 -17.23 -84.67
N GLY A 49 -21.10 -17.51 -85.74
CA GLY A 49 -20.79 -18.63 -86.61
C GLY A 49 -20.79 -19.95 -85.86
N THR A 50 -21.95 -20.40 -85.41
CA THR A 50 -22.04 -21.63 -84.65
C THR A 50 -23.38 -22.30 -84.88
N ASP A 51 -23.36 -23.64 -84.96
CA ASP A 51 -24.62 -24.35 -85.13
C ASP A 51 -25.41 -24.19 -83.84
N LEU A 52 -26.69 -23.87 -83.96
CA LEU A 52 -27.53 -23.64 -82.79
C LEU A 52 -28.00 -24.92 -82.13
N SER A 53 -27.87 -26.08 -82.77
CA SER A 53 -28.29 -27.34 -82.21
C SER A 53 -27.14 -28.34 -82.07
N ARG A 54 -26.07 -28.19 -82.84
CA ARG A 54 -24.91 -29.06 -82.74
C ARG A 54 -23.72 -28.37 -82.11
N GLY A 55 -23.68 -27.05 -82.11
CA GLY A 55 -22.57 -26.31 -81.53
C GLY A 55 -21.43 -26.12 -82.51
N LEU A 56 -20.21 -26.09 -82.00
CA LEU A 56 -19.03 -25.92 -82.82
C LEU A 56 -18.13 -27.15 -82.67
N THR A 57 -17.13 -27.22 -83.53
CA THR A 57 -16.20 -28.33 -83.52
C THR A 57 -15.16 -28.16 -82.41
N PRO A 58 -14.71 -29.26 -81.79
CA PRO A 58 -13.70 -29.15 -80.73
C PRO A 58 -12.41 -28.50 -81.20
N ALA A 59 -12.11 -28.59 -82.50
CA ALA A 59 -10.92 -27.94 -83.03
C ALA A 59 -11.04 -26.44 -82.86
N ARG A 60 -12.19 -25.87 -83.24
CA ARG A 60 -12.43 -24.44 -83.07
C ARG A 60 -12.43 -24.09 -81.59
N ALA A 61 -12.91 -25.01 -80.75
CA ALA A 61 -12.94 -24.79 -79.31
C ALA A 61 -11.54 -24.57 -78.79
N ALA A 62 -10.66 -25.57 -78.93
CA ALA A 62 -9.28 -25.41 -78.49
C ALA A 62 -8.58 -24.27 -79.22
N GLU A 63 -9.02 -23.95 -80.45
CA GLU A 63 -8.43 -22.86 -81.23
C GLU A 63 -8.69 -21.52 -80.56
N ILE A 64 -9.85 -21.35 -79.92
CA ILE A 64 -10.16 -20.11 -79.22
C ILE A 64 -9.61 -20.14 -77.79
N LEU A 65 -9.68 -21.32 -77.17
CA LEU A 65 -9.16 -21.51 -75.82
C LEU A 65 -7.70 -21.14 -75.76
N ALA A 66 -6.96 -21.39 -76.84
CA ALA A 66 -5.56 -21.01 -76.91
C ALA A 66 -5.38 -19.73 -77.70
N ARG A 67 -6.45 -18.94 -77.83
CA ARG A 67 -6.41 -17.67 -78.55
C ARG A 67 -6.65 -16.47 -77.66
N ASP A 68 -7.55 -16.56 -76.67
CA ASP A 68 -7.79 -15.40 -75.82
C ASP A 68 -7.74 -15.65 -74.32
N GLY A 69 -7.43 -16.86 -73.88
CA GLY A 69 -7.36 -17.16 -72.46
C GLY A 69 -8.53 -17.98 -71.97
N PRO A 70 -8.29 -18.86 -71.01
CA PRO A 70 -9.36 -19.71 -70.48
C PRO A 70 -10.46 -18.91 -69.78
N ASN A 71 -11.64 -19.52 -69.71
CA ASN A 71 -12.81 -18.90 -69.07
C ASN A 71 -12.66 -18.95 -67.56
N ALA A 72 -11.92 -17.98 -67.03
CA ALA A 72 -11.70 -17.88 -65.60
C ALA A 72 -11.13 -16.50 -65.31
N LEU A 73 -11.59 -15.90 -64.21
CA LEU A 73 -11.08 -14.60 -63.81
C LEU A 73 -9.59 -14.69 -63.57
N THR A 74 -8.84 -13.77 -64.18
CA THR A 74 -7.41 -13.74 -63.95
C THR A 74 -7.19 -13.60 -62.44
N PRO A 75 -6.23 -14.34 -61.87
CA PRO A 75 -6.02 -14.31 -60.41
C PRO A 75 -5.85 -12.89 -59.87
N PRO A 76 -6.02 -12.71 -58.57
CA PRO A 76 -5.83 -11.39 -57.98
C PRO A 76 -4.36 -11.02 -58.02
N PRO A 77 -4.03 -9.75 -57.82
CA PRO A 77 -2.61 -9.37 -57.83
C PRO A 77 -1.93 -9.90 -56.57
N THR A 78 -1.01 -10.83 -56.76
CA THR A 78 -0.32 -11.43 -55.63
C THR A 78 0.51 -10.38 -54.89
N THR A 79 0.44 -10.43 -53.56
CA THR A 79 1.13 -9.49 -52.69
C THR A 79 2.25 -10.22 -51.96
N PRO A 80 3.51 -10.11 -52.41
CA PRO A 80 4.61 -10.81 -51.72
C PRO A 80 4.69 -10.39 -50.26
N GLU A 81 5.20 -11.30 -49.44
CA GLU A 81 5.26 -11.02 -48.00
C GLU A 81 6.34 -10.02 -47.61
N TRP A 82 7.42 -9.87 -48.39
CA TRP A 82 8.42 -8.89 -48.00
C TRP A 82 7.93 -7.47 -48.26
N VAL A 83 7.02 -7.32 -49.23
CA VAL A 83 6.49 -6.00 -49.56
C VAL A 83 5.68 -5.45 -48.40
N LYS A 84 4.71 -6.23 -47.90
CA LYS A 84 3.89 -5.74 -46.80
C LYS A 84 4.67 -5.68 -45.49
N PHE A 85 5.81 -6.37 -45.39
CA PHE A 85 6.63 -6.22 -44.18
C PHE A 85 7.29 -4.86 -44.20
N CYS A 86 7.98 -4.55 -45.31
CA CYS A 86 8.55 -3.22 -45.47
C CYS A 86 7.46 -2.17 -45.30
N ARG A 87 6.22 -2.52 -45.71
CA ARG A 87 5.10 -1.59 -45.53
C ARG A 87 4.85 -1.32 -44.06
N GLN A 88 4.96 -2.34 -43.22
CA GLN A 88 4.76 -2.12 -41.79
C GLN A 88 5.94 -1.37 -41.17
N LEU A 89 7.08 -1.35 -41.86
CA LEU A 89 8.24 -0.64 -41.33
C LEU A 89 8.20 0.88 -41.62
N PHE A 90 7.14 1.36 -42.27
CA PHE A 90 6.98 2.78 -42.62
C PHE A 90 5.65 3.32 -42.13
N GLY A 91 5.17 4.38 -42.79
CA GLY A 91 3.90 4.99 -42.44
C GLY A 91 4.02 6.36 -41.79
N GLY A 92 3.11 6.68 -40.88
CA GLY A 92 3.18 7.98 -40.24
C GLY A 92 3.93 8.00 -38.93
N PHE A 93 3.53 7.14 -38.00
CA PHE A 93 4.20 7.11 -36.69
C PHE A 93 5.62 6.59 -36.81
N SER A 94 5.83 5.56 -37.64
CA SER A 94 7.16 4.97 -37.79
C SER A 94 8.13 5.93 -38.46
N MET A 95 7.66 6.69 -39.46
CA MET A 95 8.56 7.62 -40.14
C MET A 95 9.11 8.68 -39.19
N LEU A 96 8.32 9.09 -38.20
CA LEU A 96 8.81 10.08 -37.24
C LEU A 96 9.98 9.51 -36.46
N LEU A 97 9.85 8.26 -35.99
CA LEU A 97 10.95 7.64 -35.27
C LEU A 97 12.14 7.41 -36.20
N TRP A 98 11.89 7.29 -37.50
CA TRP A 98 13.01 7.12 -38.43
C TRP A 98 13.79 8.42 -38.56
N ILE A 99 13.09 9.54 -38.71
CA ILE A 99 13.81 10.82 -38.80
C ILE A 99 14.49 11.08 -37.47
N GLY A 100 13.92 10.56 -36.37
CA GLY A 100 14.56 10.74 -35.07
C GLY A 100 15.83 9.93 -34.95
N ALA A 101 15.82 8.67 -35.40
CA ALA A 101 17.01 7.85 -35.34
C ALA A 101 18.10 8.41 -36.26
N ILE A 102 17.70 8.87 -37.45
CA ILE A 102 18.65 9.47 -38.37
C ILE A 102 19.23 10.74 -37.75
N LEU A 103 18.41 11.51 -37.04
CA LEU A 103 18.92 12.70 -36.37
C LEU A 103 19.87 12.31 -35.24
N CYS A 104 19.65 11.13 -34.65
CA CYS A 104 20.54 10.67 -33.59
C CYS A 104 21.92 10.36 -34.16
N PHE A 105 21.95 9.65 -35.29
CA PHE A 105 23.25 9.36 -35.91
C PHE A 105 23.85 10.62 -36.49
N LEU A 106 23.03 11.62 -36.86
CA LEU A 106 23.57 12.87 -37.37
C LEU A 106 24.23 13.66 -36.23
N ALA A 107 23.54 13.77 -35.09
CA ALA A 107 24.09 14.45 -33.93
C ALA A 107 25.33 13.72 -33.44
N TYR A 108 25.31 12.39 -33.51
CA TYR A 108 26.48 11.62 -33.11
C TYR A 108 27.64 11.85 -34.06
N GLY A 109 27.35 12.05 -35.35
CA GLY A 109 28.41 12.35 -36.30
C GLY A 109 29.03 13.70 -35.98
N ILE A 110 28.19 14.65 -35.59
CA ILE A 110 28.68 15.97 -35.21
C ILE A 110 29.48 15.88 -33.91
N GLN A 111 29.12 14.96 -33.01
CA GLN A 111 29.80 14.82 -31.73
C GLN A 111 31.06 13.97 -31.75
N ALA A 112 31.14 12.99 -32.64
CA ALA A 112 32.30 12.09 -32.68
C ALA A 112 33.52 12.77 -33.27
N ALA A 113 33.41 13.21 -34.51
CA ALA A 113 34.53 13.84 -35.20
C ALA A 113 34.96 15.19 -34.63
N THR A 114 34.11 15.88 -33.87
CA THR A 114 34.51 17.20 -33.40
C THR A 114 35.07 17.29 -31.99
N GLU A 115 34.61 16.49 -31.03
CA GLU A 115 35.15 16.64 -29.68
C GLU A 115 35.84 15.37 -29.18
N GLU A 116 36.58 15.56 -28.09
CA GLU A 116 37.30 14.47 -27.43
C GLU A 116 36.30 13.60 -26.68
N GLU A 117 36.67 12.31 -26.50
CA GLU A 117 35.93 11.25 -25.82
C GLU A 117 34.41 11.45 -25.90
N PRO A 118 33.83 11.43 -27.11
CA PRO A 118 32.38 11.65 -27.23
C PRO A 118 31.55 10.64 -26.47
N GLN A 119 30.43 11.11 -25.92
CA GLN A 119 29.51 10.28 -25.16
C GLN A 119 28.67 9.39 -26.08
N ASN A 120 28.64 8.09 -25.81
CA ASN A 120 27.88 7.13 -26.61
C ASN A 120 26.35 7.14 -26.32
N ASP A 121 25.80 8.21 -25.72
CA ASP A 121 24.37 8.25 -25.40
C ASP A 121 23.54 8.31 -26.66
N ASN A 122 23.86 9.27 -27.54
CA ASN A 122 23.12 9.48 -28.78
C ASN A 122 23.08 8.25 -29.68
N LEU A 123 24.23 7.61 -29.92
CA LEU A 123 24.24 6.41 -30.76
C LEU A 123 23.48 5.28 -30.06
N TYR A 124 23.71 5.13 -28.75
CA TYR A 124 23.02 4.12 -27.95
C TYR A 124 21.51 4.27 -28.08
N LEU A 125 21.04 5.51 -28.24
CA LEU A 125 19.62 5.80 -28.40
C LEU A 125 19.15 5.59 -29.83
N GLY A 126 19.99 5.94 -30.80
CA GLY A 126 19.60 5.77 -32.20
C GLY A 126 19.31 4.33 -32.53
N VAL A 127 20.18 3.43 -32.07
CA VAL A 127 19.94 2.00 -32.33
C VAL A 127 18.66 1.55 -31.65
N VAL A 128 18.36 2.10 -30.47
CA VAL A 128 17.14 1.71 -29.76
C VAL A 128 15.91 2.18 -30.51
N LEU A 129 15.92 3.42 -31.01
CA LEU A 129 14.78 3.94 -31.77
C LEU A 129 14.54 3.07 -33.01
N SER A 130 15.63 2.72 -33.69
CA SER A 130 15.51 1.84 -34.86
C SER A 130 14.91 0.50 -34.46
N ALA A 131 15.38 -0.06 -33.34
CA ALA A 131 14.85 -1.33 -32.85
C ALA A 131 13.38 -1.21 -32.49
N VAL A 132 12.95 -0.03 -32.02
CA VAL A 132 11.56 0.18 -31.68
C VAL A 132 10.70 0.06 -32.94
N VAL A 133 11.13 0.75 -34.00
CA VAL A 133 10.38 0.69 -35.26
C VAL A 133 10.38 -0.73 -35.83
N ILE A 134 11.52 -1.41 -35.76
CA ILE A 134 11.63 -2.77 -36.32
C ILE A 134 10.75 -3.75 -35.56
N ILE A 135 10.83 -3.73 -34.22
CA ILE A 135 10.02 -4.66 -33.42
C ILE A 135 8.54 -4.37 -33.61
N THR A 136 8.17 -3.08 -33.66
CA THR A 136 6.77 -2.76 -33.88
C THR A 136 6.32 -3.27 -35.23
N GLY A 137 7.21 -3.17 -36.24
CA GLY A 137 6.87 -3.70 -37.54
C GLY A 137 6.66 -5.20 -37.51
N CYS A 138 7.50 -5.90 -36.73
CA CYS A 138 7.37 -7.36 -36.63
C CYS A 138 6.03 -7.74 -36.01
N PHE A 139 5.67 -7.09 -34.91
CA PHE A 139 4.41 -7.42 -34.23
C PHE A 139 3.21 -7.08 -35.10
N SER A 140 3.15 -5.84 -35.59
CA SER A 140 2.00 -5.41 -36.41
C SER A 140 1.91 -6.21 -37.69
N TYR A 141 3.04 -6.55 -38.30
CA TYR A 141 3.04 -7.33 -39.52
C TYR A 141 2.53 -8.73 -39.26
N TYR A 142 3.01 -9.37 -38.17
CA TYR A 142 2.54 -10.70 -37.87
C TYR A 142 1.04 -10.69 -37.60
N GLN A 143 0.53 -9.59 -37.06
CA GLN A 143 -0.91 -9.49 -36.79
C GLN A 143 -1.73 -9.36 -38.07
N GLU A 144 -1.40 -8.36 -38.90
CA GLU A 144 -2.14 -8.15 -40.14
C GLU A 144 -2.01 -9.37 -41.06
N ALA A 145 -0.85 -10.03 -41.06
CA ALA A 145 -0.68 -11.22 -41.88
C ALA A 145 -1.47 -12.40 -41.31
N LYS A 146 -1.62 -12.46 -39.98
CA LYS A 146 -2.40 -13.54 -39.38
C LYS A 146 -3.86 -13.42 -39.77
N SER A 147 -4.35 -12.18 -39.88
CA SER A 147 -5.73 -11.97 -40.28
C SER A 147 -5.98 -12.51 -41.68
N SER A 148 -4.97 -12.40 -42.57
CA SER A 148 -5.13 -12.96 -43.92
C SER A 148 -4.86 -14.47 -43.95
N LYS A 149 -4.05 -14.96 -43.00
CA LYS A 149 -3.77 -16.38 -42.92
C LYS A 149 -5.04 -17.15 -42.61
N ILE A 150 -5.88 -16.59 -41.74
CA ILE A 150 -7.14 -17.28 -41.48
C ILE A 150 -8.11 -17.06 -42.63
N MET A 151 -7.83 -16.08 -43.50
CA MET A 151 -8.68 -15.83 -44.67
C MET A 151 -8.41 -16.86 -45.75
N GLU A 152 -7.16 -17.33 -45.86
CA GLU A 152 -6.85 -18.35 -46.86
C GLU A 152 -7.49 -19.69 -46.52
N SER A 153 -8.02 -19.85 -45.31
CA SER A 153 -8.68 -21.06 -44.87
C SER A 153 -10.17 -21.02 -45.17
N PHE A 154 -10.64 -19.98 -45.86
CA PHE A 154 -12.05 -19.82 -46.21
C PHE A 154 -12.31 -19.96 -47.70
N LYS A 155 -11.28 -20.13 -48.52
CA LYS A 155 -11.48 -20.27 -49.95
C LYS A 155 -11.65 -21.76 -50.23
N ASN A 156 -12.90 -22.17 -50.42
CA ASN A 156 -13.22 -23.55 -50.71
C ASN A 156 -13.60 -23.62 -52.19
N MET A 157 -12.56 -23.53 -53.01
CA MET A 157 -12.69 -23.53 -54.46
C MET A 157 -12.83 -24.97 -54.92
N VAL A 158 -14.06 -25.37 -55.21
CA VAL A 158 -14.34 -26.71 -55.72
C VAL A 158 -14.44 -26.60 -57.23
N PRO A 159 -13.45 -27.08 -58.00
CA PRO A 159 -13.52 -26.97 -59.46
C PRO A 159 -14.75 -27.66 -60.02
N GLN A 160 -15.68 -26.87 -60.55
CA GLN A 160 -16.92 -27.39 -61.12
C GLN A 160 -16.80 -27.54 -62.62
N GLN A 161 -17.68 -28.38 -63.18
CA GLN A 161 -17.70 -28.67 -64.60
C GLN A 161 -18.91 -28.04 -65.28
N ALA A 162 -18.76 -27.79 -66.58
CA ALA A 162 -19.79 -27.19 -67.42
C ALA A 162 -20.25 -28.19 -68.49
N LEU A 163 -21.49 -28.00 -68.94
CA LEU A 163 -22.13 -28.86 -69.94
C LEU A 163 -22.18 -28.10 -71.27
N VAL A 164 -21.26 -28.45 -72.17
CA VAL A 164 -21.16 -27.80 -73.48
C VAL A 164 -21.55 -28.82 -74.56
N ILE A 165 -22.30 -28.35 -75.55
CA ILE A 165 -22.71 -29.17 -76.68
C ILE A 165 -21.79 -28.83 -77.84
N ARG A 166 -21.02 -29.82 -78.28
CA ARG A 166 -20.07 -29.60 -79.37
C ARG A 166 -20.15 -30.75 -80.35
N ASN A 167 -20.10 -30.41 -81.64
CA ASN A 167 -20.17 -31.37 -82.74
C ASN A 167 -21.41 -32.23 -82.70
N GLY A 168 -22.45 -31.76 -82.01
CA GLY A 168 -23.68 -32.52 -81.89
C GLY A 168 -23.69 -33.49 -80.74
N GLU A 169 -22.77 -33.35 -79.79
CA GLU A 169 -22.69 -34.25 -78.64
C GLU A 169 -22.49 -33.43 -77.38
N LYS A 170 -23.25 -33.78 -76.33
CA LYS A 170 -23.15 -33.11 -75.04
C LYS A 170 -21.96 -33.67 -74.27
N MET A 171 -21.16 -32.79 -73.68
CA MET A 171 -20.00 -33.21 -72.92
C MET A 171 -19.79 -32.28 -71.74
N SER A 172 -19.25 -32.84 -70.66
CA SER A 172 -18.99 -32.09 -69.43
C SER A 172 -17.48 -31.84 -69.33
N ILE A 173 -17.09 -30.59 -69.57
CA ILE A 173 -15.69 -30.18 -69.53
C ILE A 173 -15.50 -29.28 -68.32
N ASN A 174 -14.31 -28.70 -68.19
CA ASN A 174 -14.05 -27.79 -67.09
C ASN A 174 -14.49 -26.39 -67.48
N ALA A 175 -14.96 -25.63 -66.50
CA ALA A 175 -15.45 -24.27 -66.76
C ALA A 175 -14.39 -23.39 -67.40
N GLU A 176 -13.11 -23.66 -67.14
CA GLU A 176 -12.05 -22.87 -67.75
C GLU A 176 -11.79 -23.28 -69.18
N GLU A 177 -12.25 -24.47 -69.59
CA GLU A 177 -12.06 -24.98 -70.94
C GLU A 177 -13.15 -24.53 -71.90
N VAL A 178 -14.02 -23.63 -71.46
CA VAL A 178 -15.12 -23.12 -72.27
C VAL A 178 -14.63 -21.89 -73.04
N VAL A 179 -15.09 -21.75 -74.28
CA VAL A 179 -14.69 -20.67 -75.16
C VAL A 179 -15.88 -19.77 -75.48
N VAL A 180 -15.71 -18.89 -76.46
CA VAL A 180 -16.75 -17.94 -76.87
C VAL A 180 -17.58 -18.53 -78.00
N GLY A 181 -18.88 -18.28 -77.95
CA GLY A 181 -19.81 -18.72 -78.98
C GLY A 181 -20.07 -20.22 -79.14
N ASP A 182 -20.22 -20.94 -78.03
CA ASP A 182 -20.49 -22.37 -78.09
C ASP A 182 -21.78 -22.67 -77.32
N LEU A 183 -22.51 -23.68 -77.81
CA LEU A 183 -23.76 -24.06 -77.19
C LEU A 183 -23.52 -24.67 -75.81
N VAL A 184 -24.35 -24.28 -74.86
CA VAL A 184 -24.25 -24.73 -73.47
C VAL A 184 -25.65 -25.01 -72.94
N GLU A 185 -25.79 -26.10 -72.21
CA GLU A 185 -27.04 -26.51 -71.59
C GLU A 185 -26.85 -26.54 -70.08
N VAL A 186 -27.91 -26.20 -69.34
CA VAL A 186 -27.82 -26.21 -67.89
C VAL A 186 -28.98 -27.03 -67.32
N LYS A 187 -28.71 -27.70 -66.19
CA LYS A 187 -29.67 -28.51 -65.46
C LYS A 187 -30.04 -27.78 -64.17
N GLY A 188 -31.28 -27.99 -63.71
CA GLY A 188 -31.70 -27.33 -62.48
C GLY A 188 -30.82 -27.74 -61.31
N GLY A 189 -29.91 -26.84 -60.94
CA GLY A 189 -29.00 -27.08 -59.84
C GLY A 189 -27.59 -26.67 -60.21
N ASP A 190 -27.33 -26.60 -61.51
CA ASP A 190 -26.01 -26.21 -62.00
C ASP A 190 -25.81 -24.71 -61.92
N ARG A 191 -24.54 -24.31 -61.94
CA ARG A 191 -24.14 -22.91 -61.90
C ARG A 191 -23.79 -22.50 -63.33
N ILE A 192 -24.35 -21.38 -63.77
CA ILE A 192 -24.10 -20.87 -65.12
C ILE A 192 -22.61 -20.59 -65.27
N PRO A 193 -21.92 -21.25 -66.22
CA PRO A 193 -20.47 -21.03 -66.34
C PRO A 193 -20.03 -19.64 -66.77
N ALA A 194 -20.24 -19.32 -68.04
CA ALA A 194 -19.89 -18.02 -68.58
C ALA A 194 -21.16 -17.26 -68.88
N ASP A 195 -21.02 -16.05 -69.41
CA ASP A 195 -22.20 -15.27 -69.75
C ASP A 195 -22.75 -15.82 -71.06
N LEU A 196 -23.95 -16.38 -71.01
CA LEU A 196 -24.57 -16.97 -72.18
C LEU A 196 -25.63 -16.04 -72.77
N ARG A 197 -26.22 -16.49 -73.86
CA ARG A 197 -27.29 -15.82 -74.58
C ARG A 197 -28.33 -16.92 -74.72
N ILE A 198 -29.39 -16.81 -73.92
CA ILE A 198 -30.44 -17.83 -73.89
C ILE A 198 -31.08 -17.99 -75.27
N ILE A 199 -31.01 -19.20 -75.81
CA ILE A 199 -31.57 -19.51 -77.11
C ILE A 199 -32.69 -20.55 -77.01
N SER A 200 -32.84 -21.25 -75.89
CA SER A 200 -33.88 -22.26 -75.75
C SER A 200 -34.11 -22.50 -74.26
N ALA A 201 -35.23 -22.00 -73.75
CA ALA A 201 -35.57 -22.16 -72.34
C ALA A 201 -36.73 -23.13 -72.15
N ASN A 202 -36.82 -23.65 -70.92
CA ASN A 202 -37.90 -24.56 -70.54
C ASN A 202 -38.01 -24.49 -69.02
N GLY A 203 -38.91 -23.64 -68.53
CA GLY A 203 -39.09 -23.47 -67.10
C GLY A 203 -37.82 -23.01 -66.41
N CYS A 204 -36.99 -22.24 -67.09
CA CYS A 204 -35.71 -21.80 -66.55
C CYS A 204 -35.84 -20.63 -65.57
N LYS A 205 -35.34 -20.86 -64.35
CA LYS A 205 -35.32 -19.87 -63.28
C LYS A 205 -33.89 -19.81 -62.75
N VAL A 206 -33.22 -18.70 -62.97
CA VAL A 206 -31.85 -18.51 -62.52
C VAL A 206 -31.85 -17.58 -61.30
N ASP A 207 -30.74 -17.55 -60.59
CA ASP A 207 -30.55 -16.75 -59.38
C ASP A 207 -29.51 -15.66 -59.61
N ASN A 208 -29.98 -14.47 -60.00
CA ASN A 208 -29.13 -13.31 -60.21
C ASN A 208 -28.97 -12.49 -58.94
N SER A 209 -29.06 -13.15 -57.78
CA SER A 209 -28.98 -12.44 -56.51
C SER A 209 -27.59 -11.87 -56.25
N SER A 210 -26.56 -12.71 -56.32
CA SER A 210 -25.22 -12.20 -56.04
C SER A 210 -24.73 -11.20 -57.08
N LEU A 211 -25.33 -11.16 -58.27
CA LEU A 211 -24.84 -10.19 -59.26
C LEU A 211 -25.61 -8.87 -59.33
N THR A 212 -26.78 -8.87 -59.97
CA THR A 212 -27.53 -7.63 -60.09
C THR A 212 -28.28 -7.27 -58.82
N GLY A 213 -28.49 -8.24 -57.94
CA GLY A 213 -29.21 -7.99 -56.71
C GLY A 213 -30.68 -8.37 -56.74
N GLU A 214 -31.13 -9.04 -57.80
CA GLU A 214 -32.54 -9.46 -57.88
C GLU A 214 -32.76 -10.59 -56.88
N SER A 215 -33.69 -10.37 -55.93
CA SER A 215 -33.94 -11.33 -54.87
C SER A 215 -34.67 -12.59 -55.34
N GLU A 216 -35.91 -12.43 -55.82
CA GLU A 216 -36.68 -13.59 -56.26
C GLU A 216 -36.01 -14.26 -57.46
N PRO A 217 -36.11 -15.60 -57.58
CA PRO A 217 -35.46 -16.29 -58.71
C PRO A 217 -36.01 -15.79 -60.03
N GLN A 218 -35.18 -15.04 -60.76
CA GLN A 218 -35.60 -14.47 -62.01
C GLN A 218 -35.65 -15.51 -63.11
N THR A 219 -36.73 -15.52 -63.88
CA THR A 219 -36.84 -16.47 -64.97
C THR A 219 -36.01 -15.99 -66.16
N ARG A 220 -35.69 -16.92 -67.06
CA ARG A 220 -34.91 -16.62 -68.25
C ARG A 220 -35.66 -17.12 -69.47
N SER A 221 -35.97 -16.20 -70.39
CA SER A 221 -36.69 -16.48 -71.62
C SER A 221 -35.80 -16.19 -72.82
N PRO A 222 -35.89 -16.99 -73.90
CA PRO A 222 -35.03 -16.73 -75.07
C PRO A 222 -35.35 -15.44 -75.78
N ASP A 223 -36.56 -14.92 -75.66
CA ASP A 223 -36.94 -13.69 -76.35
C ASP A 223 -36.36 -12.46 -75.68
N PHE A 224 -36.11 -11.44 -76.49
CA PHE A 224 -35.58 -10.18 -75.99
C PHE A 224 -36.68 -9.44 -75.24
N THR A 225 -36.43 -9.16 -73.95
CA THR A 225 -37.42 -8.51 -73.10
C THR A 225 -37.13 -7.05 -72.75
N ASN A 226 -35.91 -6.72 -72.33
CA ASN A 226 -35.59 -5.35 -71.94
C ASN A 226 -34.30 -4.88 -72.58
N GLU A 227 -34.27 -3.59 -72.93
CA GLU A 227 -33.08 -3.00 -73.54
C GLU A 227 -31.87 -3.12 -72.63
N ASN A 228 -32.10 -3.12 -71.32
CA ASN A 228 -30.97 -3.25 -70.42
C ASN A 228 -30.54 -4.71 -70.40
N PRO A 229 -29.24 -4.99 -70.62
CA PRO A 229 -28.78 -6.39 -70.63
C PRO A 229 -28.89 -7.11 -69.30
N LEU A 230 -29.09 -6.40 -68.19
CA LEU A 230 -29.20 -7.03 -66.88
C LEU A 230 -30.63 -7.45 -66.57
N GLU A 231 -31.57 -6.54 -66.76
CA GLU A 231 -32.97 -6.83 -66.48
C GLU A 231 -33.57 -7.83 -67.45
N THR A 232 -33.01 -7.91 -68.67
CA THR A 232 -33.55 -8.81 -69.68
C THR A 232 -33.41 -10.28 -69.26
N ARG A 233 -34.15 -11.14 -69.98
CA ARG A 233 -34.22 -12.57 -69.70
C ARG A 233 -33.45 -13.47 -70.66
N ASN A 234 -32.93 -12.95 -71.77
CA ASN A 234 -32.22 -13.76 -72.75
C ASN A 234 -30.72 -13.83 -72.51
N ILE A 235 -30.26 -13.50 -71.31
CA ILE A 235 -28.84 -13.51 -70.99
C ILE A 235 -28.60 -14.28 -69.70
N ALA A 236 -27.77 -15.32 -69.77
CA ALA A 236 -27.37 -16.07 -68.59
C ALA A 236 -26.12 -15.37 -68.08
N PHE A 237 -25.92 -15.38 -66.76
CA PHE A 237 -24.80 -14.64 -66.18
C PHE A 237 -23.79 -15.51 -65.45
N PHE A 238 -22.58 -14.95 -65.35
CA PHE A 238 -21.47 -15.60 -64.67
C PHE A 238 -21.76 -15.65 -63.17
N SER A 239 -21.33 -16.74 -62.54
CA SER A 239 -21.48 -17.02 -61.10
C SER A 239 -22.94 -17.15 -60.66
N THR A 240 -23.90 -17.12 -61.57
CA THR A 240 -25.31 -17.28 -61.22
C THR A 240 -25.64 -18.77 -61.26
N ASN A 241 -26.62 -19.18 -60.45
CA ASN A 241 -27.01 -20.56 -60.36
C ASN A 241 -28.42 -20.80 -60.89
N CYS A 242 -28.56 -21.89 -61.65
CA CYS A 242 -29.86 -22.30 -62.21
C CYS A 242 -30.64 -22.96 -61.10
N VAL A 243 -31.75 -22.33 -60.69
CA VAL A 243 -32.55 -22.86 -59.60
C VAL A 243 -33.37 -24.08 -60.05
N GLU A 244 -34.07 -23.95 -61.18
CA GLU A 244 -34.89 -25.04 -61.66
C GLU A 244 -35.11 -24.88 -63.15
N GLY A 245 -35.31 -26.00 -63.83
CA GLY A 245 -35.53 -26.00 -65.26
C GLY A 245 -34.24 -26.18 -66.05
N THR A 246 -34.41 -26.30 -67.36
CA THR A 246 -33.32 -26.48 -68.30
C THR A 246 -33.30 -25.35 -69.31
N ALA A 247 -32.10 -25.07 -69.83
CA ALA A 247 -32.00 -23.99 -70.81
C ALA A 247 -30.75 -24.15 -71.64
N ARG A 248 -30.82 -23.68 -72.89
CA ARG A 248 -29.72 -23.70 -73.84
C ARG A 248 -29.30 -22.25 -74.12
N GLY A 249 -28.04 -22.07 -74.49
CA GLY A 249 -27.57 -20.72 -74.79
C GLY A 249 -26.22 -20.76 -75.47
N ILE A 250 -25.82 -19.59 -75.99
CA ILE A 250 -24.55 -19.43 -76.68
C ILE A 250 -23.67 -18.53 -75.84
N VAL A 251 -22.44 -18.96 -75.59
CA VAL A 251 -21.51 -18.20 -74.76
C VAL A 251 -21.12 -16.89 -75.44
N VAL A 252 -21.66 -15.77 -74.95
CA VAL A 252 -21.34 -14.47 -75.51
C VAL A 252 -20.06 -13.91 -74.91
N TYR A 253 -19.95 -13.92 -73.58
CA TYR A 253 -18.79 -13.38 -72.88
C TYR A 253 -18.07 -14.45 -72.09
N THR A 254 -16.74 -14.36 -72.06
CA THR A 254 -15.89 -15.31 -71.37
C THR A 254 -14.84 -14.59 -70.53
N GLY A 255 -14.28 -15.32 -69.57
CA GLY A 255 -13.22 -14.80 -68.73
C GLY A 255 -13.55 -13.53 -68.00
N ASP A 256 -12.61 -12.58 -68.06
CA ASP A 256 -12.76 -11.29 -67.39
C ASP A 256 -13.71 -10.36 -68.13
N ARG A 257 -13.93 -10.57 -69.42
CA ARG A 257 -14.85 -9.74 -70.20
C ARG A 257 -16.30 -9.96 -69.82
N THR A 258 -16.57 -10.81 -68.83
CA THR A 258 -17.92 -11.10 -68.38
C THR A 258 -18.44 -9.93 -67.56
N VAL A 259 -19.68 -10.08 -67.07
CA VAL A 259 -20.29 -9.02 -66.26
C VAL A 259 -19.59 -8.93 -64.92
N MET A 260 -19.65 -10.02 -64.15
CA MET A 260 -19.00 -10.02 -62.85
C MET A 260 -17.49 -9.93 -63.00
N GLY A 261 -16.96 -10.19 -64.19
CA GLY A 261 -15.54 -10.06 -64.45
C GLY A 261 -15.22 -8.59 -64.56
N ARG A 262 -16.04 -7.87 -65.34
CA ARG A 262 -15.86 -6.43 -65.48
C ARG A 262 -16.14 -5.70 -64.17
N ILE A 263 -16.72 -6.39 -63.19
CA ILE A 263 -16.95 -5.80 -61.88
C ILE A 263 -15.80 -6.15 -60.93
N ALA A 264 -15.34 -7.40 -60.96
CA ALA A 264 -14.24 -7.83 -60.12
C ALA A 264 -12.96 -7.09 -60.48
N THR A 265 -12.67 -6.97 -61.78
CA THR A 265 -11.47 -6.25 -62.21
C THR A 265 -11.57 -4.78 -61.85
N LEU A 266 -12.80 -4.26 -61.75
CA LEU A 266 -12.98 -2.86 -61.36
C LEU A 266 -12.68 -2.70 -59.88
N ALA A 267 -13.12 -3.66 -59.06
CA ALA A 267 -12.87 -3.59 -57.63
C ALA A 267 -11.39 -3.75 -57.32
N SER A 268 -10.71 -4.63 -58.06
CA SER A 268 -9.28 -4.83 -57.83
C SER A 268 -8.45 -3.62 -58.19
N GLY A 269 -8.96 -2.73 -59.05
CA GLY A 269 -8.22 -1.56 -59.45
C GLY A 269 -8.66 -0.23 -58.87
N LEU A 270 -9.47 -0.25 -57.82
CA LEU A 270 -9.93 0.98 -57.20
C LEU A 270 -9.03 1.38 -56.03
N GLU A 271 -9.22 2.62 -55.58
CA GLU A 271 -8.44 3.18 -54.49
C GLU A 271 -9.04 2.81 -53.12
N GLY A 272 -8.17 2.73 -52.12
CA GLY A 272 -8.59 2.41 -50.78
C GLY A 272 -8.90 3.65 -49.96
N GLY A 273 -8.15 4.73 -50.20
CA GLY A 273 -8.35 5.97 -49.49
C GLY A 273 -7.44 6.10 -48.27
N GLN A 274 -7.87 6.92 -47.32
CA GLN A 274 -7.13 7.16 -46.08
C GLN A 274 -8.07 6.96 -44.91
N THR A 275 -7.76 5.97 -44.05
CA THR A 275 -8.61 5.72 -42.89
C THR A 275 -8.62 6.96 -42.00
N PRO A 276 -9.74 7.22 -41.31
CA PRO A 276 -9.78 8.42 -40.45
C PRO A 276 -8.74 8.40 -39.35
N ILE A 277 -8.50 7.22 -38.77
CA ILE A 277 -7.50 7.09 -37.71
C ILE A 277 -6.13 7.51 -38.24
N ALA A 278 -5.83 7.17 -39.50
CA ALA A 278 -4.56 7.57 -40.09
C ALA A 278 -4.46 9.07 -40.21
N ALA A 279 -5.57 9.73 -40.55
CA ALA A 279 -5.57 11.18 -40.66
C ALA A 279 -5.32 11.81 -39.29
N GLU A 280 -5.93 11.24 -38.25
CA GLU A 280 -5.73 11.76 -36.90
C GLU A 280 -4.28 11.57 -36.46
N ILE A 281 -3.67 10.45 -36.84
CA ILE A 281 -2.28 10.20 -36.50
C ILE A 281 -1.38 11.20 -37.22
N GLU A 282 -1.65 11.46 -38.50
CA GLU A 282 -0.85 12.41 -39.26
C GLU A 282 -0.92 13.80 -38.64
N HIS A 283 -2.15 14.27 -38.37
CA HIS A 283 -2.33 15.58 -37.75
C HIS A 283 -1.68 15.63 -36.37
N PHE A 284 -1.70 14.51 -35.64
CA PHE A 284 -1.06 14.45 -34.34
C PHE A 284 0.44 14.66 -34.48
N ILE A 285 1.05 13.98 -35.47
CA ILE A 285 2.48 14.14 -35.71
C ILE A 285 2.77 15.58 -36.12
N HIS A 286 1.83 16.20 -36.84
CA HIS A 286 2.00 17.59 -37.25
C HIS A 286 2.15 18.49 -36.04
N ILE A 287 1.28 18.31 -35.04
CA ILE A 287 1.37 19.12 -33.83
C ILE A 287 2.64 18.78 -33.05
N ILE A 288 2.97 17.49 -32.96
CA ILE A 288 4.16 17.05 -32.21
C ILE A 288 5.41 17.73 -32.74
N THR A 289 5.68 17.55 -34.03
CA THR A 289 6.86 18.18 -34.62
C THR A 289 6.71 19.70 -34.69
N GLY A 290 5.47 20.21 -34.76
CA GLY A 290 5.26 21.65 -34.79
C GLY A 290 5.82 22.32 -33.55
N VAL A 291 5.50 21.74 -32.38
CA VAL A 291 6.04 22.32 -31.15
C VAL A 291 7.48 21.87 -30.91
N ALA A 292 7.87 20.69 -31.43
CA ALA A 292 9.23 20.21 -31.25
C ALA A 292 10.23 21.15 -31.91
N VAL A 293 9.97 21.50 -33.18
CA VAL A 293 10.88 22.40 -33.88
C VAL A 293 10.77 23.80 -33.30
N PHE A 294 9.58 24.18 -32.78
CA PHE A 294 9.47 25.51 -32.20
C PHE A 294 10.39 25.67 -30.99
N LEU A 295 10.30 24.72 -30.04
CA LEU A 295 11.15 24.79 -28.87
C LEU A 295 12.61 24.58 -29.23
N GLY A 296 12.89 23.64 -30.13
CA GLY A 296 14.28 23.40 -30.51
C GLY A 296 14.92 24.60 -31.18
N VAL A 297 14.17 25.31 -32.02
CA VAL A 297 14.70 26.47 -32.73
C VAL A 297 14.85 27.66 -31.79
N SER A 298 13.81 27.97 -31.00
CA SER A 298 13.93 29.10 -30.09
C SER A 298 15.06 28.87 -29.10
N PHE A 299 15.26 27.61 -28.66
CA PHE A 299 16.35 27.33 -27.74
C PHE A 299 17.70 27.26 -28.44
N PHE A 300 17.73 26.90 -29.73
CA PHE A 300 18.98 26.89 -30.47
C PHE A 300 19.49 28.32 -30.62
N ILE A 301 18.58 29.22 -31.01
CA ILE A 301 18.93 30.63 -31.14
C ILE A 301 19.32 31.19 -29.77
N LEU A 302 18.57 30.85 -28.73
CA LEU A 302 18.88 31.33 -27.39
C LEU A 302 20.25 30.82 -26.93
N SER A 303 20.58 29.57 -27.27
CA SER A 303 21.87 29.00 -26.89
C SER A 303 23.00 29.73 -27.59
N LEU A 304 22.81 30.06 -28.87
CA LEU A 304 23.84 30.82 -29.57
C LEU A 304 23.98 32.22 -28.98
N ILE A 305 22.85 32.79 -28.54
CA ILE A 305 22.89 34.11 -27.91
C ILE A 305 23.67 34.05 -26.60
N LEU A 306 23.56 32.94 -25.87
CA LEU A 306 24.28 32.84 -24.61
C LEU A 306 25.80 32.80 -24.77
N GLU A 307 26.35 31.63 -25.06
CA GLU A 307 27.79 31.50 -25.22
C GLU A 307 28.26 30.37 -26.13
N TYR A 308 27.43 29.33 -26.24
CA TYR A 308 27.78 28.13 -26.99
C TYR A 308 27.95 28.41 -28.48
N THR A 309 28.91 27.71 -29.07
CA THR A 309 29.22 27.85 -30.48
C THR A 309 28.18 27.10 -31.32
N TRP A 310 28.37 27.14 -32.64
CA TRP A 310 27.45 26.46 -33.54
C TRP A 310 27.51 24.96 -33.34
N LEU A 311 28.72 24.44 -33.09
CA LEU A 311 28.92 23.02 -32.86
C LEU A 311 28.04 22.51 -31.71
N GLU A 312 28.09 23.19 -30.56
CA GLU A 312 27.30 22.78 -29.40
C GLU A 312 25.82 23.02 -29.61
N ALA A 313 25.48 24.20 -30.15
CA ALA A 313 24.07 24.55 -30.35
C ALA A 313 23.36 23.59 -31.30
N VAL A 314 24.05 23.06 -32.31
CA VAL A 314 23.40 22.12 -33.21
C VAL A 314 23.01 20.85 -32.45
N ILE A 315 23.92 20.38 -31.58
CA ILE A 315 23.63 19.20 -30.77
C ILE A 315 22.44 19.47 -29.86
N PHE A 316 22.36 20.69 -29.31
CA PHE A 316 21.23 21.04 -28.46
C PHE A 316 19.93 21.04 -29.25
N LEU A 317 19.95 21.61 -30.46
CA LEU A 317 18.77 21.64 -31.31
C LEU A 317 18.27 20.24 -31.60
N ILE A 318 19.18 19.35 -32.01
CA ILE A 318 18.80 17.96 -32.30
C ILE A 318 18.25 17.29 -31.05
N GLY A 319 18.88 17.52 -29.90
CA GLY A 319 18.41 16.89 -28.67
C GLY A 319 17.02 17.34 -28.27
N ILE A 320 16.77 18.65 -28.34
CA ILE A 320 15.46 19.18 -27.95
C ILE A 320 14.38 18.68 -28.90
N ILE A 321 14.65 18.64 -30.20
CA ILE A 321 13.62 18.20 -31.13
C ILE A 321 13.37 16.70 -31.01
N VAL A 322 14.44 15.90 -30.99
CA VAL A 322 14.29 14.44 -30.90
C VAL A 322 13.65 14.03 -29.58
N ALA A 323 13.96 14.72 -28.48
CA ALA A 323 13.38 14.36 -27.19
C ALA A 323 11.87 14.55 -27.18
N ASN A 324 11.36 15.45 -28.00
CA ASN A 324 9.93 15.74 -28.09
C ASN A 324 9.18 14.68 -28.92
N VAL A 325 9.81 13.56 -29.23
CA VAL A 325 9.20 12.50 -30.03
C VAL A 325 8.81 11.36 -29.10
N PRO A 326 7.52 11.04 -28.96
CA PRO A 326 7.13 9.91 -28.10
C PRO A 326 7.62 8.61 -28.72
N GLU A 327 8.66 8.05 -28.13
CA GLU A 327 9.25 6.82 -28.67
C GLU A 327 8.35 5.61 -28.45
N GLY A 328 7.95 5.37 -27.20
CA GLY A 328 7.14 4.21 -26.89
C GLY A 328 5.69 4.30 -27.29
N LEU A 329 5.18 5.50 -27.59
CA LEU A 329 3.78 5.65 -27.95
C LEU A 329 3.40 4.85 -29.20
N LEU A 330 4.36 4.57 -30.08
CA LEU A 330 4.08 3.78 -31.28
C LEU A 330 3.54 2.40 -30.94
N ALA A 331 4.33 1.63 -30.19
CA ALA A 331 3.92 0.28 -29.82
C ALA A 331 2.69 0.29 -28.92
N THR A 332 2.58 1.26 -28.02
CA THR A 332 1.42 1.30 -27.15
C THR A 332 0.15 1.52 -27.96
N VAL A 333 0.21 2.35 -29.01
CA VAL A 333 -0.97 2.57 -29.84
C VAL A 333 -1.24 1.35 -30.71
N THR A 334 -0.19 0.72 -31.23
CA THR A 334 -0.37 -0.47 -32.05
C THR A 334 -1.04 -1.57 -31.24
N VAL A 335 -0.53 -1.84 -30.03
CA VAL A 335 -1.13 -2.84 -29.17
C VAL A 335 -2.52 -2.38 -28.75
N CYS A 336 -2.68 -1.07 -28.52
CA CYS A 336 -3.97 -0.51 -28.16
C CYS A 336 -5.03 -0.87 -29.19
N LEU A 337 -4.64 -0.87 -30.47
CA LEU A 337 -5.55 -1.24 -31.54
C LEU A 337 -5.69 -2.76 -31.66
N THR A 338 -4.60 -3.49 -31.49
CA THR A 338 -4.63 -4.95 -31.59
C THR A 338 -5.54 -5.56 -30.55
N LEU A 339 -5.52 -5.01 -29.33
CA LEU A 339 -6.38 -5.50 -28.27
C LEU A 339 -7.85 -5.38 -28.65
N THR A 340 -8.23 -4.20 -29.16
CA THR A 340 -9.62 -4.02 -29.58
C THR A 340 -9.97 -4.93 -30.75
N ALA A 341 -8.97 -5.25 -31.59
CA ALA A 341 -9.22 -6.17 -32.69
C ALA A 341 -9.44 -7.59 -32.20
N LYS A 342 -8.87 -7.93 -31.04
CA LYS A 342 -9.06 -9.27 -30.47
C LYS A 342 -10.53 -9.50 -30.16
N ARG A 343 -11.17 -8.52 -29.51
CA ARG A 343 -12.59 -8.62 -29.18
C ARG A 343 -13.42 -8.74 -30.45
N MET A 344 -12.91 -8.16 -31.55
CA MET A 344 -13.62 -8.30 -32.83
C MET A 344 -13.55 -9.75 -33.30
N ALA A 345 -12.36 -10.36 -33.19
CA ALA A 345 -12.20 -11.75 -33.62
C ALA A 345 -12.98 -12.72 -32.74
N ARG A 346 -13.19 -12.37 -31.47
CA ARG A 346 -13.94 -13.26 -30.59
C ARG A 346 -15.40 -13.33 -31.01
N LYS A 347 -15.99 -12.20 -31.40
CA LYS A 347 -17.38 -12.13 -31.84
C LYS A 347 -17.55 -12.45 -33.32
N ASN A 348 -16.59 -13.14 -33.93
CA ASN A 348 -16.61 -13.50 -35.35
C ASN A 348 -16.78 -12.25 -36.22
N CYS A 349 -15.81 -11.34 -36.07
CA CYS A 349 -15.78 -10.08 -36.81
C CYS A 349 -14.30 -9.87 -37.12
N LEU A 350 -13.88 -10.35 -38.28
CA LEU A 350 -12.48 -10.24 -38.67
C LEU A 350 -12.18 -8.92 -39.35
N VAL A 351 -11.03 -8.35 -39.02
CA VAL A 351 -10.59 -7.10 -39.60
C VAL A 351 -9.25 -7.38 -40.29
N LYS A 352 -9.22 -7.30 -41.62
CA LYS A 352 -7.97 -7.53 -42.32
C LYS A 352 -6.98 -6.40 -42.06
N ASN A 353 -7.49 -5.21 -41.76
CA ASN A 353 -6.67 -4.05 -41.46
C ASN A 353 -6.65 -3.82 -39.97
N LEU A 354 -5.47 -3.53 -39.42
CA LEU A 354 -5.31 -3.33 -37.99
C LEU A 354 -5.84 -1.98 -37.51
N GLU A 355 -6.21 -1.07 -38.43
CA GLU A 355 -6.75 0.23 -38.05
C GLU A 355 -8.23 0.35 -38.40
N ALA A 356 -8.73 -0.50 -39.30
CA ALA A 356 -10.13 -0.47 -39.67
C ALA A 356 -11.05 -0.83 -38.51
N VAL A 357 -10.47 -1.24 -37.38
CA VAL A 357 -11.24 -1.56 -36.19
C VAL A 357 -11.91 -0.30 -35.67
N GLU A 358 -11.23 0.86 -35.82
CA GLU A 358 -11.79 2.10 -35.30
C GLU A 358 -12.80 2.77 -36.22
N THR A 359 -12.69 2.57 -37.53
CA THR A 359 -13.53 3.25 -38.52
C THR A 359 -15.04 3.12 -38.28
N LEU A 360 -15.51 2.04 -37.66
CA LEU A 360 -16.95 1.90 -37.45
C LEU A 360 -17.47 2.98 -36.49
N GLY A 361 -16.69 3.33 -35.49
CA GLY A 361 -17.13 4.34 -34.52
C GLY A 361 -17.20 5.74 -35.10
N SER A 362 -16.25 6.09 -35.95
CA SER A 362 -16.22 7.42 -36.57
C SER A 362 -17.14 7.51 -37.80
N THR A 363 -17.98 6.50 -38.02
CA THR A 363 -18.88 6.49 -39.17
C THR A 363 -20.16 7.26 -38.89
N SER A 364 -20.66 7.92 -39.93
CA SER A 364 -21.89 8.70 -39.84
C SER A 364 -22.89 8.37 -40.94
N THR A 365 -22.52 7.55 -41.92
CA THR A 365 -23.41 7.16 -43.01
C THR A 365 -23.11 5.73 -43.40
N ILE A 366 -24.11 4.85 -43.31
CA ILE A 366 -23.94 3.45 -43.66
C ILE A 366 -24.75 3.16 -44.92
N CYS A 367 -24.07 2.67 -45.96
CA CYS A 367 -24.71 2.33 -47.22
C CYS A 367 -24.81 0.81 -47.22
N SER A 368 -25.98 0.30 -46.86
CA SER A 368 -26.19 -1.14 -46.79
C SER A 368 -26.82 -1.75 -48.03
N LYS A 370 -29.36 -4.53 -49.64
CA LYS A 370 -30.58 -5.15 -49.17
C LYS A 370 -30.51 -6.68 -49.20
N THR A 371 -30.54 -7.22 -50.40
CA THR A 371 -30.51 -8.68 -50.59
C THR A 371 -29.16 -9.25 -50.19
N GLY A 372 -29.19 -10.17 -49.22
CA GLY A 372 -28.01 -10.83 -48.71
C GLY A 372 -27.43 -10.20 -47.46
N THR A 373 -27.49 -8.88 -47.33
CA THR A 373 -26.97 -8.19 -46.16
C THR A 373 -28.09 -7.83 -45.20
N LEU A 374 -29.04 -7.00 -45.65
CA LEU A 374 -30.17 -6.65 -44.79
C LEU A 374 -31.13 -7.83 -44.67
N THR A 375 -31.50 -8.42 -45.81
CA THR A 375 -32.40 -9.55 -45.85
C THR A 375 -31.63 -10.86 -45.75
N GLN A 376 -32.38 -11.95 -45.59
CA GLN A 376 -31.76 -13.27 -45.51
C GLN A 376 -31.48 -13.85 -46.88
N ASN A 377 -31.93 -13.19 -47.95
CA ASN A 377 -31.74 -13.65 -49.32
C ASN A 377 -32.27 -15.07 -49.49
N ARG A 378 -33.50 -15.28 -49.02
CA ARG A 378 -34.11 -16.60 -49.09
C ARG A 378 -35.63 -16.41 -48.97
N MET A 379 -36.36 -16.98 -49.92
CA MET A 379 -37.81 -16.86 -49.90
C MET A 379 -38.37 -17.59 -48.68
N THR A 380 -39.22 -16.91 -47.92
CA THR A 380 -39.80 -17.52 -46.73
C THR A 380 -41.28 -17.16 -46.64
N VAL A 381 -42.07 -18.12 -46.13
CA VAL A 381 -43.52 -17.95 -45.95
C VAL A 381 -43.75 -16.78 -45.01
N ALA A 382 -44.29 -15.68 -45.54
CA ALA A 382 -44.51 -14.51 -44.69
C ALA A 382 -45.78 -14.57 -43.84
N HIS A 383 -46.94 -14.39 -44.47
CA HIS A 383 -48.20 -14.36 -43.77
C HIS A 383 -49.16 -15.41 -44.30
N MET A 384 -50.30 -15.51 -43.60
CA MET A 384 -51.37 -16.43 -43.97
C MET A 384 -52.69 -15.67 -43.86
N TRP A 385 -53.76 -16.29 -44.38
CA TRP A 385 -55.10 -15.69 -44.43
C TRP A 385 -56.14 -16.72 -43.99
N SER A 386 -56.05 -17.15 -42.74
CA SER A 386 -56.98 -18.16 -42.25
C SER A 386 -58.18 -17.51 -41.56
N ASP A 387 -59.37 -18.07 -41.85
CA ASP A 387 -60.63 -17.61 -41.26
C ASP A 387 -60.87 -16.13 -41.51
N ASN A 388 -60.52 -15.67 -42.71
CA ASN A 388 -60.64 -14.26 -43.10
C ASN A 388 -59.89 -13.41 -42.07
N GLN A 389 -58.63 -13.78 -41.84
CA GLN A 389 -57.82 -13.05 -40.88
C GLN A 389 -56.35 -13.31 -41.17
N ILE A 390 -55.59 -12.22 -41.26
CA ILE A 390 -54.16 -12.29 -41.52
C ILE A 390 -53.45 -12.89 -40.32
N HIS A 391 -52.43 -13.71 -40.59
CA HIS A 391 -51.67 -14.36 -39.52
C HIS A 391 -50.19 -14.28 -39.89
N GLU A 392 -49.43 -13.46 -39.17
CA GLU A 392 -48.01 -13.34 -39.44
C GLU A 392 -47.29 -14.55 -38.86
N ALA A 393 -46.29 -15.03 -39.60
CA ALA A 393 -45.50 -16.17 -39.19
C ALA A 393 -44.11 -15.72 -38.77
N ASP A 394 -43.38 -16.62 -38.12
CA ASP A 394 -42.03 -16.32 -37.67
C ASP A 394 -41.11 -16.31 -38.89
N THR A 395 -40.56 -15.13 -39.21
CA THR A 395 -39.68 -14.97 -40.36
C THR A 395 -38.22 -14.74 -39.96
N THR A 396 -37.80 -15.35 -38.85
CA THR A 396 -36.43 -15.22 -38.36
C THR A 396 -35.61 -16.41 -38.84
N GLU A 397 -34.31 -16.18 -39.03
CA GLU A 397 -33.42 -17.23 -39.51
C GLU A 397 -33.18 -18.29 -38.43
N ASN A 398 -33.08 -17.88 -37.17
CA ASN A 398 -32.85 -18.83 -36.08
C ASN A 398 -34.13 -19.25 -35.37
N GLN A 399 -35.30 -18.80 -35.85
CA GLN A 399 -36.60 -19.16 -35.27
C GLN A 399 -36.73 -18.77 -33.80
N SER A 400 -36.89 -17.47 -33.55
CA SER A 400 -37.04 -16.92 -32.20
C SER A 400 -38.10 -15.82 -32.17
N GLY A 401 -39.30 -16.12 -32.67
CA GLY A 401 -40.34 -15.11 -32.68
C GLY A 401 -41.72 -15.61 -32.29
N VAL A 402 -42.73 -14.76 -32.41
CA VAL A 402 -44.09 -15.14 -32.04
C VAL A 402 -44.65 -16.13 -33.06
N SER A 403 -45.33 -17.16 -32.55
CA SER A 403 -45.94 -18.18 -33.38
C SER A 403 -47.44 -17.92 -33.53
N PHE A 404 -47.96 -18.30 -34.69
CA PHE A 404 -49.37 -18.11 -34.97
C PHE A 404 -50.20 -19.21 -34.30
N ASP A 405 -51.50 -18.94 -34.15
CA ASP A 405 -52.44 -19.88 -33.54
C ASP A 405 -52.53 -21.10 -34.45
N LYS A 406 -51.95 -22.22 -34.01
CA LYS A 406 -51.90 -23.44 -34.81
C LYS A 406 -52.73 -24.59 -34.25
N THR A 407 -53.97 -24.33 -33.84
CA THR A 407 -54.84 -25.39 -33.30
C THR A 407 -56.26 -25.29 -33.83
N SER A 408 -56.45 -25.01 -35.12
CA SER A 408 -57.78 -24.88 -35.70
C SER A 408 -57.95 -25.82 -36.89
N ALA A 409 -59.20 -25.95 -37.36
CA ALA A 409 -59.50 -26.82 -38.50
C ALA A 409 -58.97 -26.20 -39.78
N THR A 410 -59.07 -24.88 -39.92
CA THR A 410 -58.54 -24.21 -41.11
C THR A 410 -57.05 -24.46 -41.22
N TRP A 411 -56.36 -24.57 -40.08
CA TRP A 411 -54.93 -24.85 -40.10
C TRP A 411 -54.66 -26.28 -40.56
N LEU A 412 -55.41 -27.24 -40.02
CA LEU A 412 -55.22 -28.63 -40.44
C LEU A 412 -55.55 -28.82 -41.91
N ALA A 413 -56.39 -27.93 -42.47
CA ALA A 413 -56.71 -28.02 -43.89
C ALA A 413 -55.60 -27.40 -44.73
N LEU A 414 -55.32 -26.11 -44.51
CA LEU A 414 -54.29 -25.38 -45.25
C LEU A 414 -52.92 -26.05 -45.17
N SER A 415 -52.54 -26.52 -43.97
CA SER A 415 -51.25 -27.18 -43.81
C SER A 415 -51.15 -28.41 -44.67
N ARG A 416 -52.26 -29.14 -44.85
CA ARG A 416 -52.20 -30.31 -45.71
C ARG A 416 -52.24 -29.92 -47.18
N ILE A 417 -52.87 -28.78 -47.50
CA ILE A 417 -52.88 -28.32 -48.90
C ILE A 417 -51.46 -27.98 -49.30
N ALA A 418 -50.64 -27.58 -48.32
CA ALA A 418 -49.24 -27.26 -48.57
C ALA A 418 -48.35 -28.50 -48.48
N GLY A 419 -48.63 -29.40 -47.53
CA GLY A 419 -47.85 -30.61 -47.33
C GLY A 419 -48.09 -31.70 -48.35
N LEU A 420 -49.09 -31.55 -49.22
CA LEU A 420 -49.34 -32.56 -50.24
C LEU A 420 -49.20 -32.01 -51.65
N CYS A 421 -49.80 -30.85 -51.93
CA CYS A 421 -49.77 -30.25 -53.26
C CYS A 421 -48.54 -29.36 -53.42
N ASN A 422 -47.38 -29.98 -53.42
CA ASN A 422 -46.11 -29.27 -53.57
C ASN A 422 -45.05 -30.22 -54.09
N ARG A 423 -44.28 -29.75 -55.07
CA ARG A 423 -43.20 -30.53 -55.67
C ARG A 423 -41.87 -30.12 -55.03
N ALA A 424 -41.74 -30.49 -53.75
CA ALA A 424 -40.53 -30.15 -53.00
C ALA A 424 -40.34 -31.14 -51.86
N VAL A 425 -39.11 -31.66 -51.76
CA VAL A 425 -38.71 -32.60 -50.72
C VAL A 425 -37.29 -32.26 -50.30
N PHE A 426 -36.76 -33.02 -49.34
CA PHE A 426 -35.41 -32.81 -48.86
C PHE A 426 -34.44 -33.65 -49.68
N GLN A 427 -33.18 -33.70 -49.25
CA GLN A 427 -32.16 -34.44 -49.98
C GLN A 427 -31.49 -35.49 -49.11
N ALA A 428 -30.31 -35.96 -49.52
CA ALA A 428 -29.61 -37.02 -48.80
C ALA A 428 -29.07 -36.65 -47.42
N ASN A 429 -28.05 -35.79 -47.37
CA ASN A 429 -27.46 -35.41 -46.08
C ASN A 429 -28.38 -34.59 -45.19
N GLN A 430 -29.48 -34.09 -45.73
CA GLN A 430 -30.40 -33.26 -44.94
C GLN A 430 -31.15 -34.11 -43.92
N GLU A 431 -30.46 -34.47 -42.83
CA GLU A 431 -31.05 -35.25 -41.74
C GLU A 431 -30.73 -34.65 -40.39
N ASN A 432 -29.50 -34.21 -40.19
CA ASN A 432 -29.05 -33.60 -38.94
C ASN A 432 -29.02 -32.08 -39.01
N LEU A 433 -28.98 -31.51 -40.21
CA LEU A 433 -28.95 -30.06 -40.38
C LEU A 433 -30.24 -29.44 -39.82
N PRO A 434 -30.20 -28.16 -39.47
CA PRO A 434 -31.40 -27.51 -38.93
C PRO A 434 -32.55 -27.54 -39.93
N ILE A 435 -33.73 -27.15 -39.43
CA ILE A 435 -34.95 -27.18 -40.25
C ILE A 435 -34.90 -26.18 -41.39
N LEU A 436 -34.43 -24.96 -41.12
CA LEU A 436 -34.41 -23.94 -42.17
C LEU A 436 -33.15 -23.95 -43.04
N LYS A 437 -31.97 -23.95 -42.43
CA LYS A 437 -30.73 -23.91 -43.22
C LYS A 437 -30.33 -25.26 -43.81
N ARG A 438 -31.28 -26.00 -44.36
CA ARG A 438 -31.01 -27.29 -44.98
C ARG A 438 -31.35 -27.18 -46.47
N ALA A 439 -30.61 -27.93 -47.29
CA ALA A 439 -30.81 -27.88 -48.74
C ALA A 439 -32.11 -28.55 -49.15
N VAL A 440 -32.82 -27.91 -50.07
CA VAL A 440 -34.09 -28.41 -50.59
C VAL A 440 -34.11 -28.18 -52.09
N ALA A 441 -34.55 -29.19 -52.84
CA ALA A 441 -34.64 -29.11 -54.29
C ALA A 441 -36.08 -28.81 -54.69
N GLY A 442 -36.23 -27.94 -55.69
CA GLY A 442 -37.52 -27.54 -56.22
C GLY A 442 -37.64 -26.03 -56.28
N ASP A 443 -38.88 -25.56 -56.42
CA ASP A 443 -39.14 -24.14 -56.49
C ASP A 443 -38.83 -23.49 -55.14
N ALA A 444 -38.41 -22.21 -55.20
CA ALA A 444 -38.12 -21.49 -53.97
C ALA A 444 -39.38 -21.35 -53.13
N SER A 445 -40.51 -21.09 -53.78
CA SER A 445 -41.78 -20.97 -53.08
C SER A 445 -42.15 -22.29 -52.42
N GLU A 446 -42.04 -23.39 -53.18
CA GLU A 446 -42.34 -24.71 -52.64
C GLU A 446 -41.39 -25.07 -51.51
N SER A 447 -40.13 -24.64 -51.60
CA SER A 447 -39.17 -24.92 -50.54
C SER A 447 -39.56 -24.18 -49.27
N ALA A 448 -39.97 -22.92 -49.39
CA ALA A 448 -40.40 -22.14 -48.22
C ALA A 448 -41.62 -22.77 -47.57
N LEU A 449 -42.62 -23.15 -48.38
CA LEU A 449 -43.82 -23.78 -47.84
C LEU A 449 -43.47 -25.09 -47.15
N LEU A 450 -42.59 -25.89 -47.77
CA LEU A 450 -42.17 -27.15 -47.17
C LEU A 450 -41.50 -26.92 -45.82
N LYS A 451 -40.70 -25.85 -45.72
CA LYS A 451 -40.03 -25.54 -44.46
C LYS A 451 -41.03 -25.15 -43.38
N CYS A 452 -41.98 -24.26 -43.73
CA CYS A 452 -42.97 -23.83 -42.74
C CYS A 452 -43.84 -24.99 -42.27
N ILE A 453 -44.09 -25.97 -43.14
CA ILE A 453 -44.88 -27.12 -42.71
C ILE A 453 -44.02 -28.07 -41.89
N GLU A 454 -42.78 -28.30 -42.30
CA GLU A 454 -41.85 -29.15 -41.58
C GLU A 454 -41.53 -28.61 -40.19
N LEU A 455 -41.81 -27.33 -39.95
CA LEU A 455 -41.54 -26.73 -38.65
C LEU A 455 -42.78 -26.48 -37.81
N CYS A 456 -43.73 -25.68 -38.30
CA CYS A 456 -44.92 -25.39 -37.50
C CYS A 456 -46.01 -26.45 -37.59
N CYS A 457 -45.81 -27.54 -38.32
CA CYS A 457 -46.83 -28.57 -38.43
C CYS A 457 -46.21 -29.97 -38.45
N GLY A 458 -45.47 -30.30 -37.38
CA GLY A 458 -44.84 -31.60 -37.27
C GLY A 458 -43.84 -31.96 -38.35
N SER A 459 -44.19 -32.91 -39.22
CA SER A 459 -43.30 -33.35 -40.28
C SER A 459 -44.10 -33.53 -41.57
N VAL A 460 -43.38 -33.74 -42.67
CA VAL A 460 -44.00 -33.93 -43.98
C VAL A 460 -43.71 -35.30 -44.58
N LYS A 461 -42.79 -36.08 -44.02
CA LYS A 461 -42.49 -37.41 -44.57
C LYS A 461 -43.73 -38.31 -44.53
N GLU A 462 -44.17 -38.63 -43.31
CA GLU A 462 -45.33 -39.47 -43.16
C GLU A 462 -46.61 -38.71 -43.49
N MET A 463 -46.59 -37.38 -43.36
CA MET A 463 -47.77 -36.60 -43.68
C MET A 463 -48.04 -36.59 -45.18
N ARG A 464 -46.98 -36.76 -45.99
CA ARG A 464 -47.14 -36.80 -47.44
C ARG A 464 -47.40 -38.22 -47.91
N GLU A 465 -46.66 -39.20 -47.39
CA GLU A 465 -46.89 -40.58 -47.83
C GLU A 465 -48.21 -41.15 -47.31
N ARG A 466 -48.79 -40.55 -46.27
CA ARG A 466 -50.07 -41.04 -45.73
C ARG A 466 -51.20 -40.85 -46.73
N TYR A 467 -51.04 -39.96 -47.70
CA TYR A 467 -52.04 -39.66 -48.72
C TYR A 467 -51.42 -40.02 -50.07
N THR A 468 -51.67 -41.26 -50.51
CA THR A 468 -51.12 -41.74 -51.78
C THR A 468 -51.62 -40.89 -52.95
N LYS A 469 -50.71 -40.21 -53.62
CA LYS A 469 -51.07 -39.36 -54.75
C LYS A 469 -51.51 -40.21 -55.94
N ILE A 470 -52.58 -39.77 -56.59
CA ILE A 470 -53.10 -40.49 -57.75
C ILE A 470 -52.69 -39.76 -59.03
N VAL A 471 -53.25 -38.56 -59.23
CA VAL A 471 -52.96 -37.75 -60.41
C VAL A 471 -52.53 -36.35 -59.98
N GLU A 472 -51.61 -35.79 -60.77
CA GLU A 472 -51.06 -34.46 -60.56
C GLU A 472 -51.13 -33.65 -61.86
N ILE A 473 -51.33 -32.35 -61.70
CA ILE A 473 -51.39 -31.40 -62.80
C ILE A 473 -50.41 -30.29 -62.43
N PRO A 474 -49.22 -30.25 -63.08
CA PRO A 474 -48.22 -29.22 -62.75
C PRO A 474 -48.64 -27.82 -63.16
N PHE A 475 -47.77 -26.85 -62.90
CA PHE A 475 -48.05 -25.46 -63.24
C PHE A 475 -48.11 -25.28 -64.76
N ASN A 476 -49.08 -24.47 -65.20
CA ASN A 476 -49.28 -24.21 -66.62
C ASN A 476 -48.49 -22.99 -67.09
N SER A 477 -48.30 -22.91 -68.41
CA SER A 477 -47.59 -21.77 -68.99
C SER A 477 -48.47 -20.53 -68.98
N THR A 478 -49.79 -20.73 -69.03
CA THR A 478 -50.80 -19.69 -68.96
C THR A 478 -51.84 -20.23 -67.98
N ASN A 479 -52.32 -19.36 -67.10
CA ASN A 479 -53.23 -19.75 -66.01
C ASN A 479 -52.52 -20.78 -65.12
N LYS A 480 -51.45 -20.31 -64.50
CA LYS A 480 -50.61 -21.15 -63.64
C LYS A 480 -51.37 -21.69 -62.43
N TYR A 481 -51.55 -23.01 -62.40
CA TYR A 481 -52.23 -23.67 -61.31
C TYR A 481 -51.62 -25.05 -61.16
N GLN A 482 -51.49 -25.50 -59.91
CA GLN A 482 -50.93 -26.81 -59.61
C GLN A 482 -51.93 -27.56 -58.76
N LEU A 483 -52.48 -28.65 -59.28
CA LEU A 483 -53.48 -29.41 -58.55
C LEU A 483 -53.09 -30.87 -58.49
N SER A 484 -53.71 -31.60 -57.57
CA SER A 484 -53.47 -33.03 -57.42
C SER A 484 -54.62 -33.64 -56.64
N ILE A 485 -54.62 -34.97 -56.56
CA ILE A 485 -55.65 -35.70 -55.83
C ILE A 485 -54.99 -36.75 -54.95
N HIS A 486 -55.52 -36.94 -53.75
CA HIS A 486 -54.97 -37.89 -52.80
C HIS A 486 -56.06 -38.68 -52.10
N LYS A 487 -55.68 -39.86 -51.62
CA LYS A 487 -56.57 -40.71 -50.86
C LYS A 487 -56.73 -40.13 -49.45
N ASN A 488 -57.77 -40.55 -48.76
CA ASN A 488 -58.02 -40.05 -47.41
C ASN A 488 -57.95 -41.17 -46.38
N PRO A 489 -56.91 -41.21 -45.56
CA PRO A 489 -56.79 -42.25 -44.52
C PRO A 489 -57.48 -41.93 -43.21
N ASN A 490 -58.20 -40.80 -43.12
CA ASN A 490 -58.88 -40.44 -41.89
C ASN A 490 -59.92 -41.51 -41.53
N THR A 491 -59.94 -41.91 -40.26
CA THR A 491 -60.87 -42.95 -39.84
C THR A 491 -62.26 -42.38 -39.56
N ALA A 492 -62.79 -41.59 -40.49
CA ALA A 492 -64.13 -41.02 -40.35
C ALA A 492 -64.82 -40.82 -41.69
N GLU A 493 -64.04 -40.87 -42.78
CA GLU A 493 -64.58 -40.64 -44.11
C GLU A 493 -63.70 -41.25 -45.20
N PRO A 494 -64.21 -42.23 -45.96
CA PRO A 494 -63.40 -42.86 -47.02
C PRO A 494 -63.43 -42.13 -48.36
N ARG A 495 -63.87 -40.87 -48.39
CA ARG A 495 -63.95 -40.11 -49.63
C ARG A 495 -62.54 -39.72 -50.10
N HIS A 496 -62.48 -39.03 -51.24
CA HIS A 496 -61.22 -38.57 -51.82
C HIS A 496 -60.95 -37.12 -51.41
N LEU A 497 -59.72 -36.66 -51.66
CA LEU A 497 -59.33 -35.30 -51.31
C LEU A 497 -58.67 -34.66 -52.53
N LEU A 498 -59.27 -33.61 -53.07
CA LEU A 498 -58.72 -32.91 -54.23
C LEU A 498 -58.13 -31.59 -53.74
N VAL A 499 -56.89 -31.30 -54.12
CA VAL A 499 -56.22 -30.08 -53.70
C VAL A 499 -55.72 -29.30 -54.91
N MET A 500 -55.64 -27.98 -54.76
CA MET A 500 -55.17 -27.10 -55.82
C MET A 500 -54.61 -25.83 -55.22
N LYS A 501 -53.63 -25.26 -55.91
CA LYS A 501 -52.99 -24.01 -55.50
C LYS A 501 -52.68 -23.20 -56.74
N GLY A 502 -52.43 -21.91 -56.54
CA GLY A 502 -52.13 -21.07 -57.67
C GLY A 502 -52.19 -19.60 -57.30
N ALA A 503 -52.03 -18.76 -58.32
CA ALA A 503 -52.10 -17.33 -58.10
C ALA A 503 -53.48 -16.97 -57.54
N PRO A 504 -53.58 -15.94 -56.69
CA PRO A 504 -54.89 -15.58 -56.11
C PRO A 504 -55.96 -15.25 -57.15
N GLU A 505 -55.59 -15.05 -58.41
CA GLU A 505 -56.57 -14.79 -59.46
C GLU A 505 -57.10 -16.07 -60.09
N ARG A 506 -56.33 -17.16 -60.01
CA ARG A 506 -56.76 -18.45 -60.56
C ARG A 506 -57.69 -19.19 -59.61
N ILE A 507 -57.59 -18.94 -58.31
CA ILE A 507 -58.45 -19.61 -57.34
C ILE A 507 -59.78 -18.87 -57.18
N LEU A 508 -59.80 -17.55 -57.39
CA LEU A 508 -61.05 -16.79 -57.27
C LEU A 508 -61.99 -17.08 -58.44
N ASP A 509 -61.45 -17.50 -59.58
CA ASP A 509 -62.23 -17.81 -60.76
C ASP A 509 -62.76 -19.24 -60.79
N ARG A 510 -62.31 -20.10 -59.88
CA ARG A 510 -62.74 -21.49 -59.85
C ARG A 510 -63.08 -21.94 -58.42
N CYS A 511 -63.87 -21.14 -57.71
CA CYS A 511 -64.27 -21.48 -56.36
C CYS A 511 -65.63 -20.89 -56.05
N SER A 512 -66.37 -21.56 -55.17
CA SER A 512 -67.67 -21.09 -54.74
C SER A 512 -67.91 -21.34 -53.26
N SER A 513 -67.23 -22.30 -52.67
CA SER A 513 -67.33 -22.63 -51.25
C SER A 513 -66.17 -22.01 -50.50
N ILE A 514 -66.41 -21.72 -49.21
CA ILE A 514 -65.42 -21.10 -48.34
C ILE A 514 -65.42 -21.80 -46.98
N LEU A 515 -64.24 -22.13 -46.48
CA LEU A 515 -64.08 -22.81 -45.19
C LEU A 515 -63.99 -21.81 -44.05
N ILE A 516 -64.59 -22.18 -42.90
CA ILE A 516 -64.53 -21.36 -41.70
C ILE A 516 -64.69 -22.26 -40.47
N HIS A 517 -63.62 -22.36 -39.66
CA HIS A 517 -63.58 -23.13 -38.42
C HIS A 517 -63.99 -24.59 -38.56
N GLY A 518 -64.23 -25.06 -39.79
CA GLY A 518 -64.64 -26.44 -39.99
C GLY A 518 -65.82 -26.61 -40.92
N LYS A 519 -66.69 -25.61 -41.03
CA LYS A 519 -67.86 -25.72 -41.90
C LYS A 519 -67.69 -24.86 -43.15
N GLU A 520 -68.61 -25.03 -44.10
CA GLU A 520 -68.56 -24.31 -45.36
C GLU A 520 -69.66 -23.27 -45.48
N GLN A 521 -69.41 -22.30 -46.35
CA GLN A 521 -70.32 -21.20 -46.64
C GLN A 521 -70.18 -20.84 -48.11
N PRO A 522 -71.16 -20.11 -48.68
CA PRO A 522 -71.06 -19.74 -50.09
C PRO A 522 -69.98 -18.70 -50.37
N LEU A 523 -69.93 -18.20 -51.61
CA LEU A 523 -68.95 -17.18 -52.03
C LEU A 523 -69.49 -15.78 -51.84
N ASP A 524 -70.27 -15.55 -50.76
CA ASP A 524 -70.88 -14.25 -50.48
C ASP A 524 -69.86 -13.12 -50.57
N GLU A 525 -70.22 -12.08 -51.34
CA GLU A 525 -69.36 -10.94 -51.57
C GLU A 525 -69.00 -10.19 -50.29
N GLU A 526 -69.83 -10.30 -49.25
CA GLU A 526 -69.53 -9.61 -47.99
C GLU A 526 -68.18 -10.05 -47.43
N LEU A 527 -67.77 -11.29 -47.74
CA LEU A 527 -66.47 -11.81 -47.31
C LEU A 527 -65.53 -11.98 -48.50
N LYS A 528 -66.04 -11.94 -49.73
CA LYS A 528 -65.18 -12.05 -50.90
C LYS A 528 -64.42 -10.75 -51.08
N ASP A 529 -65.08 -9.60 -50.83
CA ASP A 529 -64.36 -8.34 -50.90
C ASP A 529 -63.38 -8.27 -49.73
N ALA A 530 -63.70 -8.96 -48.62
CA ALA A 530 -62.79 -9.06 -47.49
C ALA A 530 -61.57 -9.86 -47.89
N PHE A 531 -61.70 -10.72 -48.91
CA PHE A 531 -60.57 -11.46 -49.44
C PHE A 531 -59.76 -10.58 -50.39
N GLN A 532 -60.44 -9.74 -51.17
CA GLN A 532 -59.75 -8.86 -52.11
C GLN A 532 -58.90 -7.82 -51.39
N ASN A 533 -59.42 -7.21 -50.32
CA ASN A 533 -58.62 -6.22 -49.60
C ASN A 533 -57.42 -6.90 -48.93
N ALA A 534 -57.60 -8.14 -48.46
CA ALA A 534 -56.49 -8.88 -47.86
C ALA A 534 -55.47 -9.27 -48.92
N TYR A 535 -55.91 -9.35 -50.18
CA TYR A 535 -54.97 -9.64 -51.26
C TYR A 535 -54.13 -8.40 -51.56
N LEU A 536 -54.78 -7.24 -51.58
CA LEU A 536 -54.03 -6.01 -51.86
C LEU A 536 -53.15 -5.58 -50.69
N GLU A 537 -53.51 -5.97 -49.45
CA GLU A 537 -52.67 -5.63 -48.30
C GLU A 537 -51.36 -6.39 -48.37
N LEU A 538 -51.44 -7.72 -48.58
CA LEU A 538 -50.21 -8.50 -48.68
C LEU A 538 -49.50 -8.29 -50.03
N GLY A 539 -50.19 -7.76 -51.03
CA GLY A 539 -49.59 -7.51 -52.32
C GLY A 539 -48.79 -6.22 -52.33
N GLY A 540 -49.39 -5.13 -51.84
CA GLY A 540 -48.69 -3.86 -51.79
C GLY A 540 -47.53 -3.84 -50.83
N LEU A 541 -47.46 -4.82 -49.93
CA LEU A 541 -46.38 -4.95 -48.96
C LEU A 541 -45.13 -5.58 -49.56
N GLY A 542 -45.06 -5.68 -50.89
CA GLY A 542 -43.91 -6.26 -51.55
C GLY A 542 -43.80 -7.77 -51.47
N GLU A 543 -44.87 -8.45 -51.09
CA GLU A 543 -44.88 -9.90 -50.96
C GLU A 543 -45.59 -10.55 -52.14
N ARG A 544 -45.30 -11.84 -52.33
CA ARG A 544 -45.91 -12.65 -53.39
C ARG A 544 -46.87 -13.61 -52.72
N VAL A 545 -48.16 -13.48 -53.05
CA VAL A 545 -49.23 -14.26 -52.45
C VAL A 545 -49.64 -15.45 -53.32
N LEU A 546 -50.05 -16.53 -52.65
CA LEU A 546 -50.53 -17.75 -53.27
C LEU A 546 -51.85 -18.15 -52.62
N GLY A 547 -52.70 -18.82 -53.37
CA GLY A 547 -54.00 -19.28 -52.91
C GLY A 547 -54.03 -20.80 -52.86
N PHE A 548 -54.58 -21.33 -51.77
CA PHE A 548 -54.68 -22.76 -51.52
C PHE A 548 -56.13 -23.14 -51.26
N CYS A 549 -56.62 -24.15 -51.98
CA CYS A 549 -57.98 -24.60 -51.85
C CYS A 549 -58.05 -26.11 -52.04
N HIS A 550 -59.15 -26.69 -51.55
CA HIS A 550 -59.39 -28.12 -51.67
C HIS A 550 -60.88 -28.37 -51.68
N LEU A 551 -61.25 -29.55 -52.16
CA LEU A 551 -62.64 -29.95 -52.21
C LEU A 551 -62.74 -31.46 -52.08
N PHE A 552 -63.78 -31.91 -51.38
CA PHE A 552 -64.00 -33.33 -51.19
C PHE A 552 -64.60 -33.92 -52.47
N LEU A 553 -64.16 -35.12 -52.81
CA LEU A 553 -64.71 -35.76 -54.01
C LEU A 553 -65.72 -36.80 -53.56
N PRO A 554 -66.95 -36.78 -54.07
CA PRO A 554 -67.96 -37.76 -53.65
C PRO A 554 -67.55 -39.17 -54.07
N ASP A 555 -67.41 -40.07 -53.10
CA ASP A 555 -67.03 -41.44 -53.39
C ASP A 555 -68.14 -42.21 -54.11
N GLU A 556 -69.28 -41.58 -54.37
CA GLU A 556 -70.38 -42.21 -55.10
C GLU A 556 -70.34 -41.86 -56.58
N GLN A 557 -69.59 -40.82 -56.96
CA GLN A 557 -69.40 -40.43 -58.35
C GLN A 557 -68.00 -40.74 -58.83
N PHE A 558 -67.07 -40.99 -57.90
CA PHE A 558 -65.69 -41.36 -58.19
C PHE A 558 -65.32 -42.35 -57.10
N PRO A 559 -65.70 -43.63 -57.27
CA PRO A 559 -65.44 -44.63 -56.23
C PRO A 559 -63.96 -44.93 -56.00
N GLU A 560 -63.64 -45.86 -55.10
CA GLU A 560 -62.25 -46.15 -54.82
C GLU A 560 -61.61 -47.10 -55.82
N GLY A 561 -61.90 -46.93 -57.11
CA GLY A 561 -61.29 -47.73 -58.16
C GLY A 561 -61.19 -46.96 -59.46
N PHE A 562 -61.91 -45.85 -59.54
CA PHE A 562 -61.94 -45.02 -60.74
C PHE A 562 -60.65 -44.22 -60.82
N GLN A 563 -59.82 -44.52 -61.82
CA GLN A 563 -58.56 -43.83 -62.03
C GLN A 563 -58.80 -42.71 -63.05
N PHE A 564 -59.04 -41.52 -62.54
CA PHE A 564 -59.29 -40.36 -63.38
C PHE A 564 -58.00 -39.98 -64.09
N ASP A 565 -57.79 -40.53 -65.29
CA ASP A 565 -56.58 -40.26 -66.04
C ASP A 565 -56.49 -38.78 -66.40
N THR A 566 -55.25 -38.30 -66.51
CA THR A 566 -54.99 -36.89 -66.81
C THR A 566 -55.23 -36.60 -68.29
N ASP A 567 -56.51 -36.52 -68.66
CA ASP A 567 -56.85 -36.20 -70.03
C ASP A 567 -57.92 -35.12 -70.19
N ASP A 568 -59.13 -35.41 -69.71
CA ASP A 568 -60.29 -34.54 -69.81
C ASP A 568 -60.76 -34.09 -68.43
N VAL A 569 -61.91 -33.42 -68.40
CA VAL A 569 -62.48 -32.90 -67.16
C VAL A 569 -62.91 -34.05 -66.28
N ASN A 570 -62.13 -34.32 -65.23
CA ASN A 570 -62.41 -35.39 -64.29
C ASN A 570 -62.69 -34.89 -62.88
N PHE A 571 -62.25 -33.68 -62.54
CA PHE A 571 -62.44 -33.09 -61.23
C PHE A 571 -63.24 -31.80 -61.34
N PRO A 572 -64.06 -31.49 -60.33
CA PRO A 572 -64.83 -30.23 -60.38
C PRO A 572 -63.91 -29.03 -60.24
N LEU A 573 -63.68 -28.31 -61.34
CA LEU A 573 -62.81 -27.14 -61.29
C LEU A 573 -63.40 -26.05 -60.41
N ASP A 574 -64.71 -25.88 -60.45
CA ASP A 574 -65.41 -24.88 -59.65
C ASP A 574 -65.96 -25.51 -58.39
N ASN A 575 -66.69 -24.70 -57.61
CA ASN A 575 -67.32 -25.10 -56.35
C ASN A 575 -66.33 -25.60 -55.30
N LEU A 576 -65.04 -25.31 -55.48
CA LEU A 576 -64.02 -25.73 -54.53
C LEU A 576 -64.15 -24.95 -53.23
N CYS A 577 -63.42 -25.39 -52.22
CA CYS A 577 -63.43 -24.74 -50.90
C CYS A 577 -62.07 -24.08 -50.68
N PHE A 578 -62.07 -22.74 -50.62
CA PHE A 578 -60.85 -21.97 -50.42
C PHE A 578 -60.48 -21.98 -48.94
N VAL A 579 -59.22 -22.26 -48.63
CA VAL A 579 -58.79 -22.31 -47.23
C VAL A 579 -58.13 -21.02 -46.79
N GLY A 580 -57.24 -20.47 -47.61
CA GLY A 580 -56.58 -19.23 -47.24
C GLY A 580 -55.36 -18.88 -48.07
N LEU A 581 -55.06 -17.58 -48.14
CA LEU A 581 -53.90 -17.12 -48.88
C LEU A 581 -52.64 -17.32 -48.06
N ILE A 582 -51.52 -17.54 -48.74
CA ILE A 582 -50.23 -17.73 -48.09
C ILE A 582 -49.21 -16.90 -48.86
N SER A 583 -48.85 -15.74 -48.33
CA SER A 583 -47.88 -14.88 -48.98
C SER A 583 -46.47 -15.26 -48.56
N MET A 584 -45.48 -14.68 -49.23
CA MET A 584 -44.09 -15.00 -48.94
C MET A 584 -43.18 -13.90 -49.45
N ILE A 585 -42.01 -13.80 -48.83
CA ILE A 585 -41.01 -12.80 -49.18
C ILE A 585 -39.71 -13.17 -48.48
N ASP A 586 -38.60 -12.60 -48.95
CA ASP A 586 -37.32 -12.82 -48.30
C ASP A 586 -37.31 -11.93 -47.06
N PRO A 587 -37.28 -12.49 -45.86
CA PRO A 587 -37.33 -11.67 -44.66
C PRO A 587 -35.99 -11.08 -44.30
N PRO A 588 -35.98 -9.96 -43.57
CA PRO A 588 -34.72 -9.39 -43.12
C PRO A 588 -34.07 -10.31 -42.10
N ARG A 589 -32.76 -10.15 -41.91
CA ARG A 589 -32.07 -10.99 -40.95
C ARG A 589 -32.58 -10.70 -39.53
N ALA A 590 -32.29 -11.62 -38.61
CA ALA A 590 -32.81 -11.54 -37.25
C ALA A 590 -32.60 -10.22 -36.49
N ALA A 591 -31.37 -9.89 -36.13
CA ALA A 591 -31.14 -8.66 -35.39
C ALA A 591 -30.98 -7.43 -36.28
N VAL A 592 -31.31 -7.54 -37.57
CA VAL A 592 -31.16 -6.39 -38.47
C VAL A 592 -32.03 -5.21 -38.07
N PRO A 593 -33.35 -5.36 -37.82
CA PRO A 593 -34.13 -4.17 -37.46
C PRO A 593 -33.60 -3.44 -36.24
N ASP A 594 -33.41 -4.17 -35.13
CA ASP A 594 -32.89 -3.57 -33.91
C ASP A 594 -31.55 -2.90 -34.15
N ALA A 595 -30.65 -3.54 -34.91
CA ALA A 595 -29.34 -2.97 -35.21
C ALA A 595 -29.46 -1.66 -35.98
N VAL A 596 -30.33 -1.62 -37.00
CA VAL A 596 -30.52 -0.40 -37.77
C VAL A 596 -31.02 0.70 -36.85
N GLY A 597 -31.94 0.35 -35.94
CA GLY A 597 -32.44 1.31 -34.99
C GLY A 597 -31.34 1.84 -34.09
N LYS A 598 -30.42 0.96 -33.66
CA LYS A 598 -29.30 1.38 -32.83
C LYS A 598 -28.40 2.34 -33.57
N CYS A 599 -28.16 2.06 -34.86
CA CYS A 599 -27.32 2.96 -35.67
C CYS A 599 -27.97 4.33 -35.77
N ARG A 600 -29.27 4.36 -36.06
CA ARG A 600 -29.99 5.63 -36.13
C ARG A 600 -30.03 6.30 -34.76
N SER A 601 -29.97 5.49 -33.69
CA SER A 601 -29.99 6.01 -32.33
C SER A 601 -28.71 6.78 -32.03
N ALA A 602 -27.62 6.46 -32.72
CA ALA A 602 -26.36 7.15 -32.52
C ALA A 602 -26.19 8.34 -33.46
N GLY A 603 -27.00 8.41 -34.52
CA GLY A 603 -26.92 9.46 -35.50
C GLY A 603 -26.34 9.03 -36.82
N ILE A 604 -26.25 7.72 -37.07
CA ILE A 604 -25.70 7.20 -38.32
C ILE A 604 -26.79 7.18 -39.37
N LYS A 605 -26.56 7.86 -40.48
CA LYS A 605 -27.52 7.94 -41.57
C LYS A 605 -27.50 6.63 -42.35
N VAL A 606 -28.58 5.85 -42.24
CA VAL A 606 -28.67 4.56 -42.92
C VAL A 606 -29.29 4.78 -44.29
N ILE A 607 -28.57 4.37 -45.34
CA ILE A 607 -29.03 4.50 -46.72
C ILE A 607 -28.97 3.13 -47.37
N MET A 608 -30.13 2.62 -47.78
CA MET A 608 -30.20 1.34 -48.45
C MET A 608 -29.77 1.52 -49.90
N VAL A 609 -28.82 0.70 -50.34
CA VAL A 609 -28.31 0.74 -51.71
C VAL A 609 -28.43 -0.68 -52.25
N THR A 610 -29.34 -0.88 -53.21
CA THR A 610 -29.56 -2.19 -53.81
C THR A 610 -30.02 -2.02 -55.24
N GLY A 611 -29.97 -3.11 -55.99
CA GLY A 611 -30.39 -3.09 -57.38
C GLY A 611 -31.62 -3.95 -57.61
N ASP A 612 -32.48 -4.05 -56.60
CA ASP A 612 -33.69 -4.86 -56.69
C ASP A 612 -34.88 -3.96 -57.07
N HIS A 613 -36.07 -4.55 -57.12
CA HIS A 613 -37.27 -3.80 -57.48
C HIS A 613 -37.64 -2.82 -56.36
N PRO A 614 -38.09 -1.61 -56.71
CA PRO A 614 -38.47 -0.65 -55.67
C PRO A 614 -39.67 -1.11 -54.84
N ILE A 615 -40.53 -1.96 -55.41
CA ILE A 615 -41.71 -2.46 -54.71
C ILE A 615 -41.31 -3.25 -53.48
N THR A 616 -40.21 -3.99 -53.57
CA THR A 616 -39.72 -4.80 -52.45
C THR A 616 -38.74 -4.02 -51.59
N ALA A 617 -37.89 -3.20 -52.22
CA ALA A 617 -36.91 -2.42 -51.48
C ALA A 617 -37.58 -1.46 -50.51
N LYS A 618 -38.65 -0.79 -50.96
CA LYS A 618 -39.35 0.14 -50.06
C LYS A 618 -40.00 -0.60 -48.90
N ALA A 619 -40.58 -1.78 -49.17
CA ALA A 619 -41.23 -2.56 -48.13
C ALA A 619 -40.23 -3.03 -47.09
N ILE A 620 -39.11 -3.61 -47.53
CA ILE A 620 -38.11 -4.07 -46.57
C ILE A 620 -37.50 -2.89 -45.83
N ALA A 621 -37.34 -1.74 -46.50
CA ALA A 621 -36.80 -0.56 -45.82
C ALA A 621 -37.73 -0.13 -44.71
N LYS A 622 -39.05 -0.22 -44.95
CA LYS A 622 -40.00 0.10 -43.89
C LYS A 622 -39.92 -0.94 -42.78
N GLY A 623 -39.68 -2.20 -43.14
CA GLY A 623 -39.60 -3.28 -42.17
C GLY A 623 -38.30 -3.38 -41.40
N VAL A 624 -37.28 -2.59 -41.75
CA VAL A 624 -36.02 -2.63 -41.02
C VAL A 624 -35.72 -1.33 -40.29
N GLY A 625 -36.29 -0.21 -40.70
CA GLY A 625 -36.02 1.06 -40.03
C GLY A 625 -35.41 2.13 -40.92
N ILE A 626 -35.00 1.80 -42.15
CA ILE A 626 -34.45 2.81 -43.03
C ILE A 626 -35.54 3.79 -43.45
N ILE A 627 -36.80 3.37 -43.38
CA ILE A 627 -37.95 4.20 -43.69
C ILE A 627 -38.80 4.20 -42.42
N SER A 628 -38.88 5.36 -41.77
CA SER A 628 -39.65 5.46 -40.54
C SER A 628 -41.15 5.34 -40.84
N GLU A 629 -41.88 4.75 -39.89
CA GLU A 629 -43.32 4.57 -40.06
C GLU A 629 -44.00 5.92 -39.84
N GLY A 630 -44.51 6.51 -40.92
CA GLY A 630 -45.16 7.80 -40.84
C GLY A 630 -44.63 8.73 -41.90
N ASN A 631 -43.33 8.65 -42.18
CA ASN A 631 -42.75 9.50 -43.20
C ASN A 631 -43.18 9.00 -44.58
N GLU A 632 -43.45 9.94 -45.48
CA GLU A 632 -43.91 9.61 -46.82
C GLU A 632 -42.91 10.06 -47.87
N THR A 633 -43.06 9.50 -49.07
CA THR A 633 -42.21 9.84 -50.19
C THR A 633 -42.93 10.88 -51.04
N VAL A 634 -42.27 11.33 -52.11
CA VAL A 634 -42.90 12.30 -53.00
C VAL A 634 -44.11 11.66 -53.68
N GLU A 635 -44.09 10.34 -53.85
CA GLU A 635 -45.19 9.63 -54.49
C GLU A 635 -46.32 9.32 -53.50
N ASP A 636 -45.99 9.02 -52.25
CA ASP A 636 -46.99 8.70 -51.25
C ASP A 636 -47.95 9.85 -51.01
N ILE A 637 -47.44 11.09 -51.03
CA ILE A 637 -48.30 12.25 -50.83
C ILE A 637 -49.29 12.39 -51.98
N ALA A 638 -48.81 12.21 -53.21
CA ALA A 638 -49.68 12.30 -54.37
C ALA A 638 -50.75 11.22 -54.31
N ALA A 639 -50.37 10.01 -53.91
CA ALA A 639 -51.36 8.93 -53.80
C ALA A 639 -52.37 9.21 -52.70
N ARG A 640 -51.96 9.96 -51.67
CA ARG A 640 -52.86 10.30 -50.58
C ARG A 640 -53.82 11.44 -50.94
N LEU A 641 -53.42 12.32 -51.86
CA LEU A 641 -54.26 13.44 -52.25
C LEU A 641 -54.92 13.29 -53.62
N ASN A 642 -54.69 12.17 -54.32
CA ASN A 642 -55.25 11.94 -55.66
C ASN A 642 -54.90 13.08 -56.61
N ILE A 643 -53.63 13.50 -56.55
CA ILE A 643 -53.14 14.60 -57.37
C ILE A 643 -51.89 14.15 -58.12
N PRO A 644 -51.54 14.83 -59.21
CA PRO A 644 -50.32 14.47 -59.94
C PRO A 644 -49.11 14.58 -59.03
N VAL A 645 -48.18 13.64 -59.19
CA VAL A 645 -47.00 13.59 -58.34
C VAL A 645 -46.05 14.75 -58.58
N SER A 646 -46.12 15.40 -59.74
CA SER A 646 -45.22 16.50 -60.04
C SER A 646 -45.66 17.82 -59.44
N GLN A 647 -46.66 17.82 -58.58
CA GLN A 647 -47.12 19.07 -57.97
C GLN A 647 -46.55 19.31 -56.59
N VAL A 648 -46.49 18.26 -55.76
CA VAL A 648 -46.03 18.43 -54.39
C VAL A 648 -44.59 18.92 -54.33
N ASN A 649 -44.29 19.62 -53.24
CA ASN A 649 -42.96 20.13 -53.01
C ASN A 649 -42.10 19.02 -52.43
N PRO A 650 -40.95 18.69 -53.05
CA PRO A 650 -40.10 17.62 -52.49
C PRO A 650 -39.65 17.88 -51.07
N ARG A 651 -39.76 19.11 -50.57
CA ARG A 651 -39.38 19.40 -49.19
C ARG A 651 -40.36 18.81 -48.21
N ASP A 652 -41.59 18.52 -48.64
CA ASP A 652 -42.56 17.90 -47.75
C ASP A 652 -42.29 16.42 -47.56
N ALA A 653 -41.46 15.83 -48.42
CA ALA A 653 -41.12 14.42 -48.35
C ALA A 653 -39.77 14.24 -47.68
N LYS A 654 -39.77 13.74 -46.44
CA LYS A 654 -38.52 13.50 -45.73
C LYS A 654 -37.75 12.35 -46.34
N ALA A 655 -38.45 11.32 -46.82
CA ALA A 655 -37.85 10.14 -47.43
C ALA A 655 -38.08 10.14 -48.94
N CYS A 656 -37.20 9.44 -49.65
CA CYS A 656 -37.32 9.36 -51.10
C CYS A 656 -36.71 8.08 -51.65
N VAL A 657 -37.41 7.51 -52.62
CA VAL A 657 -36.97 6.31 -53.33
C VAL A 657 -36.42 6.79 -54.66
N VAL A 658 -35.23 6.31 -55.01
CA VAL A 658 -34.57 6.71 -56.24
C VAL A 658 -34.47 5.50 -57.16
N HIS A 659 -35.22 5.53 -58.25
CA HIS A 659 -35.17 4.47 -59.23
C HIS A 659 -33.85 4.62 -59.99
N GLY A 660 -33.05 3.55 -60.03
CA GLY A 660 -31.76 3.61 -60.71
C GLY A 660 -31.84 4.07 -62.14
N SER A 661 -32.98 3.80 -62.80
CA SER A 661 -33.14 4.25 -64.18
C SER A 661 -33.03 5.77 -64.26
N ASP A 662 -33.56 6.47 -63.26
CA ASP A 662 -33.46 7.92 -63.23
C ASP A 662 -32.07 8.37 -62.78
N LEU A 663 -31.39 7.57 -61.95
CA LEU A 663 -30.06 7.91 -61.47
C LEU A 663 -29.07 8.01 -62.64
N LYS A 664 -29.32 7.27 -63.71
CA LYS A 664 -28.43 7.32 -64.87
C LYS A 664 -28.37 8.72 -65.46
N ASP A 665 -29.48 9.44 -65.44
CA ASP A 665 -29.57 10.81 -65.96
C ASP A 665 -29.45 11.85 -64.85
N MET A 666 -28.39 11.77 -64.04
CA MET A 666 -28.20 12.73 -62.95
C MET A 666 -26.76 13.22 -62.92
N THR A 667 -26.56 14.34 -62.23
CA THR A 667 -25.26 14.95 -62.07
C THR A 667 -24.85 14.90 -60.61
N SER A 668 -23.65 15.40 -60.34
CA SER A 668 -23.13 15.41 -58.98
C SER A 668 -23.94 16.34 -58.09
N GLU A 669 -24.22 17.55 -58.59
CA GLU A 669 -24.99 18.52 -57.81
C GLU A 669 -26.37 17.99 -57.46
N GLN A 670 -26.97 17.24 -58.37
CA GLN A 670 -28.30 16.69 -58.13
C GLN A 670 -28.27 15.65 -57.00
N LEU A 671 -27.32 14.71 -57.05
CA LEU A 671 -27.21 13.72 -55.99
C LEU A 671 -26.88 14.39 -54.66
N ASP A 672 -26.06 15.44 -54.70
CA ASP A 672 -25.75 16.20 -53.50
C ASP A 672 -27.03 16.73 -52.89
N ASP A 673 -27.92 17.26 -53.74
CA ASP A 673 -29.21 17.75 -53.27
C ASP A 673 -30.08 16.62 -52.72
N ILE A 674 -30.03 15.45 -53.36
CA ILE A 674 -30.83 14.31 -52.92
C ILE A 674 -30.42 13.92 -51.50
N LEU A 675 -29.13 14.03 -51.19
CA LEU A 675 -28.66 13.67 -49.86
C LEU A 675 -28.78 14.81 -48.85
N LYS A 676 -28.80 16.06 -49.30
CA LYS A 676 -28.89 17.19 -48.37
C LYS A 676 -30.32 17.44 -47.88
N TYR A 677 -31.31 17.31 -48.76
CA TYR A 677 -32.69 17.60 -48.41
C TYR A 677 -33.55 16.38 -48.11
N HIS A 678 -32.98 15.18 -48.13
CA HIS A 678 -33.71 13.97 -47.81
C HIS A 678 -32.90 13.18 -46.80
N THR A 679 -33.53 12.82 -45.68
CA THR A 679 -32.86 12.09 -44.62
C THR A 679 -32.90 10.58 -44.82
N GLU A 680 -34.02 10.05 -45.28
CA GLU A 680 -34.18 8.62 -45.52
C GLU A 680 -34.18 8.42 -47.03
N ILE A 681 -33.14 7.78 -47.56
CA ILE A 681 -33.00 7.56 -48.98
C ILE A 681 -32.94 6.05 -49.25
N VAL A 682 -33.59 5.62 -50.33
CA VAL A 682 -33.59 4.22 -50.71
C VAL A 682 -33.28 4.16 -52.20
N PHE A 683 -32.07 3.71 -52.54
CA PHE A 683 -31.64 3.58 -53.93
C PHE A 683 -32.01 2.18 -54.42
N ALA A 684 -32.82 2.10 -55.47
CA ALA A 684 -33.23 0.82 -56.01
C ALA A 684 -32.89 0.76 -57.50
N ARG A 685 -32.76 -0.47 -58.00
CA ARG A 685 -32.42 -0.72 -59.41
C ARG A 685 -31.12 -0.02 -59.81
N THR A 686 -30.17 0.01 -58.89
CA THR A 686 -28.87 0.65 -59.13
C THR A 686 -27.85 -0.40 -59.57
N SER A 687 -27.10 -0.08 -60.62
CA SER A 687 -26.09 -0.98 -61.13
C SER A 687 -24.89 -1.02 -60.19
N PRO A 688 -24.04 -2.05 -60.30
CA PRO A 688 -22.85 -2.09 -59.44
C PRO A 688 -21.98 -0.84 -59.60
N GLN A 689 -21.80 -0.39 -60.84
CA GLN A 689 -21.01 0.81 -61.10
C GLN A 689 -21.71 2.06 -60.59
N GLN A 690 -23.01 1.99 -60.31
CA GLN A 690 -23.72 3.14 -59.78
C GLN A 690 -23.55 3.24 -58.27
N LYS A 691 -23.40 2.09 -57.60
CA LYS A 691 -23.18 2.10 -56.16
C LYS A 691 -21.91 2.88 -55.85
N LEU A 692 -20.92 2.76 -56.74
CA LEU A 692 -19.68 3.52 -56.58
C LEU A 692 -19.95 5.01 -56.62
N ILE A 693 -20.82 5.44 -57.55
CA ILE A 693 -21.18 6.86 -57.67
C ILE A 693 -21.94 7.31 -56.44
N ILE A 694 -22.77 6.43 -55.89
CA ILE A 694 -23.55 6.77 -54.70
C ILE A 694 -22.62 6.96 -53.50
N VAL A 695 -21.67 6.04 -53.33
CA VAL A 695 -20.71 6.14 -52.24
C VAL A 695 -19.89 7.41 -52.39
N GLU A 696 -19.43 7.70 -53.60
CA GLU A 696 -18.67 8.93 -53.83
C GLU A 696 -19.53 10.15 -53.56
N GLY A 697 -20.84 10.06 -53.80
CA GLY A 697 -21.72 11.16 -53.52
C GLY A 697 -21.83 11.41 -52.03
N CYS A 698 -21.93 10.33 -51.25
CA CYS A 698 -21.99 10.48 -49.80
C CYS A 698 -20.66 10.98 -49.25
N GLN A 699 -19.56 10.70 -49.97
CA GLN A 699 -18.26 11.15 -49.53
C GLN A 699 -17.99 12.60 -49.91
N ARG A 700 -18.66 13.11 -50.95
CA ARG A 700 -18.47 14.51 -51.34
C ARG A 700 -19.00 15.47 -50.28
N GLN A 701 -19.79 14.97 -49.32
CA GLN A 701 -20.28 15.82 -48.25
C GLN A 701 -19.20 16.06 -47.21
N GLY A 702 -18.36 15.05 -46.98
CA GLY A 702 -17.30 15.11 -46.00
C GLY A 702 -17.49 14.13 -44.86
N ALA A 703 -18.48 13.25 -44.94
CA ALA A 703 -18.79 12.28 -43.90
C ALA A 703 -18.04 10.96 -44.13
N ILE A 704 -18.13 10.10 -43.13
CA ILE A 704 -17.47 8.80 -43.13
C ILE A 704 -18.49 7.78 -43.63
N VAL A 705 -18.06 6.92 -44.55
CA VAL A 705 -18.94 5.94 -45.17
C VAL A 705 -18.49 4.51 -44.89
N ALA A 706 -19.47 3.67 -44.53
CA ALA A 706 -19.29 2.26 -44.29
C ALA A 706 -20.31 1.56 -45.17
N VAL A 707 -19.85 0.73 -46.09
CA VAL A 707 -20.74 0.02 -47.00
C VAL A 707 -20.75 -1.45 -46.62
N THR A 708 -21.93 -1.99 -46.34
CA THR A 708 -22.10 -3.38 -45.96
C THR A 708 -22.76 -4.15 -47.09
N GLY A 709 -22.09 -5.19 -47.58
CA GLY A 709 -22.63 -5.99 -48.67
C GLY A 709 -22.23 -7.46 -48.69
N ASP A 710 -22.71 -8.17 -49.72
CA ASP A 710 -22.39 -9.59 -49.88
C ASP A 710 -22.08 -10.00 -51.33
N GLY A 711 -22.89 -9.51 -52.27
CA GLY A 711 -22.74 -9.87 -53.67
C GLY A 711 -21.58 -9.19 -54.36
N VAL A 712 -21.42 -9.54 -55.64
CA VAL A 712 -20.33 -8.95 -56.41
C VAL A 712 -20.63 -7.50 -56.79
N ASN A 713 -21.90 -7.09 -56.77
CA ASN A 713 -22.24 -5.71 -57.08
C ASN A 713 -21.73 -4.73 -56.02
N ASP A 714 -21.47 -5.22 -54.81
CA ASP A 714 -20.96 -4.40 -53.72
C ASP A 714 -19.44 -4.36 -53.66
N SER A 715 -18.75 -5.00 -54.62
CA SER A 715 -17.29 -4.97 -54.61
C SER A 715 -16.71 -3.57 -54.82
N PRO A 716 -17.11 -2.80 -55.85
CA PRO A 716 -16.52 -1.46 -55.98
C PRO A 716 -16.99 -0.54 -54.87
N ALA A 717 -18.19 -0.79 -54.33
CA ALA A 717 -18.68 0.02 -53.22
C ALA A 717 -17.91 -0.29 -51.96
N SER A 718 -17.75 -1.59 -51.63
CA SER A 718 -16.99 -1.98 -50.45
C SER A 718 -15.51 -1.65 -50.58
N LYS A 719 -15.05 -1.27 -51.78
CA LYS A 719 -13.65 -0.91 -51.95
C LYS A 719 -13.43 0.60 -51.83
N LYS A 720 -14.30 1.40 -52.44
CA LYS A 720 -14.12 2.86 -52.37
C LYS A 720 -14.53 3.46 -51.02
N ALA A 721 -15.47 2.82 -50.30
CA ALA A 721 -15.92 3.36 -49.02
C ALA A 721 -14.79 3.44 -48.00
N ASP A 722 -14.98 4.32 -47.01
CA ASP A 722 -13.98 4.45 -45.94
C ASP A 722 -13.80 3.10 -45.26
N ILE A 723 -14.86 2.31 -45.15
CA ILE A 723 -14.75 0.96 -44.61
C ILE A 723 -15.86 0.12 -45.25
N GLY A 724 -15.46 -1.06 -45.72
CA GLY A 724 -16.38 -2.00 -46.33
C GLY A 724 -16.52 -3.20 -45.41
N VAL A 725 -17.77 -3.62 -45.22
CA VAL A 725 -18.10 -4.76 -44.36
C VAL A 725 -18.81 -5.79 -45.22
N ALA A 726 -18.19 -6.95 -45.38
CA ALA A 726 -18.76 -8.00 -46.19
C ALA A 726 -19.26 -9.17 -45.33
N MET A 727 -20.29 -9.85 -45.82
CA MET A 727 -20.83 -10.99 -45.10
C MET A 727 -19.87 -12.16 -45.24
N GLY A 728 -19.66 -12.90 -44.14
CA GLY A 728 -18.68 -13.97 -44.11
C GLY A 728 -18.99 -15.22 -44.93
N ILE A 729 -20.25 -15.64 -44.99
CA ILE A 729 -20.61 -16.87 -45.70
C ILE A 729 -21.58 -16.61 -46.84
N ALA A 730 -22.60 -15.77 -46.63
CA ALA A 730 -23.60 -15.49 -47.65
C ALA A 730 -23.17 -14.40 -48.61
N GLY A 731 -21.86 -14.25 -48.82
CA GLY A 731 -21.34 -13.26 -49.73
C GLY A 731 -20.35 -13.90 -50.67
N SER A 732 -20.20 -13.27 -51.84
CA SER A 732 -19.27 -13.77 -52.84
C SER A 732 -17.83 -13.58 -52.36
N ASP A 733 -16.88 -14.11 -53.14
CA ASP A 733 -15.47 -14.02 -52.76
C ASP A 733 -14.83 -12.70 -53.20
N VAL A 734 -15.28 -12.12 -54.32
CA VAL A 734 -14.69 -10.88 -54.81
C VAL A 734 -14.89 -9.75 -53.83
N SER A 735 -16.15 -9.46 -53.49
CA SER A 735 -16.42 -8.37 -52.55
C SER A 735 -15.88 -8.69 -51.17
N LYS A 736 -15.84 -9.97 -50.79
CA LYS A 736 -15.32 -10.34 -49.48
C LYS A 736 -13.82 -10.06 -49.39
N GLN A 737 -13.08 -10.30 -50.47
CA GLN A 737 -11.65 -10.02 -50.45
C GLN A 737 -11.40 -8.52 -50.53
N ALA A 738 -12.13 -7.83 -51.41
CA ALA A 738 -11.95 -6.38 -51.57
C ALA A 738 -12.53 -5.57 -50.40
N ALA A 739 -12.97 -6.21 -49.32
CA ALA A 739 -13.53 -5.50 -48.18
C ALA A 739 -12.45 -5.25 -47.13
N ASP A 740 -12.80 -4.43 -46.13
CA ASP A 740 -11.89 -4.11 -45.04
C ASP A 740 -12.26 -4.81 -43.74
N MET A 741 -13.49 -5.32 -43.62
CA MET A 741 -13.96 -6.04 -42.45
C MET A 741 -14.92 -7.13 -42.92
N ILE A 742 -14.92 -8.26 -42.23
CA ILE A 742 -15.75 -9.40 -42.59
C ILE A 742 -16.54 -9.89 -41.37
N LEU A 743 -17.84 -10.05 -41.54
CA LEU A 743 -18.72 -10.58 -40.48
C LEU A 743 -18.76 -12.08 -40.71
N LEU A 744 -17.83 -12.80 -40.06
CA LEU A 744 -17.71 -14.24 -40.23
C LEU A 744 -18.97 -15.01 -39.84
N ASP A 745 -19.89 -14.42 -39.08
CA ASP A 745 -21.11 -15.09 -38.67
C ASP A 745 -22.37 -14.48 -39.27
N ASP A 746 -22.23 -13.50 -40.16
CA ASP A 746 -23.31 -12.80 -40.83
C ASP A 746 -24.27 -12.09 -39.87
N ASN A 747 -23.90 -11.96 -38.61
CA ASN A 747 -24.73 -11.28 -37.62
C ASN A 747 -24.54 -9.78 -37.82
N PHE A 748 -25.56 -9.12 -38.37
CA PHE A 748 -25.45 -7.69 -38.65
C PHE A 748 -25.30 -6.85 -37.39
N ALA A 749 -25.64 -7.38 -36.21
CA ALA A 749 -25.48 -6.62 -34.98
C ALA A 749 -24.00 -6.35 -34.70
N SER A 750 -23.10 -7.09 -35.35
CA SER A 750 -21.68 -6.84 -35.19
C SER A 750 -21.34 -5.45 -35.69
N ILE A 751 -22.21 -4.85 -36.50
CA ILE A 751 -22.01 -3.48 -36.95
C ILE A 751 -22.16 -2.54 -35.76
N VAL A 752 -23.21 -2.74 -34.96
CA VAL A 752 -23.42 -1.94 -33.77
C VAL A 752 -22.27 -2.14 -32.81
N THR A 753 -21.80 -3.39 -32.69
CA THR A 753 -20.66 -3.65 -31.84
C THR A 753 -19.45 -2.89 -32.32
N GLY A 754 -19.24 -2.88 -33.64
CA GLY A 754 -18.11 -2.17 -34.23
C GLY A 754 -18.13 -0.68 -33.98
N VAL A 755 -19.28 -0.03 -34.19
CA VAL A 755 -19.35 1.41 -33.97
C VAL A 755 -19.12 1.73 -32.48
N GLU A 756 -19.58 0.83 -31.60
CA GLU A 756 -19.35 1.06 -30.17
C GLU A 756 -17.87 1.02 -29.86
N GLU A 757 -17.19 -0.04 -30.33
CA GLU A 757 -15.76 -0.17 -30.07
C GLU A 757 -14.96 0.95 -30.74
N GLY A 758 -15.38 1.40 -31.93
CA GLY A 758 -14.64 2.47 -32.60
C GLY A 758 -14.65 3.75 -31.80
N ARG A 759 -15.80 4.14 -31.25
CA ARG A 759 -15.82 5.35 -30.44
C ARG A 759 -15.08 5.13 -29.13
N LEU A 760 -15.21 3.93 -28.56
CA LEU A 760 -14.54 3.58 -27.31
C LEU A 760 -13.02 3.70 -27.45
N ILE A 761 -12.45 2.98 -28.42
CA ILE A 761 -11.02 2.99 -28.66
C ILE A 761 -10.55 4.39 -29.04
N PHE A 762 -11.42 5.21 -29.64
CA PHE A 762 -11.02 6.57 -29.99
C PHE A 762 -10.74 7.39 -28.72
N ASP A 763 -11.72 7.43 -27.81
CA ASP A 763 -11.54 8.19 -26.57
C ASP A 763 -10.40 7.61 -25.72
N ASN A 764 -10.35 6.28 -25.58
CA ASN A 764 -9.29 5.66 -24.79
C ASN A 764 -7.93 5.95 -25.41
N LEU A 765 -7.87 6.04 -26.74
CA LEU A 765 -6.64 6.39 -27.41
C LEU A 765 -6.20 7.78 -26.97
N LYS A 766 -7.14 8.73 -26.95
CA LYS A 766 -6.81 10.08 -26.50
C LYS A 766 -6.20 10.05 -25.10
N LYS A 767 -6.78 9.24 -24.21
CA LYS A 767 -6.25 9.15 -22.84
C LYS A 767 -4.80 8.65 -22.85
N SER A 768 -4.52 7.56 -23.57
CA SER A 768 -3.16 7.02 -23.63
C SER A 768 -2.19 8.05 -24.22
N ILE A 769 -2.65 8.85 -25.18
CA ILE A 769 -1.81 9.87 -25.79
C ILE A 769 -1.46 10.93 -24.74
N ALA A 770 -2.47 11.44 -24.03
CA ALA A 770 -2.23 12.45 -23.01
C ALA A 770 -1.28 11.92 -21.93
N TYR A 771 -1.34 10.61 -21.68
CA TYR A 771 -0.45 10.00 -20.69
C TYR A 771 1.00 10.07 -21.16
N THR A 772 1.30 9.44 -22.31
CA THR A 772 2.68 9.44 -22.80
C THR A 772 3.19 10.86 -23.10
N LEU A 773 2.29 11.77 -23.50
CA LEU A 773 2.67 13.14 -23.79
C LEU A 773 2.87 13.96 -22.52
N THR A 774 2.38 13.47 -21.38
CA THR A 774 2.58 14.22 -20.15
C THR A 774 4.01 14.04 -19.63
N SER A 775 4.55 12.83 -19.75
CA SER A 775 5.89 12.54 -19.28
C SER A 775 6.98 13.25 -20.07
N ASN A 776 6.67 13.91 -21.20
CA ASN A 776 7.70 14.56 -21.99
C ASN A 776 8.29 15.79 -21.31
N ILE A 777 7.46 16.55 -20.58
CA ILE A 777 7.96 17.75 -19.90
C ILE A 777 9.04 17.41 -18.88
N PRO A 778 8.84 16.47 -17.94
CA PRO A 778 9.92 16.16 -17.00
C PRO A 778 11.07 15.41 -17.65
N GLU A 779 10.90 14.96 -18.90
CA GLU A 779 11.98 14.28 -19.60
C GLU A 779 12.90 15.26 -20.31
N ILE A 780 12.38 16.44 -20.70
CA ILE A 780 13.16 17.42 -21.45
C ILE A 780 13.59 18.61 -20.60
N THR A 781 12.75 19.07 -19.67
CA THR A 781 13.11 20.22 -18.83
C THR A 781 14.46 20.12 -18.13
N PRO A 782 14.93 18.96 -17.64
CA PRO A 782 16.27 18.94 -17.02
C PRO A 782 17.36 19.34 -18.00
N PHE A 783 17.25 18.90 -19.25
CA PHE A 783 18.25 19.25 -20.26
C PHE A 783 18.15 20.72 -20.65
N LEU A 784 16.95 21.30 -20.57
CA LEU A 784 16.77 22.71 -20.91
C LEU A 784 17.42 23.61 -19.86
N ILE A 785 17.02 23.44 -18.59
CA ILE A 785 17.64 24.27 -17.55
C ILE A 785 19.09 23.86 -17.33
N PHE A 786 19.51 22.72 -17.88
CA PHE A 786 20.91 22.33 -17.83
C PHE A 786 21.71 23.31 -18.66
N ILE A 787 21.13 23.74 -19.79
CA ILE A 787 21.78 24.71 -20.67
C ILE A 787 21.64 26.13 -20.11
N ILE A 788 20.47 26.49 -19.61
CA ILE A 788 20.25 27.85 -19.12
C ILE A 788 21.03 28.16 -17.85
N ALA A 789 20.67 27.49 -16.74
CA ALA A 789 21.31 27.74 -15.44
C ALA A 789 22.71 27.14 -15.31
N ASN A 790 23.12 26.26 -16.22
CA ASN A 790 24.43 25.60 -16.17
C ASN A 790 24.62 24.82 -14.87
N ILE A 791 23.65 23.96 -14.58
CA ILE A 791 23.66 23.12 -13.40
C ILE A 791 24.06 21.71 -13.82
N PRO A 792 24.48 20.84 -12.92
CA PRO A 792 24.81 19.46 -13.33
C PRO A 792 23.56 18.80 -13.88
N LEU A 793 23.76 17.86 -14.81
CA LEU A 793 22.66 17.16 -15.48
C LEU A 793 21.71 16.48 -14.49
N PRO A 794 20.46 16.95 -14.38
CA PRO A 794 19.51 16.35 -13.43
C PRO A 794 18.91 15.02 -13.85
N LEU A 795 18.77 14.78 -15.15
CA LEU A 795 18.17 13.56 -15.64
C LEU A 795 18.96 13.03 -16.83
N GLY A 796 19.43 11.78 -16.71
CA GLY A 796 20.21 11.14 -17.75
C GLY A 796 19.38 10.63 -18.91
N THR A 797 20.09 10.03 -19.87
CA THR A 797 19.45 9.50 -21.07
C THR A 797 18.83 8.12 -20.82
N VAL A 798 19.61 7.20 -20.24
CA VAL A 798 19.13 5.85 -19.97
C VAL A 798 17.93 5.87 -19.05
N THR A 799 17.88 6.80 -18.11
CA THR A 799 16.73 6.90 -17.23
C THR A 799 15.48 7.27 -18.03
N ILE A 800 15.65 8.17 -19.00
CA ILE A 800 14.52 8.56 -19.86
C ILE A 800 14.03 7.34 -20.63
N LEU A 801 14.96 6.50 -21.09
CA LEU A 801 14.53 5.28 -21.78
C LEU A 801 13.76 4.37 -20.82
N CYS A 802 14.21 4.29 -19.57
CA CYS A 802 13.53 3.47 -18.57
C CYS A 802 12.14 4.00 -18.28
N ILE A 803 11.88 5.27 -18.58
CA ILE A 803 10.55 5.82 -18.36
C ILE A 803 9.67 5.60 -19.57
N ASP A 804 10.13 6.01 -20.76
CA ASP A 804 9.32 5.88 -21.96
C ASP A 804 9.14 4.43 -22.41
N LEU A 805 10.17 3.60 -22.29
CA LEU A 805 10.07 2.21 -22.74
C LEU A 805 10.04 1.19 -21.62
N GLY A 806 9.98 1.63 -20.38
CA GLY A 806 9.99 0.75 -19.23
C GLY A 806 8.72 0.77 -18.41
N THR A 807 8.70 1.71 -17.48
CA THR A 807 7.60 1.86 -16.54
C THR A 807 6.28 2.22 -17.23
N ASP A 808 6.27 3.32 -18.01
CA ASP A 808 5.04 3.81 -18.67
C ASP A 808 4.46 2.87 -19.72
N MET A 809 4.98 1.67 -19.94
CA MET A 809 4.41 0.81 -20.98
C MET A 809 3.07 0.23 -20.54
N VAL A 810 3.04 -0.39 -19.37
CA VAL A 810 1.83 -1.02 -18.82
C VAL A 810 0.76 0.04 -18.53
N PRO A 811 1.07 1.20 -17.95
CA PRO A 811 -0.01 2.20 -17.76
C PRO A 811 -0.67 2.62 -19.06
N ALA A 812 0.13 2.94 -20.08
CA ALA A 812 -0.43 3.36 -21.37
C ALA A 812 -1.31 2.27 -21.97
N ILE A 813 -0.85 1.01 -21.94
CA ILE A 813 -1.68 -0.07 -22.50
C ILE A 813 -2.93 -0.29 -21.64
N SER A 814 -2.79 -0.20 -20.32
CA SER A 814 -3.92 -0.39 -19.42
C SER A 814 -4.97 0.69 -19.60
N LEU A 815 -4.56 1.89 -20.01
CA LEU A 815 -5.52 2.96 -20.22
C LEU A 815 -6.48 2.62 -21.35
N ALA A 816 -6.07 1.76 -22.28
CA ALA A 816 -6.93 1.35 -23.38
C ALA A 816 -8.07 0.45 -22.89
N TYR A 817 -7.90 -0.20 -21.73
CA TYR A 817 -8.91 -1.08 -21.17
C TYR A 817 -10.02 -0.34 -20.46
N GLU A 818 -9.95 0.98 -20.35
CA GLU A 818 -10.99 1.75 -19.67
C GLU A 818 -12.32 1.61 -20.40
N GLN A 819 -13.41 1.72 -19.66
CA GLN A 819 -14.74 1.58 -20.21
C GLN A 819 -15.34 2.93 -20.55
N ALA A 820 -16.64 2.94 -20.88
CA ALA A 820 -17.35 4.15 -21.27
C ALA A 820 -17.69 5.02 -20.06
N GLU A 821 -17.38 6.33 -20.17
CA GLU A 821 -17.70 7.26 -19.09
C GLU A 821 -19.19 7.60 -19.09
N SER A 822 -19.80 7.66 -20.27
CA SER A 822 -21.23 7.91 -20.43
C SER A 822 -21.68 6.96 -21.53
N ASP A 823 -22.91 7.13 -22.02
CA ASP A 823 -23.40 6.25 -23.08
C ASP A 823 -22.79 6.73 -24.40
N ILE A 824 -21.91 5.93 -24.99
CA ILE A 824 -21.31 6.35 -26.25
C ILE A 824 -22.26 6.12 -27.41
N MET A 825 -23.15 5.13 -27.29
CA MET A 825 -24.11 4.88 -28.36
C MET A 825 -25.26 5.87 -28.36
N LYS A 826 -25.14 6.93 -27.56
CA LYS A 826 -26.14 7.99 -27.46
C LYS A 826 -25.71 9.26 -28.16
N ARG A 827 -24.45 9.65 -27.98
CA ARG A 827 -23.91 10.85 -28.59
C ARG A 827 -23.84 10.73 -30.11
N GLN A 828 -23.83 11.89 -30.77
CA GLN A 828 -23.76 11.94 -32.22
C GLN A 828 -22.35 11.58 -32.68
N PRO A 829 -22.20 11.09 -33.92
CA PRO A 829 -20.87 10.75 -34.42
C PRO A 829 -19.96 11.96 -34.45
N ARG A 830 -18.66 11.72 -34.28
CA ARG A 830 -17.69 12.79 -34.24
C ARG A 830 -17.61 13.54 -35.57
N ASN A 831 -17.30 14.82 -35.49
CA ASN A 831 -17.15 15.65 -36.67
C ASN A 831 -15.68 15.63 -37.06
N PRO A 832 -15.35 15.34 -38.33
CA PRO A 832 -13.92 15.29 -38.71
C PRO A 832 -13.21 16.63 -38.63
N LYS A 833 -13.91 17.75 -38.82
CA LYS A 833 -13.27 19.05 -38.76
C LYS A 833 -13.13 19.58 -37.34
N THR A 834 -14.08 19.26 -36.46
CA THR A 834 -14.05 19.75 -35.08
C THR A 834 -13.38 18.80 -34.08
N ASP A 835 -13.91 17.60 -33.93
CA ASP A 835 -13.39 16.62 -32.97
C ASP A 835 -12.15 15.89 -33.50
N LYS A 836 -10.97 16.36 -33.09
CA LYS A 836 -9.71 15.74 -33.48
C LYS A 836 -9.22 14.85 -32.35
N LEU A 837 -8.44 13.83 -32.73
CA LEU A 837 -7.88 12.91 -31.75
C LEU A 837 -6.97 13.63 -30.77
N VAL A 838 -6.22 14.61 -31.26
CA VAL A 838 -5.29 15.38 -30.43
C VAL A 838 -5.59 16.87 -30.68
N ASN A 839 -6.48 17.43 -29.87
CA ASN A 839 -6.83 18.84 -29.99
C ASN A 839 -5.82 19.68 -29.20
N GLU A 840 -5.90 21.01 -29.36
CA GLU A 840 -4.95 21.86 -28.64
C GLU A 840 -5.22 21.88 -27.13
N GLN A 841 -6.37 21.38 -26.68
CA GLN A 841 -6.66 21.33 -25.25
C GLN A 841 -5.83 20.24 -24.58
N LEU A 842 -5.67 19.11 -25.26
CA LEU A 842 -4.86 18.01 -24.74
C LEU A 842 -3.42 18.45 -24.52
N ILE A 843 -2.85 19.15 -25.52
CA ILE A 843 -1.48 19.64 -25.39
C ILE A 843 -1.39 20.65 -24.27
N SER A 844 -2.44 21.46 -24.09
CA SER A 844 -2.44 22.42 -22.99
C SER A 844 -2.50 21.73 -21.63
N MET A 845 -2.99 20.50 -21.59
CA MET A 845 -3.07 19.73 -20.34
C MET A 845 -1.76 18.98 -20.05
N ALA A 846 -1.34 18.13 -20.99
CA ALA A 846 -0.12 17.33 -20.80
C ALA A 846 1.13 18.19 -20.85
N TYR A 847 1.41 18.79 -22.01
CA TYR A 847 2.59 19.62 -22.18
C TYR A 847 2.49 20.91 -21.38
N GLY A 848 1.28 21.39 -21.13
CA GLY A 848 1.11 22.64 -20.41
C GLY A 848 1.12 22.68 -18.90
N GLN A 849 0.12 22.03 -18.29
CA GLN A 849 -0.06 22.06 -16.84
C GLN A 849 0.48 20.84 -16.08
N ILE A 850 0.00 19.65 -16.42
CA ILE A 850 0.36 18.43 -15.69
C ILE A 850 1.86 18.13 -15.78
N GLY A 851 2.37 17.97 -17.00
CA GLY A 851 3.79 17.68 -17.17
C GLY A 851 4.68 18.71 -16.50
N MET A 852 4.21 19.95 -16.41
CA MET A 852 4.98 21.00 -15.78
C MET A 852 5.13 20.73 -14.28
N ILE A 853 4.03 20.33 -13.62
CA ILE A 853 4.10 20.02 -12.20
C ILE A 853 5.02 18.82 -11.99
N GLN A 854 4.97 17.85 -12.91
CA GLN A 854 5.85 16.68 -12.77
C GLN A 854 7.31 17.09 -12.89
N ALA A 855 7.62 18.02 -13.81
CA ALA A 855 9.01 18.48 -13.97
C ALA A 855 9.50 19.17 -12.70
N LEU A 856 8.65 20.02 -12.11
CA LEU A 856 9.04 20.69 -10.87
C LEU A 856 9.25 19.66 -9.76
N GLY A 857 8.39 18.63 -9.72
CA GLY A 857 8.55 17.59 -8.71
C GLY A 857 9.86 16.85 -8.85
N GLY A 858 10.35 16.72 -10.09
CA GLY A 858 11.62 16.06 -10.29
C GLY A 858 12.78 16.93 -9.83
N PHE A 859 12.74 18.21 -10.20
CA PHE A 859 13.79 19.14 -9.79
C PHE A 859 13.85 19.25 -8.27
N PHE A 860 12.71 19.02 -7.61
CA PHE A 860 12.70 19.06 -6.15
C PHE A 860 13.60 17.97 -5.59
N THR A 861 13.34 16.71 -6.02
CA THR A 861 14.19 15.60 -5.56
C THR A 861 15.65 15.82 -5.92
N TYR A 862 15.89 16.44 -7.09
CA TYR A 862 17.24 16.75 -7.53
C TYR A 862 17.96 17.63 -6.50
N PHE A 863 17.34 18.78 -6.17
CA PHE A 863 17.93 19.67 -5.19
C PHE A 863 18.03 19.01 -3.83
N VAL A 864 17.09 18.12 -3.50
CA VAL A 864 17.13 17.44 -2.22
C VAL A 864 18.39 16.60 -2.09
N ILE A 865 18.62 15.73 -3.08
CA ILE A 865 19.80 14.87 -3.03
C ILE A 865 21.08 15.68 -3.03
N LEU A 866 21.17 16.68 -3.90
CA LEU A 866 22.41 17.45 -3.96
C LEU A 866 22.65 18.29 -2.71
N ALA A 867 21.63 18.97 -2.20
CA ALA A 867 21.82 19.79 -1.00
C ALA A 867 22.13 18.94 0.21
N GLU A 868 21.51 17.76 0.31
CA GLU A 868 21.78 16.90 1.45
C GLU A 868 23.21 16.35 1.40
N ASN A 869 23.74 16.13 0.20
CA ASN A 869 25.10 15.63 0.06
C ASN A 869 26.17 16.73 0.13
N GLY A 870 25.77 17.99 0.32
CA GLY A 870 26.71 19.09 0.44
C GLY A 870 26.67 20.13 -0.65
N PHE A 871 25.93 19.92 -1.73
CA PHE A 871 25.88 20.88 -2.84
C PHE A 871 24.53 21.59 -2.79
N LEU A 872 24.48 22.71 -2.07
CA LEU A 872 23.24 23.47 -1.94
C LEU A 872 22.75 23.92 -3.32
N PRO A 873 21.44 24.07 -3.51
CA PRO A 873 20.94 24.47 -4.84
C PRO A 873 21.47 25.80 -5.32
N ILE A 874 21.63 26.78 -4.41
CA ILE A 874 22.14 28.08 -4.83
C ILE A 874 23.58 27.95 -5.35
N HIS A 875 24.32 26.97 -4.85
CA HIS A 875 25.69 26.75 -5.26
C HIS A 875 25.81 25.96 -6.56
N LEU A 876 24.74 25.29 -7.00
CA LEU A 876 24.79 24.50 -8.23
C LEU A 876 24.80 25.33 -9.50
N LEU A 877 24.59 26.64 -9.41
CA LEU A 877 24.58 27.50 -10.59
C LEU A 877 25.97 27.59 -11.22
N GLY A 878 26.03 27.44 -12.54
CA GLY A 878 27.30 27.51 -13.26
C GLY A 878 28.32 26.48 -12.84
N LEU A 879 27.88 25.35 -12.27
CA LEU A 879 28.79 24.33 -11.80
C LEU A 879 29.07 23.23 -12.80
N ARG A 880 28.18 23.02 -13.77
CA ARG A 880 28.34 21.98 -14.77
C ARG A 880 29.64 22.08 -15.56
N VAL A 881 30.21 23.29 -15.66
CA VAL A 881 31.45 23.49 -16.42
C VAL A 881 32.56 22.60 -15.88
N ASN A 882 32.85 22.71 -14.58
CA ASN A 882 33.89 21.89 -13.98
C ASN A 882 33.33 20.56 -13.50
N TRP A 883 32.01 20.47 -13.30
CA TRP A 883 31.40 19.23 -12.84
C TRP A 883 31.52 18.14 -13.89
N ASP A 884 31.26 18.48 -15.16
CA ASP A 884 31.34 17.48 -16.21
C ASP A 884 32.79 17.11 -16.56
N ASP A 885 33.77 17.89 -16.09
CA ASP A 885 35.17 17.59 -16.37
C ASP A 885 35.56 16.26 -15.72
N ARG A 886 36.39 15.49 -16.43
CA ARG A 886 36.82 14.17 -15.96
C ARG A 886 38.03 14.20 -15.02
N TRP A 887 38.88 15.21 -15.11
CA TRP A 887 40.10 15.24 -14.31
C TRP A 887 40.10 16.22 -13.15
N ILE A 888 39.09 17.06 -12.99
CA ILE A 888 39.06 17.98 -11.87
C ILE A 888 38.53 17.23 -10.65
N ASN A 889 39.43 16.60 -9.90
CA ASN A 889 39.04 15.80 -8.73
C ASN A 889 39.05 16.59 -7.43
N ASP A 890 38.88 17.92 -7.50
CA ASP A 890 38.86 18.75 -6.30
C ASP A 890 37.81 19.86 -6.46
N VAL A 891 36.56 19.47 -6.74
CA VAL A 891 35.47 20.43 -6.91
C VAL A 891 34.89 20.74 -5.54
N GLU A 892 34.73 22.03 -5.25
CA GLU A 892 34.20 22.47 -3.96
C GLU A 892 32.70 22.62 -3.97
N ASP A 893 32.07 22.20 -2.87
CA ASP A 893 30.65 22.30 -2.64
C ASP A 893 30.37 23.54 -1.79
N SER A 894 29.26 23.53 -1.07
CA SER A 894 28.91 24.64 -0.18
C SER A 894 29.49 24.48 1.21
N TYR A 895 30.04 23.31 1.53
CA TYR A 895 30.65 23.06 2.84
C TYR A 895 32.17 23.05 2.78
N GLY A 896 32.75 23.22 1.60
CA GLY A 896 34.19 23.23 1.46
C GLY A 896 34.83 21.87 1.22
N GLN A 897 34.04 20.83 0.97
CA GLN A 897 34.58 19.51 0.73
C GLN A 897 35.01 19.36 -0.73
N GLN A 898 36.06 18.55 -0.94
CA GLN A 898 36.62 18.31 -2.27
C GLN A 898 36.17 16.94 -2.77
N TRP A 899 35.39 16.94 -3.86
CA TRP A 899 34.88 15.73 -4.46
C TRP A 899 35.70 15.37 -5.69
N THR A 900 35.97 14.07 -5.86
CA THR A 900 36.73 13.58 -7.01
C THR A 900 35.82 13.51 -8.22
N TYR A 901 36.22 12.78 -9.26
CA TYR A 901 35.37 12.69 -10.44
C TYR A 901 34.27 11.64 -10.25
N GLU A 902 34.67 10.41 -9.93
CA GLU A 902 33.67 9.38 -9.71
C GLU A 902 32.81 9.66 -8.49
N GLN A 903 33.35 10.35 -7.49
CA GLN A 903 32.56 10.65 -6.31
C GLN A 903 31.42 11.62 -6.62
N ARG A 904 31.63 12.58 -7.51
CA ARG A 904 30.55 13.50 -7.85
C ARG A 904 29.65 12.91 -8.94
N LYS A 905 30.24 12.14 -9.85
CA LYS A 905 29.43 11.51 -10.89
C LYS A 905 28.50 10.46 -10.28
N ILE A 906 28.93 9.81 -9.20
CA ILE A 906 28.08 8.86 -8.51
C ILE A 906 26.86 9.58 -7.99
N VAL A 907 27.05 10.80 -7.47
CA VAL A 907 25.92 11.58 -6.98
C VAL A 907 25.03 12.00 -8.14
N GLU A 908 25.62 12.31 -9.30
CA GLU A 908 24.81 12.69 -10.46
C GLU A 908 23.92 11.53 -10.93
N PHE A 909 24.50 10.32 -11.02
CA PHE A 909 23.72 9.18 -11.46
C PHE A 909 22.73 8.73 -10.38
N THR A 910 23.15 8.77 -9.11
CA THR A 910 22.23 8.44 -8.02
C THR A 910 21.26 9.58 -7.80
N CYS A 911 21.34 10.61 -8.65
CA CYS A 911 20.41 11.73 -8.70
C CYS A 911 19.49 11.57 -9.90
N HIS A 912 19.94 10.79 -10.90
CA HIS A 912 19.10 10.47 -12.04
C HIS A 912 18.10 9.39 -11.64
N THR A 913 18.58 8.42 -10.86
CA THR A 913 17.71 7.34 -10.40
C THR A 913 16.49 7.84 -9.64
N PRO A 914 16.61 8.73 -8.63
CA PRO A 914 15.41 9.21 -7.95
C PRO A 914 14.59 10.13 -8.81
N PHE A 915 15.21 10.78 -9.80
CA PHE A 915 14.42 11.60 -10.72
C PHE A 915 13.49 10.68 -11.51
N PHE A 916 14.02 9.51 -11.89
CA PHE A 916 13.25 8.48 -12.59
C PHE A 916 12.13 7.98 -11.68
N VAL A 917 12.46 7.70 -10.41
CA VAL A 917 11.45 7.25 -9.46
C VAL A 917 10.39 8.34 -9.25
N THR A 918 10.83 9.60 -9.20
CA THR A 918 9.93 10.73 -9.05
C THR A 918 8.94 10.78 -10.20
N ILE A 919 9.43 10.55 -11.42
CA ILE A 919 8.53 10.52 -12.57
C ILE A 919 7.52 9.42 -12.41
N VAL A 920 7.95 8.25 -11.91
CA VAL A 920 6.99 7.15 -11.70
C VAL A 920 5.92 7.54 -10.68
N VAL A 921 6.34 8.16 -9.57
CA VAL A 921 5.40 8.56 -8.52
C VAL A 921 4.37 9.54 -9.05
N VAL A 922 4.82 10.55 -9.80
CA VAL A 922 3.84 11.50 -10.32
C VAL A 922 3.01 10.85 -11.42
N GLN A 923 3.58 9.85 -12.11
CA GLN A 923 2.81 9.17 -13.15
C GLN A 923 1.70 8.34 -12.54
N TRP A 924 1.79 8.01 -11.25
CA TRP A 924 0.68 7.30 -10.61
C TRP A 924 -0.57 8.16 -10.68
N ALA A 925 -0.48 9.36 -10.11
CA ALA A 925 -1.59 10.30 -10.11
C ALA A 925 -1.99 10.67 -11.53
N ASP A 926 -1.00 10.79 -12.44
CA ASP A 926 -1.33 11.12 -13.82
C ASP A 926 -2.15 10.01 -14.47
N LEU A 927 -1.79 8.75 -14.21
CA LEU A 927 -2.53 7.63 -14.77
C LEU A 927 -3.95 7.57 -14.24
N VAL A 928 -4.14 7.94 -12.98
CA VAL A 928 -5.49 7.89 -12.42
C VAL A 928 -6.34 9.06 -12.91
N ILE A 929 -5.75 10.26 -13.05
CA ILE A 929 -6.55 11.36 -13.55
C ILE A 929 -6.79 11.21 -15.05
N CYS A 930 -5.94 10.45 -15.76
CA CYS A 930 -6.16 10.22 -17.18
C CYS A 930 -7.15 9.09 -17.40
N LYS A 931 -7.37 8.25 -16.39
CA LYS A 931 -8.35 7.18 -16.51
C LYS A 931 -9.74 7.74 -16.78
N THR A 932 -10.05 8.93 -16.25
CA THR A 932 -11.34 9.58 -16.43
C THR A 932 -11.14 10.92 -17.12
N ARG A 933 -11.82 11.12 -18.25
CA ARG A 933 -11.69 12.38 -18.96
C ARG A 933 -12.63 13.45 -18.40
N ARG A 934 -13.88 13.08 -18.10
CA ARG A 934 -14.88 13.98 -17.56
C ARG A 934 -15.38 13.58 -16.19
N ASN A 935 -15.48 12.28 -15.91
CA ASN A 935 -15.98 11.79 -14.64
C ASN A 935 -14.95 12.01 -13.53
N SER A 936 -15.27 11.51 -12.34
CA SER A 936 -14.39 11.56 -11.18
C SER A 936 -13.91 10.15 -10.91
N VAL A 937 -12.75 10.04 -10.26
CA VAL A 937 -12.21 8.73 -9.94
C VAL A 937 -13.15 7.99 -9.00
N PHE A 938 -13.82 8.73 -8.11
CA PHE A 938 -14.78 8.11 -7.22
C PHE A 938 -16.03 7.70 -7.97
N GLN A 939 -16.46 8.50 -8.94
CA GLN A 939 -17.62 8.14 -9.74
C GLN A 939 -17.34 6.91 -10.58
N GLN A 940 -16.27 6.94 -11.39
CA GLN A 940 -15.92 5.82 -12.25
C GLN A 940 -15.59 4.56 -11.48
N GLY A 941 -14.44 4.55 -10.81
CA GLY A 941 -14.04 3.39 -10.01
C GLY A 941 -12.80 2.65 -10.51
N MET A 942 -11.84 2.47 -9.58
CA MET A 942 -10.60 1.77 -9.92
C MET A 942 -10.85 0.28 -10.05
N LYS A 943 -11.54 -0.14 -11.11
CA LYS A 943 -11.81 -1.55 -11.36
C LYS A 943 -10.98 -2.11 -12.49
N ASN A 944 -10.17 -1.28 -13.14
CA ASN A 944 -9.31 -1.70 -14.23
C ASN A 944 -8.14 -2.47 -13.62
N LYS A 945 -8.28 -3.79 -13.55
CA LYS A 945 -7.23 -4.62 -12.96
C LYS A 945 -5.94 -4.51 -13.76
N ILE A 946 -6.04 -4.24 -15.05
CA ILE A 946 -4.84 -4.04 -15.85
C ILE A 946 -4.13 -2.77 -15.39
N LEU A 947 -4.91 -1.76 -15.01
CA LEU A 947 -4.33 -0.52 -14.53
C LEU A 947 -3.74 -0.69 -13.13
N ILE A 948 -4.41 -1.50 -12.28
CA ILE A 948 -3.90 -1.76 -10.93
C ILE A 948 -2.55 -2.45 -11.05
N PHE A 949 -2.50 -3.49 -11.90
CA PHE A 949 -1.24 -4.17 -12.14
C PHE A 949 -0.25 -3.23 -12.78
N GLY A 950 -0.73 -2.27 -13.57
CA GLY A 950 0.18 -1.31 -14.16
C GLY A 950 0.89 -0.49 -13.11
N LEU A 951 0.15 -0.05 -12.09
CA LEU A 951 0.75 0.72 -11.01
C LEU A 951 1.74 -0.13 -10.21
N PHE A 952 1.33 -1.35 -9.87
CA PHE A 952 2.21 -2.22 -9.08
C PHE A 952 3.47 -2.62 -9.86
N GLU A 953 3.31 -2.95 -11.15
CA GLU A 953 4.45 -3.31 -11.97
C GLU A 953 5.38 -2.13 -12.17
N GLU A 954 4.81 -0.95 -12.46
CA GLU A 954 5.57 0.26 -12.64
C GLU A 954 6.42 0.56 -11.40
N THR A 955 5.79 0.49 -10.22
CA THR A 955 6.50 0.75 -8.97
C THR A 955 7.57 -0.29 -8.67
N ALA A 956 7.20 -1.58 -8.69
CA ALA A 956 8.16 -2.64 -8.39
C ALA A 956 9.31 -2.66 -9.40
N LEU A 957 9.03 -2.33 -10.67
CA LEU A 957 10.07 -2.28 -11.68
C LEU A 957 11.02 -1.13 -11.41
N ALA A 958 10.48 0.05 -11.07
CA ALA A 958 11.34 1.19 -10.76
C ALA A 958 12.22 0.89 -9.56
N ALA A 959 11.68 0.17 -8.57
CA ALA A 959 12.47 -0.18 -7.40
C ALA A 959 13.53 -1.21 -7.74
N PHE A 960 13.20 -2.14 -8.63
CA PHE A 960 14.16 -3.16 -9.03
C PHE A 960 15.31 -2.56 -9.84
N LEU A 961 15.01 -1.51 -10.62
CA LEU A 961 16.05 -0.86 -11.42
C LEU A 961 17.01 -0.03 -10.57
N SER A 962 16.74 0.12 -9.28
CA SER A 962 17.60 0.88 -8.38
C SER A 962 18.29 0.01 -7.35
N TYR A 963 17.61 -1.00 -6.80
CA TYR A 963 18.21 -1.84 -5.79
C TYR A 963 18.68 -3.21 -6.30
N CYS A 964 18.98 -3.33 -7.59
CA CYS A 964 19.44 -4.65 -8.01
C CYS A 964 20.97 -4.67 -8.12
N PRO A 965 21.64 -5.79 -7.75
CA PRO A 965 23.10 -5.83 -7.86
C PRO A 965 23.61 -5.61 -9.26
N GLY A 966 24.28 -4.47 -9.49
CA GLY A 966 24.83 -4.15 -10.78
C GLY A 966 24.10 -3.07 -11.56
N MET A 967 23.08 -2.43 -10.99
CA MET A 967 22.38 -1.38 -11.73
C MET A 967 23.24 -0.13 -11.82
N GLY A 968 24.01 0.16 -10.78
CA GLY A 968 24.92 1.29 -10.84
C GLY A 968 26.06 1.08 -11.81
N VAL A 969 26.20 -0.15 -12.31
CA VAL A 969 27.23 -0.51 -13.27
C VAL A 969 26.65 -0.64 -14.66
N ALA A 970 25.56 -1.41 -14.80
CA ALA A 970 24.95 -1.60 -16.11
C ALA A 970 24.23 -0.34 -16.58
N LEU A 971 23.43 0.27 -15.71
CA LEU A 971 22.67 1.45 -16.07
C LEU A 971 23.00 2.68 -15.23
N ARG A 972 24.01 2.60 -14.35
CA ARG A 972 24.38 3.71 -13.48
C ARG A 972 23.22 4.14 -12.58
N MET A 973 22.25 3.25 -12.36
CA MET A 973 21.09 3.55 -11.51
C MET A 973 21.40 3.04 -10.10
N TYR A 974 22.14 3.85 -9.36
CA TYR A 974 22.54 3.52 -8.02
C TYR A 974 21.35 3.43 -7.07
N PRO A 975 21.50 2.71 -5.95
CA PRO A 975 20.40 2.59 -4.99
C PRO A 975 20.06 3.94 -4.40
N LEU A 976 18.84 4.02 -3.87
CA LEU A 976 18.31 5.23 -3.29
C LEU A 976 18.06 5.11 -1.80
N LYS A 977 18.41 6.16 -1.06
CA LYS A 977 18.11 6.20 0.34
C LYS A 977 16.59 6.34 0.46
N PRO A 978 15.96 5.64 1.41
CA PRO A 978 14.48 5.65 1.49
C PRO A 978 13.84 7.03 1.59
N THR A 979 14.55 8.06 2.02
CA THR A 979 13.93 9.37 2.11
C THR A 979 13.63 9.96 0.72
N TRP A 980 14.33 9.51 -0.33
CA TRP A 980 14.07 10.04 -1.67
C TRP A 980 12.70 9.66 -2.19
N TRP A 981 12.22 8.45 -1.84
CA TRP A 981 10.93 7.96 -2.35
C TRP A 981 9.74 8.81 -1.93
N PHE A 982 9.94 9.75 -1.00
CA PHE A 982 8.81 10.59 -0.58
C PHE A 982 8.96 12.02 -1.05
N CYS A 983 10.03 12.35 -1.78
CA CYS A 983 10.19 13.72 -2.25
C CYS A 983 9.21 14.10 -3.36
N ALA A 984 8.57 13.11 -4.00
CA ALA A 984 7.63 13.36 -5.08
C ALA A 984 6.18 13.22 -4.65
N PHE A 985 5.90 12.69 -3.47
CA PHE A 985 4.52 12.52 -3.01
C PHE A 985 3.68 13.79 -3.02
N PRO A 986 4.15 14.96 -2.56
CA PRO A 986 3.28 16.14 -2.60
C PRO A 986 2.93 16.57 -4.02
N TYR A 987 3.87 16.49 -4.96
CA TYR A 987 3.57 16.90 -6.34
C TYR A 987 2.54 15.96 -6.96
N SER A 988 2.68 14.65 -6.70
CA SER A 988 1.73 13.68 -7.22
C SER A 988 0.33 13.96 -6.66
N LEU A 989 0.23 14.11 -5.34
CA LEU A 989 -1.07 14.41 -4.74
C LEU A 989 -1.63 15.73 -5.27
N LEU A 990 -0.76 16.72 -5.49
CA LEU A 990 -1.19 18.01 -6.00
C LEU A 990 -1.82 17.85 -7.38
N ILE A 991 -1.15 17.10 -8.26
CA ILE A 991 -1.68 16.85 -9.60
C ILE A 991 -3.03 16.17 -9.52
N PHE A 992 -3.14 15.18 -8.62
CA PHE A 992 -4.41 14.47 -8.47
C PHE A 992 -5.54 15.39 -8.03
N VAL A 993 -5.29 16.24 -7.04
CA VAL A 993 -6.34 17.14 -6.55
C VAL A 993 -6.72 18.17 -7.59
N TYR A 994 -5.72 18.78 -8.24
CA TYR A 994 -6.02 19.80 -9.24
C TYR A 994 -6.81 19.22 -10.42
N ASP A 995 -6.40 18.05 -10.92
CA ASP A 995 -7.16 17.47 -12.04
C ASP A 995 -8.52 16.97 -11.59
N GLU A 996 -8.65 16.53 -10.34
CA GLU A 996 -9.95 16.07 -9.87
C GLU A 996 -10.92 17.24 -9.77
N VAL A 997 -10.46 18.38 -9.25
CA VAL A 997 -11.36 19.53 -9.18
C VAL A 997 -11.61 20.06 -10.59
N ARG A 998 -10.68 19.82 -11.52
CA ARG A 998 -10.94 20.24 -12.90
C ARG A 998 -12.10 19.44 -13.46
N LYS A 999 -12.04 18.11 -13.32
CA LYS A 999 -13.11 17.23 -13.75
C LYS A 999 -14.40 17.43 -12.95
N LEU A 1000 -14.31 18.13 -11.81
CA LEU A 1000 -15.49 18.47 -11.00
C LEU A 1000 -16.16 19.73 -11.53
N ILE A 1001 -15.35 20.76 -11.83
CA ILE A 1001 -15.91 21.99 -12.37
C ILE A 1001 -16.50 21.73 -13.73
N ILE A 1002 -15.90 20.82 -14.50
CA ILE A 1002 -16.48 20.48 -15.80
C ILE A 1002 -17.82 19.78 -15.58
N ARG A 1003 -17.93 19.03 -14.47
CA ARG A 1003 -19.20 18.36 -14.17
C ARG A 1003 -20.30 19.35 -13.81
N ARG A 1004 -20.04 20.26 -12.85
CA ARG A 1004 -21.08 21.21 -12.44
C ARG A 1004 -21.25 22.37 -13.41
N ARG A 1005 -20.21 22.74 -14.16
CA ARG A 1005 -20.32 23.82 -15.12
C ARG A 1005 -20.13 23.26 -16.52
N PRO A 1006 -21.18 22.77 -17.18
CA PRO A 1006 -21.03 22.27 -18.55
C PRO A 1006 -20.95 23.39 -19.57
N GLY A 1007 -20.74 24.60 -19.10
CA GLY A 1007 -20.65 25.79 -19.92
C GLY A 1007 -19.57 25.71 -20.98
N GLY A 1008 -18.31 25.66 -20.55
CA GLY A 1008 -17.25 25.59 -21.54
C GLY A 1008 -15.92 26.22 -21.19
N TRP A 1009 -15.83 27.07 -20.16
CA TRP A 1009 -14.51 27.62 -19.85
C TRP A 1009 -13.60 26.46 -19.51
N VAL A 1010 -13.91 25.79 -18.40
CA VAL A 1010 -13.13 24.63 -17.98
C VAL A 1010 -13.26 23.48 -18.97
N GLU A 1011 -14.26 23.51 -19.85
CA GLU A 1011 -14.46 22.44 -20.83
C GLU A 1011 -13.76 22.73 -22.17
N LYS A 1012 -14.18 23.79 -22.85
CA LYS A 1012 -13.61 24.14 -24.15
C LYS A 1012 -12.14 24.54 -24.09
N GLU A 1013 -11.58 24.75 -22.90
CA GLU A 1013 -10.18 25.12 -22.80
C GLU A 1013 -9.28 23.99 -22.32
N THR A 1014 -9.82 23.00 -21.62
CA THR A 1014 -8.99 21.90 -21.14
C THR A 1014 -9.55 20.53 -21.45
N TYR A 1015 -10.86 20.35 -21.37
CA TYR A 1015 -11.49 19.05 -21.60
C TYR A 1015 -11.23 18.53 -23.00
N TYR A 1016 -10.26 17.63 -23.11
CA TYR A 1016 -9.87 17.00 -24.36
C TYR A 1016 -10.57 15.68 -24.59
N LYS B 13 -5.38 26.29 -45.36
CA LYS B 13 -5.89 26.04 -44.02
C LYS B 13 -4.93 26.61 -42.97
N LYS B 14 -3.76 27.07 -43.39
CA LYS B 14 -2.80 27.58 -42.41
C LYS B 14 -2.65 29.10 -42.46
N PHE B 15 -3.72 29.78 -42.87
CA PHE B 15 -3.80 31.23 -42.90
C PHE B 15 -4.89 31.71 -41.93
N ILE B 16 -5.05 30.98 -40.83
CA ILE B 16 -6.02 31.26 -39.77
C ILE B 16 -5.51 32.42 -38.93
N TRP B 17 -4.41 33.05 -39.39
CA TRP B 17 -3.78 34.18 -38.71
C TRP B 17 -4.80 35.17 -38.18
N ASN B 18 -5.59 35.75 -39.09
CA ASN B 18 -6.60 36.72 -38.73
C ASN B 18 -7.82 36.55 -39.62
N SER B 19 -8.83 37.33 -39.29
CA SER B 19 -10.10 37.39 -40.00
C SER B 19 -10.76 38.68 -39.52
N GLU B 20 -11.86 39.05 -40.17
CA GLU B 20 -12.53 40.26 -39.70
C GLU B 20 -13.33 40.00 -38.44
N LYS B 21 -13.40 38.74 -37.99
CA LYS B 21 -14.14 38.37 -36.78
C LYS B 21 -13.20 38.12 -35.60
N LYS B 22 -12.03 38.77 -35.58
CA LYS B 22 -11.06 38.71 -34.47
C LYS B 22 -10.41 37.39 -34.04
N GLU B 23 -9.32 37.01 -34.71
CA GLU B 23 -8.55 35.82 -34.33
C GLU B 23 -7.09 36.14 -34.60
N PHE B 24 -6.19 35.75 -33.67
CA PHE B 24 -4.76 35.99 -33.84
C PHE B 24 -4.01 34.71 -33.49
N LEU B 25 -3.23 34.19 -34.45
CA LEU B 25 -2.45 32.98 -34.30
C LEU B 25 -3.33 31.75 -34.05
N GLY B 26 -4.64 31.93 -34.11
CA GLY B 26 -5.60 30.87 -33.90
C GLY B 26 -6.80 31.26 -33.06
N ARG B 27 -6.62 32.10 -32.04
CA ARG B 27 -7.70 32.56 -31.18
C ARG B 27 -7.81 34.08 -31.19
N THR B 28 -8.91 34.55 -30.61
CA THR B 28 -9.23 35.98 -30.49
C THR B 28 -8.31 36.67 -29.49
N GLY B 29 -8.60 37.95 -29.27
CA GLY B 29 -7.85 38.77 -28.34
C GLY B 29 -8.27 38.54 -26.90
N GLY B 30 -9.58 38.58 -26.65
CA GLY B 30 -10.07 38.34 -25.31
C GLY B 30 -9.74 36.94 -24.82
N SER B 31 -9.66 35.98 -25.75
CA SER B 31 -9.31 34.62 -25.38
C SER B 31 -7.82 34.53 -25.09
N TRP B 32 -7.01 35.27 -25.84
CA TRP B 32 -5.58 35.30 -25.59
C TRP B 32 -5.31 35.88 -24.21
N PHE B 33 -6.05 36.92 -23.84
CA PHE B 33 -5.87 37.51 -22.52
C PHE B 33 -6.33 36.57 -21.41
N LYS B 34 -7.48 35.89 -21.61
CA LYS B 34 -7.95 34.96 -20.59
C LYS B 34 -6.94 33.84 -20.36
N ILE B 35 -6.47 33.22 -21.44
CA ILE B 35 -5.50 32.13 -21.32
C ILE B 35 -4.19 32.61 -20.71
N LEU B 36 -3.67 33.75 -21.17
CA LEU B 36 -2.41 34.26 -20.63
C LEU B 36 -2.53 34.57 -19.14
N LEU B 37 -3.65 35.18 -18.72
CA LEU B 37 -3.84 35.46 -17.30
C LEU B 37 -3.91 34.18 -16.49
N PHE B 38 -4.62 33.17 -17.02
CA PHE B 38 -4.72 31.91 -16.30
C PHE B 38 -3.36 31.26 -16.14
N TYR B 39 -2.60 31.18 -17.24
CA TYR B 39 -1.28 30.57 -17.17
C TYR B 39 -0.36 31.33 -16.24
N VAL B 40 -0.49 32.66 -16.18
CA VAL B 40 0.37 33.44 -15.29
C VAL B 40 0.03 33.12 -13.83
N ILE B 41 -1.26 33.08 -13.50
CA ILE B 41 -1.63 32.76 -12.12
C ILE B 41 -1.26 31.33 -11.77
N PHE B 42 -1.50 30.40 -12.69
CA PHE B 42 -1.20 28.99 -12.47
C PHE B 42 0.30 28.78 -12.24
N TYR B 43 1.12 29.27 -13.17
CA TYR B 43 2.57 29.11 -13.04
C TYR B 43 3.09 29.89 -11.83
N GLY B 44 2.44 30.99 -11.46
CA GLY B 44 2.87 31.71 -10.28
C GLY B 44 2.65 30.88 -9.03
N CYS B 45 1.49 30.21 -8.97
CA CYS B 45 1.22 29.35 -7.82
C CYS B 45 2.20 28.17 -7.81
N LEU B 46 2.49 27.61 -8.98
CA LEU B 46 3.44 26.51 -9.05
C LEU B 46 4.81 26.94 -8.54
N ALA B 47 5.26 28.13 -8.96
CA ALA B 47 6.55 28.64 -8.51
C ALA B 47 6.56 28.85 -7.00
N GLY B 48 5.48 29.42 -6.46
CA GLY B 48 5.42 29.63 -5.03
C GLY B 48 5.44 28.33 -4.25
N ILE B 49 4.78 27.30 -4.80
CA ILE B 49 4.75 26.00 -4.13
C ILE B 49 6.15 25.37 -4.15
N PHE B 50 6.82 25.40 -5.30
CA PHE B 50 8.15 24.84 -5.40
C PHE B 50 9.11 25.57 -4.47
N ILE B 51 8.96 26.89 -4.35
CA ILE B 51 9.81 27.68 -3.47
C ILE B 51 9.55 27.34 -2.01
N GLY B 52 8.27 27.17 -1.63
CA GLY B 52 7.96 26.84 -0.25
C GLY B 52 8.51 25.47 0.15
N THR B 53 8.35 24.48 -0.74
CA THR B 53 8.87 23.15 -0.44
C THR B 53 10.40 23.17 -0.42
N ILE B 54 11.02 23.93 -1.33
CA ILE B 54 12.47 23.99 -1.32
C ILE B 54 12.94 24.71 -0.06
N GLN B 55 12.11 25.59 0.50
CA GLN B 55 12.48 26.27 1.74
C GLN B 55 12.42 25.29 2.90
N VAL B 56 11.40 24.43 2.93
CA VAL B 56 11.32 23.42 3.97
C VAL B 56 12.55 22.51 3.86
N MET B 57 12.93 22.18 2.62
CA MET B 57 14.11 21.37 2.39
C MET B 57 15.35 22.06 2.93
N LEU B 58 15.41 23.40 2.77
CA LEU B 58 16.55 24.14 3.32
C LEU B 58 16.53 24.13 4.84
N LEU B 59 15.33 24.04 5.43
CA LEU B 59 15.19 23.98 6.88
C LEU B 59 15.55 22.61 7.43
N THR B 60 15.63 21.59 6.58
CA THR B 60 15.99 20.26 7.06
C THR B 60 17.50 20.02 7.08
N ILE B 61 18.32 20.99 6.67
CA ILE B 61 19.77 20.84 6.65
C ILE B 61 20.39 21.93 7.51
N SER B 62 21.55 21.63 8.08
CA SER B 62 22.28 22.56 8.94
C SER B 62 23.34 23.31 8.15
N GLU B 63 23.95 24.30 8.81
CA GLU B 63 24.99 25.12 8.21
C GLU B 63 26.39 24.66 8.55
N PHE B 64 26.53 23.79 9.56
CA PHE B 64 27.84 23.33 10.00
C PHE B 64 28.15 21.89 9.64
N LYS B 65 27.25 21.18 8.96
CA LYS B 65 27.55 19.79 8.63
C LYS B 65 26.63 19.23 7.55
N PRO B 66 27.18 18.56 6.55
CA PRO B 66 26.33 17.96 5.52
C PRO B 66 25.68 16.71 6.10
N THR B 67 24.41 16.52 5.76
CA THR B 67 23.68 15.38 6.29
C THR B 67 24.28 14.05 5.86
N TYR B 68 24.59 13.91 4.58
CA TYR B 68 25.17 12.67 4.06
C TYR B 68 26.62 12.92 3.68
N GLN B 69 27.53 12.11 4.23
CA GLN B 69 28.95 12.23 3.94
C GLN B 69 29.54 10.90 3.50
N ASP B 70 28.71 9.91 3.17
CA ASP B 70 29.22 8.61 2.79
C ASP B 70 29.73 8.54 1.36
N ARG B 71 29.34 9.48 0.49
CA ARG B 71 29.79 9.44 -0.89
C ARG B 71 31.22 9.96 -1.07
N VAL B 72 31.87 10.38 0.01
CA VAL B 72 33.25 10.88 -0.04
C VAL B 72 34.06 10.12 0.98
N ALA B 73 33.68 8.85 1.26
CA ALA B 73 34.35 7.99 2.22
C ALA B 73 35.85 7.93 1.96
N PRO B 74 36.33 7.48 0.80
CA PRO B 74 37.78 7.49 0.58
C PRO B 74 38.22 8.84 0.03
N PRO B 75 39.00 9.62 0.77
CA PRO B 75 39.43 10.92 0.27
C PRO B 75 40.33 10.79 -0.95
N GLY B 76 40.29 11.81 -1.81
CA GLY B 76 41.08 11.82 -3.01
C GLY B 76 42.51 12.28 -2.76
N LEU B 77 43.29 12.30 -3.85
CA LEU B 77 44.69 12.72 -3.80
C LEU B 77 44.98 13.49 -5.07
N THR B 78 44.89 14.83 -5.00
CA THR B 78 45.10 15.65 -6.18
C THR B 78 46.50 16.24 -6.21
N GLN B 79 46.82 16.94 -7.31
CA GLN B 79 48.11 17.56 -7.52
C GLN B 79 47.93 19.03 -7.90
N ILE B 80 49.03 19.76 -7.94
CA ILE B 80 48.99 21.17 -8.30
C ILE B 80 48.82 21.37 -9.80
N PRO B 81 49.62 20.71 -10.70
CA PRO B 81 49.39 20.95 -12.13
C PRO B 81 48.19 20.17 -12.65
N GLN B 82 47.01 20.78 -12.56
CA GLN B 82 45.79 20.13 -13.02
C GLN B 82 45.87 20.03 -14.54
N SER B 83 46.57 18.99 -14.99
CA SER B 83 46.77 18.74 -16.41
C SER B 83 45.47 18.26 -17.06
N GLN B 84 45.41 18.42 -18.38
CA GLN B 84 44.23 18.01 -19.14
C GLN B 84 44.03 16.49 -19.10
N LYS B 85 45.12 15.73 -18.99
CA LYS B 85 45.04 14.27 -18.93
C LYS B 85 46.03 13.71 -17.91
N THR B 86 46.29 14.49 -16.85
CA THR B 86 47.24 14.14 -15.79
C THR B 86 48.64 13.89 -16.34
N GLU B 87 48.95 14.55 -17.45
CA GLU B 87 50.23 14.40 -18.14
C GLU B 87 51.01 15.71 -18.09
N ILE B 88 52.32 15.61 -17.84
CA ILE B 88 53.20 16.77 -17.75
C ILE B 88 54.21 16.64 -18.90
N SER B 89 53.90 17.28 -20.02
CA SER B 89 54.74 17.27 -21.21
C SER B 89 55.15 18.71 -21.52
N PHE B 90 56.45 18.97 -21.50
CA PHE B 90 56.97 20.31 -21.76
C PHE B 90 58.41 20.19 -22.23
N ARG B 91 59.04 21.34 -22.48
CA ARG B 91 60.41 21.40 -22.91
C ARG B 91 61.26 22.08 -21.85
N PRO B 92 62.40 21.50 -21.44
CA PRO B 92 63.23 22.13 -20.41
C PRO B 92 63.79 23.48 -20.81
N ASN B 93 63.74 23.83 -22.09
CA ASN B 93 64.27 25.11 -22.58
C ASN B 93 63.18 26.16 -22.77
N ASP B 94 62.18 25.87 -23.60
CA ASP B 94 61.08 26.78 -23.91
C ASP B 94 60.29 27.19 -22.67
N PRO B 95 60.35 28.46 -22.26
CA PRO B 95 59.60 28.88 -21.07
C PRO B 95 58.09 28.88 -21.28
N GLN B 96 57.63 29.08 -22.52
CA GLN B 96 56.20 29.08 -22.80
C GLN B 96 55.62 27.67 -22.82
N SER B 97 56.46 26.65 -22.96
CA SER B 97 55.96 25.28 -22.99
C SER B 97 55.42 24.86 -21.62
N TYR B 98 56.06 25.31 -20.55
CA TYR B 98 55.63 24.96 -19.20
C TYR B 98 54.94 26.12 -18.47
N GLU B 99 54.44 27.11 -19.23
CA GLU B 99 53.76 28.25 -18.60
C GLU B 99 52.45 27.83 -17.95
N SER B 100 51.69 26.94 -18.62
CA SER B 100 50.41 26.48 -18.09
C SER B 100 50.56 25.78 -16.76
N TYR B 101 51.72 25.16 -16.52
CA TYR B 101 51.95 24.48 -15.25
C TYR B 101 52.28 25.49 -14.15
N VAL B 102 53.35 26.26 -14.34
CA VAL B 102 53.81 27.25 -13.37
C VAL B 102 52.70 28.22 -12.98
N VAL B 103 51.87 28.63 -13.93
CA VAL B 103 50.78 29.56 -13.61
C VAL B 103 49.85 28.96 -12.57
N SER B 104 49.47 27.69 -12.76
CA SER B 104 48.60 27.04 -11.79
C SER B 104 49.29 26.79 -10.47
N ILE B 105 50.61 26.54 -10.48
CA ILE B 105 51.30 26.31 -9.21
C ILE B 105 51.35 27.60 -8.40
N VAL B 106 51.65 28.72 -9.06
CA VAL B 106 51.72 30.00 -8.37
C VAL B 106 50.33 30.41 -7.88
N ARG B 107 49.30 30.24 -8.70
CA ARG B 107 47.96 30.61 -8.25
C ARG B 107 47.51 29.74 -7.09
N PHE B 108 47.91 28.47 -7.07
CA PHE B 108 47.53 27.59 -5.97
C PHE B 108 48.24 28.01 -4.68
N LEU B 109 49.55 28.23 -4.74
CA LEU B 109 50.32 28.62 -3.56
C LEU B 109 50.24 30.11 -3.24
N GLU B 110 49.40 30.87 -3.96
CA GLU B 110 49.27 32.30 -3.69
C GLU B 110 48.66 32.58 -2.32
N LYS B 111 47.92 31.62 -1.75
CA LYS B 111 47.30 31.77 -0.44
C LYS B 111 48.16 31.23 0.69
N TYR B 112 49.35 30.72 0.39
CA TYR B 112 50.25 30.18 1.40
C TYR B 112 51.43 31.09 1.73
N LYS B 113 51.51 32.27 1.12
CA LYS B 113 52.62 33.17 1.40
C LYS B 113 52.55 33.68 2.84
N ASP B 114 53.71 34.12 3.34
CA ASP B 114 53.79 34.61 4.72
C ASP B 114 52.95 35.87 4.91
N LEU B 115 52.72 36.64 3.84
CA LEU B 115 51.90 37.84 3.96
C LEU B 115 50.42 37.50 4.03
N ALA B 116 50.01 36.40 3.38
CA ALA B 116 48.60 36.00 3.39
C ALA B 116 48.19 35.53 4.77
N GLN B 117 49.08 34.81 5.47
CA GLN B 117 48.81 34.31 6.81
C GLN B 117 49.51 35.28 7.77
N LYS B 118 48.86 36.41 8.02
CA LYS B 118 49.42 37.43 8.90
C LYS B 118 48.56 37.72 10.11
N ASP B 119 47.24 37.55 10.01
CA ASP B 119 46.37 37.83 11.15
C ASP B 119 46.53 36.73 12.20
N ASP B 120 46.76 37.14 13.45
CA ASP B 120 46.93 36.19 14.54
C ASP B 120 45.60 35.78 15.15
N MET B 121 44.50 36.44 14.75
CA MET B 121 43.17 36.13 15.26
C MET B 121 42.50 34.97 14.52
N ILE B 122 43.06 34.53 13.40
CA ILE B 122 42.47 33.44 12.62
C ILE B 122 43.53 32.40 12.29
N PHE B 123 44.78 32.71 12.60
CA PHE B 123 45.89 31.79 12.34
C PHE B 123 46.56 31.40 13.64
N GLU B 124 47.01 30.16 13.69
CA GLU B 124 47.66 29.59 14.87
C GLU B 124 48.90 28.82 14.45
N ASP B 125 50.05 29.13 15.05
CA ASP B 125 51.30 28.45 14.70
C ASP B 125 51.29 27.06 15.30
N CYS B 126 51.07 26.05 14.45
CA CYS B 126 51.02 24.66 14.89
C CYS B 126 52.37 24.20 15.44
N GLY B 127 53.39 24.18 14.61
CA GLY B 127 54.70 23.76 15.05
C GLY B 127 55.55 23.21 13.93
N ASN B 128 56.86 23.14 14.19
CA ASN B 128 57.84 22.64 13.25
C ASN B 128 57.91 21.11 13.20
N VAL B 129 57.18 20.43 14.07
CA VAL B 129 57.18 18.98 14.12
C VAL B 129 55.75 18.47 14.08
N PRO B 130 55.44 17.47 13.26
CA PRO B 130 54.05 16.96 13.20
C PRO B 130 53.64 16.35 14.53
N SER B 131 52.54 16.86 15.07
CA SER B 131 52.00 16.43 16.36
C SER B 131 50.63 15.77 16.15
N GLU B 132 49.96 15.49 17.27
CA GLU B 132 48.65 14.86 17.27
C GLU B 132 47.58 15.78 16.69
N LEU B 133 46.39 15.20 16.48
CA LEU B 133 45.26 15.92 15.92
C LEU B 133 44.82 17.05 16.84
N LYS B 134 44.22 18.09 16.24
CA LYS B 134 43.75 19.26 16.97
C LYS B 134 42.24 19.37 16.85
N GLU B 135 41.52 18.94 17.88
CA GLU B 135 40.06 19.01 17.89
C GLU B 135 39.64 20.30 18.59
N ARG B 136 39.00 21.20 17.85
CA ARG B 136 38.55 22.47 18.41
C ARG B 136 37.06 22.38 18.74
N GLY B 137 36.78 21.62 19.79
CA GLY B 137 35.44 21.41 20.30
C GLY B 137 34.52 20.72 19.31
N GLU B 138 33.22 20.98 19.46
CA GLU B 138 32.21 20.40 18.59
C GLU B 138 32.04 21.27 17.35
N TYR B 139 31.20 20.81 16.42
CA TYR B 139 30.96 21.51 15.18
C TYR B 139 29.85 22.56 15.26
N ASN B 140 29.29 22.82 16.44
CA ASN B 140 28.24 23.81 16.55
C ASN B 140 28.81 25.22 16.49
N ASN B 141 27.93 26.22 16.61
CA ASN B 141 28.34 27.61 16.57
C ASN B 141 28.46 28.23 17.95
N GLU B 142 28.42 27.41 19.01
CA GLU B 142 28.55 27.95 20.36
C GLU B 142 29.89 28.63 20.54
N ARG B 143 30.92 28.12 19.87
CA ARG B 143 32.25 28.70 19.89
C ARG B 143 32.39 29.65 18.71
N GLY B 144 33.35 30.57 18.82
CA GLY B 144 33.55 31.52 17.74
C GLY B 144 34.17 30.89 16.50
N GLU B 145 34.70 31.73 15.62
CA GLU B 145 35.33 31.22 14.41
C GLU B 145 36.64 30.54 14.78
N ARG B 146 36.73 29.24 14.52
CA ARG B 146 37.91 28.45 14.86
C ARG B 146 39.17 28.99 14.19
N LYS B 147 40.32 28.58 14.71
CA LYS B 147 41.62 28.98 14.20
C LYS B 147 42.11 27.94 13.19
N VAL B 148 42.92 28.41 12.25
CA VAL B 148 43.49 27.56 11.21
C VAL B 148 45.00 27.53 11.38
N CYS B 149 45.57 26.33 11.45
CA CYS B 149 47.01 26.20 11.62
C CYS B 149 47.74 26.66 10.36
N ARG B 150 48.80 27.43 10.57
CA ARG B 150 49.60 27.97 9.48
C ARG B 150 50.45 26.88 8.81
N PHE B 151 50.80 27.14 7.55
CA PHE B 151 51.62 26.23 6.75
C PHE B 151 52.40 27.09 5.76
N ARG B 152 53.62 27.46 6.15
CA ARG B 152 54.46 28.28 5.30
C ARG B 152 55.05 27.46 4.16
N LEU B 153 55.32 28.14 3.05
CA LEU B 153 55.85 27.45 1.87
C LEU B 153 57.22 26.83 2.13
N GLU B 154 57.94 27.30 3.16
CA GLU B 154 59.26 26.77 3.47
C GLU B 154 59.25 25.29 3.77
N TRP B 155 58.11 24.73 4.20
CA TRP B 155 58.06 23.30 4.49
C TRP B 155 58.34 22.45 3.27
N LEU B 156 57.93 22.90 2.09
CA LEU B 156 58.17 22.15 0.86
C LEU B 156 59.52 22.58 0.32
N GLY B 157 60.57 21.92 0.80
CA GLY B 157 61.91 22.26 0.35
C GLY B 157 62.13 21.94 -1.11
N ASN B 158 62.99 22.73 -1.75
CA ASN B 158 63.38 22.61 -3.15
C ASN B 158 62.22 22.78 -4.13
N CYS B 159 61.01 23.05 -3.62
CA CYS B 159 59.87 23.30 -4.48
C CYS B 159 59.08 24.50 -3.96
N SER B 160 59.75 25.41 -3.28
CA SER B 160 59.10 26.63 -2.79
C SER B 160 59.91 27.84 -3.18
N GLY B 161 61.18 27.86 -2.76
CA GLY B 161 62.07 28.96 -3.08
C GLY B 161 61.63 30.27 -2.45
N LEU B 162 62.45 31.28 -2.67
CA LEU B 162 62.21 32.65 -2.25
C LEU B 162 62.18 33.51 -3.51
N ASN B 163 61.58 32.95 -4.55
CA ASN B 163 61.47 33.59 -5.85
C ASN B 163 60.57 34.82 -5.78
N ASP B 164 60.55 35.54 -6.89
CA ASP B 164 59.74 36.74 -7.06
C ASP B 164 58.31 36.34 -7.35
N GLU B 165 57.52 37.28 -7.90
CA GLU B 165 56.13 37.03 -8.25
C GLU B 165 55.95 35.72 -9.02
N THR B 166 56.95 35.32 -9.81
CA THR B 166 56.92 34.08 -10.58
C THR B 166 57.86 33.08 -9.90
N TYR B 167 57.29 32.00 -9.39
CA TYR B 167 58.06 30.97 -8.70
C TYR B 167 58.90 30.20 -9.73
N GLY B 168 60.19 30.55 -9.82
CA GLY B 168 61.07 29.87 -10.74
C GLY B 168 61.19 28.44 -10.27
N TYR B 169 60.42 27.55 -10.90
CA TYR B 169 60.42 26.16 -10.50
C TYR B 169 61.48 25.36 -11.25
N LYS B 170 61.35 24.06 -11.20
CA LYS B 170 62.32 23.15 -11.80
C LYS B 170 61.96 22.83 -13.24
N ASP B 171 62.89 23.14 -14.15
CA ASP B 171 62.71 22.83 -15.56
C ASP B 171 63.11 21.37 -15.74
N GLY B 172 64.34 21.04 -15.41
CA GLY B 172 64.77 19.66 -15.40
C GLY B 172 64.44 19.19 -13.99
N LYS B 173 64.03 17.91 -13.87
CA LYS B 173 63.66 17.35 -12.55
C LYS B 173 62.49 18.14 -11.97
N PRO B 174 61.30 18.05 -12.55
CA PRO B 174 60.16 18.85 -12.06
C PRO B 174 59.65 18.48 -10.68
N CYS B 175 58.79 19.38 -10.17
CA CYS B 175 58.14 19.27 -8.87
C CYS B 175 56.64 19.08 -9.06
N VAL B 176 56.05 18.18 -8.27
CA VAL B 176 54.62 17.93 -8.30
C VAL B 176 54.17 17.70 -6.86
N ILE B 177 53.52 18.69 -6.25
CA ILE B 177 53.07 18.51 -4.87
C ILE B 177 51.72 17.81 -4.89
N ILE B 178 51.43 17.11 -3.79
CA ILE B 178 50.19 16.36 -3.66
C ILE B 178 49.38 16.99 -2.52
N LYS B 179 48.06 16.82 -2.60
CA LYS B 179 47.15 17.36 -1.60
C LYS B 179 46.06 16.35 -1.29
N LEU B 180 45.72 16.26 -0.01
CA LEU B 180 44.67 15.36 0.47
C LEU B 180 43.34 16.11 0.41
N ASN B 181 42.33 15.45 -0.17
CA ASN B 181 41.01 16.04 -0.30
C ASN B 181 40.43 16.45 1.04
N ARG B 182 40.17 17.75 1.18
CA ARG B 182 39.61 18.33 2.38
C ARG B 182 38.22 17.75 2.64
N VAL B 183 38.06 17.06 3.77
CA VAL B 183 36.80 16.45 4.15
C VAL B 183 36.42 16.92 5.55
N LEU B 184 35.14 17.27 5.73
CA LEU B 184 34.65 17.75 7.01
C LEU B 184 34.61 16.62 8.02
N GLY B 185 35.13 16.90 9.22
CA GLY B 185 35.16 15.94 10.31
C GLY B 185 36.01 14.70 10.10
N PHE B 186 36.74 14.63 8.99
CA PHE B 186 37.57 13.48 8.70
C PHE B 186 38.84 13.52 9.53
N LYS B 187 39.11 12.42 10.23
CA LYS B 187 40.31 12.28 11.06
C LYS B 187 41.20 11.25 10.41
N PRO B 188 42.29 11.64 9.74
CA PRO B 188 43.16 10.66 9.09
C PRO B 188 43.82 9.75 10.11
N LYS B 189 43.90 8.47 9.76
CA LYS B 189 44.50 7.46 10.63
C LYS B 189 45.61 6.75 9.87
N PRO B 190 46.87 7.07 10.15
CA PRO B 190 47.98 6.42 9.44
C PRO B 190 48.02 4.94 9.76
N PRO B 191 48.72 4.14 8.95
CA PRO B 191 48.77 2.70 9.23
C PRO B 191 49.49 2.42 10.54
N LYS B 192 49.17 1.25 11.11
CA LYS B 192 49.79 0.85 12.37
C LYS B 192 51.28 0.65 12.17
N ASN B 193 52.01 0.50 13.29
CA ASN B 193 53.46 0.29 13.18
C ASN B 193 53.74 -1.01 12.45
N GLU B 194 52.75 -1.92 12.41
CA GLU B 194 52.81 -3.17 11.68
C GLU B 194 52.46 -2.85 10.23
N SER B 195 53.42 -2.20 9.56
CA SER B 195 53.24 -1.78 8.17
C SER B 195 53.44 -2.96 7.24
N LEU B 196 52.40 -3.28 6.46
CA LEU B 196 52.41 -4.40 5.53
C LEU B 196 53.14 -4.04 4.24
N GLU B 197 54.48 -3.99 4.34
CA GLU B 197 55.36 -3.71 3.19
C GLU B 197 54.99 -2.39 2.50
N THR B 198 55.32 -1.26 3.15
CA THR B 198 54.91 0.03 2.61
C THR B 198 56.01 0.86 1.92
N TYR B 199 57.00 0.24 1.21
CA TYR B 199 58.00 1.02 0.47
C TYR B 199 58.78 2.02 1.35
N PRO B 200 60.06 1.69 1.74
CA PRO B 200 60.84 2.50 2.70
C PRO B 200 60.40 3.94 2.93
N VAL B 201 60.11 4.18 4.20
CA VAL B 201 59.58 5.43 4.70
C VAL B 201 60.16 5.67 6.09
N MET B 202 60.12 6.91 6.54
CA MET B 202 60.67 7.27 7.84
C MET B 202 59.85 6.63 8.97
N LYS B 203 60.46 6.60 10.15
CA LYS B 203 59.85 6.03 11.35
C LYS B 203 58.85 6.95 12.03
N TYR B 204 58.40 8.02 11.37
CA TYR B 204 57.42 8.92 12.01
C TYR B 204 56.00 8.46 11.69
N ASN B 205 55.78 7.15 11.89
CA ASN B 205 54.48 6.58 11.62
C ASN B 205 53.30 7.11 12.44
N PRO B 206 53.44 7.59 13.73
CA PRO B 206 52.21 8.01 14.43
C PRO B 206 51.59 9.37 14.13
N TYR B 207 52.33 10.41 13.76
CA TYR B 207 51.67 11.69 13.54
C TYR B 207 51.79 12.25 12.13
N VAL B 208 51.66 11.41 11.10
CA VAL B 208 51.71 11.88 9.72
C VAL B 208 51.11 10.80 8.83
N LEU B 209 50.33 11.24 7.85
CA LEU B 209 49.67 10.39 6.88
C LEU B 209 50.69 10.15 5.77
N PRO B 210 51.20 8.92 5.64
CA PRO B 210 52.21 8.63 4.61
C PRO B 210 51.63 8.60 3.20
N VAL B 211 52.47 9.01 2.25
CA VAL B 211 52.16 9.03 0.83
C VAL B 211 53.43 8.61 0.10
N HIS B 212 53.39 7.51 -0.64
CA HIS B 212 54.56 7.04 -1.36
C HIS B 212 54.26 6.91 -2.84
N CYS B 213 55.16 7.42 -3.67
CA CYS B 213 55.02 7.36 -5.11
C CYS B 213 55.86 6.21 -5.65
N THR B 214 55.49 5.74 -6.84
CA THR B 214 56.18 4.64 -7.49
C THR B 214 55.75 4.63 -8.94
N GLY B 215 56.32 3.71 -9.72
CA GLY B 215 55.94 3.60 -11.11
C GLY B 215 54.64 2.83 -11.21
N LYS B 216 54.40 2.24 -12.36
CA LYS B 216 53.19 1.46 -12.54
C LYS B 216 53.47 0.03 -13.00
N ARG B 217 54.56 -0.19 -13.72
CA ARG B 217 54.93 -1.52 -14.19
C ARG B 217 56.44 -1.64 -14.12
N ASP B 218 56.97 -2.75 -14.63
CA ASP B 218 58.41 -2.96 -14.61
C ASP B 218 59.16 -1.92 -15.43
N GLU B 219 58.50 -1.28 -16.39
CA GLU B 219 59.13 -0.28 -17.23
C GLU B 219 59.16 1.10 -16.55
N ASP B 220 58.00 1.55 -16.07
CA ASP B 220 57.92 2.86 -15.41
C ASP B 220 58.77 2.90 -14.14
N LYS B 221 58.77 1.82 -13.36
CA LYS B 221 59.55 1.79 -12.13
C LYS B 221 61.05 1.88 -12.42
N GLU B 222 61.49 1.44 -13.60
CA GLU B 222 62.89 1.48 -13.96
C GLU B 222 63.28 2.83 -14.55
N LYS B 223 62.40 3.43 -15.37
CA LYS B 223 62.71 4.72 -15.97
C LYS B 223 62.84 5.81 -14.92
N VAL B 224 61.99 5.80 -13.90
CA VAL B 224 62.01 6.78 -12.83
C VAL B 224 63.15 6.38 -11.88
N GLY B 225 64.26 7.10 -11.96
CA GLY B 225 65.43 6.80 -11.14
C GLY B 225 65.32 7.12 -9.66
N THR B 226 65.25 8.41 -9.32
CA THR B 226 65.19 8.83 -7.92
C THR B 226 64.11 9.88 -7.70
N MET B 227 63.42 9.77 -6.56
CA MET B 227 62.37 10.69 -6.16
C MET B 227 62.70 11.25 -4.78
N GLU B 228 62.48 12.54 -4.59
CA GLU B 228 62.74 13.23 -3.34
C GLU B 228 61.46 13.87 -2.83
N TYR B 229 61.04 13.50 -1.63
CA TYR B 229 59.82 14.00 -1.02
C TYR B 229 60.15 15.15 -0.06
N PHE B 230 59.19 16.05 0.11
CA PHE B 230 59.34 17.20 0.98
C PHE B 230 58.05 17.44 1.74
N GLY B 231 58.15 17.68 3.04
CA GLY B 231 56.99 17.92 3.86
C GLY B 231 57.33 18.70 5.11
N LEU B 232 56.39 18.67 6.07
CA LEU B 232 56.56 19.36 7.34
C LEU B 232 57.69 18.71 8.10
N GLY B 233 58.80 19.44 8.29
CA GLY B 233 59.93 18.89 8.99
C GLY B 233 60.69 17.83 8.24
N GLY B 234 60.34 17.56 6.99
CA GLY B 234 61.01 16.56 6.19
C GLY B 234 60.35 15.20 6.10
N TYR B 235 59.05 15.11 6.37
CA TYR B 235 58.35 13.83 6.31
C TYR B 235 57.45 13.77 5.09
N PRO B 236 57.46 12.66 4.35
CA PRO B 236 56.62 12.53 3.14
C PRO B 236 55.16 12.20 3.46
N GLY B 237 54.43 13.21 3.92
CA GLY B 237 53.04 13.00 4.25
C GLY B 237 52.36 14.26 4.74
N PHE B 238 51.22 14.07 5.38
CA PHE B 238 50.44 15.17 5.91
C PHE B 238 50.38 15.11 7.42
N PRO B 239 50.70 16.20 8.13
CA PRO B 239 50.67 16.16 9.60
C PRO B 239 49.25 16.11 10.15
N LEU B 240 49.08 15.33 11.22
CA LEU B 240 47.77 15.19 11.84
C LEU B 240 47.32 16.44 12.59
N GLN B 241 48.23 17.39 12.84
CA GLN B 241 47.87 18.61 13.56
C GLN B 241 46.99 19.54 12.75
N TYR B 242 46.74 19.25 11.48
CA TYR B 242 45.90 20.09 10.64
C TYR B 242 44.50 19.54 10.44
N TYR B 243 44.16 18.43 11.07
CA TYR B 243 42.85 17.80 10.93
C TYR B 243 42.15 17.69 12.28
N PRO B 244 40.81 17.60 12.28
CA PRO B 244 39.87 17.58 11.15
C PRO B 244 39.40 18.95 10.67
N TYR B 245 38.67 18.94 9.55
CA TYR B 245 38.13 20.15 8.95
C TYR B 245 36.77 20.46 9.57
N TYR B 246 36.50 21.75 9.81
CA TYR B 246 35.25 22.18 10.41
C TYR B 246 34.38 23.00 9.46
N GLY B 247 34.41 22.67 8.17
CA GLY B 247 33.61 23.39 7.20
C GLY B 247 34.12 24.76 6.83
N LYS B 248 33.68 25.25 5.67
CA LYS B 248 34.09 26.57 5.20
C LYS B 248 33.47 27.69 6.02
N LEU B 249 32.26 27.47 6.56
CA LEU B 249 31.60 28.49 7.35
C LEU B 249 32.34 28.77 8.66
N LEU B 250 32.77 27.72 9.35
CA LEU B 250 33.46 27.88 10.62
C LEU B 250 34.97 28.06 10.48
N GLN B 251 35.58 27.60 9.39
CA GLN B 251 37.02 27.73 9.19
C GLN B 251 37.34 28.29 7.81
N PRO B 252 37.07 29.57 7.57
CA PRO B 252 37.41 30.14 6.27
C PRO B 252 38.91 30.40 6.21
N LYS B 253 39.42 30.45 4.98
CA LYS B 253 40.85 30.66 4.72
C LYS B 253 41.70 29.56 5.35
N TYR B 254 41.16 28.33 5.33
CA TYR B 254 41.86 27.18 5.87
C TYR B 254 42.89 26.68 4.87
N LEU B 255 44.04 26.24 5.37
CA LEU B 255 45.13 25.75 4.53
C LEU B 255 45.41 24.29 4.85
N GLN B 256 44.95 23.40 3.97
CA GLN B 256 45.18 21.98 4.16
C GLN B 256 46.67 21.68 3.96
N PRO B 257 47.19 20.60 4.56
CA PRO B 257 48.61 20.30 4.42
C PRO B 257 48.97 19.98 2.97
N LEU B 258 50.23 20.24 2.64
CA LEU B 258 50.78 19.98 1.32
C LEU B 258 52.08 19.18 1.47
N MET B 259 52.45 18.48 0.41
CA MET B 259 53.66 17.66 0.40
C MET B 259 54.16 17.58 -1.03
N ALA B 260 55.38 18.05 -1.26
CA ALA B 260 55.94 18.06 -2.62
C ALA B 260 56.70 16.77 -2.92
N VAL B 261 56.78 16.48 -4.22
CA VAL B 261 57.48 15.29 -4.73
C VAL B 261 58.22 15.72 -5.98
N GLN B 262 59.54 15.52 -5.99
CA GLN B 262 60.38 15.88 -7.13
C GLN B 262 60.99 14.62 -7.72
N PHE B 263 60.99 14.53 -9.04
CA PHE B 263 61.53 13.38 -9.76
C PHE B 263 62.87 13.80 -10.35
N THR B 264 63.95 13.48 -9.62
CA THR B 264 65.29 13.88 -10.03
C THR B 264 65.79 13.09 -11.23
N ASN B 265 65.92 11.77 -11.11
CA ASN B 265 66.47 10.97 -12.20
C ASN B 265 65.37 10.44 -13.12
N LEU B 266 65.01 11.25 -14.10
CA LEU B 266 64.01 10.86 -15.09
C LEU B 266 64.68 10.63 -16.43
N THR B 267 64.03 9.83 -17.27
CA THR B 267 64.53 9.53 -18.60
C THR B 267 63.89 10.53 -19.55
N MET B 268 64.64 11.56 -19.93
CA MET B 268 64.12 12.60 -20.80
C MET B 268 63.66 12.02 -22.14
N ASP B 269 62.66 12.70 -22.72
CA ASP B 269 62.05 12.31 -24.01
C ASP B 269 61.37 10.94 -23.92
N THR B 270 60.74 10.65 -22.79
CA THR B 270 60.05 9.38 -22.58
C THR B 270 58.91 9.59 -21.60
N GLU B 271 57.70 9.20 -22.02
CA GLU B 271 56.53 9.34 -21.18
C GLU B 271 56.46 8.18 -20.19
N ILE B 272 56.56 8.49 -18.90
CA ILE B 272 56.55 7.48 -17.86
C ILE B 272 55.41 7.77 -16.88
N ARG B 273 54.79 6.70 -16.41
CA ARG B 273 53.65 6.76 -15.50
C ARG B 273 54.09 6.62 -14.05
N ILE B 274 53.53 7.47 -13.20
CA ILE B 274 53.79 7.51 -11.77
C ILE B 274 52.48 7.39 -11.02
N GLU B 275 52.46 6.57 -9.97
CA GLU B 275 51.31 6.34 -9.12
C GLU B 275 51.71 6.69 -7.69
N CYS B 276 51.14 7.77 -7.17
CA CYS B 276 51.41 8.22 -5.81
C CYS B 276 50.26 7.72 -4.96
N LYS B 277 50.52 6.68 -4.18
CA LYS B 277 49.52 6.04 -3.35
C LYS B 277 49.68 6.49 -1.89
N ALA B 278 48.59 7.02 -1.32
CA ALA B 278 48.55 7.46 0.06
C ALA B 278 48.11 6.28 0.90
N TYR B 279 48.84 5.99 1.97
CA TYR B 279 48.53 4.84 2.81
C TYR B 279 47.91 5.26 4.14
N GLY B 280 47.07 4.39 4.67
CA GLY B 280 46.39 4.62 5.92
C GLY B 280 45.17 3.73 6.03
N GLU B 281 44.65 3.65 7.25
CA GLU B 281 43.47 2.83 7.51
C GLU B 281 42.20 3.53 7.03
N ASN B 282 42.07 4.82 7.29
CA ASN B 282 40.92 5.61 6.86
C ASN B 282 41.04 6.10 5.43
N ILE B 283 41.99 5.55 4.67
CA ILE B 283 42.22 5.93 3.28
C ILE B 283 41.88 4.74 2.40
N GLY B 284 40.79 4.85 1.65
CA GLY B 284 40.36 3.80 0.76
C GLY B 284 40.85 3.99 -0.67
N TYR B 285 40.57 2.99 -1.49
CA TYR B 285 40.96 2.98 -2.90
C TYR B 285 39.75 2.58 -3.72
N SER B 286 39.91 2.60 -5.05
CA SER B 286 38.80 2.24 -5.94
C SER B 286 39.36 1.90 -7.31
N GLU B 287 38.93 0.75 -7.84
CA GLU B 287 39.39 0.34 -9.16
C GLU B 287 38.73 1.15 -10.27
N LYS B 288 37.67 1.88 -9.95
CA LYS B 288 36.96 2.73 -10.90
C LYS B 288 37.40 4.17 -10.84
N ASP B 289 37.76 4.65 -9.65
CA ASP B 289 38.22 6.02 -9.43
C ASP B 289 39.69 5.92 -9.08
N ARG B 290 40.55 6.21 -10.06
CA ARG B 290 41.99 6.16 -9.85
C ARG B 290 42.51 7.29 -8.97
N PHE B 291 41.61 8.14 -8.47
CA PHE B 291 41.98 9.25 -7.60
C PHE B 291 41.64 9.02 -6.14
N GLN B 292 40.72 8.10 -5.84
CA GLN B 292 40.36 7.79 -4.46
C GLN B 292 41.54 7.11 -3.78
N GLY B 293 42.22 7.82 -2.88
CA GLY B 293 43.36 7.27 -2.19
C GLY B 293 44.67 7.37 -2.96
N ARG B 294 44.70 6.83 -4.18
CA ARG B 294 45.88 6.87 -5.01
C ARG B 294 45.84 8.10 -5.92
N PHE B 295 46.81 8.20 -6.82
CA PHE B 295 46.92 9.34 -7.72
C PHE B 295 47.89 8.97 -8.85
N ASP B 296 47.53 9.28 -10.09
CA ASP B 296 48.35 8.96 -11.25
C ASP B 296 48.80 10.20 -12.00
N VAL B 297 49.92 10.06 -12.70
CA VAL B 297 50.51 11.16 -13.47
C VAL B 297 51.36 10.56 -14.59
N LYS B 298 51.43 11.26 -15.72
CA LYS B 298 52.21 10.83 -16.88
C LYS B 298 53.23 11.94 -17.19
N ILE B 299 54.43 11.80 -16.65
CA ILE B 299 55.46 12.81 -16.85
C ILE B 299 56.31 12.49 -18.07
N GLU B 300 56.65 13.53 -18.83
CA GLU B 300 57.47 13.39 -20.03
C GLU B 300 58.20 14.71 -20.26
N VAL B 301 59.46 14.77 -19.85
CA VAL B 301 60.28 15.97 -20.02
C VAL B 301 61.04 15.80 -21.33
N LYS B 302 60.39 16.16 -22.44
CA LYS B 302 60.98 16.05 -23.76
C LYS B 302 61.83 17.28 -24.06
N SER B 303 63.12 17.05 -24.32
CA SER B 303 64.03 18.15 -24.61
C SER B 303 64.08 18.47 -26.09
N ASP C 17 31.99 5.23 12.34
CA ASP C 17 32.20 6.45 11.57
C ASP C 17 30.99 6.83 10.72
N PRO C 18 30.68 8.13 10.65
CA PRO C 18 29.54 8.58 9.84
C PRO C 18 29.80 8.53 8.34
N PHE C 19 31.00 8.10 7.91
CA PHE C 19 31.35 8.02 6.51
C PHE C 19 31.05 6.65 5.92
N TYR C 20 30.04 5.99 6.45
CA TYR C 20 29.64 4.66 6.00
C TYR C 20 28.13 4.55 6.07
N TYR C 21 27.52 4.13 4.97
CA TYR C 21 26.09 3.95 4.87
C TYR C 21 25.83 2.47 4.63
N ASP C 22 24.98 1.88 5.46
CA ASP C 22 24.61 0.47 5.33
C ASP C 22 23.72 0.36 4.11
N TYR C 23 24.35 0.35 2.93
CA TYR C 23 23.61 0.28 1.69
C TYR C 23 22.96 -1.08 1.49
N GLU C 24 23.56 -2.14 2.02
CA GLU C 24 22.98 -3.48 1.83
C GLU C 24 21.62 -3.62 2.48
N THR C 25 21.39 -2.94 3.61
CA THR C 25 20.08 -3.03 4.27
C THR C 25 18.98 -2.45 3.39
N VAL C 26 19.19 -1.22 2.90
CA VAL C 26 18.18 -0.57 2.05
C VAL C 26 18.04 -1.30 0.72
N ARG C 27 19.15 -1.73 0.14
CA ARG C 27 19.10 -2.45 -1.14
C ARG C 27 18.32 -3.75 -1.01
N ASN C 28 18.63 -4.55 0.02
CA ASN C 28 17.92 -5.80 0.21
C ASN C 28 16.44 -5.54 0.48
N GLY C 29 16.14 -4.51 1.29
CA GLY C 29 14.74 -4.19 1.55
C GLY C 29 14.00 -3.78 0.29
N GLY C 30 14.63 -2.96 -0.54
CA GLY C 30 14.02 -2.54 -1.77
C GLY C 30 13.78 -3.71 -2.71
N LEU C 31 14.67 -4.71 -2.69
CA LEU C 31 14.45 -5.87 -3.54
C LEU C 31 13.27 -6.69 -3.04
N ILE C 32 13.15 -6.88 -1.72
CA ILE C 32 12.03 -7.64 -1.18
C ILE C 32 10.73 -6.93 -1.51
N PHE C 33 10.71 -5.60 -1.38
CA PHE C 33 9.51 -4.84 -1.71
C PHE C 33 9.21 -4.94 -3.20
N ALA C 34 10.25 -4.92 -4.04
CA ALA C 34 10.06 -5.03 -5.48
C ALA C 34 9.45 -6.38 -5.85
N ALA C 35 9.81 -7.43 -5.10
CA ALA C 35 9.24 -8.75 -5.36
C ALA C 35 7.80 -8.85 -4.87
N LEU C 36 7.53 -8.31 -3.68
CA LEU C 36 6.19 -8.35 -3.12
C LEU C 36 5.22 -7.54 -3.95
N ALA C 37 5.59 -6.31 -4.32
CA ALA C 37 4.72 -5.46 -5.12
C ALA C 37 4.43 -6.07 -6.48
N PHE C 38 5.37 -6.89 -7.00
CA PHE C 38 5.11 -7.54 -8.28
C PHE C 38 4.15 -8.71 -8.14
N ILE C 39 4.41 -9.60 -7.17
CA ILE C 39 3.53 -10.75 -7.00
C ILE C 39 2.14 -10.32 -6.55
N VAL C 40 2.01 -9.18 -5.84
CA VAL C 40 0.69 -8.71 -5.45
C VAL C 40 -0.09 -8.30 -6.69
N GLY C 41 0.57 -7.56 -7.61
CA GLY C 41 -0.12 -7.19 -8.84
C GLY C 41 -0.51 -8.41 -9.66
N LEU C 42 0.35 -9.45 -9.64
CA LEU C 42 0.03 -10.68 -10.36
C LEU C 42 -1.24 -11.30 -9.78
N ILE C 43 -1.34 -11.35 -8.45
CA ILE C 43 -2.54 -11.90 -7.83
C ILE C 43 -3.74 -11.01 -8.18
N ILE C 44 -3.50 -9.71 -8.38
CA ILE C 44 -4.56 -8.78 -8.73
C ILE C 44 -5.14 -9.11 -10.10
N ILE C 45 -4.27 -9.44 -11.06
CA ILE C 45 -4.76 -9.77 -12.40
C ILE C 45 -5.21 -11.22 -12.52
N LEU C 46 -5.25 -11.94 -11.40
CA LEU C 46 -5.74 -13.33 -11.37
C LEU C 46 -6.93 -13.34 -10.41
N SER C 47 -8.07 -12.87 -10.89
CA SER C 47 -9.28 -12.78 -10.06
C SER C 47 -9.87 -14.14 -9.70
N LYS C 48 -9.57 -15.18 -10.47
CA LYS C 48 -10.07 -16.54 -10.21
C LYS C 48 -11.59 -16.61 -10.08
N LYS D 21 0.64 -2.00 69.08
CA LYS D 21 1.80 -1.31 69.64
C LYS D 21 3.11 -1.93 69.12
N GLU D 22 3.23 -2.01 67.80
CA GLU D 22 4.44 -2.55 67.17
C GLU D 22 5.39 -1.45 66.72
N ARG D 23 4.93 -0.20 66.79
CA ARG D 23 5.78 0.94 66.42
C ARG D 23 7.02 0.99 67.29
N ASP D 24 6.85 0.80 68.60
CA ASP D 24 8.00 0.84 69.50
C ASP D 24 8.97 -0.30 69.20
N MET D 25 8.46 -1.46 68.78
CA MET D 25 9.36 -2.57 68.44
C MET D 25 10.21 -2.20 67.23
N ASP D 26 9.58 -1.63 66.20
CA ASP D 26 10.36 -1.25 65.03
C ASP D 26 11.35 -0.14 65.36
N GLU D 27 10.95 0.81 66.22
CA GLU D 27 11.87 1.88 66.60
C GLU D 27 13.04 1.34 67.42
N LEU D 28 12.77 0.37 68.31
CA LEU D 28 13.83 -0.23 69.09
C LEU D 28 14.73 -1.11 68.23
N LYS D 29 14.31 -1.40 67.00
CA LYS D 29 15.15 -2.16 66.09
C LYS D 29 15.95 -1.27 65.16
N LYS D 30 15.44 -0.07 64.86
CA LYS D 30 16.18 0.88 64.01
C LYS D 30 17.40 1.47 64.70
N GLU D 31 17.53 1.30 66.02
CA GLU D 31 18.64 1.85 66.77
C GLU D 31 19.86 0.93 66.70
N VAL D 32 21.05 1.52 66.83
CA VAL D 32 22.28 0.75 66.81
C VAL D 32 22.30 -0.14 68.05
N SER D 33 22.81 -1.35 67.90
CA SER D 33 22.81 -2.32 68.98
C SER D 33 23.82 -2.01 70.08
N MET D 34 23.46 -2.42 71.30
CA MET D 34 24.29 -2.28 72.49
C MET D 34 24.74 -3.68 72.92
N ASP D 35 25.72 -3.72 73.83
CA ASP D 35 26.23 -5.00 74.30
C ASP D 35 26.85 -4.87 75.68
N ASP D 36 27.36 -6.00 76.17
CA ASP D 36 28.04 -6.14 77.47
C ASP D 36 29.27 -7.00 77.30
N HIS D 37 29.87 -6.95 76.10
CA HIS D 37 31.04 -7.76 75.81
C HIS D 37 32.24 -7.35 76.65
N LYS D 38 32.39 -6.05 76.91
CA LYS D 38 33.51 -5.51 77.66
C LYS D 38 33.48 -5.90 79.13
N LEU D 39 33.69 -7.20 79.40
CA LEU D 39 33.69 -7.72 80.75
C LEU D 39 34.85 -8.69 80.92
N SER D 40 35.28 -8.86 82.17
CA SER D 40 36.35 -9.79 82.45
C SER D 40 35.80 -11.21 82.36
N LEU D 41 36.71 -12.18 82.23
CA LEU D 41 36.30 -13.57 82.10
C LEU D 41 35.55 -14.04 83.34
N ASP D 42 35.93 -13.56 84.53
CA ASP D 42 35.24 -13.98 85.75
C ASP D 42 33.87 -13.32 85.87
N GLU D 43 33.77 -12.03 85.54
CA GLU D 43 32.47 -11.37 85.62
C GLU D 43 31.50 -11.96 84.60
N LEU D 44 32.00 -12.28 83.40
CA LEU D 44 31.15 -12.92 82.38
C LEU D 44 30.74 -14.31 82.87
N HIS D 45 31.68 -15.03 83.49
CA HIS D 45 31.41 -16.35 84.05
C HIS D 45 30.35 -16.28 85.14
N ARG D 46 30.25 -15.14 85.82
CA ARG D 46 29.25 -14.98 86.87
C ARG D 46 27.89 -14.58 86.29
N LYS D 47 27.90 -13.74 85.25
CA LYS D 47 26.64 -13.31 84.65
C LYS D 47 25.92 -14.46 83.97
N TYR D 48 26.64 -15.25 83.17
CA TYR D 48 25.97 -16.36 82.49
C TYR D 48 25.98 -17.65 83.29
N GLY D 49 26.82 -17.76 84.31
CA GLY D 49 26.91 -18.95 85.13
C GLY D 49 27.27 -20.18 84.32
N THR D 50 28.51 -20.20 83.81
CA THR D 50 28.96 -21.31 82.99
C THR D 50 30.47 -21.49 83.14
N ASP D 51 30.91 -22.74 83.16
CA ASP D 51 32.33 -23.04 83.26
C ASP D 51 33.03 -22.61 81.98
N LEU D 52 34.17 -21.94 82.13
CA LEU D 52 34.89 -21.43 80.97
C LEU D 52 35.69 -22.49 80.21
N SER D 53 35.93 -23.64 80.82
CA SER D 53 36.67 -24.71 80.16
C SER D 53 35.87 -25.99 80.02
N ARG D 54 34.82 -26.17 80.83
CA ARG D 54 33.99 -27.35 80.77
C ARG D 54 32.60 -27.07 80.19
N GLY D 55 32.16 -25.81 80.19
CA GLY D 55 30.85 -25.48 79.65
C GLY D 55 29.75 -25.67 80.67
N LEU D 56 28.56 -26.01 80.19
CA LEU D 56 27.42 -26.22 81.05
C LEU D 56 26.93 -27.66 80.89
N THR D 57 26.02 -28.05 81.78
CA THR D 57 25.47 -29.40 81.74
C THR D 57 24.40 -29.50 80.67
N PRO D 58 24.29 -30.65 79.99
CA PRO D 58 23.25 -30.80 78.96
C PRO D 58 21.85 -30.59 79.49
N ALA D 59 21.64 -30.81 80.80
CA ALA D 59 20.33 -30.58 81.39
C ALA D 59 19.98 -29.10 81.30
N ARG D 60 20.93 -28.23 81.67
CA ARG D 60 20.72 -26.78 81.56
C ARG D 60 20.54 -26.37 80.10
N ALA D 61 21.24 -27.07 79.20
CA ALA D 61 21.14 -26.82 77.77
C ALA D 61 19.72 -27.01 77.29
N ALA D 62 19.19 -28.25 77.41
CA ALA D 62 17.81 -28.50 76.99
C ALA D 62 16.82 -27.64 77.79
N GLU D 63 17.20 -27.26 79.02
CA GLU D 63 16.35 -26.42 79.86
C GLU D 63 16.17 -25.03 79.24
N ILE D 64 17.21 -24.52 78.57
CA ILE D 64 17.10 -23.21 77.93
C ILE D 64 16.52 -23.36 76.51
N LEU D 65 16.89 -24.46 75.83
CA LEU D 65 16.39 -24.73 74.48
C LEU D 65 14.87 -24.83 74.47
N ALA D 66 14.29 -25.33 75.56
CA ALA D 66 12.84 -25.39 75.68
C ALA D 66 12.31 -24.24 76.52
N ARG D 67 13.11 -23.17 76.67
CA ARG D 67 12.75 -22.00 77.44
C ARG D 67 12.61 -20.73 76.62
N ASP D 68 13.48 -20.51 75.63
CA ASP D 68 13.36 -19.29 74.85
C ASP D 68 13.33 -19.47 73.33
N GLY D 69 13.34 -20.71 72.85
CA GLY D 69 13.30 -20.95 71.42
C GLY D 69 14.64 -21.36 70.88
N PRO D 70 14.63 -22.23 69.86
CA PRO D 70 15.88 -22.70 69.27
C PRO D 70 16.68 -21.57 68.62
N ASN D 71 17.98 -21.79 68.50
CA ASN D 71 18.88 -20.81 67.88
C ASN D 71 18.67 -20.85 66.37
N ALA D 72 17.63 -20.15 65.93
CA ALA D 72 17.31 -20.08 64.51
C ALA D 72 16.36 -18.93 64.28
N LEU D 73 16.58 -18.21 63.17
CA LEU D 73 15.73 -17.09 62.82
C LEU D 73 14.30 -17.59 62.62
N THR D 74 13.34 -16.91 63.27
CA THR D 74 11.95 -17.27 63.11
C THR D 74 11.62 -17.20 61.62
N PRO D 75 10.89 -18.17 61.07
CA PRO D 75 10.59 -18.17 59.63
C PRO D 75 9.94 -16.88 59.19
N PRO D 76 9.98 -16.57 57.89
CA PRO D 76 9.33 -15.37 57.40
C PRO D 76 7.83 -15.56 57.38
N PRO D 77 7.06 -14.48 57.29
CA PRO D 77 5.60 -14.63 57.23
C PRO D 77 5.23 -15.14 55.84
N THR D 78 4.74 -16.37 55.76
CA THR D 78 4.40 -16.96 54.48
C THR D 78 3.28 -16.18 53.79
N THR D 79 3.47 -15.95 52.49
CA THR D 79 2.53 -15.22 51.65
C THR D 79 1.88 -16.18 50.66
N PRO D 80 0.65 -16.65 50.92
CA PRO D 80 -0.02 -17.58 50.01
C PRO D 80 -0.16 -17.00 48.61
N GLU D 81 -0.24 -17.89 47.61
CA GLU D 81 -0.31 -17.44 46.22
C GLU D 81 -1.67 -16.88 45.83
N TRP D 82 -2.77 -17.26 46.48
CA TRP D 82 -4.05 -16.66 46.09
C TRP D 82 -4.15 -15.22 46.55
N VAL D 83 -3.40 -14.88 47.60
CA VAL D 83 -3.42 -13.52 48.13
C VAL D 83 -2.87 -12.55 47.10
N LYS D 84 -1.68 -12.84 46.54
CA LYS D 84 -1.14 -11.90 45.56
C LYS D 84 -1.92 -11.94 44.25
N PHE D 85 -2.73 -12.98 44.01
CA PHE D 85 -3.56 -12.98 42.81
C PHE D 85 -4.67 -11.95 42.98
N CYS D 86 -5.43 -12.08 44.07
CA CYS D 86 -6.44 -11.06 44.35
C CYS D 86 -5.78 -9.68 44.42
N ARG D 87 -4.51 -9.62 44.86
CA ARG D 87 -3.76 -8.36 44.90
C ARG D 87 -3.61 -7.79 43.50
N GLN D 88 -3.38 -8.66 42.51
CA GLN D 88 -3.24 -8.20 41.12
C GLN D 88 -4.58 -7.80 40.53
N LEU D 89 -5.68 -8.24 41.14
CA LEU D 89 -7.00 -7.88 40.61
C LEU D 89 -7.45 -6.50 41.06
N PHE D 90 -6.62 -5.75 41.79
CA PHE D 90 -6.93 -4.41 42.29
C PHE D 90 -5.81 -3.44 41.90
N GLY D 91 -5.66 -2.39 42.69
CA GLY D 91 -4.64 -1.40 42.45
C GLY D 91 -5.21 -0.09 41.96
N GLY D 92 -4.47 0.62 41.12
CA GLY D 92 -4.96 1.89 40.62
C GLY D 92 -5.72 1.80 39.31
N PHE D 93 -5.09 1.19 38.31
CA PHE D 93 -5.73 1.07 37.01
C PHE D 93 -6.91 0.10 37.04
N SER D 94 -6.75 -1.03 37.74
CA SER D 94 -7.82 -2.03 37.78
C SER D 94 -9.04 -1.53 38.54
N MET D 95 -8.83 -0.80 39.64
CA MET D 95 -9.96 -0.30 40.42
C MET D 95 -10.84 0.63 39.59
N LEU D 96 -10.24 1.39 38.68
CA LEU D 96 -11.02 2.29 37.83
C LEU D 96 -11.95 1.47 36.94
N LEU D 97 -11.40 0.42 36.30
CA LEU D 97 -12.29 -0.42 35.49
C LEU D 97 -13.33 -1.12 36.34
N TRP D 98 -13.06 -1.30 37.63
CA TRP D 98 -14.05 -1.92 38.50
C TRP D 98 -15.21 -0.97 38.76
N ILE D 99 -14.90 0.30 39.06
CA ILE D 99 -15.98 1.26 39.27
C ILE D 99 -16.75 1.44 37.97
N GLY D 100 -16.06 1.29 36.82
CA GLY D 100 -16.74 1.42 35.54
C GLY D 100 -17.68 0.26 35.28
N ALA D 101 -17.24 -0.97 35.59
CA ALA D 101 -18.10 -2.13 35.39
C ALA D 101 -19.29 -2.08 36.34
N ILE D 102 -19.06 -1.67 37.59
CA ILE D 102 -20.16 -1.56 38.54
C ILE D 102 -21.14 -0.51 38.05
N LEU D 103 -20.62 0.57 37.44
CA LEU D 103 -21.51 1.58 36.87
C LEU D 103 -22.26 1.02 35.67
N CYS D 104 -21.65 0.05 34.96
CA CYS D 104 -22.35 -0.54 33.82
C CYS D 104 -23.54 -1.34 34.32
N PHE D 105 -23.35 -2.14 35.36
CA PHE D 105 -24.47 -2.90 35.89
C PHE D 105 -25.48 -1.99 36.59
N LEU D 106 -25.02 -0.84 37.11
CA LEU D 106 -25.93 0.10 37.76
C LEU D 106 -26.80 0.79 36.70
N ALA D 107 -26.18 1.25 35.62
CA ALA D 107 -26.92 1.87 34.54
C ALA D 107 -27.87 0.86 33.92
N TYR D 108 -27.43 -0.40 33.81
CA TYR D 108 -28.30 -1.43 33.27
C TYR D 108 -29.46 -1.70 34.21
N GLY D 109 -29.25 -1.57 35.53
CA GLY D 109 -30.35 -1.77 36.45
C GLY D 109 -31.37 -0.66 36.28
N ILE D 110 -30.89 0.57 36.05
CA ILE D 110 -31.80 1.70 35.83
C ILE D 110 -32.51 1.54 34.49
N GLN D 111 -31.85 0.92 33.51
CA GLN D 111 -32.42 0.74 32.17
C GLN D 111 -33.33 -0.47 32.05
N ALA D 112 -33.12 -1.51 32.85
CA ALA D 112 -33.91 -2.73 32.75
C ALA D 112 -35.32 -2.53 33.28
N ALA D 113 -35.43 -2.17 34.56
CA ALA D 113 -36.73 -1.99 35.19
C ALA D 113 -37.54 -0.84 34.61
N THR D 114 -36.93 0.10 33.91
CA THR D 114 -37.67 1.25 33.41
C THR D 114 -38.17 1.19 31.97
N GLU D 115 -37.50 0.51 31.04
CA GLU D 115 -38.00 0.50 29.68
C GLU D 115 -38.34 -0.89 29.18
N GLU D 116 -39.14 -0.94 28.11
CA GLU D 116 -39.53 -2.20 27.49
C GLU D 116 -38.37 -2.72 26.66
N GLU D 117 -38.32 -4.07 26.52
CA GLU D 117 -37.30 -4.84 25.78
C GLU D 117 -35.98 -4.09 25.80
N PRO D 118 -35.39 -3.88 26.99
CA PRO D 118 -34.15 -3.10 27.10
C PRO D 118 -33.00 -3.65 26.28
N GLN D 119 -32.15 -2.73 25.83
CA GLN D 119 -30.99 -3.05 25.03
C GLN D 119 -29.95 -3.71 25.93
N ASN D 120 -29.47 -4.91 25.55
CA ASN D 120 -28.46 -5.63 26.34
C ASN D 120 -27.07 -5.06 26.15
N ASP D 121 -26.97 -3.75 26.00
CA ASP D 121 -25.70 -3.11 25.72
C ASP D 121 -24.81 -2.83 26.91
N ASN D 122 -25.31 -2.05 27.87
CA ASN D 122 -24.51 -1.74 29.04
C ASN D 122 -24.03 -3.01 29.72
N LEU D 123 -24.92 -4.02 29.84
CA LEU D 123 -24.51 -5.28 30.45
C LEU D 123 -23.49 -6.02 29.58
N TYR D 124 -23.71 -6.02 28.24
CA TYR D 124 -22.76 -6.65 27.34
C TYR D 124 -21.35 -6.07 27.54
N LEU D 125 -21.28 -4.78 27.87
CA LEU D 125 -20.01 -4.11 28.10
C LEU D 125 -19.46 -4.35 29.50
N GLY D 126 -20.35 -4.41 30.50
CA GLY D 126 -19.91 -4.62 31.87
C GLY D 126 -19.18 -5.94 32.06
N VAL D 127 -19.74 -7.01 31.49
CA VAL D 127 -19.07 -8.31 31.61
C VAL D 127 -17.70 -8.27 30.93
N VAL D 128 -17.59 -7.51 29.83
CA VAL D 128 -16.34 -7.40 29.10
C VAL D 128 -15.30 -6.67 29.95
N LEU D 129 -15.70 -5.57 30.60
CA LEU D 129 -14.77 -4.84 31.47
C LEU D 129 -14.26 -5.76 32.57
N SER D 130 -15.18 -6.55 33.15
CA SER D 130 -14.78 -7.49 34.19
C SER D 130 -13.74 -8.48 33.66
N ALA D 131 -14.00 -9.04 32.46
CA ALA D 131 -13.05 -9.98 31.87
C ALA D 131 -11.71 -9.31 31.56
N VAL D 132 -11.73 -8.01 31.24
CA VAL D 132 -10.47 -7.32 30.96
C VAL D 132 -9.62 -7.29 32.22
N VAL D 133 -10.23 -6.90 33.34
CA VAL D 133 -9.47 -6.87 34.60
C VAL D 133 -9.02 -8.26 35.00
N ILE D 134 -9.88 -9.26 34.85
CA ILE D 134 -9.54 -10.62 35.27
C ILE D 134 -8.40 -11.19 34.42
N ILE D 135 -8.49 -11.06 33.09
CA ILE D 135 -7.45 -11.60 32.22
C ILE D 135 -6.13 -10.85 32.43
N THR D 136 -6.17 -9.53 32.57
CA THR D 136 -4.93 -8.80 32.83
C THR D 136 -4.34 -9.24 34.16
N GLY D 137 -5.20 -9.50 35.15
CA GLY D 137 -4.71 -9.97 36.43
C GLY D 137 -4.04 -11.32 36.30
N CYS D 138 -4.62 -12.21 35.48
CA CYS D 138 -4.02 -13.53 35.28
C CYS D 138 -2.65 -13.42 34.61
N PHE D 139 -2.54 -12.57 33.59
CA PHE D 139 -1.26 -12.42 32.89
C PHE D 139 -0.19 -11.81 33.80
N SER D 140 -0.52 -10.70 34.46
CA SER D 140 0.44 -10.03 35.34
C SER D 140 0.82 -10.94 36.51
N TYR D 141 -0.15 -11.70 37.01
CA TYR D 141 0.11 -12.62 38.11
C TYR D 141 1.04 -13.73 37.66
N TYR D 142 0.80 -14.28 36.47
CA TYR D 142 1.67 -15.33 35.94
C TYR D 142 3.08 -14.82 35.74
N GLN D 143 3.23 -13.53 35.38
CA GLN D 143 4.56 -12.98 35.18
C GLN D 143 5.31 -12.80 36.51
N GLU D 144 4.70 -12.11 37.48
CA GLU D 144 5.36 -11.93 38.77
C GLU D 144 5.58 -13.26 39.48
N ALA D 145 4.63 -14.19 39.33
CA ALA D 145 4.79 -15.50 39.95
C ALA D 145 5.90 -16.27 39.27
N LYS D 146 6.11 -16.09 37.95
CA LYS D 146 7.20 -16.77 37.28
C LYS D 146 8.54 -16.22 37.77
N SER D 147 8.57 -14.90 38.02
CA SER D 147 9.79 -14.28 38.55
C SER D 147 10.12 -14.84 39.92
N SER D 148 9.11 -15.19 40.72
CA SER D 148 9.38 -15.78 42.03
C SER D 148 9.67 -17.29 41.91
N LYS D 149 9.11 -17.92 40.89
CA LYS D 149 9.32 -19.34 40.63
C LYS D 149 10.79 -19.60 40.35
N ILE D 150 11.43 -18.71 39.60
CA ILE D 150 12.85 -18.93 39.33
C ILE D 150 13.69 -18.55 40.55
N MET D 151 13.11 -17.83 41.51
CA MET D 151 13.85 -17.47 42.72
C MET D 151 13.89 -18.64 43.69
N GLU D 152 12.86 -19.49 43.68
CA GLU D 152 12.91 -20.65 44.57
C GLU D 152 13.96 -21.67 44.16
N SER D 153 14.54 -21.54 42.97
CA SER D 153 15.57 -22.45 42.47
C SER D 153 16.99 -22.00 42.83
N PHE D 154 17.13 -20.96 43.65
CA PHE D 154 18.43 -20.46 44.06
C PHE D 154 18.74 -20.69 45.53
N LYS D 155 17.81 -21.29 46.28
CA LYS D 155 17.96 -21.56 47.71
C LYS D 155 18.51 -22.96 47.98
N ASN D 156 19.63 -23.04 48.70
CA ASN D 156 20.26 -24.32 49.07
C ASN D 156 20.58 -24.31 50.57
N MET D 157 19.58 -24.62 51.39
CA MET D 157 19.74 -24.64 52.85
C MET D 157 20.30 -25.99 53.29
N VAL D 158 21.60 -26.03 53.58
CA VAL D 158 22.27 -27.23 54.04
C VAL D 158 22.34 -27.16 55.56
N PRO D 159 21.58 -27.98 56.30
CA PRO D 159 21.64 -27.91 57.78
C PRO D 159 23.03 -28.21 58.30
N GLN D 160 23.67 -27.19 58.87
CA GLN D 160 25.02 -27.32 59.39
C GLN D 160 24.98 -27.59 60.89
N GLN D 161 26.09 -28.13 61.39
CA GLN D 161 26.22 -28.51 62.79
C GLN D 161 27.19 -27.59 63.52
N ALA D 162 26.98 -27.49 64.83
CA ALA D 162 27.80 -26.66 65.70
C ALA D 162 28.61 -27.50 66.68
N LEU D 163 29.75 -26.96 67.09
CA LEU D 163 30.69 -27.60 68.02
C LEU D 163 30.58 -26.92 69.38
N VAL D 164 29.85 -27.54 70.28
CA VAL D 164 29.62 -27.03 71.62
C VAL D 164 30.32 -27.93 72.63
N ILE D 165 30.97 -27.31 73.62
CA ILE D 165 31.65 -28.03 74.69
C ILE D 165 30.71 -28.01 75.88
N ARG D 166 30.26 -29.19 76.29
CA ARG D 166 29.34 -29.30 77.41
C ARG D 166 29.75 -30.44 78.33
N ASN D 167 29.66 -30.19 79.64
CA ASN D 167 30.03 -31.13 80.69
C ASN D 167 31.47 -31.61 80.56
N GLY D 168 32.30 -30.84 79.88
CA GLY D 168 33.68 -31.19 79.68
C GLY D 168 33.95 -32.04 78.47
N GLU D 169 33.00 -32.15 77.54
CA GLU D 169 33.15 -32.95 76.34
C GLU D 169 32.71 -32.16 75.12
N LYS D 170 33.53 -32.20 74.07
CA LYS D 170 33.22 -31.51 72.82
C LYS D 170 32.24 -32.36 72.04
N MET D 171 31.18 -31.73 71.53
CA MET D 171 30.17 -32.47 70.79
C MET D 171 29.63 -31.63 69.64
N SER D 172 29.20 -32.31 68.58
CA SER D 172 28.65 -31.69 67.39
C SER D 172 27.15 -31.94 67.36
N ILE D 173 26.38 -30.89 67.61
CA ILE D 173 24.93 -30.91 67.64
C ILE D 173 24.43 -30.09 66.46
N ASN D 174 23.13 -29.85 66.40
CA ASN D 174 22.57 -29.03 65.33
C ASN D 174 22.58 -27.58 65.77
N ALA D 175 22.76 -26.68 64.80
CA ALA D 175 22.84 -25.24 65.10
C ALA D 175 21.59 -24.73 65.81
N GLU D 176 20.44 -25.36 65.59
CA GLU D 176 19.23 -24.93 66.27
C GLU D 176 19.18 -25.41 67.72
N GLU D 177 19.99 -26.41 68.07
CA GLU D 177 20.03 -26.96 69.41
C GLU D 177 20.99 -26.22 70.34
N VAL D 178 21.55 -25.09 69.90
CA VAL D 178 22.48 -24.31 70.70
C VAL D 178 21.69 -23.35 71.56
N VAL D 179 22.15 -23.14 72.78
CA VAL D 179 21.48 -22.28 73.76
C VAL D 179 22.33 -21.07 74.07
N VAL D 180 21.94 -20.31 75.10
CA VAL D 180 22.65 -19.10 75.51
C VAL D 180 23.66 -19.43 76.60
N GLY D 181 24.82 -18.79 76.51
CA GLY D 181 25.87 -18.94 77.50
C GLY D 181 26.57 -20.29 77.61
N ASP D 182 26.87 -20.93 76.49
CA ASP D 182 27.57 -22.21 76.49
C ASP D 182 28.84 -22.09 75.66
N LEU D 183 29.87 -22.82 76.10
CA LEU D 183 31.15 -22.79 75.42
C LEU D 183 31.04 -23.42 74.03
N VAL D 184 31.68 -22.78 73.06
CA VAL D 184 31.68 -23.21 71.67
C VAL D 184 33.07 -23.03 71.10
N GLU D 185 33.52 -24.01 70.31
CA GLU D 185 34.81 -23.99 69.65
C GLU D 185 34.58 -24.03 68.14
N VAL D 186 35.45 -23.37 67.38
CA VAL D 186 35.31 -23.36 65.93
C VAL D 186 36.62 -23.79 65.29
N LYS D 187 36.48 -24.47 64.14
CA LYS D 187 37.62 -24.95 63.36
C LYS D 187 37.72 -24.11 62.10
N GLY D 188 38.94 -23.94 61.59
CA GLY D 188 39.10 -23.15 60.39
C GLY D 188 38.34 -23.75 59.22
N GLY D 189 37.18 -23.14 58.93
CA GLY D 189 36.32 -23.60 57.86
C GLY D 189 34.87 -23.66 58.29
N ASP D 190 34.64 -23.70 59.60
CA ASP D 190 33.30 -23.77 60.15
C ASP D 190 32.61 -22.42 60.11
N ARG D 191 31.28 -22.46 60.22
CA ARG D 191 30.45 -21.26 60.24
C ARG D 191 30.07 -20.98 61.69
N ILE D 192 30.28 -19.74 62.12
CA ILE D 192 29.95 -19.33 63.49
C ILE D 192 28.45 -19.52 63.70
N PRO D 193 28.02 -20.37 64.65
CA PRO D 193 26.57 -20.59 64.82
C PRO D 193 25.77 -19.39 65.28
N ALA D 194 25.90 -19.05 66.57
CA ALA D 194 25.20 -17.92 67.15
C ALA D 194 26.24 -16.85 67.43
N ASP D 195 25.82 -15.76 68.06
CA ASP D 195 26.75 -14.70 68.39
C ASP D 195 27.50 -15.09 69.66
N LEU D 196 28.82 -15.25 69.54
CA LEU D 196 29.66 -15.66 70.64
C LEU D 196 30.42 -14.48 71.24
N ARG D 197 31.15 -14.78 72.31
CA ARG D 197 32.01 -13.86 73.03
C ARG D 197 33.34 -14.60 73.09
N ILE D 198 34.30 -14.17 72.28
CA ILE D 198 35.60 -14.82 72.19
C ILE D 198 36.27 -14.81 73.55
N ILE D 199 36.57 -15.99 74.07
CA ILE D 199 37.25 -16.13 75.36
C ILE D 199 38.61 -16.75 75.22
N SER D 200 38.94 -17.36 74.08
CA SER D 200 40.23 -17.98 73.85
C SER D 200 40.42 -18.11 72.35
N ALA D 201 41.31 -17.29 71.78
CA ALA D 201 41.58 -17.31 70.35
C ALA D 201 42.96 -17.90 70.07
N ASN D 202 43.15 -18.34 68.83
CA ASN D 202 44.43 -18.88 68.40
C ASN D 202 44.48 -18.74 66.88
N GLY D 203 45.11 -17.66 66.42
CA GLY D 203 45.18 -17.40 64.99
C GLY D 203 43.82 -17.33 64.35
N CYS D 204 42.81 -16.88 65.10
CA CYS D 204 41.45 -16.83 64.61
C CYS D 204 41.19 -15.65 63.71
N LYS D 205 40.77 -15.94 62.48
CA LYS D 205 40.42 -14.94 61.49
C LYS D 205 39.03 -15.27 60.98
N VAL D 206 38.07 -14.41 61.29
CA VAL D 206 36.69 -14.59 60.89
C VAL D 206 36.39 -13.65 59.73
N ASP D 207 35.28 -13.92 59.04
CA ASP D 207 34.83 -13.14 57.89
C ASP D 207 33.50 -12.45 58.18
N ASN D 208 33.59 -11.19 58.63
CA ASN D 208 32.42 -10.37 58.91
C ASN D 208 32.01 -9.58 57.68
N SER D 209 32.26 -10.13 56.50
CA SER D 209 31.96 -9.44 55.24
C SER D 209 30.48 -9.26 55.01
N SER D 210 29.71 -10.35 55.06
CA SER D 210 28.28 -10.23 54.81
C SER D 210 27.55 -9.47 55.92
N LEU D 211 28.13 -9.38 57.13
CA LEU D 211 27.41 -8.66 58.18
C LEU D 211 27.79 -7.18 58.33
N THR D 212 28.92 -6.88 58.98
CA THR D 212 29.28 -5.47 59.15
C THR D 212 29.84 -4.85 57.89
N GLY D 213 30.31 -5.68 56.95
CA GLY D 213 30.89 -5.18 55.73
C GLY D 213 32.40 -5.12 55.71
N GLU D 214 33.07 -5.67 56.71
CA GLU D 214 34.52 -5.67 56.75
C GLU D 214 35.05 -6.61 55.68
N SER D 215 35.84 -6.07 54.74
CA SER D 215 36.34 -6.86 53.61
C SER D 215 37.43 -7.85 53.98
N GLU D 216 38.60 -7.35 54.40
CA GLU D 216 39.71 -8.24 54.73
C GLU D 216 39.33 -9.11 55.91
N PRO D 217 39.81 -10.39 55.94
CA PRO D 217 39.44 -11.29 57.04
C PRO D 217 39.85 -10.72 58.39
N GLN D 218 38.85 -10.29 59.16
CA GLN D 218 39.10 -9.68 60.45
C GLN D 218 39.48 -10.70 61.50
N THR D 219 40.54 -10.42 62.25
CA THR D 219 40.95 -11.35 63.29
C THR D 219 40.06 -11.17 64.52
N ARG D 220 40.05 -12.19 65.37
CA ARG D 220 39.26 -12.17 66.60
C ARG D 220 40.18 -12.48 67.77
N SER D 221 40.26 -11.54 68.72
CA SER D 221 41.07 -11.65 69.91
C SER D 221 40.17 -11.63 71.14
N PRO D 222 40.51 -12.40 72.19
CA PRO D 222 39.65 -12.40 73.39
C PRO D 222 39.63 -11.08 74.14
N ASP D 223 40.62 -10.22 73.96
CA ASP D 223 40.68 -8.95 74.66
C ASP D 223 39.71 -7.93 74.08
N PHE D 224 39.23 -7.05 74.96
CA PHE D 224 38.32 -5.98 74.56
C PHE D 224 39.14 -4.94 73.82
N THR D 225 38.81 -4.71 72.55
CA THR D 225 39.56 -3.77 71.71
C THR D 225 38.84 -2.45 71.45
N ASN D 226 37.56 -2.47 71.10
CA ASN D 226 36.84 -1.24 70.81
C ASN D 226 35.48 -1.27 71.50
N GLU D 227 35.05 -0.08 71.95
CA GLU D 227 33.76 0.05 72.63
C GLU D 227 32.59 -0.40 71.77
N ASN D 228 32.72 -0.28 70.46
CA ASN D 228 31.65 -0.69 69.56
C ASN D 228 31.60 -2.21 69.49
N PRO D 229 30.43 -2.83 69.69
CA PRO D 229 30.36 -4.30 69.66
C PRO D 229 30.65 -4.91 68.30
N LEU D 230 30.61 -4.13 67.22
CA LEU D 230 30.88 -4.69 65.90
C LEU D 230 32.38 -4.65 65.56
N GLU D 231 33.01 -3.49 65.77
CA GLU D 231 34.43 -3.35 65.47
C GLU D 231 35.32 -4.15 66.40
N THR D 232 34.86 -4.45 67.61
CA THR D 232 35.69 -5.18 68.56
C THR D 232 36.01 -6.59 68.05
N ARG D 233 37.01 -7.21 68.67
CA ARG D 233 37.50 -8.52 68.28
C ARG D 233 37.10 -9.67 69.20
N ASN D 234 36.47 -9.39 70.34
CA ASN D 234 36.07 -10.45 71.25
C ASN D 234 34.65 -10.93 71.02
N ILE D 235 34.06 -10.65 69.87
CA ILE D 235 32.70 -11.05 69.57
C ILE D 235 32.66 -11.77 68.23
N ALA D 236 32.15 -13.00 68.24
CA ALA D 236 31.94 -13.77 67.02
C ALA D 236 30.53 -13.43 66.57
N PHE D 237 30.29 -13.45 65.26
CA PHE D 237 28.99 -13.05 64.75
C PHE D 237 28.25 -14.15 64.01
N PHE D 238 26.93 -13.99 63.97
CA PHE D 238 26.06 -14.93 63.29
C PHE D 238 26.27 -14.88 61.78
N SER D 239 26.17 -16.04 61.14
CA SER D 239 26.32 -16.24 59.70
C SER D 239 27.73 -15.91 59.20
N THR D 240 28.65 -15.60 60.11
CA THR D 240 30.02 -15.31 59.69
C THR D 240 30.79 -16.62 59.67
N ASN D 241 31.82 -16.67 58.82
CA ASN D 241 32.63 -17.87 58.66
C ASN D 241 34.05 -17.68 59.16
N CYS D 242 34.54 -18.68 59.88
CA CYS D 242 35.90 -18.67 60.40
C CYS D 242 36.83 -19.07 59.26
N VAL D 243 37.69 -18.15 58.83
CA VAL D 243 38.58 -18.42 57.71
C VAL D 243 39.72 -19.34 58.12
N GLU D 244 40.40 -19.03 59.22
CA GLU D 244 41.53 -19.84 59.66
C GLU D 244 41.75 -19.67 61.15
N GLY D 245 42.31 -20.72 61.76
CA GLY D 245 42.57 -20.71 63.19
C GLY D 245 41.43 -21.30 63.99
N THR D 246 41.66 -21.42 65.29
CA THR D 246 40.66 -21.95 66.22
C THR D 246 40.37 -20.93 67.30
N ALA D 247 39.17 -21.01 67.86
CA ALA D 247 38.78 -20.07 68.90
C ALA D 247 37.64 -20.63 69.73
N ARG D 248 37.61 -20.21 70.99
CA ARG D 248 36.61 -20.58 71.97
C ARG D 248 35.77 -19.35 72.31
N GLY D 249 34.55 -19.58 72.76
CA GLY D 249 33.68 -18.45 73.09
C GLY D 249 32.45 -18.90 73.83
N ILE D 250 31.71 -17.91 74.34
CA ILE D 250 30.48 -18.13 75.07
C ILE D 250 29.32 -17.52 74.28
N VAL D 251 28.26 -18.30 74.06
CA VAL D 251 27.12 -17.82 73.28
C VAL D 251 26.36 -16.74 74.03
N VAL D 252 26.55 -15.48 73.63
CA VAL D 252 25.88 -14.37 74.28
C VAL D 252 24.47 -14.18 73.74
N TYR D 253 24.32 -14.17 72.41
CA TYR D 253 23.03 -13.95 71.78
C TYR D 253 22.63 -15.17 70.94
N THR D 254 21.34 -15.47 70.96
CA THR D 254 20.78 -16.61 70.25
C THR D 254 19.51 -16.20 69.51
N GLY D 255 19.15 -17.03 68.52
CA GLY D 255 17.93 -16.81 67.74
C GLY D 255 17.89 -15.48 67.02
N ASP D 256 16.74 -14.81 67.15
CA ASP D 256 16.52 -13.53 66.51
C ASP D 256 17.23 -12.39 67.23
N ARG D 257 17.55 -12.57 68.51
CA ARG D 257 18.24 -11.56 69.30
C ARG D 257 19.69 -11.38 68.88
N THR D 258 20.13 -12.07 67.83
CA THR D 258 21.50 -11.97 67.36
C THR D 258 21.69 -10.65 66.62
N VAL D 259 22.91 -10.47 66.09
CA VAL D 259 23.21 -9.25 65.35
C VAL D 259 22.44 -9.24 64.04
N MET D 260 22.68 -10.25 63.19
CA MET D 260 21.96 -10.32 61.91
C MET D 260 20.48 -10.65 62.09
N GLY D 261 20.07 -11.12 63.28
CA GLY D 261 18.66 -11.42 63.51
C GLY D 261 17.87 -10.14 63.65
N ARG D 262 18.42 -9.19 64.40
CA ARG D 262 17.79 -7.88 64.57
C ARG D 262 17.79 -7.10 63.26
N ILE D 263 18.49 -7.59 62.24
CA ILE D 263 18.53 -6.98 60.93
C ILE D 263 17.53 -7.64 59.99
N ALA D 264 17.46 -8.98 60.03
CA ALA D 264 16.51 -9.71 59.21
C ALA D 264 15.08 -9.40 59.62
N THR D 265 14.81 -9.43 60.94
CA THR D 265 13.46 -9.11 61.41
C THR D 265 13.14 -7.65 61.14
N LEU D 266 14.17 -6.80 61.06
CA LEU D 266 13.96 -5.39 60.75
C LEU D 266 13.57 -5.23 59.29
N ALA D 267 14.22 -6.00 58.40
CA ALA D 267 13.90 -5.93 56.99
C ALA D 267 12.50 -6.49 56.71
N SER D 268 12.12 -7.55 57.43
CA SER D 268 10.80 -8.12 57.21
C SER D 268 9.68 -7.20 57.69
N GLY D 269 9.99 -6.27 58.60
CA GLY D 269 9.00 -5.35 59.13
C GLY D 269 9.05 -3.94 58.60
N LEU D 270 9.74 -3.70 57.49
CA LEU D 270 9.83 -2.36 56.91
C LEU D 270 8.78 -2.19 55.82
N GLU D 271 8.60 -0.94 55.40
CA GLU D 271 7.63 -0.60 54.37
C GLU D 271 8.28 -0.68 52.98
N GLY D 272 7.44 -0.97 51.99
CA GLY D 272 7.91 -1.08 50.62
C GLY D 272 7.85 0.26 49.90
N GLY D 273 6.84 1.06 50.22
CA GLY D 273 6.68 2.37 49.62
C GLY D 273 5.76 2.35 48.41
N GLN D 274 5.93 3.37 47.56
CA GLN D 274 5.16 3.51 46.34
C GLN D 274 6.11 3.76 45.18
N THR D 275 6.12 2.85 44.20
CA THR D 275 6.98 2.97 43.04
C THR D 275 6.62 4.23 42.26
N PRO D 276 7.60 4.87 41.60
CA PRO D 276 7.30 6.10 40.85
C PRO D 276 6.28 5.91 39.74
N ILE D 277 6.38 4.78 39.02
CA ILE D 277 5.45 4.50 37.95
C ILE D 277 4.03 4.37 38.50
N ALA D 278 3.90 3.78 39.70
CA ALA D 278 2.59 3.66 40.29
C ALA D 278 2.02 5.04 40.63
N ALA D 279 2.89 5.95 41.06
CA ALA D 279 2.45 7.31 41.36
C ALA D 279 1.98 8.01 40.09
N GLU D 280 2.70 7.78 38.98
CA GLU D 280 2.28 8.38 37.72
C GLU D 280 0.95 7.79 37.27
N ILE D 281 0.73 6.49 37.53
CA ILE D 281 -0.54 5.87 37.17
C ILE D 281 -1.66 6.45 38.01
N GLU D 282 -1.41 6.67 39.30
CA GLU D 282 -2.41 7.26 40.18
C GLU D 282 -2.79 8.65 39.71
N HIS D 283 -1.79 9.49 39.44
CA HIS D 283 -2.06 10.85 38.95
C HIS D 283 -2.76 10.80 37.59
N PHE D 284 -2.43 9.80 36.77
CA PHE D 284 -3.07 9.64 35.47
C PHE D 284 -4.56 9.36 35.64
N ILE D 285 -4.89 8.44 36.57
CA ILE D 285 -6.30 8.13 36.82
C ILE D 285 -7.01 9.37 37.36
N HIS D 286 -6.28 10.18 38.14
CA HIS D 286 -6.88 11.40 38.67
C HIS D 286 -7.31 12.31 37.53
N ILE D 287 -6.44 12.49 36.53
CA ILE D 287 -6.77 13.36 35.39
C ILE D 287 -7.93 12.77 34.58
N ILE D 288 -7.87 11.46 34.32
CA ILE D 288 -8.90 10.78 33.53
C ILE D 288 -10.26 10.94 34.18
N THR D 289 -10.38 10.55 35.45
CA THR D 289 -11.67 10.66 36.13
C THR D 289 -12.06 12.12 36.36
N GLY D 290 -11.09 13.04 36.45
CA GLY D 290 -11.44 14.43 36.63
C GLY D 290 -12.19 14.95 35.43
N VAL D 291 -11.68 14.70 34.23
CA VAL D 291 -12.40 15.17 33.06
C VAL D 291 -13.62 14.29 32.80
N ALA D 292 -13.60 13.03 33.25
CA ALA D 292 -14.74 12.15 33.06
C ALA D 292 -15.94 12.71 33.83
N VAL D 293 -15.75 13.04 35.10
CA VAL D 293 -16.84 13.59 35.88
C VAL D 293 -17.16 15.00 35.41
N PHE D 294 -16.18 15.74 34.87
CA PHE D 294 -16.49 17.09 34.39
C PHE D 294 -17.48 17.04 33.23
N LEU D 295 -17.13 16.27 32.19
CA LEU D 295 -18.03 16.17 31.03
C LEU D 295 -19.33 15.47 31.40
N GLY D 296 -19.25 14.41 32.23
CA GLY D 296 -20.46 13.71 32.61
C GLY D 296 -21.43 14.60 33.38
N VAL D 297 -20.91 15.43 34.28
CA VAL D 297 -21.78 16.29 35.07
C VAL D 297 -22.34 17.43 34.23
N SER D 298 -21.47 18.12 33.48
CA SER D 298 -21.95 19.23 32.67
C SER D 298 -22.97 18.74 31.64
N PHE D 299 -22.77 17.54 31.07
CA PHE D 299 -23.74 17.03 30.11
C PHE D 299 -24.98 16.46 30.80
N PHE D 300 -24.84 15.98 32.04
CA PHE D 300 -26.02 15.52 32.76
C PHE D 300 -26.94 16.69 33.03
N ILE D 301 -26.35 17.80 33.50
CA ILE D 301 -27.10 19.01 33.75
C ILE D 301 -27.70 19.53 32.46
N LEU D 302 -26.91 19.54 31.39
CA LEU D 302 -27.41 20.02 30.10
C LEU D 302 -28.56 19.14 29.59
N SER D 303 -28.46 17.82 29.80
CA SER D 303 -29.51 16.90 29.37
C SER D 303 -30.80 17.16 30.14
N LEU D 304 -30.69 17.43 31.44
CA LEU D 304 -31.89 17.73 32.21
C LEU D 304 -32.48 19.06 31.75
N ILE D 305 -31.61 20.00 31.38
CA ILE D 305 -32.06 21.29 30.88
C ILE D 305 -32.81 21.11 29.56
N LEU D 306 -32.37 20.15 28.75
CA LEU D 306 -33.05 19.95 27.47
C LEU D 306 -34.49 19.47 27.61
N GLU D 307 -34.68 18.17 27.78
CA GLU D 307 -36.03 17.64 27.92
C GLU D 307 -36.08 16.34 28.71
N TYR D 308 -34.97 15.61 28.70
CA TYR D 308 -34.90 14.29 29.33
C TYR D 308 -35.14 14.34 30.83
N THR D 309 -35.82 13.31 31.32
CA THR D 309 -36.13 13.18 32.73
C THR D 309 -34.91 12.72 33.51
N TRP D 310 -35.07 12.56 34.82
CA TRP D 310 -33.96 12.11 35.66
C TRP D 310 -33.54 10.71 35.27
N LEU D 311 -34.52 9.87 34.94
CA LEU D 311 -34.27 8.49 34.53
C LEU D 311 -33.30 8.42 33.35
N GLU D 312 -33.59 9.17 32.29
CA GLU D 312 -32.75 9.17 31.10
C GLU D 312 -31.41 9.86 31.36
N ALA D 313 -31.44 10.99 32.06
CA ALA D 313 -30.22 11.74 32.32
C ALA D 313 -29.23 10.94 33.16
N VAL D 314 -29.71 10.10 34.07
CA VAL D 314 -28.79 9.28 34.87
C VAL D 314 -28.05 8.32 33.96
N ILE D 315 -28.78 7.71 33.01
CA ILE D 315 -28.15 6.81 32.05
C ILE D 315 -27.10 7.55 31.25
N PHE D 316 -27.41 8.80 30.87
CA PHE D 316 -26.46 9.59 30.11
C PHE D 316 -25.20 9.91 30.92
N LEU D 317 -25.38 10.29 32.18
CA LEU D 317 -24.24 10.59 33.05
C LEU D 317 -23.33 9.38 33.18
N ILE D 318 -23.93 8.21 33.47
CA ILE D 318 -23.16 6.99 33.62
C ILE D 318 -22.45 6.65 32.31
N GLY D 319 -23.14 6.80 31.18
CA GLY D 319 -22.53 6.48 29.91
C GLY D 319 -21.35 7.38 29.58
N ILE D 320 -21.49 8.68 29.82
CA ILE D 320 -20.40 9.61 29.52
C ILE D 320 -19.20 9.34 30.41
N ILE D 321 -19.43 9.08 31.70
CA ILE D 321 -18.30 8.83 32.58
C ILE D 321 -17.64 7.50 32.25
N VAL D 322 -18.43 6.44 32.05
CA VAL D 322 -17.88 5.13 31.72
C VAL D 322 -17.12 5.15 30.41
N ALA D 323 -17.63 5.90 29.43
CA ALA D 323 -16.96 5.98 28.13
C ALA D 323 -15.60 6.65 28.22
N ASN D 324 -15.40 7.54 29.18
CA ASN D 324 -14.13 8.22 29.34
C ASN D 324 -13.08 7.37 30.04
N VAL D 325 -13.33 6.07 30.21
CA VAL D 325 -12.40 5.17 30.88
C VAL D 325 -11.69 4.32 29.83
N PRO D 326 -10.37 4.47 29.65
CA PRO D 326 -9.66 3.65 28.65
C PRO D 326 -9.63 2.19 29.11
N GLU D 327 -10.45 1.37 28.45
CA GLU D 327 -10.55 -0.03 28.80
C GLU D 327 -9.31 -0.83 28.43
N GLY D 328 -8.89 -0.72 27.16
CA GLY D 328 -7.73 -1.45 26.68
C GLY D 328 -6.38 -0.95 27.13
N LEU D 329 -6.28 0.27 27.65
CA LEU D 329 -4.97 0.78 28.07
C LEU D 329 -4.35 -0.06 29.18
N LEU D 330 -5.17 -0.74 29.99
CA LEU D 330 -4.66 -1.58 31.07
C LEU D 330 -3.74 -2.66 30.55
N ALA D 331 -4.26 -3.51 29.66
CA ALA D 331 -3.46 -4.61 29.11
C ALA D 331 -2.30 -4.08 28.27
N THR D 332 -2.51 -3.00 27.52
CA THR D 332 -1.42 -2.47 26.71
C THR D 332 -0.27 -1.97 27.59
N VAL D 333 -0.59 -1.39 28.76
CA VAL D 333 0.46 -0.92 29.67
C VAL D 333 1.13 -2.11 30.34
N THR D 334 0.35 -3.14 30.69
CA THR D 334 0.91 -4.34 31.30
C THR D 334 1.91 -5.00 30.37
N VAL D 335 1.51 -5.21 29.12
CA VAL D 335 2.40 -5.80 28.12
C VAL D 335 3.57 -4.86 27.85
N CYS D 336 3.30 -3.55 27.81
CA CYS D 336 4.33 -2.55 27.58
C CYS D 336 5.45 -2.68 28.61
N LEU D 337 5.09 -2.96 29.86
CA LEU D 337 6.10 -3.15 30.90
C LEU D 337 6.73 -4.53 30.85
N THR D 338 5.93 -5.56 30.55
CA THR D 338 6.44 -6.92 30.49
C THR D 338 7.49 -7.08 29.39
N LEU D 339 7.32 -6.38 28.25
CA LEU D 339 8.30 -6.48 27.17
C LEU D 339 9.68 -5.99 27.62
N THR D 340 9.71 -4.81 28.25
CA THR D 340 10.99 -4.31 28.75
C THR D 340 11.51 -5.23 29.83
N ALA D 341 10.59 -5.89 30.58
CA ALA D 341 11.05 -6.84 31.59
C ALA D 341 11.68 -8.05 30.91
N LYS D 342 11.22 -8.38 29.69
CA LYS D 342 11.82 -9.48 28.94
C LYS D 342 13.25 -9.11 28.60
N ARG D 343 13.45 -7.88 28.11
CA ARG D 343 14.82 -7.44 27.81
C ARG D 343 15.67 -7.44 29.08
N MET D 344 15.03 -7.26 30.25
CA MET D 344 15.78 -7.34 31.49
C MET D 344 16.20 -8.77 31.78
N ALA D 345 15.27 -9.73 31.60
CA ALA D 345 15.57 -11.14 31.87
C ALA D 345 16.59 -11.70 30.91
N ARG D 346 16.68 -11.18 29.68
CA ARG D 346 17.66 -11.69 28.74
C ARG D 346 19.07 -11.36 29.20
N LYS D 347 19.29 -10.15 29.72
CA LYS D 347 20.59 -9.71 30.20
C LYS D 347 20.86 -10.10 31.65
N ASN D 348 20.18 -11.14 32.16
CA ASN D 348 20.33 -11.64 33.53
C ASN D 348 20.11 -10.54 34.55
N CYS D 349 18.91 -9.98 34.52
CA CYS D 349 18.50 -8.90 35.43
C CYS D 349 17.02 -9.15 35.73
N LEU D 350 16.76 -9.87 36.81
CA LEU D 350 15.40 -10.22 37.20
C LEU D 350 14.75 -9.14 38.05
N VAL D 351 13.46 -8.92 37.82
CA VAL D 351 12.66 -7.94 38.56
C VAL D 351 11.47 -8.68 39.15
N LYS D 352 11.42 -8.80 40.47
CA LYS D 352 10.27 -9.46 41.10
C LYS D 352 9.00 -8.64 40.94
N ASN D 353 9.14 -7.33 40.75
CA ASN D 353 8.03 -6.41 40.57
C ASN D 353 7.92 -6.05 39.09
N LEU D 354 6.69 -6.06 38.57
CA LEU D 354 6.48 -5.74 37.15
C LEU D 354 6.61 -4.26 36.85
N GLU D 355 6.72 -3.40 37.86
CA GLU D 355 6.86 -1.98 37.62
C GLU D 355 8.22 -1.42 38.01
N ALA D 356 8.97 -2.14 38.85
CA ALA D 356 10.29 -1.67 39.25
C ALA D 356 11.24 -1.59 38.06
N VAL D 357 10.80 -2.05 36.88
CA VAL D 357 11.62 -1.96 35.69
C VAL D 357 11.89 -0.51 35.33
N GLU D 358 10.91 0.37 35.59
CA GLU D 358 11.09 1.78 35.24
C GLU D 358 11.86 2.57 36.29
N THR D 359 11.79 2.14 37.56
CA THR D 359 12.40 2.88 38.67
C THR D 359 13.86 3.24 38.47
N LEU D 360 14.62 2.43 37.73
CA LEU D 360 16.04 2.75 37.52
C LEU D 360 16.20 4.01 36.69
N GLY D 361 15.32 4.24 35.72
CA GLY D 361 15.43 5.41 34.88
C GLY D 361 15.12 6.70 35.61
N SER D 362 14.14 6.67 36.50
CA SER D 362 13.76 7.85 37.27
C SER D 362 14.64 8.06 38.49
N THR D 363 15.73 7.32 38.63
CA THR D 363 16.61 7.43 39.79
C THR D 363 17.64 8.54 39.63
N SER D 364 17.97 9.17 40.76
CA SER D 364 18.97 10.24 40.81
C SER D 364 19.99 10.06 41.92
N THR D 365 19.82 9.06 42.79
CA THR D 365 20.75 8.83 43.90
C THR D 365 20.93 7.34 44.10
N ILE D 366 22.16 6.86 43.96
CA ILE D 366 22.49 5.45 44.12
C ILE D 366 23.32 5.30 45.38
N CYS D 367 22.83 4.47 46.30
CA CYS D 367 23.54 4.18 47.55
C CYS D 367 24.09 2.77 47.36
N SER D 368 25.35 2.70 46.94
CA SER D 368 25.99 1.43 46.68
C SER D 368 26.84 0.91 47.84
N LYS D 370 29.97 -1.37 49.31
CA LYS D 370 31.33 -1.60 48.82
C LYS D 370 31.69 -3.08 48.68
N THR D 371 31.86 -3.73 49.83
CA THR D 371 32.24 -5.15 49.85
C THR D 371 31.12 -6.02 49.31
N GLY D 372 31.43 -6.76 48.24
CA GLY D 372 30.49 -7.65 47.62
C GLY D 372 29.74 -7.05 46.46
N THR D 373 29.42 -5.76 46.51
CA THR D 373 28.70 -5.11 45.43
C THR D 373 29.66 -4.38 44.50
N LEU D 374 30.36 -3.37 45.00
CA LEU D 374 31.33 -2.67 44.16
C LEU D 374 32.57 -3.52 43.98
N THR D 375 33.11 -4.04 45.08
CA THR D 375 34.30 -4.89 45.01
C THR D 375 33.89 -6.34 44.77
N GLN D 376 34.89 -7.17 44.50
CA GLN D 376 34.64 -8.58 44.25
C GLN D 376 34.55 -9.38 45.55
N ASN D 377 34.82 -8.74 46.69
CA ASN D 377 34.80 -9.39 48.00
C ASN D 377 35.72 -10.60 48.00
N ARG D 378 36.93 -10.38 47.52
CA ARG D 378 37.93 -11.44 47.43
C ARG D 378 39.31 -10.81 47.37
N MET D 379 40.19 -11.24 48.27
CA MET D 379 41.55 -10.71 48.31
C MET D 379 42.29 -11.11 47.04
N THR D 380 42.90 -10.12 46.38
CA THR D 380 43.62 -10.38 45.14
C THR D 380 44.93 -9.60 45.14
N VAL D 381 45.96 -10.19 44.52
CA VAL D 381 47.28 -9.58 44.42
C VAL D 381 47.16 -8.27 43.67
N ALA D 382 47.34 -7.16 44.38
CA ALA D 382 47.20 -5.85 43.74
C ALA D 382 48.45 -5.42 42.95
N HIS D 383 49.51 -5.03 43.67
CA HIS D 383 50.73 -4.54 43.05
C HIS D 383 51.95 -5.35 43.48
N MET D 384 53.06 -5.03 42.83
CA MET D 384 54.35 -5.65 43.10
C MET D 384 55.40 -4.54 43.15
N TRP D 385 56.59 -4.89 43.63
CA TRP D 385 57.70 -3.95 43.81
C TRP D 385 59.01 -4.54 43.28
N SER D 386 59.05 -4.80 41.97
CA SER D 386 60.24 -5.40 41.37
C SER D 386 61.19 -4.32 40.85
N ASP D 387 62.49 -4.54 41.10
CA ASP D 387 63.56 -3.64 40.65
C ASP D 387 63.35 -2.22 41.13
N ASN D 388 62.88 -2.08 42.37
CA ASN D 388 62.59 -0.77 42.97
C ASN D 388 61.62 -0.02 42.06
N GLN D 389 60.53 -0.71 41.70
CA GLN D 389 59.53 -0.10 40.82
C GLN D 389 58.22 -0.84 41.03
N ILE D 390 57.16 -0.06 41.26
CA ILE D 390 55.82 -0.59 41.45
C ILE D 390 55.34 -1.16 40.12
N HIS D 391 54.61 -2.27 40.20
CA HIS D 391 54.06 -2.93 39.02
C HIS D 391 52.63 -3.33 39.31
N GLU D 392 51.68 -2.63 38.70
CA GLU D 392 50.27 -2.94 38.90
C GLU D 392 49.90 -4.19 38.11
N ALA D 393 49.07 -5.03 38.71
CA ALA D 393 48.64 -6.28 38.09
C ALA D 393 47.18 -6.16 37.67
N ASP D 394 46.75 -7.13 36.86
CA ASP D 394 45.37 -7.16 36.39
C ASP D 394 44.48 -7.57 37.56
N THR D 395 43.61 -6.66 37.99
CA THR D 395 42.72 -6.90 39.13
C THR D 395 41.27 -7.08 38.68
N THR D 396 41.06 -7.67 37.52
CA THR D 396 39.72 -7.90 36.99
C THR D 396 39.29 -9.34 37.27
N GLU D 397 37.97 -9.52 37.45
CA GLU D 397 37.44 -10.85 37.75
C GLU D 397 37.49 -11.77 36.53
N ASN D 398 37.29 -11.22 35.34
CA ASN D 398 37.33 -12.01 34.11
C ASN D 398 38.69 -11.95 33.41
N GLN D 399 39.68 -11.28 34.01
CA GLN D 399 41.03 -11.17 33.46
C GLN D 399 41.04 -10.52 32.08
N SER D 400 40.81 -9.20 32.03
CA SER D 400 40.78 -8.43 30.81
C SER D 400 41.48 -7.08 31.00
N GLY D 401 42.73 -7.11 31.48
CA GLY D 401 43.45 -5.86 31.71
C GLY D 401 44.91 -5.88 31.27
N VAL D 402 45.63 -4.79 31.60
CA VAL D 402 47.03 -4.69 31.22
C VAL D 402 47.88 -5.63 32.07
N SER D 403 48.85 -6.28 31.43
CA SER D 403 49.75 -7.22 32.08
C SER D 403 51.10 -6.56 32.34
N PHE D 404 51.73 -6.95 33.45
CA PHE D 404 53.02 -6.42 33.84
C PHE D 404 54.15 -7.13 33.09
N ASP D 405 55.32 -6.49 33.08
CA ASP D 405 56.50 -7.04 32.41
C ASP D 405 56.93 -8.30 33.15
N LYS D 406 56.66 -9.45 32.55
CA LYS D 406 56.96 -10.75 33.15
C LYS D 406 58.07 -11.48 32.39
N THR D 407 59.14 -10.76 32.05
CA THR D 407 60.28 -11.31 31.32
C THR D 407 61.58 -10.82 31.94
N SER D 408 61.66 -10.82 33.27
CA SER D 408 62.85 -10.37 33.97
C SER D 408 63.30 -11.43 34.97
N ALA D 409 64.52 -11.24 35.49
CA ALA D 409 65.07 -12.18 36.47
C ALA D 409 64.41 -11.98 37.83
N THR D 410 64.14 -10.73 38.21
CA THR D 410 63.46 -10.46 39.48
C THR D 410 62.09 -11.12 39.51
N TRP D 411 61.45 -11.22 38.34
CA TRP D 411 60.16 -11.89 38.26
C TRP D 411 60.31 -13.39 38.48
N LEU D 412 61.30 -14.01 37.83
CA LEU D 412 61.51 -15.44 38.02
C LEU D 412 61.90 -15.75 39.46
N ALA D 413 62.45 -14.78 40.19
CA ALA D 413 62.79 -15.00 41.58
C ALA D 413 61.55 -14.86 42.47
N LEU D 414 60.94 -13.67 42.43
CA LEU D 414 59.75 -13.38 43.24
C LEU D 414 58.64 -14.39 43.01
N SER D 415 58.41 -14.78 41.75
CA SER D 415 57.37 -15.75 41.44
C SER D 415 57.64 -17.07 42.12
N ARG D 416 58.91 -17.46 42.25
CA ARG D 416 59.20 -18.71 42.93
C ARG D 416 59.11 -18.53 44.45
N ILE D 417 59.36 -17.31 44.94
CA ILE D 417 59.23 -17.09 46.39
C ILE D 417 57.77 -17.24 46.76
N ALA D 418 56.88 -16.95 45.82
CA ALA D 418 55.46 -17.12 46.09
C ALA D 418 54.99 -18.53 45.76
N GLY D 419 55.49 -19.12 44.69
CA GLY D 419 55.11 -20.46 44.25
C GLY D 419 55.67 -21.59 45.10
N LEU D 420 56.58 -21.30 46.03
CA LEU D 420 57.11 -22.33 46.89
C LEU D 420 56.82 -22.09 48.36
N CYS D 421 57.06 -20.88 48.84
CA CYS D 421 56.84 -20.54 50.24
C CYS D 421 55.41 -20.07 50.47
N ASN D 422 54.47 -21.01 50.29
CA ASN D 422 53.06 -20.71 50.49
C ASN D 422 52.31 -21.99 50.81
N ARG D 423 51.43 -21.92 51.80
CA ARG D 423 50.60 -23.05 52.22
C ARG D 423 49.24 -22.93 51.55
N ALA D 424 49.23 -23.12 50.24
CA ALA D 424 48.00 -23.02 49.46
C ALA D 424 48.08 -23.85 48.19
N VAL D 425 47.06 -24.67 47.96
CA VAL D 425 46.94 -25.51 46.77
C VAL D 425 45.47 -25.53 46.37
N PHE D 426 45.18 -26.26 45.29
CA PHE D 426 43.83 -26.37 44.79
C PHE D 426 43.14 -27.58 45.42
N GLN D 427 41.95 -27.91 44.94
CA GLN D 427 41.18 -29.03 45.49
C GLN D 427 40.83 -30.07 44.44
N ALA D 428 39.83 -30.91 44.72
CA ALA D 428 39.47 -31.99 43.81
C ALA D 428 38.85 -31.59 42.47
N ASN D 429 37.62 -31.07 42.48
CA ASN D 429 36.97 -30.69 41.23
C ASN D 429 37.61 -29.50 40.55
N GLN D 430 38.50 -28.77 41.21
CA GLN D 430 39.14 -27.61 40.61
C GLN D 430 40.11 -28.04 39.52
N GLU D 431 39.55 -28.39 38.35
CA GLU D 431 40.36 -28.79 37.21
C GLU D 431 39.89 -28.11 35.93
N ASN D 432 38.58 -28.03 35.73
CA ASN D 432 38.00 -27.39 34.56
C ASN D 432 37.48 -25.99 34.85
N LEU D 433 37.25 -25.66 36.12
CA LEU D 433 36.77 -24.34 36.51
C LEU D 433 37.80 -23.27 36.12
N PRO D 434 37.37 -22.01 36.01
CA PRO D 434 38.31 -20.93 35.64
C PRO D 434 39.45 -20.79 36.66
N ILE D 435 40.44 -20.00 36.26
CA ILE D 435 41.64 -19.80 37.06
C ILE D 435 41.34 -19.06 38.36
N LEU D 436 40.54 -18.00 38.29
CA LEU D 436 40.24 -17.20 39.48
C LEU D 436 39.07 -17.70 40.29
N LYS D 437 37.94 -18.00 39.64
CA LYS D 437 36.73 -18.41 40.32
C LYS D 437 36.71 -19.89 40.74
N ARG D 438 37.86 -20.43 41.11
CA ARG D 438 37.95 -21.82 41.57
C ARG D 438 38.25 -21.83 43.06
N ALA D 439 37.73 -22.84 43.75
CA ALA D 439 37.89 -22.95 45.20
C ALA D 439 39.31 -23.34 45.62
N VAL D 440 39.80 -22.69 46.67
CA VAL D 440 41.13 -22.91 47.21
C VAL D 440 41.02 -22.89 48.73
N ALA D 441 41.69 -23.84 49.38
CA ALA D 441 41.70 -23.93 50.85
C ALA D 441 42.99 -23.33 51.37
N GLY D 442 42.88 -22.58 52.49
CA GLY D 442 44.01 -21.95 53.11
C GLY D 442 43.75 -20.48 53.36
N ASP D 443 44.83 -19.74 53.57
CA ASP D 443 44.73 -18.30 53.82
C ASP D 443 44.26 -17.59 52.56
N ALA D 444 43.53 -16.49 52.76
CA ALA D 444 43.05 -15.70 51.63
C ALA D 444 44.23 -15.09 50.87
N SER D 445 45.22 -14.59 51.61
CA SER D 445 46.41 -14.00 50.98
C SER D 445 47.16 -15.05 50.17
N GLU D 446 47.39 -16.22 50.76
CA GLU D 446 48.08 -17.29 50.05
C GLU D 446 47.28 -17.74 48.84
N SER D 447 45.94 -17.70 48.93
CA SER D 447 45.10 -18.07 47.80
C SER D 447 45.26 -17.09 46.66
N ALA D 448 45.30 -15.79 46.98
CA ALA D 448 45.48 -14.77 45.94
C ALA D 448 46.83 -14.91 45.27
N LEU D 449 47.88 -15.11 46.07
CA LEU D 449 49.23 -15.28 45.51
C LEU D 449 49.29 -16.52 44.63
N LEU D 450 48.68 -17.62 45.09
CA LEU D 450 48.65 -18.84 44.30
C LEU D 450 47.95 -18.63 42.97
N LYS D 451 46.87 -17.85 42.97
CA LYS D 451 46.15 -17.59 41.73
C LYS D 451 46.99 -16.75 40.78
N CYS D 452 47.63 -15.70 41.30
CA CYS D 452 48.45 -14.85 40.45
C CYS D 452 49.63 -15.61 39.86
N ILE D 453 50.15 -16.60 40.59
CA ILE D 453 51.27 -17.37 40.03
C ILE D 453 50.75 -18.41 39.04
N GLU D 454 49.62 -19.06 39.36
CA GLU D 454 49.00 -20.04 38.48
C GLU D 454 48.53 -19.40 37.18
N LEU D 455 48.39 -18.08 37.15
CA LEU D 455 47.93 -17.38 35.96
C LEU D 455 49.03 -16.63 35.22
N CYS D 456 49.72 -15.69 35.88
CA CYS D 456 50.75 -14.92 35.19
C CYS D 456 52.09 -15.63 35.11
N CYS D 457 52.21 -16.84 35.66
CA CYS D 457 53.50 -17.54 35.58
C CYS D 457 53.26 -19.04 35.44
N GLY D 458 52.89 -19.47 34.23
CA GLY D 458 52.66 -20.87 33.94
C GLY D 458 51.71 -21.60 34.85
N SER D 459 52.26 -22.52 35.65
CA SER D 459 51.50 -23.33 36.60
C SER D 459 52.31 -23.46 37.87
N VAL D 460 51.65 -23.98 38.91
CA VAL D 460 52.27 -24.21 40.21
C VAL D 460 52.33 -25.69 40.55
N LYS D 461 51.69 -26.55 39.77
CA LYS D 461 51.73 -27.98 40.02
C LYS D 461 53.16 -28.50 39.95
N GLU D 462 53.76 -28.45 38.76
CA GLU D 462 55.13 -28.91 38.56
C GLU D 462 56.16 -27.93 39.10
N MET D 463 55.81 -26.64 39.19
CA MET D 463 56.73 -25.63 39.70
C MET D 463 56.98 -25.78 41.19
N ARG D 464 56.05 -26.37 41.94
CA ARG D 464 56.21 -26.54 43.38
C ARG D 464 56.92 -27.85 43.74
N GLU D 465 56.54 -28.96 43.11
CA GLU D 465 57.16 -30.24 43.42
C GLU D 465 58.57 -30.36 42.84
N ARG D 466 58.91 -29.50 41.86
CA ARG D 466 60.25 -29.53 41.27
C ARG D 466 61.31 -29.16 42.30
N TYR D 467 60.91 -28.48 43.37
CA TYR D 467 61.78 -28.03 44.45
C TYR D 467 61.28 -28.75 45.71
N THR D 468 61.85 -29.91 45.99
CA THR D 468 61.44 -30.70 47.15
C THR D 468 61.67 -29.93 48.45
N LYS D 469 60.58 -29.61 49.14
CA LYS D 469 60.68 -28.87 50.40
C LYS D 469 61.32 -29.74 51.47
N ILE D 470 62.21 -29.14 52.25
CA ILE D 470 62.88 -29.89 53.31
C ILE D 470 62.27 -29.54 54.65
N VAL D 471 62.47 -28.29 55.10
CA VAL D 471 61.95 -27.83 56.37
C VAL D 471 61.15 -26.56 56.14
N GLU D 472 60.08 -26.40 56.93
CA GLU D 472 59.20 -25.25 56.88
C GLU D 472 59.01 -24.69 58.27
N ILE D 473 58.84 -23.37 58.33
CA ILE D 473 58.61 -22.62 59.56
C ILE D 473 57.37 -21.78 59.31
N PRO D 474 56.21 -22.19 59.85
CA PRO D 474 54.97 -21.43 59.64
C PRO D 474 54.97 -20.07 60.31
N PHE D 475 53.85 -19.35 60.16
CA PHE D 475 53.72 -18.03 60.74
C PHE D 475 53.72 -18.11 62.27
N ASN D 476 54.41 -17.16 62.89
CA ASN D 476 54.55 -17.07 64.34
C ASN D 476 53.45 -16.23 64.95
N SER D 477 53.26 -16.40 66.27
CA SER D 477 52.26 -15.62 66.99
C SER D 477 52.73 -14.18 67.18
N THR D 478 54.05 -13.97 67.23
CA THR D 478 54.69 -12.67 67.34
C THR D 478 55.82 -12.72 66.33
N ASN D 479 56.02 -11.61 65.61
CA ASN D 479 57.01 -11.54 64.53
C ASN D 479 56.64 -12.58 63.48
N LYS D 480 55.47 -12.36 62.87
CA LYS D 480 54.91 -13.26 61.87
C LYS D 480 55.78 -13.37 60.63
N TYR D 481 56.33 -14.55 60.40
CA TYR D 481 57.18 -14.83 59.26
C TYR D 481 56.99 -16.29 58.88
N GLN D 482 57.00 -16.56 57.57
CA GLN D 482 56.83 -17.93 57.07
C GLN D 482 58.02 -18.21 56.15
N LEU D 483 58.86 -19.18 56.53
CA LEU D 483 60.03 -19.50 55.72
C LEU D 483 60.07 -20.99 55.43
N SER D 484 60.89 -21.37 54.45
CA SER D 484 61.06 -22.76 54.09
C SER D 484 62.34 -22.89 53.28
N ILE D 485 62.73 -24.14 53.02
CA ILE D 485 63.94 -24.40 52.24
C ILE D 485 63.62 -25.47 51.20
N HIS D 486 64.19 -25.30 50.00
CA HIS D 486 63.94 -26.23 48.90
C HIS D 486 65.21 -26.55 48.14
N LYS D 487 65.17 -27.72 47.48
CA LYS D 487 66.27 -28.16 46.64
C LYS D 487 66.24 -27.37 45.34
N ASN D 488 67.37 -27.36 44.64
CA ASN D 488 67.47 -26.61 43.38
C ASN D 488 67.72 -27.53 42.20
N PRO D 489 66.75 -27.73 41.31
CA PRO D 489 66.95 -28.58 40.13
C PRO D 489 67.53 -27.86 38.92
N ASN D 490 67.89 -26.58 39.06
CA ASN D 490 68.47 -25.85 37.93
C ASN D 490 69.78 -26.51 37.51
N THR D 491 69.95 -26.70 36.21
CA THR D 491 71.15 -27.36 35.69
C THR D 491 72.31 -26.38 35.55
N ALA D 492 72.57 -25.61 36.60
CA ALA D 492 73.66 -24.66 36.60
C ALA D 492 74.27 -24.47 37.99
N GLU D 493 73.55 -24.90 39.03
CA GLU D 493 74.01 -24.74 40.40
C GLU D 493 73.33 -25.73 41.34
N PRO D 494 74.09 -26.64 41.96
CA PRO D 494 73.47 -27.62 42.87
C PRO D 494 73.30 -27.13 44.31
N ARG D 495 73.37 -25.82 44.53
CA ARG D 495 73.23 -25.28 45.87
C ARG D 495 71.78 -25.37 46.34
N HIS D 496 71.52 -24.93 47.56
CA HIS D 496 70.19 -24.94 48.16
C HIS D 496 69.52 -23.58 47.95
N LEU D 497 68.20 -23.54 48.17
CA LEU D 497 67.43 -22.30 48.01
C LEU D 497 66.60 -22.07 49.27
N LEU D 498 66.88 -20.98 49.99
CA LEU D 498 66.15 -20.65 51.20
C LEU D 498 65.21 -19.50 50.89
N VAL D 499 63.93 -19.64 51.24
CA VAL D 499 62.93 -18.62 50.97
C VAL D 499 62.23 -18.21 52.26
N MET D 500 61.77 -16.95 52.29
CA MET D 500 61.07 -16.42 53.45
C MET D 500 60.15 -15.29 53.01
N LYS D 501 59.05 -15.14 53.74
CA LYS D 501 58.08 -14.09 53.49
C LYS D 501 57.56 -13.59 54.84
N GLY D 502 56.97 -12.40 54.81
CA GLY D 502 56.43 -11.84 56.04
C GLY D 502 56.13 -10.37 55.88
N ALA D 503 55.73 -9.76 57.00
CA ALA D 503 55.43 -8.33 56.99
C ALA D 503 56.69 -7.57 56.54
N PRO D 504 56.53 -6.44 55.85
CA PRO D 504 57.73 -5.70 55.39
C PRO D 504 58.69 -5.28 56.50
N GLU D 505 58.27 -5.28 57.77
CA GLU D 505 59.18 -4.92 58.85
C GLU D 505 60.01 -6.10 59.29
N ARG D 506 59.48 -7.32 59.13
CA ARG D 506 60.22 -8.52 59.50
C ARG D 506 61.25 -8.82 58.44
N ILE D 507 61.01 -8.40 57.21
CA ILE D 507 61.98 -8.61 56.15
C ILE D 507 62.98 -7.45 56.17
N LEU D 508 62.55 -6.27 56.62
CA LEU D 508 63.47 -5.16 56.72
C LEU D 508 64.45 -5.36 57.88
N ASP D 509 64.05 -6.13 58.90
CA ASP D 509 64.93 -6.35 60.05
C ASP D 509 65.89 -7.53 59.87
N ARG D 510 65.73 -8.35 58.84
CA ARG D 510 66.61 -9.50 58.65
C ARG D 510 67.07 -9.64 57.20
N CYS D 511 67.55 -8.54 56.61
CA CYS D 511 68.03 -8.60 55.23
C CYS D 511 69.14 -7.57 55.03
N SER D 512 70.05 -7.90 54.11
CA SER D 512 71.15 -7.02 53.76
C SER D 512 71.46 -6.99 52.27
N SER D 513 71.15 -8.04 51.52
CA SER D 513 71.38 -8.08 50.09
C SER D 513 70.09 -7.69 49.37
N ILE D 514 70.25 -7.15 48.16
CA ILE D 514 69.13 -6.68 47.36
C ILE D 514 69.33 -7.15 45.92
N LEU D 515 68.30 -7.73 45.33
CA LEU D 515 68.36 -8.21 43.96
C LEU D 515 68.03 -7.10 42.97
N ILE D 516 68.70 -7.13 41.82
CA ILE D 516 68.43 -6.17 40.76
C ILE D 516 68.77 -6.83 39.42
N HIS D 517 67.73 -7.11 38.62
CA HIS D 517 67.84 -7.71 37.29
C HIS D 517 68.62 -9.03 37.26
N GLY D 518 69.03 -9.53 38.42
CA GLY D 518 69.79 -10.77 38.49
C GLY D 518 70.98 -10.74 39.43
N LYS D 519 71.58 -9.57 39.65
CA LYS D 519 72.75 -9.51 40.54
C LYS D 519 72.36 -8.89 41.89
N GLU D 520 73.29 -8.92 42.83
CA GLU D 520 73.03 -8.40 44.17
C GLU D 520 73.78 -7.11 44.46
N GLN D 521 73.26 -6.38 45.44
CA GLN D 521 73.78 -5.11 45.91
C GLN D 521 73.55 -5.02 47.40
N PRO D 522 74.25 -4.13 48.11
CA PRO D 522 74.03 -4.02 49.57
C PRO D 522 72.69 -3.37 49.92
N LEU D 523 72.49 -3.10 51.21
CA LEU D 523 71.26 -2.48 51.72
C LEU D 523 71.41 -0.97 51.77
N ASP D 524 72.10 -0.38 50.78
CA ASP D 524 72.34 1.06 50.73
C ASP D 524 71.06 1.85 50.97
N GLU D 525 71.16 2.82 51.89
CA GLU D 525 70.01 3.63 52.26
C GLU D 525 69.44 4.40 51.08
N GLU D 526 70.27 4.70 50.08
CA GLU D 526 69.80 5.40 48.89
C GLU D 526 68.71 4.61 48.18
N LEU D 527 68.72 3.29 48.32
CA LEU D 527 67.71 2.42 47.75
C LEU D 527 66.81 1.80 48.81
N LYS D 528 67.16 1.95 50.10
CA LYS D 528 66.36 1.43 51.21
C LYS D 528 65.22 2.40 51.53
N ASP D 529 65.50 3.71 51.48
CA ASP D 529 64.44 4.68 51.71
C ASP D 529 63.46 4.62 50.54
N ALA D 530 63.96 4.20 49.37
CA ALA D 530 63.11 4.00 48.19
C ALA D 530 62.14 2.85 48.45
N PHE D 531 62.50 1.96 49.38
CA PHE D 531 61.64 0.86 49.79
C PHE D 531 60.63 1.36 50.82
N GLN D 532 61.08 2.25 51.69
CA GLN D 532 60.20 2.79 52.73
C GLN D 532 59.07 3.61 52.12
N ASN D 533 59.40 4.48 51.17
CA ASN D 533 58.33 5.27 50.54
C ASN D 533 57.43 4.36 49.71
N ALA D 534 58.01 3.30 49.10
CA ALA D 534 57.16 2.37 48.36
C ALA D 534 56.25 1.57 49.28
N TYR D 535 56.65 1.45 50.54
CA TYR D 535 55.81 0.75 51.51
C TYR D 535 54.67 1.66 51.94
N LEU D 536 54.96 2.95 52.14
CA LEU D 536 53.89 3.86 52.54
C LEU D 536 52.94 4.17 51.39
N GLU D 537 53.41 4.07 50.14
CA GLU D 537 52.52 4.31 49.00
C GLU D 537 51.48 3.20 48.91
N LEU D 538 51.94 1.94 48.99
CA LEU D 538 51.00 0.83 48.93
C LEU D 538 50.23 0.63 50.25
N GLY D 539 50.73 1.18 51.36
CA GLY D 539 50.07 1.05 52.63
C GLY D 539 48.95 2.05 52.80
N GLY D 540 49.22 3.32 52.51
CA GLY D 540 48.19 4.34 52.61
C GLY D 540 47.10 4.19 51.58
N LEU D 541 47.32 3.36 50.56
CA LEU D 541 46.37 3.08 49.49
C LEU D 541 45.33 2.04 49.91
N GLY D 542 45.23 1.73 51.20
CA GLY D 542 44.27 0.76 51.67
C GLY D 542 44.62 -0.68 51.37
N GLU D 543 45.85 -0.96 50.98
CA GLU D 543 46.29 -2.31 50.66
C GLU D 543 47.17 -2.89 51.77
N ARG D 544 47.27 -4.22 51.76
CA ARG D 544 48.07 -4.97 52.72
C ARG D 544 49.27 -5.51 51.97
N VAL D 545 50.47 -5.09 52.38
CA VAL D 545 51.72 -5.43 51.72
C VAL D 545 52.43 -6.59 52.42
N LEU D 546 53.13 -7.39 51.62
CA LEU D 546 53.92 -8.51 52.08
C LEU D 546 55.30 -8.43 51.43
N GLY D 547 56.31 -8.94 52.12
CA GLY D 547 57.68 -8.95 51.65
C GLY D 547 58.12 -10.37 51.37
N PHE D 548 58.82 -10.54 50.23
CA PHE D 548 59.32 -11.81 49.77
C PHE D 548 60.82 -11.72 49.53
N CYS D 549 61.57 -12.65 50.12
CA CYS D 549 63.02 -12.65 49.97
C CYS D 549 63.54 -14.08 49.95
N HIS D 550 64.75 -14.24 49.46
CA HIS D 550 65.40 -15.53 49.40
C HIS D 550 66.90 -15.34 49.45
N LEU D 551 67.60 -16.43 49.78
CA LEU D 551 69.05 -16.41 49.87
C LEU D 551 69.57 -17.80 49.51
N PHE D 552 70.69 -17.81 48.81
CA PHE D 552 71.32 -19.07 48.43
C PHE D 552 72.04 -19.65 49.63
N LEU D 553 71.95 -20.96 49.76
CA LEU D 553 72.67 -21.58 50.87
C LEU D 553 73.94 -22.20 50.33
N PRO D 554 75.11 -21.89 50.89
CA PRO D 554 76.36 -22.47 50.37
C PRO D 554 76.38 -23.97 50.57
N ASP D 555 76.49 -24.72 49.47
CA ASP D 555 76.53 -26.17 49.53
C ASP D 555 77.80 -26.70 50.19
N GLU D 556 78.71 -25.81 50.59
CA GLU D 556 79.95 -26.18 51.27
C GLU D 556 79.80 -26.11 52.79
N GLN D 557 78.76 -25.43 53.28
CA GLN D 557 78.46 -25.33 54.71
C GLN D 557 77.22 -26.11 55.07
N PHE D 558 76.40 -26.46 54.08
CA PHE D 558 75.18 -27.24 54.26
C PHE D 558 75.13 -28.13 53.03
N PRO D 559 75.85 -29.25 53.03
CA PRO D 559 75.90 -30.12 51.84
C PRO D 559 74.59 -30.80 51.49
N GLU D 560 74.61 -31.63 50.45
CA GLU D 560 73.37 -32.29 50.03
C GLU D 560 73.05 -33.52 50.86
N GLY D 561 73.26 -33.46 52.17
CA GLY D 561 72.92 -34.55 53.06
C GLY D 561 72.59 -34.04 54.44
N PHE D 562 72.95 -32.79 54.71
CA PHE D 562 72.73 -32.17 56.01
C PHE D 562 71.26 -31.81 56.14
N GLN D 563 70.56 -32.47 57.05
CA GLN D 563 69.14 -32.24 57.30
C GLN D 563 69.04 -31.26 58.47
N PHE D 564 68.91 -29.99 58.15
CA PHE D 564 68.78 -28.95 59.16
C PHE D 564 67.43 -29.09 59.84
N ASP D 565 67.38 -29.91 60.89
CA ASP D 565 66.13 -30.14 61.61
C ASP D 565 65.64 -28.85 62.25
N THR D 566 64.33 -28.74 62.41
CA THR D 566 63.71 -27.53 62.95
C THR D 566 63.87 -27.41 64.47
N ASP D 567 65.06 -26.98 64.90
CA ASP D 567 65.29 -26.76 66.33
C ASP D 567 66.00 -25.44 66.67
N ASP D 568 67.24 -25.30 66.20
CA ASP D 568 68.09 -24.15 66.47
C ASP D 568 68.42 -23.40 65.18
N VAL D 569 69.34 -22.44 65.31
CA VAL D 569 69.76 -21.59 64.19
C VAL D 569 70.50 -22.42 63.15
N ASN D 570 69.83 -22.72 62.04
CA ASN D 570 70.40 -23.50 60.95
C ASN D 570 70.54 -22.71 59.66
N PHE D 571 69.81 -21.63 59.48
CA PHE D 571 69.87 -20.81 58.28
C PHE D 571 70.23 -19.37 58.61
N PRO D 572 70.93 -18.68 57.71
CA PRO D 572 71.28 -17.28 57.99
C PRO D 572 70.04 -16.38 57.98
N LEU D 573 69.61 -15.93 59.16
CA LEU D 573 68.42 -15.08 59.25
C LEU D 573 68.64 -13.75 58.53
N ASP D 574 69.84 -13.20 58.65
CA ASP D 574 70.20 -11.93 58.02
C ASP D 574 70.91 -12.20 56.70
N ASN D 575 71.39 -11.13 56.07
CA ASN D 575 72.13 -11.17 54.80
C ASN D 575 71.31 -11.76 53.66
N LEU D 576 70.00 -11.85 53.82
CA LEU D 576 69.15 -12.38 52.79
C LEU D 576 69.05 -11.40 51.61
N CYS D 577 68.48 -11.87 50.51
CA CYS D 577 68.30 -11.07 49.31
C CYS D 577 66.81 -10.78 49.14
N PHE D 578 66.43 -9.52 49.29
CA PHE D 578 65.05 -9.11 49.15
C PHE D 578 64.70 -8.99 47.67
N VAL D 579 63.58 -9.57 47.25
CA VAL D 579 63.18 -9.53 45.84
C VAL D 579 62.18 -8.42 45.56
N GLY D 580 61.16 -8.30 46.40
CA GLY D 580 60.17 -7.26 46.19
C GLY D 580 58.91 -7.41 47.00
N LEU D 581 58.24 -6.28 47.25
CA LEU D 581 57.00 -6.29 48.00
C LEU D 581 55.86 -6.72 47.09
N ILE D 582 54.85 -7.35 47.69
CA ILE D 582 53.67 -7.79 46.96
C ILE D 582 52.43 -7.43 47.79
N SER D 583 51.75 -6.36 47.41
CA SER D 583 50.56 -5.92 48.13
C SER D 583 49.34 -6.63 47.59
N MET D 584 48.21 -6.45 48.27
CA MET D 584 46.97 -7.08 47.86
C MET D 584 45.79 -6.34 48.46
N ILE D 585 44.63 -6.51 47.81
CA ILE D 585 43.40 -5.86 48.22
C ILE D 585 42.26 -6.50 47.46
N ASP D 586 41.04 -6.35 47.96
CA ASP D 586 39.88 -6.85 47.25
C ASP D 586 39.61 -5.84 46.12
N PRO D 587 39.75 -6.23 44.87
CA PRO D 587 39.59 -5.27 43.78
C PRO D 587 38.13 -5.04 43.43
N PRO D 588 37.81 -3.91 42.83
CA PRO D 588 36.44 -3.66 42.39
C PRO D 588 36.09 -4.62 41.26
N ARG D 589 34.79 -4.83 41.04
CA ARG D 589 34.37 -5.73 39.98
C ARG D 589 34.75 -5.12 38.63
N ALA D 590 34.77 -5.98 37.60
CA ALA D 590 35.22 -5.58 36.27
C ALA D 590 34.56 -4.35 35.67
N ALA D 591 33.28 -4.42 35.35
CA ALA D 591 32.61 -3.28 34.73
C ALA D 591 32.12 -2.24 35.72
N VAL D 592 32.56 -2.32 36.98
CA VAL D 592 32.12 -1.35 37.99
C VAL D 592 32.58 0.08 37.69
N PRO D 593 33.88 0.35 37.38
CA PRO D 593 34.30 1.74 37.13
C PRO D 593 33.52 2.45 36.03
N ASP D 594 33.51 1.86 34.84
CA ASP D 594 32.79 2.45 33.72
C ASP D 594 31.32 2.67 34.04
N ALA D 595 30.68 1.69 34.69
CA ALA D 595 29.26 1.82 35.04
C ALA D 595 29.03 3.00 35.97
N VAL D 596 29.86 3.15 37.01
CA VAL D 596 29.71 4.27 37.93
C VAL D 596 29.88 5.58 37.17
N GLY D 597 30.86 5.61 36.25
CA GLY D 597 31.08 6.80 35.45
C GLY D 597 29.88 7.12 34.57
N LYS D 598 29.25 6.09 34.00
CA LYS D 598 28.07 6.28 33.16
C LYS D 598 26.93 6.85 33.99
N CYS D 599 26.76 6.36 35.21
CA CYS D 599 25.69 6.87 36.08
C CYS D 599 25.94 8.34 36.38
N ARG D 600 27.18 8.69 36.72
CA ARG D 600 27.50 10.10 36.97
C ARG D 600 27.35 10.93 35.70
N SER D 601 27.54 10.29 34.54
CA SER D 601 27.40 10.98 33.25
C SER D 601 25.97 11.38 32.99
N ALA D 602 25.02 10.67 33.58
CA ALA D 602 23.61 10.99 33.43
C ALA D 602 23.11 11.93 34.52
N GLY D 603 23.87 12.10 35.59
CA GLY D 603 23.48 12.95 36.68
C GLY D 603 23.03 12.20 37.91
N ILE D 604 23.35 10.91 38.01
CA ILE D 604 22.96 10.09 39.16
C ILE D 604 24.00 10.27 40.25
N LYS D 605 23.56 10.71 41.43
CA LYS D 605 24.47 10.93 42.55
C LYS D 605 24.84 9.59 43.17
N VAL D 606 26.09 9.18 42.99
CA VAL D 606 26.57 7.91 43.53
C VAL D 606 27.11 8.16 44.94
N ILE D 607 26.57 7.44 45.91
CA ILE D 607 26.98 7.58 47.31
C ILE D 607 27.37 6.21 47.85
N MET D 608 28.64 6.06 48.23
CA MET D 608 29.10 4.78 48.78
C MET D 608 28.64 4.67 50.23
N VAL D 609 27.95 3.58 50.54
CA VAL D 609 27.44 3.31 51.88
C VAL D 609 27.92 1.92 52.26
N THR D 610 28.84 1.85 53.23
CA THR D 610 29.39 0.57 53.66
C THR D 610 29.81 0.67 55.12
N GLY D 611 30.09 -0.49 55.71
CA GLY D 611 30.52 -0.56 57.09
C GLY D 611 31.95 -1.06 57.22
N ASP D 612 32.77 -0.74 56.22
CA ASP D 612 34.17 -1.13 56.15
C ASP D 612 35.06 -0.02 56.72
N HIS D 613 36.38 -0.25 56.69
CA HIS D 613 37.31 0.73 57.19
C HIS D 613 37.37 1.93 56.24
N PRO D 614 37.49 3.16 56.77
CA PRO D 614 37.58 4.32 55.89
C PRO D 614 38.82 4.30 55.02
N ILE D 615 39.90 3.67 55.50
CA ILE D 615 41.15 3.59 54.76
C ILE D 615 40.96 2.85 53.44
N THR D 616 40.14 1.81 53.44
CA THR D 616 39.89 1.02 52.24
C THR D 616 38.71 1.58 51.44
N ALA D 617 37.67 2.04 52.14
CA ALA D 617 36.50 2.59 51.47
C ALA D 617 36.88 3.81 50.64
N LYS D 618 37.72 4.69 51.20
CA LYS D 618 38.14 5.87 50.46
C LYS D 618 38.98 5.49 49.24
N ALA D 619 39.86 4.50 49.39
CA ALA D 619 40.71 4.08 48.28
C ALA D 619 39.88 3.48 47.13
N ILE D 620 38.97 2.56 47.47
CA ILE D 620 38.13 1.97 46.43
C ILE D 620 37.22 3.02 45.82
N ALA D 621 36.75 3.96 46.64
CA ALA D 621 35.89 5.04 46.12
C ALA D 621 36.65 5.85 45.08
N LYS D 622 37.94 6.10 45.34
CA LYS D 622 38.74 6.83 44.36
C LYS D 622 38.94 5.98 43.10
N GLY D 623 39.10 4.66 43.28
CA GLY D 623 39.32 3.76 42.17
C GLY D 623 38.10 3.37 41.36
N VAL D 624 36.90 3.75 41.78
CA VAL D 624 35.70 3.40 41.02
C VAL D 624 35.01 4.61 40.41
N GLY D 625 35.25 5.82 40.92
CA GLY D 625 34.63 7.02 40.39
C GLY D 625 33.78 7.77 41.39
N ILE D 626 33.47 7.20 42.55
CA ILE D 626 32.67 7.91 43.53
C ILE D 626 33.45 9.09 44.10
N ILE D 627 34.78 9.02 44.03
CA ILE D 627 35.65 10.11 44.48
C ILE D 627 36.49 10.50 43.27
N SER D 628 36.27 11.70 42.76
CA SER D 628 36.99 12.19 41.60
C SER D 628 38.46 12.44 41.93
N GLU D 629 39.31 12.25 40.93
CA GLU D 629 40.75 12.44 41.07
C GLU D 629 41.05 13.94 41.12
N GLY D 630 41.40 14.43 42.30
CA GLY D 630 41.68 15.84 42.46
C GLY D 630 40.93 16.43 43.64
N ASN D 631 39.71 15.96 43.87
CA ASN D 631 38.92 16.44 44.98
C ASN D 631 39.48 15.91 46.30
N GLU D 632 39.46 16.76 47.32
CA GLU D 632 39.96 16.43 48.64
C GLU D 632 38.84 16.48 49.66
N THR D 633 39.10 15.85 50.80
CA THR D 633 38.17 15.80 51.92
C THR D 633 38.60 16.85 52.96
N VAL D 634 37.87 16.89 54.08
CA VAL D 634 38.19 17.84 55.14
C VAL D 634 39.56 17.55 55.75
N GLU D 635 39.97 16.27 55.73
CA GLU D 635 41.24 15.84 56.30
C GLU D 635 42.41 16.00 55.32
N ASP D 636 42.17 15.78 54.03
CA ASP D 636 43.25 15.89 53.04
C ASP D 636 43.81 17.31 52.99
N ILE D 637 42.95 18.32 53.14
CA ILE D 637 43.42 19.71 53.13
C ILE D 637 44.31 19.96 54.34
N ALA D 638 43.89 19.48 55.51
CA ALA D 638 44.69 19.66 56.72
C ALA D 638 46.04 18.97 56.60
N ALA D 639 46.06 17.76 56.03
CA ALA D 639 47.31 17.05 55.86
C ALA D 639 48.20 17.73 54.82
N ARG D 640 47.59 18.42 53.85
CA ARG D 640 48.35 19.12 52.82
C ARG D 640 48.94 20.42 53.33
N LEU D 641 48.29 21.05 54.31
CA LEU D 641 48.77 22.32 54.85
C LEU D 641 49.44 22.20 56.21
N ASN D 642 49.54 20.98 56.76
CA ASN D 642 50.15 20.75 58.09
C ASN D 642 49.47 21.62 59.14
N ILE D 643 48.14 21.64 59.10
CA ILE D 643 47.35 22.46 60.02
C ILE D 643 46.31 21.58 60.69
N PRO D 644 45.79 22.02 61.84
CA PRO D 644 44.73 21.25 62.51
C PRO D 644 43.52 21.14 61.59
N VAL D 645 42.89 19.97 61.61
CA VAL D 645 41.75 19.70 60.74
C VAL D 645 40.50 20.51 61.07
N SER D 646 40.40 21.06 62.27
CA SER D 646 39.24 21.84 62.69
C SER D 646 39.27 23.30 62.25
N GLN D 647 40.20 23.69 61.38
CA GLN D 647 40.31 25.08 60.93
C GLN D 647 39.71 25.34 59.56
N VAL D 648 39.93 24.45 58.59
CA VAL D 648 39.46 24.66 57.22
C VAL D 648 37.94 24.74 57.14
N ASN D 649 37.46 25.41 56.09
CA ASN D 649 36.04 25.58 55.84
C ASN D 649 35.49 24.33 55.16
N PRO D 650 34.43 23.71 55.70
CA PRO D 650 33.87 22.52 55.05
C PRO D 650 33.40 22.76 53.64
N ARG D 651 33.21 24.02 53.24
CA ARG D 651 32.81 24.32 51.87
C ARG D 651 33.96 24.12 50.90
N ASP D 652 35.20 24.11 51.39
CA ASP D 652 36.36 23.89 50.54
C ASP D 652 36.51 22.44 50.14
N ALA D 653 35.84 21.52 50.84
CA ALA D 653 35.92 20.10 50.57
C ALA D 653 34.68 19.68 49.80
N LYS D 654 34.85 19.42 48.50
CA LYS D 654 33.72 18.97 47.70
C LYS D 654 33.26 17.58 48.13
N ALA D 655 34.21 16.72 48.49
CA ALA D 655 33.92 15.37 48.93
C ALA D 655 34.14 15.27 50.44
N CYS D 656 33.48 14.29 51.05
CA CYS D 656 33.63 14.10 52.49
C CYS D 656 33.39 12.66 52.89
N VAL D 657 34.21 12.21 53.84
CA VAL D 657 34.13 10.88 54.41
C VAL D 657 33.43 11.01 55.75
N VAL D 658 32.46 10.15 56.01
CA VAL D 658 31.69 10.20 57.25
C VAL D 658 31.92 8.89 57.99
N HIS D 659 32.63 8.98 59.13
CA HIS D 659 32.87 7.82 59.96
C HIS D 659 31.58 7.47 60.70
N GLY D 660 31.15 6.21 60.58
CA GLY D 660 29.91 5.79 61.23
C GLY D 660 29.87 6.07 62.72
N SER D 661 31.04 6.06 63.37
CA SER D 661 31.08 6.37 64.79
C SER D 661 30.56 7.77 65.06
N ASP D 662 30.89 8.71 64.16
CA ASP D 662 30.40 10.08 64.29
C ASP D 662 28.93 10.17 63.86
N LEU D 663 28.52 9.32 62.92
CA LEU D 663 27.14 9.33 62.43
C LEU D 663 26.16 9.00 63.56
N LYS D 664 26.59 8.22 64.55
CA LYS D 664 25.71 7.87 65.66
C LYS D 664 25.28 9.11 66.43
N ASP D 665 26.16 10.11 66.54
CA ASP D 665 25.90 11.37 67.23
C ASP D 665 25.46 12.46 66.26
N MET D 666 24.44 12.21 65.44
CA MET D 666 23.97 13.19 64.47
C MET D 666 22.45 13.27 64.50
N THR D 667 21.94 14.34 63.91
CA THR D 667 20.51 14.60 63.78
C THR D 667 20.12 14.58 62.31
N SER D 668 18.82 14.76 62.05
CA SER D 668 18.33 14.75 60.67
C SER D 668 18.85 15.95 59.88
N GLU D 669 18.77 17.15 60.47
CA GLU D 669 19.22 18.37 59.80
C GLU D 669 20.70 18.29 59.45
N GLN D 670 21.50 17.66 60.30
CA GLN D 670 22.93 17.54 60.03
C GLN D 670 23.18 16.68 58.80
N LEU D 671 22.50 15.53 58.71
CA LEU D 671 22.66 14.68 57.53
C LEU D 671 22.17 15.42 56.29
N ASP D 672 21.09 16.21 56.45
CA ASP D 672 20.59 17.01 55.34
C ASP D 672 21.68 17.94 54.84
N ASP D 673 22.42 18.57 55.77
CA ASP D 673 23.51 19.46 55.38
C ASP D 673 24.63 18.68 54.71
N ILE D 674 24.92 17.47 55.20
CA ILE D 674 25.98 16.65 54.61
C ILE D 674 25.66 16.31 53.16
N LEU D 675 24.38 16.10 52.86
CA LEU D 675 24.02 15.77 51.48
C LEU D 675 23.84 17.01 50.61
N LYS D 676 23.53 18.15 51.20
CA LYS D 676 23.32 19.37 50.42
C LYS D 676 24.63 20.07 50.03
N TYR D 677 25.60 20.12 50.94
CA TYR D 677 26.86 20.82 50.66
C TYR D 677 28.01 19.92 50.25
N HIS D 678 27.79 18.62 50.09
CA HIS D 678 28.82 17.70 49.67
C HIS D 678 28.26 16.84 48.55
N THR D 679 28.97 16.79 47.42
CA THR D 679 28.51 16.04 46.26
C THR D 679 28.99 14.59 46.27
N GLU D 680 30.23 14.34 46.67
CA GLU D 680 30.79 13.00 46.75
C GLU D 680 30.90 12.65 48.23
N ILE D 681 30.07 11.72 48.68
CA ILE D 681 30.02 11.31 50.08
C ILE D 681 30.37 9.84 50.19
N VAL D 682 31.12 9.49 51.23
CA VAL D 682 31.49 8.11 51.49
C VAL D 682 31.23 7.80 52.96
N PHE D 683 30.19 7.00 53.23
CA PHE D 683 29.85 6.60 54.59
C PHE D 683 30.59 5.31 54.91
N ALA D 684 31.42 5.34 55.95
CA ALA D 684 32.18 4.17 56.34
C ALA D 684 31.89 3.81 57.79
N ARG D 685 32.14 2.54 58.12
CA ARG D 685 31.91 2.00 59.46
C ARG D 685 30.48 2.25 59.93
N THR D 686 29.53 2.14 59.00
CA THR D 686 28.12 2.36 59.29
C THR D 686 27.44 1.02 59.55
N SER D 687 26.65 0.98 60.63
CA SER D 687 25.93 -0.23 60.99
C SER D 687 24.77 -0.47 60.04
N PRO D 688 24.25 -1.70 59.98
CA PRO D 688 23.10 -1.97 59.09
C PRO D 688 21.90 -1.09 59.37
N GLN D 689 21.58 -0.85 60.66
CA GLN D 689 20.46 0.03 60.99
C GLN D 689 20.76 1.47 60.61
N GLN D 690 22.03 1.81 60.38
CA GLN D 690 22.40 3.16 59.98
C GLN D 690 22.23 3.37 58.48
N LYS D 691 22.44 2.32 57.68
CA LYS D 691 22.22 2.45 56.25
C LYS D 691 20.77 2.84 55.98
N LEU D 692 19.86 2.31 56.81
CA LEU D 692 18.45 2.66 56.69
C LEU D 692 18.23 4.15 56.92
N ILE D 693 18.88 4.70 57.93
CA ILE D 693 18.76 6.12 58.23
C ILE D 693 19.38 6.95 57.11
N ILE D 694 20.47 6.47 56.51
CA ILE D 694 21.11 7.20 55.41
C ILE D 694 20.17 7.23 54.22
N VAL D 695 19.54 6.09 53.90
CA VAL D 695 18.60 6.03 52.79
C VAL D 695 17.43 6.97 53.05
N GLU D 696 16.90 6.96 54.28
CA GLU D 696 15.81 7.87 54.61
C GLU D 696 16.26 9.32 54.50
N GLY D 697 17.54 9.59 54.79
CA GLY D 697 18.05 10.94 54.66
C GLY D 697 18.09 11.39 53.21
N CYS D 698 18.51 10.48 52.32
CA CYS D 698 18.52 10.82 50.90
C CYS D 698 17.10 10.96 50.38
N GLN D 699 16.14 10.29 51.03
CA GLN D 699 14.75 10.37 50.60
C GLN D 699 14.07 11.64 51.13
N ARG D 700 14.55 12.20 52.23
CA ARG D 700 13.93 13.42 52.74
C ARG D 700 14.18 14.60 51.82
N GLN D 701 15.11 14.47 50.86
CA GLN D 701 15.36 15.55 49.91
C GLN D 701 14.26 15.59 48.87
N GLY D 702 13.75 14.43 48.47
CA GLY D 702 12.71 14.35 47.46
C GLY D 702 13.18 13.63 46.21
N ALA D 703 14.38 13.06 46.26
CA ALA D 703 14.95 12.35 45.13
C ALA D 703 14.60 10.87 45.18
N ILE D 704 14.95 10.16 44.11
CA ILE D 704 14.70 8.72 43.98
C ILE D 704 15.98 7.98 44.37
N VAL D 705 15.84 6.93 45.19
CA VAL D 705 16.99 6.19 45.71
C VAL D 705 16.99 4.72 45.26
N ALA D 706 18.17 4.27 44.83
CA ALA D 706 18.43 2.90 44.41
C ALA D 706 19.61 2.40 45.23
N VAL D 707 19.38 1.35 46.01
CA VAL D 707 20.43 0.79 46.86
C VAL D 707 20.87 -0.56 46.30
N THR D 708 22.16 -0.69 45.99
CA THR D 708 22.71 -1.92 45.45
C THR D 708 23.55 -2.59 46.54
N GLY D 709 23.21 -3.84 46.88
CA GLY D 709 23.94 -4.55 47.92
C GLY D 709 23.98 -6.07 47.76
N ASP D 710 24.66 -6.70 48.74
CA ASP D 710 24.76 -8.16 48.74
C ASP D 710 24.62 -8.79 50.13
N GLY D 711 25.26 -8.18 51.13
CA GLY D 711 25.26 -8.69 52.48
C GLY D 711 23.97 -8.46 53.22
N VAL D 712 23.94 -8.96 54.46
CA VAL D 712 22.75 -8.81 55.28
C VAL D 712 22.59 -7.38 55.78
N ASN D 713 23.67 -6.59 55.81
CA ASN D 713 23.57 -5.21 56.26
C ASN D 713 22.76 -4.36 55.28
N ASP D 714 22.66 -4.81 54.04
CA ASP D 714 21.90 -4.11 53.00
C ASP D 714 20.45 -4.56 52.98
N SER D 715 20.03 -5.43 53.91
CA SER D 715 18.63 -5.86 53.94
C SER D 715 17.66 -4.72 54.22
N PRO D 716 17.86 -3.90 55.28
CA PRO D 716 16.89 -2.80 55.50
C PRO D 716 17.04 -1.67 54.50
N ALA D 717 18.26 -1.45 53.98
CA ALA D 717 18.48 -0.38 53.02
C ALA D 717 17.82 -0.70 51.69
N SER D 718 18.07 -1.89 51.14
CA SER D 718 17.45 -2.26 49.87
C SER D 718 15.95 -2.43 50.00
N LYS D 719 15.40 -2.39 51.23
CA LYS D 719 13.96 -2.51 51.44
C LYS D 719 13.27 -1.14 51.51
N LYS D 720 13.83 -0.19 52.27
CA LYS D 720 13.18 1.11 52.37
C LYS D 720 13.38 1.95 51.11
N ALA D 721 14.46 1.70 50.37
CA ALA D 721 14.76 2.47 49.17
C ALA D 721 13.68 2.31 48.11
N ASP D 722 13.63 3.30 47.21
CA ASP D 722 12.66 3.27 46.11
C ASP D 722 12.87 2.01 45.29
N ILE D 723 14.12 1.57 45.16
CA ILE D 723 14.39 0.30 44.48
C ILE D 723 15.68 -0.28 45.05
N GLY D 724 15.64 -1.57 45.40
CA GLY D 724 16.78 -2.29 45.93
C GLY D 724 17.24 -3.31 44.92
N VAL D 725 18.54 -3.30 44.65
CA VAL D 725 19.17 -4.20 43.69
C VAL D 725 20.16 -5.06 44.45
N ALA D 726 19.93 -6.36 44.45
CA ALA D 726 20.80 -7.29 45.16
C ALA D 726 21.61 -8.13 44.18
N MET D 727 22.79 -8.55 44.63
CA MET D 727 23.65 -9.40 43.80
C MET D 727 23.04 -10.80 43.80
N GLY D 728 23.00 -11.42 42.61
CA GLY D 728 22.35 -12.70 42.46
C GLY D 728 23.03 -13.89 43.13
N ILE D 729 24.35 -13.93 43.15
CA ILE D 729 25.08 -15.05 43.71
C ILE D 729 25.96 -14.65 44.88
N ALA D 730 26.67 -13.53 44.78
CA ALA D 730 27.56 -13.10 45.84
C ALA D 730 26.84 -12.33 46.93
N GLY D 731 25.55 -12.59 47.11
CA GLY D 731 24.78 -11.93 48.13
C GLY D 731 24.03 -12.94 48.99
N SER D 732 23.72 -12.51 50.21
CA SER D 732 23.01 -13.37 51.15
C SER D 732 21.57 -13.59 50.66
N ASP D 733 20.84 -14.46 51.36
CA ASP D 733 19.48 -14.74 50.93
C ASP D 733 18.47 -13.72 51.46
N VAL D 734 18.71 -13.17 52.66
CA VAL D 734 17.76 -12.23 53.25
C VAL D 734 17.65 -10.96 52.40
N SER D 735 18.78 -10.30 52.16
CA SER D 735 18.75 -9.07 51.37
C SER D 735 18.33 -9.35 49.93
N LYS D 736 18.69 -10.51 49.40
CA LYS D 736 18.32 -10.86 48.03
C LYS D 736 16.81 -11.01 47.91
N GLN D 737 16.16 -11.55 48.96
CA GLN D 737 14.71 -11.69 48.93
C GLN D 737 14.02 -10.34 49.15
N ALA D 738 14.52 -9.55 50.10
CA ALA D 738 13.90 -8.26 50.39
C ALA D 738 14.18 -7.17 49.35
N ALA D 739 14.82 -7.50 48.22
CA ALA D 739 15.09 -6.50 47.21
C ALA D 739 13.99 -6.47 46.16
N ASP D 740 14.06 -5.49 45.27
CA ASP D 740 13.09 -5.33 44.20
C ASP D 740 13.64 -5.76 42.84
N MET D 741 14.96 -5.88 42.71
CA MET D 741 15.63 -6.30 41.48
C MET D 741 16.86 -7.11 41.87
N ILE D 742 17.18 -8.11 41.07
CA ILE D 742 18.31 -9.00 41.32
C ILE D 742 19.18 -9.10 40.08
N LEU D 743 20.48 -8.89 40.26
CA LEU D 743 21.45 -9.02 39.16
C LEU D 743 21.91 -10.47 39.21
N LEU D 744 21.24 -11.33 38.45
CA LEU D 744 21.55 -12.76 38.45
C LEU D 744 22.98 -13.09 38.04
N ASP D 745 23.67 -12.17 37.36
CA ASP D 745 25.04 -12.40 36.93
C ASP D 745 26.04 -11.51 37.66
N ASP D 746 25.58 -10.74 38.64
CA ASP D 746 26.40 -9.82 39.44
C ASP D 746 27.11 -8.77 38.61
N ASN D 747 26.71 -8.58 37.34
CA ASN D 747 27.33 -7.60 36.46
C ASN D 747 26.76 -6.23 36.83
N PHE D 748 27.60 -5.38 37.43
CA PHE D 748 27.14 -4.06 37.84
C PHE D 748 26.75 -3.17 36.68
N ALA D 749 27.21 -3.46 35.46
CA ALA D 749 26.81 -2.65 34.31
C ALA D 749 25.31 -2.79 34.03
N SER D 750 24.68 -3.84 34.58
CA SER D 750 23.23 -4.01 34.41
C SER D 750 22.49 -2.84 35.04
N ILE D 751 23.16 -2.08 35.91
CA ILE D 751 22.55 -0.90 36.50
C ILE D 751 22.40 0.18 35.41
N VAL D 752 23.45 0.37 34.60
CA VAL D 752 23.39 1.33 33.50
C VAL D 752 22.35 0.88 32.50
N THR D 753 22.29 -0.43 32.25
CA THR D 753 21.27 -0.95 31.35
C THR D 753 19.87 -0.66 31.90
N GLY D 754 19.71 -0.85 33.22
CA GLY D 754 18.44 -0.61 33.87
C GLY D 754 17.99 0.84 33.79
N VAL D 755 18.89 1.78 34.07
CA VAL D 755 18.49 3.19 34.02
C VAL D 755 18.14 3.58 32.58
N GLU D 756 18.81 2.99 31.59
CA GLU D 756 18.48 3.30 30.21
C GLU D 756 17.07 2.82 29.87
N GLU D 757 16.77 1.55 30.18
CA GLU D 757 15.44 1.03 29.91
C GLU D 757 14.38 1.76 30.72
N GLY D 758 14.73 2.18 31.94
CA GLY D 758 13.78 2.89 32.79
C GLY D 758 13.31 4.19 32.16
N ARG D 759 14.25 4.93 31.54
CA ARG D 759 13.82 6.16 30.88
C ARG D 759 13.10 5.87 29.55
N LEU D 760 13.61 4.87 28.81
CA LEU D 760 13.02 4.52 27.52
C LEU D 760 11.54 4.12 27.66
N ILE D 761 11.27 3.14 28.52
CA ILE D 761 9.90 2.66 28.72
C ILE D 761 9.02 3.79 29.23
N PHE D 762 9.61 4.79 29.94
CA PHE D 762 8.80 5.92 30.39
C PHE D 762 8.27 6.73 29.21
N ASP D 763 9.17 7.15 28.32
CA ASP D 763 8.75 7.94 27.16
C ASP D 763 7.82 7.15 26.25
N ASN D 764 8.16 5.88 25.96
CA ASN D 764 7.28 5.07 25.11
C ASN D 764 5.92 4.88 25.78
N LEU D 765 5.89 4.81 27.10
CA LEU D 765 4.63 4.70 27.81
C LEU D 765 3.77 5.90 27.52
N LYS D 766 4.36 7.10 27.60
CA LYS D 766 3.61 8.32 27.27
C LYS D 766 3.02 8.23 25.87
N LYS D 767 3.82 7.72 24.91
CA LYS D 767 3.33 7.60 23.55
C LYS D 767 2.09 6.71 23.47
N SER D 768 2.16 5.51 24.06
CA SER D 768 1.02 4.60 24.03
C SER D 768 -0.20 5.22 24.72
N ILE D 769 0.04 6.00 25.79
CA ILE D 769 -1.05 6.66 26.49
C ILE D 769 -1.74 7.66 25.56
N ALA D 770 -0.93 8.53 24.91
CA ALA D 770 -1.50 9.51 24.01
C ALA D 770 -2.25 8.84 22.87
N TYR D 771 -1.80 7.66 22.45
CA TYR D 771 -2.49 6.95 21.39
C TYR D 771 -3.88 6.50 21.85
N THR D 772 -3.92 5.69 22.91
CA THR D 772 -5.22 5.20 23.39
C THR D 772 -6.13 6.34 23.85
N LEU D 773 -5.57 7.44 24.37
CA LEU D 773 -6.39 8.56 24.81
C LEU D 773 -6.89 9.40 23.65
N THR D 774 -6.28 9.31 22.47
CA THR D 774 -6.76 10.10 21.35
C THR D 774 -8.05 9.52 20.79
N SER D 775 -8.15 8.20 20.72
CA SER D 775 -9.34 7.54 20.20
C SER D 775 -10.57 7.74 21.06
N ASN D 776 -10.46 8.32 22.26
CA ASN D 776 -11.63 8.50 23.11
C ASN D 776 -12.60 9.55 22.58
N ILE D 777 -12.08 10.63 21.98
CA ILE D 777 -12.95 11.68 21.46
C ILE D 777 -13.88 11.15 20.37
N PRO D 778 -13.41 10.47 19.31
CA PRO D 778 -14.36 9.96 18.32
C PRO D 778 -15.20 8.80 18.84
N GLU D 779 -14.88 8.27 20.02
CA GLU D 779 -15.66 7.20 20.60
C GLU D 779 -16.83 7.72 21.43
N ILE D 780 -16.72 8.94 21.98
CA ILE D 780 -17.77 9.49 22.82
C ILE D 780 -18.59 10.56 22.12
N THR D 781 -17.97 11.42 21.29
CA THR D 781 -18.73 12.48 20.61
C THR D 781 -19.98 12.01 19.87
N PRO D 782 -20.03 10.82 19.25
CA PRO D 782 -21.29 10.42 18.61
C PRO D 782 -22.44 10.35 19.60
N PHE D 783 -22.16 9.85 20.81
CA PHE D 783 -23.21 9.77 21.82
C PHE D 783 -23.55 11.16 22.37
N LEU D 784 -22.58 12.06 22.42
CA LEU D 784 -22.83 13.41 22.91
C LEU D 784 -23.78 14.14 21.97
N ILE D 785 -23.43 14.23 20.68
CA ILE D 785 -24.35 14.89 19.76
C ILE D 785 -25.58 14.04 19.52
N PHE D 786 -25.55 12.76 19.93
CA PHE D 786 -26.75 11.94 19.86
C PHE D 786 -27.77 12.48 20.84
N ILE D 787 -27.28 12.93 22.00
CA ILE D 787 -28.18 13.51 22.98
C ILE D 787 -28.57 14.93 22.59
N ILE D 788 -27.61 15.73 22.12
CA ILE D 788 -27.88 17.12 21.77
C ILE D 788 -28.68 17.29 20.48
N ALA D 789 -28.09 16.90 19.35
CA ALA D 789 -28.77 17.08 18.06
C ALA D 789 -29.91 16.10 17.82
N ASN D 790 -30.03 15.03 18.62
CA ASN D 790 -31.08 14.03 18.48
C ASN D 790 -31.07 13.38 17.10
N ILE D 791 -29.90 12.87 16.72
CA ILE D 791 -29.69 12.21 15.44
C ILE D 791 -29.61 10.70 15.66
N PRO D 792 -29.75 9.87 14.62
CA PRO D 792 -29.60 8.43 14.83
C PRO D 792 -28.19 8.15 15.32
N LEU D 793 -28.04 7.08 16.10
CA LEU D 793 -26.74 6.73 16.68
C LEU D 793 -25.64 6.59 15.64
N PRO D 794 -24.63 7.46 15.68
CA PRO D 794 -23.54 7.38 14.70
C PRO D 794 -22.54 6.27 14.93
N LEU D 795 -22.36 5.84 16.18
CA LEU D 795 -21.38 4.80 16.51
C LEU D 795 -21.95 3.85 17.54
N GLY D 796 -21.96 2.55 17.23
CA GLY D 796 -22.48 1.57 18.14
C GLY D 796 -21.47 1.25 19.24
N THR D 797 -21.88 0.37 20.14
CA THR D 797 -21.01 -0.03 21.25
C THR D 797 -20.00 -1.08 20.83
N VAL D 798 -20.48 -2.08 20.11
CA VAL D 798 -19.64 -3.17 19.65
C VAL D 798 -18.48 -2.63 18.84
N THR D 799 -18.75 -1.57 18.06
CA THR D 799 -17.69 -0.95 17.27
C THR D 799 -16.64 -0.34 18.18
N ILE D 800 -17.07 0.29 19.28
CA ILE D 800 -16.11 0.87 20.22
C ILE D 800 -15.25 -0.24 20.81
N LEU D 801 -15.85 -1.41 21.07
CA LEU D 801 -15.08 -2.52 21.58
C LEU D 801 -14.07 -3.01 20.54
N CYS D 802 -14.49 -3.08 19.27
CA CYS D 802 -13.60 -3.50 18.20
C CYS D 802 -12.47 -2.50 17.98
N ILE D 803 -12.62 -1.29 18.46
CA ILE D 803 -11.56 -0.29 18.34
C ILE D 803 -10.61 -0.36 19.53
N ASP D 804 -11.16 -0.31 20.74
CA ASP D 804 -10.33 -0.33 21.95
C ASP D 804 -9.68 -1.70 22.20
N LEU D 805 -10.42 -2.79 21.96
CA LEU D 805 -9.92 -4.13 22.23
C LEU D 805 -9.65 -4.95 20.97
N GLY D 806 -9.73 -4.32 19.81
CA GLY D 806 -9.52 -4.97 18.54
C GLY D 806 -8.32 -4.46 17.77
N THR D 807 -8.59 -3.40 17.01
CA THR D 807 -7.59 -2.78 16.15
C THR D 807 -6.44 -2.13 16.93
N ASP D 808 -6.75 -1.20 17.83
CA ASP D 808 -5.73 -0.45 18.58
C ASP D 808 -4.88 -1.28 19.56
N MET D 809 -5.00 -2.60 19.63
CA MET D 809 -4.17 -3.37 20.56
C MET D 809 -2.72 -3.42 20.08
N VAL D 810 -2.56 -3.85 18.81
CA VAL D 810 -1.23 -3.98 18.21
C VAL D 810 -0.52 -2.63 18.11
N PRO D 811 -1.16 -1.55 17.66
CA PRO D 811 -0.44 -0.26 17.63
C PRO D 811 0.06 0.17 19.00
N ALA D 812 -0.80 0.07 20.02
CA ALA D 812 -0.40 0.46 21.37
C ALA D 812 0.80 -0.34 21.84
N ILE D 813 0.82 -1.65 21.58
CA ILE D 813 1.97 -2.44 22.01
C ILE D 813 3.20 -2.10 21.18
N SER D 814 3.04 -1.92 19.88
CA SER D 814 4.16 -1.62 18.99
C SER D 814 4.79 -0.28 19.32
N LEU D 815 4.00 0.66 19.84
CA LEU D 815 4.56 1.98 20.18
C LEU D 815 5.59 1.85 21.29
N ALA D 816 5.47 0.81 22.14
CA ALA D 816 6.44 0.60 23.20
C ALA D 816 7.78 0.15 22.66
N TYR D 817 7.80 -0.43 21.46
CA TYR D 817 9.02 -0.89 20.81
C TYR D 817 9.83 0.23 20.19
N GLU D 818 9.35 1.48 20.25
CA GLU D 818 10.08 2.59 19.68
C GLU D 818 11.42 2.75 20.36
N GLN D 819 12.38 3.27 19.62
CA GLN D 819 13.71 3.46 20.14
C GLN D 819 13.87 4.89 20.64
N ALA D 820 15.11 5.24 20.98
CA ALA D 820 15.41 6.56 21.50
C ALA D 820 15.42 7.61 20.41
N GLU D 821 14.73 8.73 20.66
CA GLU D 821 14.72 9.82 19.69
C GLU D 821 16.04 10.58 19.73
N SER D 822 16.65 10.66 20.92
CA SER D 822 17.94 11.31 21.13
C SER D 822 18.68 10.44 22.15
N ASP D 823 19.79 10.95 22.68
CA ASP D 823 20.54 10.19 23.67
C ASP D 823 19.83 10.33 25.02
N ILE D 824 19.26 9.24 25.53
CA ILE D 824 18.57 9.34 26.80
C ILE D 824 19.57 9.28 27.96
N MET D 825 20.70 8.62 27.77
CA MET D 825 21.72 8.54 28.82
C MET D 825 22.54 9.82 28.94
N LYS D 826 22.13 10.88 28.26
CA LYS D 826 22.78 12.19 28.29
C LYS D 826 22.00 13.19 29.11
N ARG D 827 20.68 13.22 28.95
CA ARG D 827 19.82 14.14 29.67
C ARG D 827 19.82 13.84 31.16
N GLN D 828 19.47 14.86 31.94
CA GLN D 828 19.42 14.72 33.39
C GLN D 828 18.19 13.89 33.79
N PRO D 829 18.22 13.24 34.95
CA PRO D 829 17.06 12.45 35.37
C PRO D 829 15.84 13.33 35.56
N ARG D 830 14.67 12.74 35.30
CA ARG D 830 13.41 13.46 35.40
C ARG D 830 13.12 13.97 36.81
N ASN D 831 12.39 15.06 36.87
CA ASN D 831 11.96 15.65 38.12
C ASN D 831 10.59 15.10 38.48
N PRO D 832 10.40 14.62 39.72
CA PRO D 832 9.09 14.06 40.08
C PRO D 832 7.96 15.07 40.10
N LYS D 833 8.24 16.34 40.39
CA LYS D 833 7.17 17.33 40.43
C LYS D 833 6.88 17.94 39.07
N THR D 834 7.90 18.10 38.22
CA THR D 834 7.72 18.73 36.92
C THR D 834 7.35 17.75 35.81
N ASP D 835 8.25 16.82 35.50
CA ASP D 835 8.03 15.85 34.42
C ASP D 835 7.06 14.77 34.87
N LYS D 836 5.80 14.92 34.50
CA LYS D 836 4.77 13.95 34.82
C LYS D 836 4.54 13.03 33.62
N LEU D 837 4.11 11.80 33.90
CA LEU D 837 3.86 10.85 32.82
C LEU D 837 2.74 11.33 31.90
N VAL D 838 1.68 11.90 32.48
CA VAL D 838 0.54 12.40 31.71
C VAL D 838 0.29 13.85 32.17
N ASN D 839 0.92 14.80 31.49
CA ASN D 839 0.74 16.20 31.79
C ASN D 839 -0.49 16.75 31.07
N GLU D 840 -0.88 17.96 31.43
CA GLU D 840 -2.06 18.56 30.79
C GLU D 840 -1.79 18.89 29.33
N GLN D 841 -0.52 18.90 28.93
CA GLN D 841 -0.20 19.15 27.53
C GLN D 841 -0.59 17.92 26.71
N LEU D 842 -0.34 16.73 27.27
CA LEU D 842 -0.72 15.48 26.62
C LEU D 842 -2.23 15.44 26.40
N ILE D 843 -3.00 15.77 27.44
CA ILE D 843 -4.45 15.78 27.33
C ILE D 843 -4.89 16.83 26.33
N SER D 844 -4.15 17.95 26.25
CA SER D 844 -4.48 18.98 25.28
C SER D 844 -4.24 18.51 23.85
N MET D 845 -3.36 17.52 23.68
CA MET D 845 -3.07 16.97 22.36
C MET D 845 -4.04 15.85 21.98
N ALA D 846 -4.14 14.82 22.81
CA ALA D 846 -5.02 13.70 22.53
C ALA D 846 -6.50 14.07 22.63
N TYR D 847 -6.95 14.42 23.83
CA TYR D 847 -8.35 14.80 24.03
C TYR D 847 -8.69 16.11 23.35
N GLY D 848 -7.71 17.00 23.21
CA GLY D 848 -7.97 18.29 22.62
C GLY D 848 -7.95 18.51 21.13
N GLN D 849 -6.79 18.36 20.50
CA GLN D 849 -6.68 18.64 19.06
C GLN D 849 -6.85 17.45 18.14
N ILE D 850 -6.02 16.43 18.31
CA ILE D 850 -6.04 15.27 17.41
C ILE D 850 -7.37 14.53 17.48
N GLY D 851 -7.77 14.08 18.67
CA GLY D 851 -9.02 13.34 18.80
C GLY D 851 -10.23 14.10 18.28
N MET D 852 -10.18 15.42 18.34
CA MET D 852 -11.28 16.24 17.83
C MET D 852 -11.37 16.10 16.32
N ILE D 853 -10.21 16.15 15.65
CA ILE D 853 -10.19 15.99 14.20
C ILE D 853 -10.68 14.59 13.83
N GLN D 854 -10.32 13.59 14.64
CA GLN D 854 -10.79 12.23 14.36
C GLN D 854 -12.32 12.15 14.47
N ALA D 855 -12.88 12.85 15.46
CA ALA D 855 -14.33 12.87 15.61
C ALA D 855 -15.00 13.49 14.39
N LEU D 856 -14.43 14.60 13.90
CA LEU D 856 -14.99 15.23 12.70
C LEU D 856 -14.90 14.27 11.51
N GLY D 857 -13.79 13.55 11.41
CA GLY D 857 -13.63 12.60 10.32
C GLY D 857 -14.67 11.50 10.39
N GLY D 858 -15.08 11.13 11.60
CA GLY D 858 -16.10 10.09 11.73
C GLY D 858 -17.48 10.61 11.33
N PHE D 859 -17.85 11.80 11.84
CA PHE D 859 -19.15 12.37 11.48
C PHE D 859 -19.25 12.62 9.99
N PHE D 860 -18.12 12.86 9.32
CA PHE D 860 -18.15 13.07 7.88
C PHE D 860 -18.68 11.82 7.19
N THR D 861 -18.04 10.67 7.43
CA THR D 861 -18.50 9.41 6.83
C THR D 861 -19.94 9.12 7.21
N TYR D 862 -20.32 9.50 8.43
CA TYR D 862 -21.69 9.30 8.89
C TYR D 862 -22.67 10.02 7.95
N PHE D 863 -22.46 11.33 7.77
CA PHE D 863 -23.33 12.10 6.89
C PHE D 863 -23.23 11.62 5.45
N VAL D 864 -22.06 11.15 5.01
CA VAL D 864 -21.92 10.68 3.64
C VAL D 864 -22.82 9.48 3.40
N ILE D 865 -22.73 8.48 4.29
CA ILE D 865 -23.54 7.28 4.16
C ILE D 865 -25.02 7.60 4.22
N LEU D 866 -25.42 8.40 5.21
CA LEU D 866 -26.86 8.70 5.34
C LEU D 866 -27.37 9.56 4.18
N ALA D 867 -26.62 10.58 3.79
CA ALA D 867 -27.05 11.47 2.71
C ALA D 867 -27.10 10.76 1.36
N GLU D 868 -26.16 9.86 1.08
CA GLU D 868 -26.21 9.17 -0.19
C GLU D 868 -27.41 8.22 -0.24
N ASN D 869 -27.78 7.64 0.91
CA ASN D 869 -28.93 6.76 0.93
C ASN D 869 -30.26 7.50 1.02
N GLY D 870 -30.24 8.84 1.01
CA GLY D 870 -31.46 9.62 1.03
C GLY D 870 -31.71 10.46 2.27
N PHE D 871 -30.93 10.33 3.33
CA PHE D 871 -31.16 11.09 4.55
C PHE D 871 -30.12 12.21 4.65
N LEU D 872 -30.47 13.36 4.09
CA LEU D 872 -29.59 14.51 4.09
C LEU D 872 -29.24 14.91 5.53
N PRO D 873 -28.05 15.49 5.75
CA PRO D 873 -27.66 15.84 7.13
C PRO D 873 -28.57 16.85 7.80
N ILE D 874 -29.10 17.82 7.06
CA ILE D 874 -29.98 18.81 7.67
C ILE D 874 -31.28 18.15 8.12
N HIS D 875 -31.70 17.09 7.44
CA HIS D 875 -32.93 16.37 7.76
C HIS D 875 -32.77 15.38 8.91
N LEU D 876 -31.54 15.00 9.23
CA LEU D 876 -31.31 14.06 10.32
C LEU D 876 -31.53 14.68 11.69
N LEU D 877 -31.68 16.01 11.76
CA LEU D 877 -31.87 16.67 13.05
C LEU D 877 -33.20 16.30 13.68
N GLY D 878 -33.15 15.98 14.97
CA GLY D 878 -34.34 15.61 15.71
C GLY D 878 -35.08 14.41 15.16
N LEU D 879 -34.37 13.55 14.42
CA LEU D 879 -34.97 12.38 13.79
C LEU D 879 -34.88 11.11 14.61
N ARG D 880 -33.93 11.05 15.56
CA ARG D 880 -33.71 9.86 16.38
C ARG D 880 -34.95 9.44 17.18
N VAL D 881 -35.84 10.39 17.47
CA VAL D 881 -37.04 10.07 18.25
C VAL D 881 -37.83 8.96 17.56
N ASN D 882 -38.19 9.16 16.29
CA ASN D 882 -38.92 8.14 15.56
C ASN D 882 -37.99 7.14 14.89
N TRP D 883 -36.71 7.48 14.69
CA TRP D 883 -35.78 6.56 14.07
C TRP D 883 -35.54 5.33 14.94
N ASP D 884 -35.38 5.52 16.25
CA ASP D 884 -35.15 4.40 17.17
C ASP D 884 -36.41 3.60 17.44
N ASP D 885 -37.59 4.10 17.10
CA ASP D 885 -38.81 3.34 17.34
C ASP D 885 -38.78 2.06 16.51
N ARG D 886 -39.26 0.98 17.10
CA ARG D 886 -39.23 -0.32 16.45
C ARG D 886 -40.40 -0.56 15.49
N TRP D 887 -41.52 0.09 15.69
CA TRP D 887 -42.70 -0.17 14.90
C TRP D 887 -43.06 0.89 13.86
N ILE D 888 -42.37 2.03 13.85
CA ILE D 888 -42.66 3.07 12.86
C ILE D 888 -41.95 2.64 11.58
N ASN D 889 -42.62 1.84 10.75
CA ASN D 889 -42.04 1.31 9.53
C ASN D 889 -42.31 2.18 8.31
N ASP D 890 -42.53 3.47 8.49
CA ASP D 890 -42.78 4.38 7.40
C ASP D 890 -42.15 5.76 7.67
N VAL D 891 -40.86 5.78 7.95
CA VAL D 891 -40.15 7.03 8.24
C VAL D 891 -39.73 7.68 6.93
N GLU D 892 -40.01 8.97 6.81
CA GLU D 892 -39.70 9.72 5.60
C GLU D 892 -38.33 10.40 5.68
N ASP D 893 -37.62 10.35 4.56
CA ASP D 893 -36.30 10.95 4.38
C ASP D 893 -36.44 12.32 3.72
N SER D 894 -35.37 12.75 3.03
CA SER D 894 -35.37 14.01 2.30
C SER D 894 -35.87 13.85 0.88
N TYR D 895 -36.07 12.62 0.42
CA TYR D 895 -36.59 12.33 -0.91
C TYR D 895 -38.03 11.84 -0.88
N GLY D 896 -38.62 11.70 0.31
CA GLY D 896 -39.98 11.23 0.43
C GLY D 896 -40.14 9.74 0.52
N GLN D 897 -39.05 8.98 0.64
CA GLN D 897 -39.13 7.54 0.73
C GLN D 897 -39.46 7.11 2.16
N GLN D 898 -40.19 6.01 2.28
CA GLN D 898 -40.61 5.46 3.55
C GLN D 898 -39.77 4.24 3.87
N TRP D 899 -38.98 4.32 4.94
CA TRP D 899 -38.11 3.24 5.37
C TRP D 899 -38.75 2.48 6.54
N THR D 900 -38.63 1.15 6.52
CA THR D 900 -39.18 0.31 7.58
C THR D 900 -38.26 0.36 8.79
N TYR D 901 -38.38 -0.61 9.70
CA TYR D 901 -37.52 -0.59 10.87
C TYR D 901 -36.16 -1.20 10.55
N GLU D 902 -36.15 -2.45 10.08
CA GLU D 902 -34.86 -3.07 9.77
C GLU D 902 -34.16 -2.38 8.61
N GLN D 903 -34.91 -1.80 7.66
CA GLN D 903 -34.26 -1.11 6.54
C GLN D 903 -33.53 0.13 7.01
N ARG D 904 -34.04 0.83 8.02
CA ARG D 904 -33.34 2.00 8.52
C ARG D 904 -32.28 1.61 9.53
N LYS D 905 -32.53 0.57 10.32
CA LYS D 905 -31.54 0.11 11.28
C LYS D 905 -30.33 -0.46 10.57
N ILE D 906 -30.53 -1.09 9.41
CA ILE D 906 -29.41 -1.60 8.64
C ILE D 906 -28.49 -0.45 8.25
N VAL D 907 -29.09 0.69 7.87
CA VAL D 907 -28.27 1.85 7.53
C VAL D 907 -27.56 2.38 8.77
N GLU D 908 -28.22 2.32 9.94
CA GLU D 908 -27.54 2.80 11.15
C GLU D 908 -26.34 1.92 11.50
N PHE D 909 -26.50 0.60 11.42
CA PHE D 909 -25.39 -0.29 11.73
C PHE D 909 -24.32 -0.24 10.65
N THR D 910 -24.74 -0.16 9.38
CA THR D 910 -23.79 -0.03 8.28
C THR D 910 -23.26 1.40 8.24
N CYS D 911 -23.64 2.22 9.21
CA CYS D 911 -23.13 3.56 9.43
C CYS D 911 -22.18 3.55 10.62
N HIS D 912 -22.33 2.56 11.52
CA HIS D 912 -21.40 2.39 12.63
C HIS D 912 -20.13 1.72 12.13
N THR D 913 -20.29 0.72 11.27
CA THR D 913 -19.13 0.01 10.72
C THR D 913 -18.17 0.95 9.98
N PRO D 914 -18.60 1.85 9.08
CA PRO D 914 -17.64 2.74 8.45
C PRO D 914 -17.12 3.76 9.41
N PHE D 915 -17.87 4.09 10.47
CA PHE D 915 -17.35 4.99 11.49
C PHE D 915 -16.16 4.30 12.15
N PHE D 916 -16.28 3.00 12.37
CA PHE D 916 -15.21 2.18 12.93
C PHE D 916 -14.01 2.16 11.98
N VAL D 917 -14.27 1.97 10.69
CA VAL D 917 -13.20 1.97 9.69
C VAL D 917 -12.53 3.34 9.62
N THR D 918 -13.34 4.40 9.69
CA THR D 918 -12.83 5.77 9.68
C THR D 918 -11.90 6.00 10.87
N ILE D 919 -12.28 5.50 12.04
CA ILE D 919 -11.41 5.63 13.20
C ILE D 919 -10.09 4.91 12.93
N VAL D 920 -10.16 3.76 12.26
CA VAL D 920 -8.91 3.05 11.94
C VAL D 920 -8.04 3.89 10.99
N VAL D 921 -8.69 4.49 9.97
CA VAL D 921 -7.96 5.29 9.00
C VAL D 921 -7.26 6.47 9.66
N VAL D 922 -7.95 7.16 10.57
CA VAL D 922 -7.31 8.28 11.24
C VAL D 922 -6.30 7.78 12.26
N GLN D 923 -6.49 6.57 12.79
CA GLN D 923 -5.53 6.03 13.76
C GLN D 923 -4.21 5.70 13.08
N TRP D 924 -4.21 5.53 11.76
CA TRP D 924 -2.94 5.33 11.07
C TRP D 924 -2.04 6.55 11.30
N ALA D 925 -2.56 7.72 10.91
CA ALA D 925 -1.83 8.97 11.08
C ALA D 925 -1.54 9.25 12.54
N ASP D 926 -2.48 8.91 13.44
CA ASP D 926 -2.22 9.15 14.86
C ASP D 926 -1.06 8.30 15.37
N LEU D 927 -1.00 7.04 14.95
CA LEU D 927 0.08 6.15 15.39
C LEU D 927 1.42 6.64 14.85
N VAL D 928 1.42 7.16 13.63
CA VAL D 928 2.68 7.63 13.06
C VAL D 928 3.14 8.94 13.69
N ILE D 929 2.21 9.84 14.02
CA ILE D 929 2.63 11.09 14.66
C ILE D 929 2.97 10.86 16.13
N CYS D 930 2.42 9.81 16.75
CA CYS D 930 2.75 9.52 18.13
C CYS D 930 4.06 8.73 18.24
N LYS D 931 4.50 8.12 17.13
CA LYS D 931 5.76 7.39 17.14
C LYS D 931 6.93 8.29 17.50
N THR D 932 6.88 9.57 17.14
CA THR D 932 7.93 10.53 17.44
C THR D 932 7.36 11.67 18.27
N ARG D 933 7.97 11.93 19.42
CA ARG D 933 7.50 13.02 20.27
C ARG D 933 8.09 14.36 19.83
N ARG D 934 9.38 14.39 19.50
CA ARG D 934 10.04 15.62 19.07
C ARG D 934 10.61 15.55 17.66
N ASN D 935 11.12 14.40 17.24
CA ASN D 935 11.70 14.27 15.91
C ASN D 935 10.62 14.29 14.83
N SER D 936 11.07 14.08 13.60
CA SER D 936 10.22 13.99 12.44
C SER D 936 10.20 12.54 11.99
N VAL D 937 9.11 12.14 11.33
CA VAL D 937 9.03 10.77 10.83
C VAL D 937 10.12 10.55 9.80
N PHE D 938 10.52 11.62 9.11
CA PHE D 938 11.59 11.52 8.14
C PHE D 938 12.93 11.37 8.86
N GLN D 939 13.11 12.10 9.96
CA GLN D 939 14.33 12.00 10.74
C GLN D 939 14.43 10.63 11.41
N GLN D 940 13.40 10.24 12.17
CA GLN D 940 13.38 8.97 12.88
C GLN D 940 13.44 7.77 11.94
N GLY D 941 12.35 7.52 11.20
CA GLY D 941 12.33 6.41 10.27
C GLY D 941 11.38 5.28 10.63
N MET D 942 10.51 4.88 9.68
CA MET D 942 9.57 3.81 9.92
C MET D 942 10.30 2.46 9.90
N LYS D 943 11.07 2.19 10.95
CA LYS D 943 11.79 0.94 11.07
C LYS D 943 11.20 0.02 12.13
N ASN D 944 10.18 0.47 12.85
CA ASN D 944 9.53 -0.36 13.86
C ASN D 944 8.67 -1.37 13.11
N LYS D 945 9.22 -2.57 12.89
CA LYS D 945 8.48 -3.59 12.15
C LYS D 945 7.22 -4.04 12.88
N ILE D 946 7.21 -3.95 14.21
CA ILE D 946 6.00 -4.30 14.94
C ILE D 946 4.92 -3.28 14.63
N LEU D 947 5.32 -2.02 14.42
CA LEU D 947 4.37 -0.97 14.09
C LEU D 947 3.84 -1.14 12.67
N ILE D 948 4.70 -1.57 11.74
CA ILE D 948 4.26 -1.82 10.37
C ILE D 948 3.24 -2.94 10.36
N PHE D 949 3.56 -4.02 11.07
CA PHE D 949 2.60 -5.11 11.19
C PHE D 949 1.36 -4.64 11.91
N GLY D 950 1.51 -3.67 12.82
CA GLY D 950 0.35 -3.13 13.50
C GLY D 950 -0.59 -2.46 12.53
N LEU D 951 -0.03 -1.70 11.58
CA LEU D 951 -0.86 -1.04 10.58
C LEU D 951 -1.54 -2.06 9.69
N PHE D 952 -0.79 -3.04 9.20
CA PHE D 952 -1.37 -4.05 8.32
C PHE D 952 -2.40 -4.91 9.02
N GLU D 953 -2.14 -5.30 10.26
CA GLU D 953 -3.09 -6.10 11.02
C GLU D 953 -4.33 -5.28 11.34
N GLU D 954 -4.14 -4.03 11.77
CA GLU D 954 -5.26 -3.15 12.10
C GLU D 954 -6.20 -2.97 10.92
N THR D 955 -5.63 -2.69 9.75
CA THR D 955 -6.44 -2.49 8.54
C THR D 955 -7.12 -3.77 8.09
N ALA D 956 -6.34 -4.86 7.93
CA ALA D 956 -6.93 -6.11 7.48
C ALA D 956 -8.00 -6.62 8.45
N LEU D 957 -7.81 -6.38 9.75
CA LEU D 957 -8.80 -6.80 10.74
C LEU D 957 -10.07 -5.98 10.59
N ALA D 958 -9.93 -4.66 10.40
CA ALA D 958 -11.11 -3.82 10.21
C ALA D 958 -11.87 -4.24 8.96
N ALA D 959 -11.14 -4.66 7.92
CA ALA D 959 -11.80 -5.10 6.69
C ALA D 959 -12.47 -6.45 6.89
N PHE D 960 -11.85 -7.33 7.70
CA PHE D 960 -12.44 -8.64 7.95
C PHE D 960 -13.69 -8.52 8.79
N LEU D 961 -13.74 -7.54 9.70
CA LEU D 961 -14.92 -7.36 10.52
C LEU D 961 -16.07 -6.77 9.73
N SER D 962 -15.85 -6.39 8.48
CA SER D 962 -16.88 -5.81 7.63
C SER D 962 -17.31 -6.71 6.48
N TYR D 963 -16.37 -7.38 5.83
CA TYR D 963 -16.73 -8.23 4.69
C TYR D 963 -16.73 -9.71 5.04
N CYS D 964 -16.93 -10.05 6.30
CA CYS D 964 -16.94 -11.49 6.47
C CYS D 964 -18.38 -11.99 6.55
N PRO D 965 -18.69 -13.17 5.99
CA PRO D 965 -20.07 -13.66 6.06
C PRO D 965 -20.55 -13.84 7.49
N GLY D 966 -21.53 -13.02 7.87
CA GLY D 966 -22.08 -13.08 9.20
C GLY D 966 -21.71 -11.94 10.13
N MET D 967 -20.97 -10.93 9.66
CA MET D 967 -20.63 -9.82 10.54
C MET D 967 -21.84 -8.94 10.77
N GLY D 968 -22.69 -8.79 9.77
CA GLY D 968 -23.92 -8.03 9.91
C GLY D 968 -24.92 -8.68 10.84
N VAL D 969 -24.68 -9.92 11.23
CA VAL D 969 -25.55 -10.66 12.14
C VAL D 969 -24.93 -10.76 13.53
N ALA D 970 -23.67 -11.18 13.61
CA ALA D 970 -22.99 -11.32 14.90
C ALA D 970 -22.68 -9.96 15.51
N LEU D 971 -22.12 -9.04 14.72
CA LEU D 971 -21.76 -7.73 15.22
C LEU D 971 -22.50 -6.59 14.53
N ARG D 972 -23.46 -6.89 13.65
CA ARG D 972 -24.21 -5.88 12.90
C ARG D 972 -23.27 -5.01 12.06
N MET D 973 -22.08 -5.52 11.77
CA MET D 973 -21.08 -4.79 10.99
C MET D 973 -21.22 -5.23 9.54
N TYR D 974 -22.18 -4.61 8.87
CA TYR D 974 -22.49 -4.90 7.49
C TYR D 974 -21.33 -4.50 6.57
N PRO D 975 -21.29 -5.07 5.37
CA PRO D 975 -20.21 -4.71 4.43
C PRO D 975 -20.31 -3.24 4.02
N LEU D 976 -19.20 -2.71 3.55
CA LEU D 976 -19.11 -1.31 3.16
C LEU D 976 -18.84 -1.14 1.68
N LYS D 977 -19.53 -0.18 1.07
CA LYS D 977 -19.26 0.14 -0.33
C LYS D 977 -17.87 0.76 -0.35
N PRO D 978 -17.06 0.48 -1.37
CA PRO D 978 -15.67 0.97 -1.36
C PRO D 978 -15.46 2.47 -1.22
N THR D 979 -16.42 3.29 -1.63
CA THR D 979 -16.21 4.74 -1.52
C THR D 979 -16.11 5.18 -0.06
N TRP D 980 -16.73 4.43 0.85
CA TRP D 980 -16.66 4.80 2.26
C TRP D 980 -15.22 4.77 2.76
N TRP D 981 -14.42 3.83 2.27
CA TRP D 981 -13.04 3.72 2.75
C TRP D 981 -12.21 4.96 2.45
N PHE D 982 -12.71 5.88 1.61
CA PHE D 982 -11.92 7.07 1.31
C PHE D 982 -12.49 8.32 1.95
N CYS D 983 -13.61 8.23 2.67
CA CYS D 983 -14.14 9.43 3.29
C CYS D 983 -13.28 9.93 4.44
N ALA D 984 -12.39 9.08 4.96
CA ALA D 984 -11.55 9.44 6.09
C ALA D 984 -10.13 9.83 5.70
N PHE D 985 -9.72 9.61 4.46
CA PHE D 985 -8.37 9.95 4.03
C PHE D 985 -7.98 11.41 4.26
N PRO D 986 -8.81 12.41 3.94
CA PRO D 986 -8.36 13.79 4.17
C PRO D 986 -8.14 14.13 5.64
N TYR D 987 -8.99 13.63 6.55
CA TYR D 987 -8.79 13.92 7.96
C TYR D 987 -7.51 13.28 8.49
N SER D 988 -7.25 12.04 8.08
CA SER D 988 -6.04 11.35 8.51
C SER D 988 -4.81 12.11 8.03
N LEU D 989 -4.76 12.41 6.73
CA LEU D 989 -3.63 13.15 6.18
C LEU D 989 -3.48 14.51 6.85
N LEU D 990 -4.60 15.18 7.14
CA LEU D 990 -4.56 16.48 7.79
C LEU D 990 -3.91 16.37 9.17
N ILE D 991 -4.33 15.38 9.96
CA ILE D 991 -3.75 15.17 11.28
C ILE D 991 -2.25 14.95 11.17
N PHE D 992 -1.84 14.14 10.19
CA PHE D 992 -0.42 13.87 9.99
C PHE D 992 0.35 15.14 9.66
N VAL D 993 -0.19 15.97 8.76
CA VAL D 993 0.50 17.20 8.38
C VAL D 993 0.59 18.18 9.55
N TYR D 994 -0.53 18.36 10.25
CA TYR D 994 -0.53 19.31 11.37
C TYR D 994 0.44 18.87 12.47
N ASP D 995 0.44 17.58 12.82
CA ASP D 995 1.36 17.16 13.87
C ASP D 995 2.80 17.17 13.38
N GLU D 996 3.02 16.95 12.08
CA GLU D 996 4.38 17.00 11.55
C GLU D 996 4.93 18.41 11.61
N VAL D 997 4.12 19.40 11.24
CA VAL D 997 4.61 20.78 11.33
C VAL D 997 4.70 21.20 12.79
N ARG D 998 3.92 20.57 13.68
CA ARG D 998 4.03 20.90 15.09
C ARG D 998 5.39 20.48 15.60
N LYS D 999 5.77 19.22 15.34
CA LYS D 999 7.08 18.73 15.74
C LYS D 999 8.20 19.47 15.01
N LEU D 1000 7.89 20.09 13.87
CA LEU D 1000 8.90 20.86 13.16
C LEU D 1000 9.12 22.20 13.85
N ILE D 1001 8.03 22.86 14.27
CA ILE D 1001 8.18 24.13 14.96
C ILE D 1001 8.89 23.90 16.29
N ILE D 1002 8.61 22.75 16.94
CA ILE D 1002 9.31 22.46 18.19
C ILE D 1002 10.79 22.22 17.89
N ARG D 1003 11.11 21.69 16.71
CA ARG D 1003 12.50 21.48 16.35
C ARG D 1003 13.24 22.79 16.14
N ARG D 1004 12.71 23.66 15.27
CA ARG D 1004 13.40 24.92 14.99
C ARG D 1004 13.22 25.96 16.09
N ARG D 1005 12.14 25.90 16.87
CA ARG D 1005 11.90 26.84 17.96
C ARG D 1005 11.92 26.12 19.29
N PRO D 1006 13.09 25.95 19.92
CA PRO D 1006 13.16 25.29 21.23
C PRO D 1006 12.78 26.20 22.38
N GLY D 1007 12.17 27.35 22.09
CA GLY D 1007 11.74 28.33 23.07
C GLY D 1007 10.75 27.78 24.08
N GLY D 1008 9.58 27.41 23.62
CA GLY D 1008 8.60 26.88 24.54
C GLY D 1008 7.12 27.07 24.25
N TRP D 1009 6.72 27.97 23.35
CA TRP D 1009 5.29 28.10 23.09
C TRP D 1009 4.76 26.76 22.61
N VAL D 1010 5.20 26.34 21.42
CA VAL D 1010 4.78 25.05 20.89
C VAL D 1010 5.31 23.92 21.76
N GLU D 1011 6.30 24.18 22.61
CA GLU D 1011 6.87 23.15 23.46
C GLU D 1011 6.11 23.03 24.79
N LYS D 1012 6.16 24.07 25.62
CA LYS D 1012 5.49 24.03 26.92
C LYS D 1012 3.98 23.92 26.83
N GLU D 1013 3.39 24.07 25.64
CA GLU D 1013 1.94 23.96 25.53
C GLU D 1013 1.47 22.65 24.91
N THR D 1014 2.31 21.99 24.11
CA THR D 1014 1.91 20.74 23.47
C THR D 1014 2.93 19.61 23.64
N TYR D 1015 4.23 19.92 23.65
CA TYR D 1015 5.26 18.89 23.76
C TYR D 1015 5.17 18.14 25.07
N TYR D 1016 4.49 17.01 25.03
CA TYR D 1016 4.29 16.14 26.19
C TYR D 1016 5.39 15.09 26.23
N LYS E 13 -2.54 24.25 51.23
CA LYS E 13 -1.55 23.71 50.30
C LYS E 13 -2.18 23.48 48.92
N LYS E 14 -3.50 23.68 48.84
CA LYS E 14 -4.27 23.52 47.62
C LYS E 14 -4.82 24.85 47.13
N PHE E 15 -4.07 25.93 47.35
CA PHE E 15 -4.49 27.28 46.95
C PHE E 15 -3.79 27.72 45.69
N ILE E 16 -3.59 26.79 44.75
CA ILE E 16 -2.95 27.08 43.48
C ILE E 16 -3.95 27.87 42.64
N TRP E 17 -5.13 28.13 43.22
CA TRP E 17 -6.18 28.93 42.60
C TRP E 17 -5.58 30.21 42.06
N ASN E 18 -5.02 31.00 42.98
CA ASN E 18 -4.40 32.27 42.70
C ASN E 18 -3.17 32.43 43.58
N SER E 19 -2.45 33.51 43.31
CA SER E 19 -1.24 33.89 44.03
C SER E 19 -0.99 35.34 43.68
N GLU E 20 -0.03 35.95 44.36
CA GLU E 20 0.24 37.35 44.01
C GLU E 20 1.03 37.44 42.72
N LYS E 21 1.47 36.31 42.16
CA LYS E 21 2.22 36.26 40.93
C LYS E 21 1.37 35.82 39.73
N LYS E 22 0.04 36.08 39.78
CA LYS E 22 -0.88 35.82 38.67
C LYS E 22 -1.09 34.39 38.15
N GLU E 23 -1.99 33.63 38.78
CA GLU E 23 -2.35 32.29 38.33
C GLU E 23 -3.84 32.11 38.59
N PHE E 24 -4.57 31.52 37.65
CA PHE E 24 -6.00 31.28 37.82
C PHE E 24 -6.33 29.86 37.38
N LEU E 25 -6.90 29.07 38.30
CA LEU E 25 -7.29 27.69 38.07
C LEU E 25 -6.09 26.81 37.71
N GLY E 26 -4.89 27.36 37.77
CA GLY E 26 -3.67 26.65 37.47
C GLY E 26 -2.70 27.44 36.61
N ARG E 27 -3.21 28.21 35.64
CA ARG E 27 -2.34 29.00 34.77
C ARG E 27 -2.68 30.48 34.91
N THR E 28 -1.77 31.33 34.41
CA THR E 28 -1.90 32.79 34.49
C THR E 28 -3.02 33.30 33.58
N GLY E 29 -3.17 34.63 33.57
CA GLY E 29 -4.19 35.27 32.75
C GLY E 29 -3.77 35.40 31.31
N GLY E 30 -2.55 35.89 31.08
CA GLY E 30 -2.06 36.01 29.71
C GLY E 30 -1.96 34.67 29.02
N SER E 31 -1.67 33.61 29.80
CA SER E 31 -1.59 32.27 29.24
C SER E 31 -2.99 31.75 28.93
N TRP E 32 -3.96 32.10 29.79
CA TRP E 32 -5.34 31.69 29.53
C TRP E 32 -5.82 32.32 28.24
N PHE E 33 -5.47 33.58 28.02
CA PHE E 33 -5.88 34.24 26.78
C PHE E 33 -5.17 33.66 25.57
N LYS E 34 -3.87 33.38 25.68
CA LYS E 34 -3.15 32.81 24.55
C LYS E 34 -3.72 31.47 24.13
N ILE E 35 -3.91 30.57 25.11
CA ILE E 35 -4.46 29.24 24.81
C ILE E 35 -5.88 29.35 24.27
N LEU E 36 -6.72 30.17 24.91
CA LEU E 36 -8.10 30.31 24.45
C LEU E 36 -8.16 30.85 23.03
N LEU E 37 -7.31 31.83 22.70
CA LEU E 37 -7.29 32.37 21.35
C LEU E 37 -6.85 31.32 20.35
N PHE E 38 -5.82 30.54 20.71
CA PHE E 38 -5.35 29.50 19.79
C PHE E 38 -6.44 28.46 19.56
N TYR E 39 -7.06 27.97 20.64
CA TYR E 39 -8.10 26.96 20.50
C TYR E 39 -9.28 27.50 19.72
N VAL E 40 -9.61 28.79 19.88
CA VAL E 40 -10.72 29.33 19.12
C VAL E 40 -10.38 29.36 17.64
N ILE E 41 -9.16 29.79 17.31
CA ILE E 41 -8.75 29.82 15.90
C ILE E 41 -8.69 28.40 15.33
N PHE E 42 -8.12 27.48 16.10
CA PHE E 42 -7.98 26.08 15.70
C PHE E 42 -9.33 25.43 15.45
N TYR E 43 -10.21 25.49 16.44
CA TYR E 43 -11.54 24.89 16.30
C TYR E 43 -12.34 25.61 15.23
N GLY E 44 -12.11 26.91 15.02
CA GLY E 44 -12.83 27.60 13.98
C GLY E 44 -12.43 27.05 12.62
N CYS E 45 -11.12 26.83 12.43
CA CYS E 45 -10.66 26.25 11.17
C CYS E 45 -11.17 24.82 11.02
N LEU E 46 -11.18 24.06 12.11
CA LEU E 46 -11.69 22.69 12.06
C LEU E 46 -13.14 22.66 11.63
N ALA E 47 -13.95 23.55 12.21
CA ALA E 47 -15.35 23.64 11.84
C ALA E 47 -15.50 24.05 10.38
N GLY E 48 -14.70 25.02 9.94
CA GLY E 48 -14.77 25.45 8.55
C GLY E 48 -14.37 24.36 7.58
N ILE E 49 -13.38 23.55 7.95
CA ILE E 49 -12.94 22.45 7.09
C ILE E 49 -14.03 21.38 7.01
N PHE E 50 -14.59 21.01 8.16
CA PHE E 50 -15.66 20.03 8.15
C PHE E 50 -16.85 20.53 7.34
N ILE E 51 -17.16 21.82 7.45
CA ILE E 51 -18.27 22.38 6.70
C ILE E 51 -17.96 22.37 5.21
N GLY E 52 -16.73 22.71 4.82
CA GLY E 52 -16.38 22.70 3.41
C GLY E 52 -16.47 21.30 2.81
N THR E 53 -15.97 20.30 3.53
CA THR E 53 -16.04 18.93 3.02
C THR E 53 -17.49 18.44 2.99
N ILE E 54 -18.29 18.80 4.00
CA ILE E 54 -19.68 18.37 3.99
C ILE E 54 -20.44 19.08 2.86
N GLN E 55 -20.00 20.29 2.48
CA GLN E 55 -20.66 20.99 1.37
C GLN E 55 -20.34 20.30 0.06
N VAL E 56 -19.08 19.87 -0.11
CA VAL E 56 -18.73 19.14 -1.34
C VAL E 56 -19.54 17.85 -1.39
N MET E 57 -19.68 17.19 -0.25
CA MET E 57 -20.48 15.96 -0.19
C MET E 57 -21.91 16.28 -0.58
N LEU E 58 -22.41 17.46 -0.17
CA LEU E 58 -23.75 17.86 -0.55
C LEU E 58 -23.83 18.07 -2.05
N LEU E 59 -22.72 18.47 -2.67
CA LEU E 59 -22.68 18.66 -4.11
C LEU E 59 -22.61 17.32 -4.84
N THR E 60 -22.35 16.24 -4.11
CA THR E 60 -22.31 14.92 -4.76
C THR E 60 -23.69 14.29 -4.90
N ILE E 61 -24.76 14.96 -4.45
CA ILE E 61 -26.11 14.43 -4.55
C ILE E 61 -27.00 15.44 -5.28
N SER E 62 -28.02 14.94 -5.96
CA SER E 62 -28.96 15.76 -6.70
C SER E 62 -30.18 16.07 -5.83
N GLU E 63 -31.08 16.92 -6.34
CA GLU E 63 -32.27 17.27 -5.59
C GLU E 63 -33.49 16.45 -5.98
N PHE E 64 -33.43 15.74 -7.11
CA PHE E 64 -34.56 14.98 -7.59
C PHE E 64 -34.38 13.47 -7.52
N LYS E 65 -33.26 12.98 -7.01
CA LYS E 65 -33.10 11.53 -6.96
C LYS E 65 -31.98 11.11 -6.01
N PRO E 66 -32.22 10.13 -5.15
CA PRO E 66 -31.17 9.65 -4.25
C PRO E 66 -30.18 8.79 -5.03
N THR E 67 -28.89 8.96 -4.71
CA THR E 67 -27.86 8.20 -5.41
C THR E 67 -28.01 6.70 -5.16
N TYR E 68 -28.19 6.29 -3.91
CA TYR E 68 -28.36 4.88 -3.56
C TYR E 68 -29.80 4.62 -3.13
N GLN E 69 -30.44 3.65 -3.78
CA GLN E 69 -31.80 3.25 -3.46
C GLN E 69 -31.89 1.74 -3.26
N ASP E 70 -30.75 1.06 -3.13
CA ASP E 70 -30.76 -0.40 -2.97
C ASP E 70 -31.11 -0.85 -1.57
N ARG E 71 -30.98 0.01 -0.56
CA ARG E 71 -31.31 -0.38 0.80
C ARG E 71 -32.81 -0.36 1.07
N VAL E 72 -33.62 -0.03 0.06
CA VAL E 72 -35.07 0.00 0.19
C VAL E 72 -35.65 -0.84 -0.94
N ALA E 73 -34.87 -1.85 -1.38
CA ALA E 73 -35.25 -2.74 -2.48
C ALA E 73 -36.63 -3.36 -2.23
N PRO E 74 -36.88 -4.12 -1.16
CA PRO E 74 -38.23 -4.65 -0.95
C PRO E 74 -39.06 -3.64 -0.17
N PRO E 75 -40.10 -3.07 -0.78
CA PRO E 75 -40.91 -2.07 -0.06
C PRO E 75 -41.67 -2.68 1.10
N GLY E 76 -41.94 -1.85 2.10
CA GLY E 76 -42.65 -2.27 3.29
C GLY E 76 -44.16 -2.26 3.11
N LEU E 77 -44.84 -2.66 4.18
CA LEU E 77 -46.30 -2.73 4.21
C LEU E 77 -46.75 -2.29 5.61
N THR E 78 -47.12 -1.02 5.75
CA THR E 78 -47.51 -0.51 7.05
C THR E 78 -49.03 -0.48 7.19
N GLN E 79 -49.48 -0.12 8.39
CA GLN E 79 -50.90 -0.04 8.71
C GLN E 79 -51.20 1.31 9.33
N ILE E 80 -52.49 1.62 9.50
CA ILE E 80 -52.88 2.89 10.10
C ILE E 80 -52.72 2.87 11.63
N PRO E 81 -53.19 1.84 12.38
CA PRO E 81 -52.97 1.90 13.83
C PRO E 81 -51.56 1.49 14.20
N GLN E 82 -50.63 2.45 14.20
CA GLN E 82 -49.24 2.17 14.54
C GLN E 82 -49.19 1.83 16.02
N SER E 83 -49.49 0.56 16.31
CA SER E 83 -49.53 0.06 17.68
C SER E 83 -48.12 -0.06 18.27
N GLN E 84 -48.07 -0.06 19.60
CA GLN E 84 -46.79 -0.16 20.30
C GLN E 84 -46.13 -1.52 20.06
N LYS E 85 -46.91 -2.56 19.80
CA LYS E 85 -46.40 -3.90 19.51
C LYS E 85 -47.20 -4.56 18.41
N THR E 86 -47.75 -3.75 17.49
CA THR E 86 -48.58 -4.20 16.37
C THR E 86 -49.78 -5.00 16.88
N GLU E 87 -50.22 -4.69 18.08
CA GLU E 87 -51.33 -5.36 18.72
C GLU E 87 -52.50 -4.40 18.89
N ILE E 88 -53.70 -4.91 18.61
CA ILE E 88 -54.93 -4.12 18.72
C ILE E 88 -55.76 -4.77 19.82
N SER E 89 -55.62 -4.25 21.05
CA SER E 89 -56.35 -4.73 22.21
C SER E 89 -57.16 -3.58 22.76
N PHE E 90 -58.48 -3.75 22.78
CA PHE E 90 -59.38 -2.70 23.26
C PHE E 90 -60.69 -3.35 23.70
N ARG E 91 -61.63 -2.52 24.13
CA ARG E 91 -62.93 -2.98 24.56
C ARG E 91 -63.99 -2.44 23.62
N PRO E 92 -64.90 -3.28 23.11
CA PRO E 92 -65.94 -2.77 22.19
C PRO E 92 -66.89 -1.77 22.84
N ASN E 93 -66.88 -1.65 24.16
CA ASN E 93 -67.77 -0.74 24.87
C ASN E 93 -67.10 0.58 25.25
N ASP E 94 -66.01 0.51 26.03
CA ASP E 94 -65.28 1.68 26.49
C ASP E 94 -64.75 2.52 25.33
N PRO E 95 -65.26 3.75 25.15
CA PRO E 95 -64.77 4.58 24.05
C PRO E 95 -63.34 5.04 24.25
N GLN E 96 -62.90 5.17 25.50
CA GLN E 96 -61.53 5.59 25.78
C GLN E 96 -60.53 4.45 25.57
N SER E 97 -61.01 3.21 25.51
CA SER E 97 -60.13 2.07 25.30
C SER E 97 -59.52 2.07 23.90
N TYR E 98 -60.29 2.49 22.89
CA TYR E 98 -59.82 2.52 21.51
C TYR E 98 -59.55 3.93 21.00
N GLU E 99 -59.34 4.90 21.91
CA GLU E 99 -59.08 6.27 21.50
C GLU E 99 -57.74 6.40 20.78
N SER E 100 -56.71 5.71 21.28
CA SER E 100 -55.37 5.78 20.67
C SER E 100 -55.37 5.29 19.24
N TYR E 101 -56.28 4.37 18.88
CA TYR E 101 -56.34 3.87 17.51
C TYR E 101 -57.02 4.88 16.59
N VAL E 102 -58.26 5.23 16.92
CA VAL E 102 -59.05 6.18 16.13
C VAL E 102 -58.32 7.50 15.94
N VAL E 103 -57.61 7.98 16.97
CA VAL E 103 -56.89 9.24 16.84
C VAL E 103 -55.88 9.16 15.70
N SER E 104 -55.11 8.07 15.65
CA SER E 104 -54.14 7.92 14.58
C SER E 104 -54.81 7.70 13.22
N ILE E 105 -55.97 7.04 13.19
CA ILE E 105 -56.63 6.82 11.91
C ILE E 105 -57.12 8.15 11.34
N VAL E 106 -57.71 8.99 12.20
CA VAL E 106 -58.22 10.29 11.75
C VAL E 106 -57.07 11.19 11.33
N ARG E 107 -55.99 11.24 12.13
CA ARG E 107 -54.87 12.09 11.76
C ARG E 107 -54.23 11.62 10.47
N PHE E 108 -54.21 10.30 10.23
CA PHE E 108 -53.64 9.79 8.99
C PHE E 108 -54.49 10.16 7.79
N LEU E 109 -55.79 9.93 7.87
CA LEU E 109 -56.69 10.24 6.76
C LEU E 109 -57.12 11.70 6.70
N GLU E 110 -56.56 12.57 7.54
CA GLU E 110 -56.95 13.99 7.50
C GLU E 110 -56.53 14.67 6.20
N LYS E 111 -55.56 14.11 5.48
CA LYS E 111 -55.10 14.69 4.21
C LYS E 111 -55.82 14.08 3.01
N TYR E 112 -56.77 13.17 3.25
CA TYR E 112 -57.52 12.53 2.18
C TYR E 112 -58.94 13.04 2.04
N LYS E 113 -59.35 14.02 2.84
CA LYS E 113 -60.70 14.56 2.75
C LYS E 113 -60.90 15.28 1.42
N ASP E 114 -62.16 15.40 1.02
CA ASP E 114 -62.47 16.06 -0.24
C ASP E 114 -62.05 17.52 -0.23
N LEU E 115 -62.00 18.15 0.95
CA LEU E 115 -61.57 19.54 1.02
C LEU E 115 -60.06 19.68 0.87
N ALA E 116 -59.29 18.69 1.30
CA ALA E 116 -57.84 18.77 1.17
C ALA E 116 -57.42 18.69 -0.29
N GLN E 117 -58.09 17.83 -1.06
CA GLN E 117 -57.80 17.67 -2.49
C GLN E 117 -58.85 18.49 -3.24
N LYS E 118 -58.63 19.80 -3.29
CA LYS E 118 -59.54 20.70 -3.96
C LYS E 118 -58.89 21.48 -5.10
N ASP E 119 -57.61 21.77 -5.02
CA ASP E 119 -56.93 22.50 -6.07
C ASP E 119 -56.78 21.62 -7.30
N ASP E 120 -57.19 22.13 -8.47
CA ASP E 120 -57.09 21.37 -9.70
C ASP E 120 -55.74 21.53 -10.39
N MET E 121 -54.90 22.43 -9.90
CA MET E 121 -53.58 22.67 -10.47
C MET E 121 -52.53 21.69 -9.96
N ILE E 122 -52.83 20.91 -8.93
CA ILE E 122 -51.87 19.96 -8.37
C ILE E 122 -52.50 18.58 -8.22
N PHE E 123 -53.80 18.48 -8.46
CA PHE E 123 -54.52 17.21 -8.35
C PHE E 123 -55.09 16.82 -9.70
N GLU E 124 -55.11 15.51 -9.96
CA GLU E 124 -55.59 14.95 -11.21
C GLU E 124 -56.49 13.77 -10.90
N ASP E 125 -57.71 13.79 -11.46
CA ASP E 125 -58.66 12.71 -11.23
C ASP E 125 -58.23 11.51 -12.08
N CYS E 126 -57.66 10.51 -11.42
CA CYS E 126 -57.20 9.32 -12.13
C CYS E 126 -58.36 8.56 -12.75
N GLY E 127 -59.28 8.07 -11.94
CA GLY E 127 -60.42 7.34 -12.45
C GLY E 127 -60.97 6.37 -11.43
N ASN E 128 -62.19 5.91 -11.70
CA ASN E 128 -62.87 4.96 -10.82
C ASN E 128 -62.42 3.52 -11.03
N VAL E 129 -61.55 3.26 -12.01
CA VAL E 129 -61.07 1.91 -12.29
C VAL E 129 -59.55 1.93 -12.34
N PRO E 130 -58.87 0.99 -11.69
CA PRO E 130 -57.41 0.97 -11.72
C PRO E 130 -56.86 0.76 -13.13
N SER E 131 -55.99 1.67 -13.55
CA SER E 131 -55.40 1.66 -14.88
C SER E 131 -53.89 1.42 -14.80
N GLU E 132 -53.24 1.52 -15.96
CA GLU E 132 -51.80 1.32 -16.09
C GLU E 132 -51.03 2.45 -15.39
N LEU E 133 -49.71 2.27 -15.31
CA LEU E 133 -48.86 3.27 -14.66
C LEU E 133 -48.89 4.59 -15.42
N LYS E 134 -48.72 5.68 -14.67
CA LYS E 134 -48.75 7.04 -15.21
C LYS E 134 -47.38 7.68 -15.01
N GLU E 135 -46.57 7.69 -16.07
CA GLU E 135 -45.24 8.27 -16.02
C GLU E 135 -45.29 9.71 -16.50
N ARG E 136 -44.93 10.65 -15.62
CA ARG E 136 -44.93 12.08 -15.93
C ARG E 136 -43.51 12.55 -16.27
N GLY E 137 -43.03 12.12 -17.43
CA GLY E 137 -41.72 12.45 -17.97
C GLY E 137 -40.56 11.93 -17.14
N GLU E 138 -39.42 12.62 -17.26
CA GLU E 138 -38.21 12.26 -16.54
C GLU E 138 -38.22 12.88 -15.14
N TYR E 139 -37.20 12.55 -14.34
CA TYR E 139 -37.09 13.04 -12.98
C TYR E 139 -36.38 14.38 -12.86
N ASN E 140 -36.01 15.01 -13.98
CA ASN E 140 -35.33 16.29 -13.91
C ASN E 140 -36.33 17.40 -13.56
N ASN E 141 -35.82 18.63 -13.50
CA ASN E 141 -36.65 19.79 -13.18
C ASN E 141 -37.07 20.55 -14.44
N GLU E 142 -36.84 19.98 -15.63
CA GLU E 142 -37.24 20.64 -16.87
C GLU E 142 -38.75 20.87 -16.91
N ARG E 143 -39.52 19.94 -16.35
CA ARG E 143 -40.96 20.06 -16.27
C ARG E 143 -41.32 20.69 -14.92
N GLY E 144 -42.52 21.25 -14.84
CA GLY E 144 -42.96 21.87 -13.61
C GLY E 144 -43.30 20.88 -12.52
N GLU E 145 -44.04 21.33 -11.51
CA GLU E 145 -44.43 20.45 -10.41
C GLU E 145 -45.47 19.46 -10.93
N ARG E 146 -45.12 18.17 -10.93
CA ARG E 146 -46.00 17.12 -11.43
C ARG E 146 -47.32 17.07 -10.68
N LYS E 147 -48.29 16.40 -11.28
CA LYS E 147 -49.61 16.24 -10.69
C LYS E 147 -49.68 14.95 -9.89
N VAL E 148 -50.52 14.96 -8.87
CA VAL E 148 -50.74 13.82 -7.99
C VAL E 148 -52.18 13.35 -8.15
N CYS E 149 -52.36 12.07 -8.44
CA CYS E 149 -53.70 11.55 -8.61
C CYS E 149 -54.47 11.51 -7.28
N ARG E 150 -55.73 11.93 -7.35
CA ARG E 150 -56.61 11.98 -6.17
C ARG E 150 -57.03 10.60 -5.70
N PHE E 151 -57.37 10.52 -4.41
CA PHE E 151 -57.81 9.28 -3.77
C PHE E 151 -58.76 9.66 -2.63
N ARG E 152 -60.06 9.65 -2.91
CA ARG E 152 -61.07 10.00 -1.92
C ARG E 152 -61.27 8.85 -0.94
N LEU E 153 -61.69 9.21 0.29
CA LEU E 153 -61.92 8.21 1.33
C LEU E 153 -63.05 7.24 0.99
N GLU E 154 -63.91 7.61 0.03
CA GLU E 154 -65.02 6.75 -0.35
C GLU E 154 -64.56 5.42 -0.91
N TRP E 155 -63.34 5.35 -1.46
CA TRP E 155 -62.84 4.10 -2.01
C TRP E 155 -62.71 3.01 -0.96
N LEU E 156 -62.37 3.38 0.28
CA LEU E 156 -62.24 2.42 1.37
C LEU E 156 -63.62 2.31 2.02
N GLY E 157 -64.45 1.45 1.46
CA GLY E 157 -65.80 1.28 1.98
C GLY E 157 -65.80 0.67 3.37
N ASN E 158 -66.81 1.08 4.15
CA ASN E 158 -67.05 0.61 5.51
C ASN E 158 -65.94 0.92 6.51
N CYS E 159 -64.87 1.61 6.09
CA CYS E 159 -63.77 1.95 6.99
C CYS E 159 -63.35 3.40 6.81
N SER E 160 -64.31 4.30 6.66
CA SER E 160 -64.01 5.72 6.49
C SER E 160 -64.80 6.64 7.40
N GLY E 161 -65.94 6.22 7.94
CA GLY E 161 -66.77 7.02 8.81
C GLY E 161 -67.61 8.09 8.14
N GLY E 168 -65.97 8.29 13.99
CA GLY E 168 -66.67 7.05 14.29
C GLY E 168 -66.20 5.89 13.44
N TYR E 169 -65.17 5.20 13.93
CA TYR E 169 -64.57 4.08 13.25
C TYR E 169 -65.23 2.78 13.73
N LYS E 170 -64.59 1.64 13.47
CA LYS E 170 -65.15 0.34 13.84
C LYS E 170 -64.68 -0.13 15.21
N ASP E 171 -65.63 -0.34 16.13
CA ASP E 171 -65.34 -0.88 17.45
C ASP E 171 -65.43 -2.40 17.39
N GLY E 172 -66.60 -2.93 17.06
CA GLY E 172 -66.74 -4.35 16.86
C GLY E 172 -66.38 -4.54 15.40
N LYS E 173 -65.68 -5.64 15.10
CA LYS E 173 -65.24 -5.91 13.73
C LYS E 173 -64.37 -4.74 13.30
N PRO E 174 -63.17 -4.59 13.86
CA PRO E 174 -62.33 -3.43 13.55
C PRO E 174 -61.82 -3.40 12.10
N CYS E 175 -61.32 -2.22 11.75
CA CYS E 175 -60.77 -1.91 10.44
C CYS E 175 -59.29 -1.60 10.58
N VAL E 176 -58.48 -2.11 9.64
CA VAL E 176 -57.04 -1.86 9.61
C VAL E 176 -56.64 -1.69 8.15
N ILE E 177 -56.40 -0.45 7.72
CA ILE E 177 -56.00 -0.23 6.34
C ILE E 177 -54.50 -0.46 6.23
N ILE E 178 -54.08 -0.86 5.05
CA ILE E 178 -52.68 -1.13 4.76
C ILE E 178 -52.21 -0.12 3.74
N LYS E 179 -50.91 0.16 3.77
CA LYS E 179 -50.30 1.12 2.86
C LYS E 179 -48.97 0.58 2.37
N LEU E 180 -48.67 0.83 1.11
CA LEU E 180 -47.43 0.40 0.49
C LEU E 180 -46.39 1.49 0.70
N ASN E 181 -45.19 1.09 1.13
CA ASN E 181 -44.12 2.04 1.39
C ASN E 181 -43.79 2.87 0.16
N ARG E 182 -43.98 4.18 0.27
CA ARG E 182 -43.69 5.11 -0.80
C ARG E 182 -42.21 5.09 -1.14
N VAL E 183 -41.88 4.70 -2.38
CA VAL E 183 -40.50 4.63 -2.85
C VAL E 183 -40.39 5.42 -4.14
N LEU E 184 -39.31 6.20 -4.26
CA LEU E 184 -39.11 7.03 -5.45
C LEU E 184 -38.77 6.16 -6.67
N GLY E 185 -39.44 6.46 -7.79
CA GLY E 185 -39.23 5.75 -9.03
C GLY E 185 -39.59 4.29 -9.04
N PHE E 186 -40.17 3.79 -7.95
CA PHE E 186 -40.54 2.39 -7.88
C PHE E 186 -41.79 2.12 -8.70
N LYS E 187 -41.70 1.12 -9.59
CA LYS E 187 -42.81 0.73 -10.45
C LYS E 187 -43.32 -0.64 -10.01
N PRO E 188 -44.48 -0.72 -9.35
CA PRO E 188 -44.99 -2.01 -8.89
C PRO E 188 -45.28 -2.94 -10.05
N LYS E 189 -44.91 -4.21 -9.89
CA LYS E 189 -45.15 -5.24 -10.90
C LYS E 189 -45.91 -6.39 -10.25
N PRO E 190 -47.22 -6.48 -10.48
CA PRO E 190 -48.01 -7.56 -9.90
C PRO E 190 -47.61 -8.90 -10.49
N PRO E 191 -47.95 -10.01 -9.85
CA PRO E 191 -47.58 -11.32 -10.41
C PRO E 191 -48.30 -11.57 -11.72
N LYS E 192 -47.71 -12.45 -12.53
CA LYS E 192 -48.26 -12.81 -13.82
C LYS E 192 -49.62 -13.49 -13.65
N ASN E 193 -50.32 -13.68 -14.78
CA ASN E 193 -51.62 -14.37 -14.71
C ASN E 193 -51.43 -15.80 -14.24
N GLU E 194 -50.21 -16.34 -14.37
CA GLU E 194 -49.85 -17.67 -13.89
C GLU E 194 -49.52 -17.51 -12.40
N SER E 195 -50.59 -17.30 -11.62
CA SER E 195 -50.46 -17.09 -10.18
C SER E 195 -50.29 -18.42 -9.45
N LEU E 196 -49.19 -18.55 -8.73
CA LEU E 196 -48.84 -19.76 -7.99
C LEU E 196 -49.61 -19.84 -6.66
N GLU E 197 -50.91 -20.16 -6.76
CA GLU E 197 -51.78 -20.33 -5.60
C GLU E 197 -51.77 -19.10 -4.69
N THR E 198 -52.45 -18.03 -5.13
CA THR E 198 -52.43 -16.78 -4.38
C THR E 198 -53.66 -16.46 -3.54
N TYR E 199 -54.37 -17.45 -2.92
CA TYR E 199 -55.52 -17.12 -2.05
C TYR E 199 -56.62 -16.31 -2.74
N PRO E 200 -57.77 -16.97 -3.13
CA PRO E 200 -58.84 -16.30 -3.92
C PRO E 200 -58.88 -14.78 -3.89
N VAL E 201 -58.74 -14.24 -5.11
CA VAL E 201 -58.66 -12.82 -5.37
C VAL E 201 -59.36 -12.56 -6.71
N MET E 202 -59.72 -11.30 -6.94
CA MET E 202 -60.41 -10.94 -8.17
C MET E 202 -59.50 -11.11 -9.38
N LYS E 203 -60.12 -11.14 -10.56
CA LYS E 203 -59.45 -11.32 -11.84
C LYS E 203 -58.77 -10.05 -12.35
N TYR E 204 -58.56 -9.05 -11.49
CA TYR E 204 -57.90 -7.82 -11.94
C TYR E 204 -56.40 -7.92 -11.75
N ASN E 205 -55.81 -9.01 -12.22
CA ASN E 205 -54.37 -9.21 -12.09
C ASN E 205 -53.48 -8.17 -12.79
N PRO E 206 -53.84 -7.53 -13.93
CA PRO E 206 -52.87 -6.62 -14.55
C PRO E 206 -52.71 -5.20 -13.99
N TYR E 207 -53.73 -4.55 -13.43
CA TYR E 207 -53.50 -3.17 -13.00
C TYR E 207 -53.74 -2.92 -11.50
N VAL E 208 -53.28 -3.83 -10.65
CA VAL E 208 -53.40 -3.64 -9.21
C VAL E 208 -52.45 -4.61 -8.53
N LEU E 209 -51.78 -4.11 -7.48
CA LEU E 209 -50.84 -4.89 -6.71
C LEU E 209 -51.66 -5.62 -5.65
N PRO E 210 -51.77 -6.94 -5.73
CA PRO E 210 -52.57 -7.69 -4.76
C PRO E 210 -51.92 -7.77 -3.39
N VAL E 211 -52.78 -7.82 -2.38
CA VAL E 211 -52.38 -7.91 -0.98
C VAL E 211 -53.40 -8.83 -0.31
N HIS E 212 -52.94 -9.96 0.24
CA HIS E 212 -53.85 -10.90 0.88
C HIS E 212 -53.42 -11.19 2.31
N CYS E 213 -54.38 -11.12 3.22
CA CYS E 213 -54.16 -11.37 4.64
C CYS E 213 -54.59 -12.79 4.98
N THR E 214 -54.06 -13.30 6.08
CA THR E 214 -54.37 -14.66 6.53
C THR E 214 -53.87 -14.77 7.97
N GLY E 215 -54.08 -15.93 8.58
CA GLY E 215 -53.60 -16.16 9.93
C GLY E 215 -52.11 -16.45 9.87
N LYS E 216 -51.60 -17.10 10.90
CA LYS E 216 -50.20 -17.45 10.89
C LYS E 216 -49.97 -18.94 11.09
N ARG E 217 -50.89 -19.62 11.77
CA ARG E 217 -50.78 -21.05 12.01
C ARG E 217 -52.17 -21.65 11.94
N ASP E 218 -52.26 -22.94 12.26
CA ASP E 218 -53.54 -23.65 12.23
C ASP E 218 -54.54 -23.07 13.21
N GLU E 219 -54.06 -22.40 14.26
CA GLU E 219 -54.95 -21.82 15.27
C GLU E 219 -55.46 -20.44 14.84
N ASP E 220 -54.54 -19.56 14.43
CA ASP E 220 -54.92 -18.20 14.01
C ASP E 220 -55.80 -18.23 12.77
N LYS E 221 -55.48 -19.13 11.83
CA LYS E 221 -56.28 -19.22 10.60
C LYS E 221 -57.70 -19.67 10.89
N GLU E 222 -57.92 -20.41 11.98
CA GLU E 222 -59.26 -20.86 12.32
C GLU E 222 -60.03 -19.85 13.14
N LYS E 223 -59.36 -19.14 14.06
CA LYS E 223 -60.07 -18.15 14.88
C LYS E 223 -60.63 -17.00 14.03
N VAL E 224 -59.87 -16.54 13.05
CA VAL E 224 -60.30 -15.44 12.17
C VAL E 224 -61.29 -15.99 11.16
N GLY E 225 -62.57 -15.71 11.36
CA GLY E 225 -63.60 -16.22 10.47
C GLY E 225 -63.68 -15.63 9.07
N THR E 226 -64.06 -14.36 8.96
CA THR E 226 -64.20 -13.72 7.65
C THR E 226 -63.54 -12.35 7.63
N MET E 227 -62.90 -12.05 6.49
CA MET E 227 -62.22 -10.77 6.26
C MET E 227 -62.80 -10.15 5.00
N GLU E 228 -63.00 -8.83 5.04
CA GLU E 228 -63.53 -8.08 3.91
C GLU E 228 -62.55 -6.98 3.54
N TYR E 229 -62.08 -7.01 2.30
CA TYR E 229 -61.12 -6.04 1.79
C TYR E 229 -61.84 -4.92 1.04
N PHE E 230 -61.24 -3.73 1.06
CA PHE E 230 -61.82 -2.57 0.38
C PHE E 230 -60.73 -1.77 -0.31
N GLY E 231 -60.99 -1.38 -1.56
CA GLY E 231 -60.04 -0.61 -2.33
C GLY E 231 -60.69 0.17 -3.45
N LEU E 232 -59.86 0.60 -4.40
CA LEU E 232 -60.33 1.37 -5.55
C LEU E 232 -61.20 0.47 -6.41
N GLY E 233 -62.50 0.79 -6.48
CA GLY E 233 -63.42 -0.01 -7.25
C GLY E 233 -63.73 -1.38 -6.67
N GLY E 234 -63.22 -1.69 -5.49
CA GLY E 234 -63.47 -2.98 -4.87
C GLY E 234 -62.39 -4.03 -5.05
N TYR E 235 -61.14 -3.63 -5.35
CA TYR E 235 -60.07 -4.58 -5.52
C TYR E 235 -59.13 -4.54 -4.33
N PRO E 236 -58.74 -5.70 -3.79
CA PRO E 236 -57.84 -5.74 -2.62
C PRO E 236 -56.37 -5.52 -2.98
N GLY E 237 -56.03 -4.26 -3.27
CA GLY E 237 -54.66 -3.96 -3.63
C GLY E 237 -54.47 -2.48 -3.91
N PHE E 238 -53.36 -2.19 -4.57
CA PHE E 238 -53.00 -0.82 -4.92
C PHE E 238 -53.03 -0.60 -6.42
N PRO E 239 -53.74 0.42 -6.92
CA PRO E 239 -53.80 0.63 -8.36
C PRO E 239 -52.49 1.14 -8.92
N LEU E 240 -52.15 0.66 -10.12
CA LEU E 240 -50.91 1.06 -10.77
C LEU E 240 -50.93 2.50 -11.29
N GLN E 241 -52.10 3.14 -11.35
CA GLN E 241 -52.21 4.50 -11.86
C GLN E 241 -51.63 5.55 -10.92
N TYR E 242 -51.22 5.18 -9.72
CA TYR E 242 -50.65 6.13 -8.76
C TYR E 242 -49.14 6.07 -8.66
N TYR E 243 -48.48 5.25 -9.48
CA TYR E 243 -47.03 5.09 -9.43
C TYR E 243 -46.39 5.46 -10.76
N PRO E 244 -45.09 5.84 -10.76
CA PRO E 244 -44.15 5.94 -9.64
C PRO E 244 -44.15 7.28 -8.90
N TYR E 245 -43.43 7.33 -7.78
CA TYR E 245 -43.30 8.53 -6.96
C TYR E 245 -42.15 9.38 -7.51
N TYR E 246 -42.35 10.70 -7.52
CA TYR E 246 -41.35 11.63 -8.05
C TYR E 246 -40.71 12.50 -6.98
N GLY E 247 -40.50 11.94 -5.79
CA GLY E 247 -39.87 12.69 -4.72
C GLY E 247 -40.75 13.74 -4.08
N LYS E 248 -40.38 14.13 -2.86
CA LYS E 248 -41.14 15.16 -2.15
C LYS E 248 -40.96 16.53 -2.78
N LEU E 249 -39.80 16.78 -3.38
CA LEU E 249 -39.55 18.07 -4.01
C LEU E 249 -40.42 18.28 -5.24
N LEU E 250 -40.55 17.27 -6.10
CA LEU E 250 -41.34 17.40 -7.32
C LEU E 250 -42.83 17.07 -7.14
N GLN E 251 -43.20 16.27 -6.14
CA GLN E 251 -44.61 15.91 -5.91
C GLN E 251 -45.00 16.07 -4.46
N PRO E 252 -45.13 17.31 -3.97
CA PRO E 252 -45.58 17.49 -2.59
C PRO E 252 -47.07 17.25 -2.51
N LYS E 253 -47.53 16.91 -1.30
CA LYS E 253 -48.94 16.60 -1.04
C LYS E 253 -49.40 15.41 -1.88
N TYR E 254 -48.50 14.44 -2.04
CA TYR E 254 -48.78 13.23 -2.79
C TYR E 254 -49.56 12.25 -1.92
N LEU E 255 -50.51 11.56 -2.54
CA LEU E 255 -51.35 10.60 -1.81
C LEU E 255 -51.15 9.19 -2.38
N GLN E 256 -50.40 8.37 -1.64
CA GLN E 256 -50.18 7.00 -2.04
C GLN E 256 -51.49 6.23 -1.91
N PRO E 257 -51.66 5.15 -2.69
CA PRO E 257 -52.91 4.38 -2.60
C PRO E 257 -53.08 3.74 -1.23
N LEU E 258 -54.33 3.49 -0.88
CA LEU E 258 -54.69 2.86 0.38
C LEU E 258 -55.61 1.69 0.11
N MET E 259 -55.65 0.76 1.06
CA MET E 259 -56.50 -0.42 0.96
C MET E 259 -56.82 -0.88 2.37
N ALA E 260 -58.11 -0.91 2.70
CA ALA E 260 -58.55 -1.28 4.03
C ALA E 260 -58.88 -2.77 4.12
N VAL E 261 -58.82 -3.28 5.36
CA VAL E 261 -59.11 -4.68 5.68
C VAL E 261 -59.91 -4.70 6.98
N GLN E 262 -61.09 -5.31 6.94
CA GLN E 262 -61.96 -5.43 8.11
C GLN E 262 -62.09 -6.89 8.49
N PHE E 263 -62.01 -7.18 9.78
CA PHE E 263 -62.12 -8.54 10.30
C PHE E 263 -63.50 -8.67 10.94
N THR E 264 -64.44 -9.23 10.17
CA THR E 264 -65.82 -9.38 10.62
C THR E 264 -65.98 -10.49 11.66
N ASN E 265 -65.68 -11.73 11.30
CA ASN E 265 -65.87 -12.84 12.23
C ASN E 265 -64.63 -13.15 13.04
N LEU E 266 -64.47 -12.47 14.16
CA LEU E 266 -63.35 -12.68 15.07
C LEU E 266 -63.84 -13.34 16.33
N THR E 267 -62.92 -14.02 17.03
CA THR E 267 -63.23 -14.69 18.29
C THR E 267 -62.87 -13.70 19.39
N MET E 268 -63.90 -13.03 19.94
CA MET E 268 -63.68 -12.04 20.98
C MET E 268 -62.98 -12.63 22.19
N ASP E 269 -62.21 -11.76 22.87
CA ASP E 269 -61.43 -12.11 24.06
C ASP E 269 -60.36 -13.14 23.71
N THR E 270 -59.76 -13.00 22.53
CA THR E 270 -58.72 -13.91 22.08
C THR E 270 -57.76 -13.18 21.16
N GLU E 271 -56.48 -13.21 21.50
CA GLU E 271 -55.44 -12.57 20.71
C GLU E 271 -55.06 -13.50 19.56
N ILE E 272 -55.32 -13.06 18.34
CA ILE E 272 -55.04 -13.84 17.14
C ILE E 272 -54.09 -13.06 16.25
N ARG E 273 -53.17 -13.79 15.62
CA ARG E 273 -52.15 -13.20 14.75
C ARG E 273 -52.60 -13.23 13.30
N ILE E 274 -52.40 -12.11 12.62
CA ILE E 274 -52.77 -11.92 11.22
C ILE E 274 -51.53 -11.47 10.46
N GLU E 275 -51.32 -12.05 9.28
CA GLU E 275 -50.20 -11.73 8.40
C GLU E 275 -50.77 -11.32 7.06
N CYS E 276 -50.60 -10.04 6.72
CA CYS E 276 -51.05 -9.48 5.45
C CYS E 276 -49.84 -9.45 4.54
N LYS E 277 -49.79 -10.38 3.60
CA LYS E 277 -48.67 -10.51 2.69
C LYS E 277 -49.03 -9.89 1.34
N ALA E 278 -48.19 -8.96 0.88
CA ALA E 278 -48.37 -8.31 -0.40
C ALA E 278 -47.63 -9.13 -1.44
N TYR E 279 -48.30 -9.45 -2.55
CA TYR E 279 -47.70 -10.26 -3.59
C TYR E 279 -47.34 -9.45 -4.82
N GLY E 280 -46.29 -9.88 -5.49
CA GLY E 280 -45.80 -9.21 -6.69
C GLY E 280 -44.37 -9.60 -6.97
N GLU E 281 -43.93 -9.26 -8.19
CA GLU E 281 -42.56 -9.58 -8.60
C GLU E 281 -41.57 -8.61 -7.98
N ASN E 282 -41.91 -7.32 -7.99
CA ASN E 282 -41.07 -6.28 -7.42
C ASN E 282 -41.24 -6.14 -5.92
N ILE E 283 -41.86 -7.12 -5.28
CA ILE E 283 -42.11 -7.10 -3.85
C ILE E 283 -41.31 -8.22 -3.21
N GLY E 284 -40.29 -7.85 -2.42
CA GLY E 284 -39.45 -8.80 -1.74
C GLY E 284 -39.93 -9.02 -0.30
N TYR E 285 -39.29 -9.98 0.37
CA TYR E 285 -39.59 -10.33 1.75
C TYR E 285 -38.29 -10.44 2.53
N SER E 286 -38.42 -10.70 3.84
CA SER E 286 -37.24 -10.82 4.69
C SER E 286 -37.60 -11.57 5.96
N GLU E 287 -36.79 -12.59 6.29
CA GLU E 287 -37.02 -13.35 7.51
C GLU E 287 -36.59 -12.57 8.74
N LYS E 288 -35.82 -11.50 8.56
CA LYS E 288 -35.35 -10.64 9.63
C LYS E 288 -36.24 -9.42 9.84
N ASP E 289 -36.83 -8.91 8.75
CA ASP E 289 -37.73 -7.76 8.77
C ASP E 289 -39.11 -8.29 8.41
N ARG E 290 -39.97 -8.46 9.42
CA ARG E 290 -41.32 -8.95 9.18
C ARG E 290 -42.22 -7.94 8.48
N PHE E 291 -41.69 -6.76 8.14
CA PHE E 291 -42.47 -5.72 7.46
C PHE E 291 -42.13 -5.59 5.99
N GLN E 292 -40.97 -6.07 5.54
CA GLN E 292 -40.60 -5.98 4.14
C GLN E 292 -41.54 -6.88 3.33
N GLY E 293 -42.46 -6.26 2.59
CA GLY E 293 -43.40 -7.03 1.80
C GLY E 293 -44.60 -7.50 2.59
N ARG E 294 -44.36 -8.22 3.69
CA ARG E 294 -45.44 -8.73 4.51
C ARG E 294 -45.77 -7.73 5.62
N PHE E 295 -46.69 -8.13 6.51
CA PHE E 295 -47.14 -7.26 7.60
C PHE E 295 -47.87 -8.11 8.62
N ASP E 296 -47.56 -7.92 9.90
CA ASP E 296 -48.17 -8.70 10.99
C ASP E 296 -48.95 -7.82 11.96
N VAL E 297 -49.93 -8.43 12.63
CA VAL E 297 -50.78 -7.74 13.58
C VAL E 297 -51.35 -8.76 14.56
N LYS E 298 -51.55 -8.33 15.80
CA LYS E 298 -52.08 -9.18 16.88
C LYS E 298 -53.38 -8.55 17.37
N ILE E 299 -54.53 -8.97 16.82
CA ILE E 299 -55.82 -8.38 17.19
C ILE E 299 -56.46 -9.17 18.33
N GLU E 300 -57.07 -8.44 19.26
CA GLU E 300 -57.76 -9.04 20.41
C GLU E 300 -58.87 -8.09 20.82
N VAL E 301 -60.10 -8.40 20.42
CA VAL E 301 -61.25 -7.56 20.77
C VAL E 301 -61.85 -8.17 22.04
N LYS E 302 -61.28 -7.79 23.18
CA LYS E 302 -61.71 -8.30 24.47
C LYS E 302 -62.92 -7.49 24.97
N SER E 303 -64.03 -8.18 25.23
CA SER E 303 -65.23 -7.52 25.69
C SER E 303 -65.27 -7.45 27.22
N ASP F 17 -31.88 -3.27 -12.61
CA ASP F 17 -32.59 -2.22 -11.89
C ASP F 17 -31.66 -1.57 -10.90
N PRO F 18 -31.83 -0.27 -10.66
CA PRO F 18 -30.96 0.43 -9.70
C PRO F 18 -31.20 0.05 -8.25
N PHE F 19 -32.16 -0.84 -7.99
CA PHE F 19 -32.52 -1.29 -6.65
C PHE F 19 -31.83 -2.60 -6.26
N TYR F 20 -30.64 -2.86 -6.81
CA TYR F 20 -29.89 -4.07 -6.49
C TYR F 20 -28.41 -3.76 -6.58
N TYR F 21 -27.66 -4.13 -5.55
CA TYR F 21 -26.22 -3.90 -5.48
C TYR F 21 -25.50 -5.25 -5.42
N ASP F 22 -24.52 -5.43 -6.31
CA ASP F 22 -23.71 -6.63 -6.35
C ASP F 22 -22.77 -6.56 -5.15
N TYR F 23 -23.30 -6.93 -3.98
CA TYR F 23 -22.51 -6.87 -2.75
C TYR F 23 -21.45 -7.95 -2.66
N GLU F 24 -21.71 -9.13 -3.24
CA GLU F 24 -20.74 -10.23 -3.13
C GLU F 24 -19.41 -9.87 -3.77
N THR F 25 -19.43 -9.06 -4.84
CA THR F 25 -18.18 -8.66 -5.48
C THR F 25 -17.32 -7.84 -4.53
N VAL F 26 -17.92 -6.81 -3.91
CA VAL F 26 -17.19 -5.96 -2.99
C VAL F 26 -16.78 -6.71 -1.74
N ARG F 27 -17.67 -7.58 -1.22
CA ARG F 27 -17.36 -8.34 -0.02
C ARG F 27 -16.18 -9.27 -0.26
N ASN F 28 -16.22 -10.03 -1.35
CA ASN F 28 -15.11 -10.93 -1.67
C ASN F 28 -13.83 -10.16 -1.92
N GLY F 29 -13.92 -9.01 -2.62
CA GLY F 29 -12.74 -8.21 -2.87
C GLY F 29 -12.11 -7.71 -1.57
N GLY F 30 -12.95 -7.25 -0.65
CA GLY F 30 -12.45 -6.81 0.63
C GLY F 30 -11.79 -7.94 1.38
N LEU F 31 -12.31 -9.17 1.21
CA LEU F 31 -11.69 -10.31 1.85
C LEU F 31 -10.31 -10.58 1.25
N ILE F 32 -10.19 -10.44 -0.06
CA ILE F 32 -8.91 -10.65 -0.73
C ILE F 32 -7.89 -9.65 -0.20
N PHE F 33 -8.30 -8.38 -0.09
CA PHE F 33 -7.39 -7.37 0.43
C PHE F 33 -7.02 -7.65 1.88
N ALA F 34 -7.98 -8.13 2.69
CA ALA F 34 -7.68 -8.42 4.08
C ALA F 34 -6.65 -9.53 4.21
N ALA F 35 -6.77 -10.57 3.37
CA ALA F 35 -5.81 -11.66 3.44
C ALA F 35 -4.43 -11.22 2.95
N LEU F 36 -4.40 -10.44 1.87
CA LEU F 36 -3.11 -9.97 1.35
C LEU F 36 -2.41 -9.07 2.35
N ALA F 37 -3.13 -8.09 2.91
CA ALA F 37 -2.50 -7.20 3.89
C ALA F 37 -2.07 -7.96 5.13
N PHE F 38 -2.78 -9.03 5.48
CA PHE F 38 -2.39 -9.80 6.65
C PHE F 38 -1.09 -10.55 6.42
N ILE F 39 -1.00 -11.30 5.31
CA ILE F 39 0.25 -12.02 5.07
C ILE F 39 1.37 -11.03 4.79
N VAL F 40 1.06 -9.84 4.28
CA VAL F 40 2.11 -8.85 4.06
C VAL F 40 2.70 -8.43 5.40
N GLY F 41 1.83 -8.18 6.39
CA GLY F 41 2.33 -7.84 7.72
C GLY F 41 3.12 -8.99 8.32
N LEU F 42 2.67 -10.23 8.07
CA LEU F 42 3.38 -11.40 8.57
C LEU F 42 4.80 -11.46 8.00
N ILE F 43 4.93 -11.21 6.70
CA ILE F 43 6.25 -11.20 6.07
C ILE F 43 7.09 -10.05 6.62
N ILE F 44 6.44 -8.93 6.98
CA ILE F 44 7.18 -7.79 7.50
C ILE F 44 7.80 -8.11 8.85
N ILE F 45 7.06 -8.78 9.75
CA ILE F 45 7.70 -9.07 11.04
C ILE F 45 8.65 -10.25 10.96
N LEU F 46 8.74 -10.91 9.80
CA LEU F 46 9.65 -12.04 9.65
C LEU F 46 10.70 -11.59 8.64
N SER F 47 11.65 -10.79 9.15
CA SER F 47 12.73 -10.23 8.36
C SER F 47 13.68 -11.29 7.80
N LYS F 48 13.60 -12.52 8.29
CA LYS F 48 14.44 -13.63 7.84
C LYS F 48 15.91 -13.30 8.03
#